data_9N4O
#
_entry.id   9N4O
#
_cell.length_a   1.00
_cell.length_b   1.00
_cell.length_c   1.00
_cell.angle_alpha   90.00
_cell.angle_beta   90.00
_cell.angle_gamma   90.00
#
_symmetry.space_group_name_H-M   'P 1'
#
loop_
_entity.id
_entity.type
_entity.pdbx_description
1 polymer 'Glutamate receptor ionotropic, kainate 2'
2 branched 2-acetamido-2-deoxy-beta-D-glucopyranose-(1-4)-2-acetamido-2-deoxy-beta-D-glucopyranose
3 branched alpha-D-mannopyranose-(1-3)-[alpha-D-mannopyranose-(1-6)]beta-D-mannopyranose-(1-3)-2-acetamido-2-deoxy-beta-D-glucopyranose-(1-4)-2-acetamido-2-deoxy-beta-D-glucopyranose
4 branched beta-D-mannopyranose-(1-4)-2-acetamido-2-deoxy-beta-D-glucopyranose-(1-4)-2-acetamido-2-deoxy-beta-D-glucopyranose
5 branched alpha-D-mannopyranose-(1-3)-[alpha-D-mannopyranose-(1-6)]beta-D-mannopyranose-(1-4)-2-acetamido-2-deoxy-beta-D-glucopyranose-(1-4)-2-acetamido-2-deoxy-beta-D-glucopyranose
6 branched beta-D-mannopyranose-(1-3)-beta-D-mannopyranose-(1-4)-2-acetamido-2-deoxy-beta-D-glucopyranose-(1-4)-2-acetamido-2-deoxy-beta-D-glucopyranose
7 non-polymer '(2S)-3-(hexadecanoyloxy)-2-[(9Z)-octadec-9-enoyloxy]propyl 2-(trimethylammonio)ethyl phosphate'
8 non-polymer 2-acetamido-2-deoxy-beta-D-glucopyranose
#
_entity_poly.entity_id   1
_entity_poly.type   'polypeptide(L)'
_entity_poly.pdbx_seq_one_letter_code
;MKIISPVLSNLVFSRSIKVLLCLLWIGYSQGTTHVLRFGGIFEYVESGPMGAEELAFRFAVNTINRNRTLLPNTTLTYDT
QKINLYDSFEASKKACDQLSLGVAAIFGPSHSSSANAVQSICNALGVPHIQTRWKHQVSDNKDSFYVSLYPDFSSLSRAI
LDLVQFFKWKTVTVVYDDSTGLIRLQELIKAPSRYNLRLKIRQLPADTKDAKPLLKEMKRGKEFHVIFDCSHEMAAGILK
QALAMGMMTEYYHYIFTTLDLFALDVEPYRYSGVNMTGFRILNTENTQVSSIIEKWSMERLQAPPKPDSGLLDGFMTTDA
ALMYDAVHVVSVAVQQFPQMTVSSLQCNRHKPWRFGTRFMSLIKEAHWEGLTGRITFNKTNGLRTDFDLDVISLKEEGLE
KIGTWDPASGLNMTESQKGKPANITDSLSNRSLIVTTILEEPYVLFKKSDKPLYGNDRFEGYCIDLLRELSTILGFTYEI
RLVEDGKYGAQDDVNGQWNGMVRELIDHKADLAVAPLAITYVREKVIDFSKPFMTLGISILYRKPNGTNPGVFSFLNPLS
PDIWMYVLLACLGVSCVLFVIARFSPYEWYNPHPCNPDSDVVENNFTLLNSFWFGVGALMQQGSELMPKALSTRIVGGIW
WFFTLIIISSYTANLAAFLTVERMESPIDSADDLAKQTKIEYGAVEDGATMTFFKKSKISTYDKMWAFMSSRRQSVLVKS
NEEGIQRVLTSDYAFLMESTTIEFVTQRNCNLTQIGGLIDSKGYGVGTPMGSPYRDKITIAILQLQEEGKLHMMKEKWWR
GNGCPEEESKEASALGVQNIGGIFIVLAAGLVLSVFVAVGEFLYKSKKNAQLEKRSFCSAMVEELRMSLKCQRRLKHKPQ
APVIVKTEEVINMHTFNDRRLPGKETMA
;
_entity_poly.pdbx_strand_id   A,B,C,D
#
loop_
_chem_comp.id
_chem_comp.type
_chem_comp.name
_chem_comp.formula
BMA D-saccharide, beta linking beta-D-mannopyranose 'C6 H12 O6'
MAN D-saccharide, alpha linking alpha-D-mannopyranose 'C6 H12 O6'
NAG D-saccharide, beta linking 2-acetamido-2-deoxy-beta-D-glucopyranose 'C8 H15 N O6'
POV non-polymer '(2S)-3-(hexadecanoyloxy)-2-[(9Z)-octadec-9-enoyloxy]propyl 2-(trimethylammonio)ethyl phosphate' 'C42 H82 N O8 P'
#
# COMPACT_ATOMS: atom_id res chain seq x y z
N THR A 33 34.48 13.03 -82.56
CA THR A 33 34.89 11.82 -83.26
C THR A 33 35.48 10.82 -82.27
N HIS A 34 35.71 11.27 -81.04
CA HIS A 34 36.06 10.39 -79.92
C HIS A 34 34.81 9.82 -79.28
N VAL A 35 34.06 9.02 -80.04
CA VAL A 35 32.72 8.55 -79.67
C VAL A 35 32.75 7.72 -78.39
N LEU A 36 31.85 8.05 -77.47
CA LEU A 36 31.77 7.41 -76.16
C LEU A 36 30.57 6.49 -76.14
N ARG A 37 30.70 5.34 -75.47
CA ARG A 37 29.64 4.33 -75.51
C ARG A 37 29.33 3.80 -74.12
N PHE A 38 28.14 4.11 -73.62
CA PHE A 38 27.72 3.65 -72.30
C PHE A 38 26.94 2.34 -72.40
N GLY A 39 27.37 1.33 -71.65
CA GLY A 39 26.64 0.09 -71.57
C GLY A 39 25.43 0.20 -70.67
N GLY A 40 24.48 -0.71 -70.87
CA GLY A 40 23.27 -0.71 -70.08
C GLY A 40 22.59 -2.07 -70.08
N ILE A 41 22.25 -2.53 -68.88
CA ILE A 41 21.59 -3.82 -68.70
C ILE A 41 20.25 -3.57 -68.00
N PHE A 42 19.16 -3.95 -68.64
CA PHE A 42 17.83 -3.63 -68.14
C PHE A 42 16.91 -4.85 -68.23
N GLU A 43 15.71 -4.70 -67.67
CA GLU A 43 14.74 -5.79 -67.56
C GLU A 43 14.08 -6.07 -68.90
N TYR A 44 13.88 -7.35 -69.21
CA TYR A 44 13.16 -7.78 -70.41
C TYR A 44 11.76 -8.22 -69.99
N VAL A 45 10.76 -7.40 -70.29
CA VAL A 45 9.41 -7.59 -69.76
C VAL A 45 8.54 -8.24 -70.83
N GLU A 46 8.86 -8.00 -72.11
CA GLU A 46 8.34 -8.67 -73.31
C GLU A 46 6.84 -8.38 -73.59
N SER A 47 6.16 -7.66 -72.69
CA SER A 47 4.71 -7.50 -72.81
C SER A 47 4.35 -6.19 -73.49
N GLY A 48 4.75 -5.07 -72.90
CA GLY A 48 4.43 -3.77 -73.44
C GLY A 48 5.66 -3.00 -73.84
N PRO A 49 5.74 -1.73 -73.43
CA PRO A 49 6.90 -0.91 -73.75
C PRO A 49 8.12 -1.26 -72.91
N MET A 50 9.19 -0.48 -73.07
CA MET A 50 10.41 -0.68 -72.29
C MET A 50 10.20 -0.25 -70.85
N GLY A 51 11.13 -0.63 -69.98
CA GLY A 51 10.99 -0.37 -68.56
C GLY A 51 11.14 1.10 -68.21
N ALA A 52 10.80 1.44 -66.97
CA ALA A 52 10.85 2.81 -66.51
C ALA A 52 12.29 3.29 -66.35
N GLU A 53 13.20 2.35 -66.08
CA GLU A 53 14.61 2.71 -65.96
C GLU A 53 15.28 2.75 -67.33
N GLU A 54 14.74 2.02 -68.30
CA GLU A 54 15.32 2.02 -69.63
C GLU A 54 14.95 3.29 -70.39
N LEU A 55 13.74 3.81 -70.14
CA LEU A 55 13.37 5.13 -70.67
C LEU A 55 14.21 6.23 -70.04
N ALA A 56 14.62 6.04 -68.78
CA ALA A 56 15.46 7.02 -68.12
C ALA A 56 16.85 7.07 -68.73
N PHE A 57 17.31 5.94 -69.28
CA PHE A 57 18.64 5.90 -69.87
C PHE A 57 18.61 6.42 -71.30
N ARG A 58 17.48 6.25 -71.99
CA ARG A 58 17.38 6.73 -73.36
C ARG A 58 17.11 8.23 -73.40
N PHE A 59 16.36 8.74 -72.43
CA PHE A 59 16.03 10.15 -72.40
C PHE A 59 17.23 10.99 -71.96
N ALA A 60 18.13 10.40 -71.18
CA ALA A 60 19.27 11.14 -70.66
C ALA A 60 20.36 11.29 -71.72
N VAL A 61 20.56 10.26 -72.54
CA VAL A 61 21.59 10.31 -73.57
C VAL A 61 21.18 11.27 -74.69
N ASN A 62 19.89 11.28 -75.03
CA ASN A 62 19.40 12.20 -76.05
C ASN A 62 19.37 13.63 -75.54
N THR A 63 19.33 13.82 -74.23
CA THR A 63 19.38 15.16 -73.66
C THR A 63 20.81 15.72 -73.74
N ILE A 64 21.81 14.91 -73.36
CA ILE A 64 23.21 15.34 -73.41
C ILE A 64 23.67 15.56 -74.85
N ASN A 65 23.12 14.78 -75.80
CA ASN A 65 23.56 14.85 -77.18
C ASN A 65 23.12 16.15 -77.87
N ARG A 66 22.19 16.89 -77.27
CA ARG A 66 21.80 18.19 -77.79
C ARG A 66 22.22 19.32 -76.87
N ASN A 67 22.46 19.00 -75.59
CA ASN A 67 22.92 19.99 -74.63
C ASN A 67 24.44 20.15 -74.72
N ARG A 68 24.91 21.09 -75.52
CA ARG A 68 26.32 21.15 -75.90
C ARG A 68 27.23 21.70 -74.79
N THR A 69 26.65 22.02 -73.62
CA THR A 69 27.42 22.60 -72.53
C THR A 69 28.31 21.56 -71.84
N LEU A 70 27.72 20.43 -71.45
CA LEU A 70 28.42 19.48 -70.57
C LEU A 70 29.16 18.42 -71.39
N LEU A 71 29.92 18.87 -72.39
CA LEU A 71 30.81 18.04 -73.19
C LEU A 71 31.77 18.92 -73.99
N PRO A 72 33.08 18.68 -73.91
CA PRO A 72 34.00 19.38 -74.83
C PRO A 72 33.83 18.93 -76.27
N ASN A 73 34.09 17.65 -76.53
CA ASN A 73 33.86 17.04 -77.84
C ASN A 73 33.39 15.59 -77.71
N THR A 74 32.09 15.34 -77.58
CA THR A 74 31.61 13.98 -77.32
C THR A 74 30.17 13.81 -77.79
N THR A 75 29.96 12.78 -78.62
CA THR A 75 28.61 12.31 -78.89
C THR A 75 28.42 10.92 -78.27
N LEU A 76 27.36 10.78 -77.48
CA LEU A 76 27.15 9.57 -76.68
C LEU A 76 26.33 8.55 -77.46
N THR A 77 26.96 7.42 -77.76
CA THR A 77 26.25 6.24 -78.22
C THR A 77 25.99 5.33 -77.03
N TYR A 78 25.13 4.33 -77.20
CA TYR A 78 24.80 3.44 -76.10
C TYR A 78 24.37 2.08 -76.64
N ASP A 79 24.73 1.02 -75.92
CA ASP A 79 24.30 -0.34 -76.22
C ASP A 79 23.47 -0.85 -75.04
N THR A 80 22.22 -1.20 -75.32
CA THR A 80 21.30 -1.64 -74.26
C THR A 80 20.94 -3.11 -74.46
N GLN A 81 21.28 -3.93 -73.45
CA GLN A 81 20.95 -5.34 -73.47
C GLN A 81 19.86 -5.63 -72.45
N LYS A 82 18.85 -6.39 -72.88
CA LYS A 82 17.72 -6.75 -72.03
C LYS A 82 17.91 -8.18 -71.51
N ILE A 83 17.92 -8.33 -70.19
CA ILE A 83 18.05 -9.64 -69.57
C ILE A 83 16.79 -9.96 -68.79
N ASN A 84 16.61 -11.23 -68.47
CA ASN A 84 15.67 -11.63 -67.43
C ASN A 84 16.31 -11.46 -66.05
N LEU A 85 15.60 -10.83 -65.12
CA LEU A 85 16.15 -10.64 -63.79
C LEU A 85 16.08 -11.94 -62.99
N TYR A 86 16.59 -11.89 -61.75
CA TYR A 86 16.83 -13.05 -60.88
C TYR A 86 17.72 -14.06 -61.58
N ASP A 87 18.76 -13.59 -62.28
CA ASP A 87 19.61 -14.46 -63.10
C ASP A 87 20.99 -13.81 -63.15
N SER A 88 22.01 -14.57 -62.72
CA SER A 88 23.37 -14.04 -62.70
C SER A 88 24.21 -14.62 -63.83
N PHE A 89 23.65 -15.55 -64.61
CA PHE A 89 24.39 -16.12 -65.73
C PHE A 89 24.10 -15.37 -67.01
N GLU A 90 22.84 -14.97 -67.20
CA GLU A 90 22.51 -14.10 -68.34
C GLU A 90 23.07 -12.70 -68.13
N ALA A 91 23.14 -12.26 -66.87
CA ALA A 91 23.70 -10.95 -66.56
C ALA A 91 25.20 -10.94 -66.76
N SER A 92 25.85 -12.10 -66.62
CA SER A 92 27.30 -12.17 -66.82
C SER A 92 27.64 -12.27 -68.29
N LYS A 93 26.79 -12.93 -69.08
CA LYS A 93 27.03 -13.06 -70.51
C LYS A 93 26.75 -11.75 -71.23
N LYS A 94 25.67 -11.06 -70.84
CA LYS A 94 25.31 -9.80 -71.50
C LYS A 94 26.25 -8.68 -71.10
N ALA A 95 26.91 -8.80 -69.95
CA ALA A 95 27.93 -7.83 -69.58
C ALA A 95 29.18 -8.00 -70.44
N CYS A 96 29.62 -9.24 -70.65
CA CYS A 96 30.81 -9.48 -71.45
C CYS A 96 30.52 -9.32 -72.94
N ASP A 97 29.25 -9.37 -73.33
CA ASP A 97 28.88 -8.98 -74.69
C ASP A 97 29.01 -7.47 -74.86
N GLN A 98 28.79 -6.71 -73.80
CA GLN A 98 29.01 -5.26 -73.87
C GLN A 98 30.49 -4.93 -73.72
N LEU A 99 31.26 -5.80 -73.07
CA LEU A 99 32.69 -5.57 -72.95
C LEU A 99 33.42 -5.82 -74.26
N SER A 100 33.16 -6.96 -74.92
CA SER A 100 33.84 -7.29 -76.17
C SER A 100 33.41 -6.35 -77.29
N LEU A 101 32.18 -5.84 -77.22
CA LEU A 101 31.76 -4.81 -78.15
C LEU A 101 32.40 -3.47 -77.82
N GLY A 102 32.75 -3.26 -76.55
CA GLY A 102 33.48 -2.08 -76.14
C GLY A 102 32.61 -0.98 -75.56
N VAL A 103 32.63 -0.83 -74.25
CA VAL A 103 31.94 0.27 -73.57
C VAL A 103 32.94 0.99 -72.67
N ALA A 104 32.47 2.04 -71.99
CA ALA A 104 33.30 2.76 -71.04
C ALA A 104 32.71 2.73 -69.64
N ALA A 105 31.42 2.42 -69.52
CA ALA A 105 30.75 2.32 -68.22
C ALA A 105 29.53 1.42 -68.33
N ILE A 106 29.15 0.76 -67.24
CA ILE A 106 27.97 -0.08 -67.22
C ILE A 106 27.05 0.43 -66.11
N PHE A 107 25.80 0.72 -66.47
CA PHE A 107 24.84 1.25 -65.50
C PHE A 107 24.07 0.14 -64.79
N GLY A 108 24.38 -1.11 -65.09
CA GLY A 108 24.09 -2.21 -64.20
C GLY A 108 22.65 -2.68 -64.15
N PRO A 109 22.44 -3.91 -63.70
CA PRO A 109 21.09 -4.37 -63.41
C PRO A 109 20.53 -3.72 -62.15
N SER A 110 19.24 -3.93 -61.89
CA SER A 110 18.55 -3.30 -60.78
C SER A 110 18.07 -4.33 -59.76
N HIS A 111 18.88 -5.35 -59.50
CA HIS A 111 18.53 -6.37 -58.52
C HIS A 111 19.79 -6.93 -57.87
N SER A 112 19.67 -7.32 -56.61
CA SER A 112 20.84 -7.67 -55.79
C SER A 112 21.49 -8.98 -56.21
N SER A 113 20.77 -9.82 -56.93
CA SER A 113 21.32 -11.10 -57.35
C SER A 113 22.14 -10.94 -58.63
N SER A 114 21.77 -9.95 -59.46
CA SER A 114 22.48 -9.74 -60.71
C SER A 114 23.54 -8.66 -60.58
N ALA A 115 23.38 -7.76 -59.60
CA ALA A 115 24.36 -6.71 -59.41
C ALA A 115 25.64 -7.25 -58.78
N ASN A 116 25.54 -8.35 -58.05
CA ASN A 116 26.72 -8.97 -57.45
C ASN A 116 27.62 -9.59 -58.50
N ALA A 117 27.04 -10.05 -59.61
CA ALA A 117 27.83 -10.71 -60.64
C ALA A 117 28.52 -9.71 -61.54
N VAL A 118 27.81 -8.65 -61.94
CA VAL A 118 28.35 -7.71 -62.92
C VAL A 118 29.40 -6.81 -62.27
N GLN A 119 29.25 -6.51 -60.99
CA GLN A 119 30.21 -5.70 -60.24
C GLN A 119 31.58 -6.37 -60.19
N SER A 120 31.60 -7.69 -59.97
CA SER A 120 32.88 -8.39 -59.87
C SER A 120 33.50 -8.60 -61.25
N ILE A 121 32.69 -8.55 -62.31
CA ILE A 121 33.23 -8.54 -63.66
C ILE A 121 33.87 -7.19 -63.95
N CYS A 122 33.23 -6.11 -63.50
CA CYS A 122 33.74 -4.77 -63.77
C CYS A 122 35.00 -4.46 -62.98
N ASN A 123 35.22 -5.15 -61.87
CA ASN A 123 36.44 -4.94 -61.10
C ASN A 123 37.64 -5.60 -61.77
N ALA A 124 37.47 -6.79 -62.35
CA ALA A 124 38.59 -7.51 -62.94
C ALA A 124 38.89 -7.03 -64.36
N LEU A 125 38.15 -6.05 -64.86
CA LEU A 125 38.38 -5.54 -66.19
C LEU A 125 38.70 -4.05 -66.22
N GLY A 126 38.36 -3.31 -65.17
CA GLY A 126 38.73 -1.91 -65.11
C GLY A 126 37.60 -0.94 -65.35
N VAL A 127 36.56 -1.39 -66.03
CA VAL A 127 35.43 -0.55 -66.41
C VAL A 127 34.62 -0.19 -65.17
N PRO A 128 34.23 1.07 -64.98
CA PRO A 128 33.40 1.42 -63.82
C PRO A 128 31.99 0.85 -63.94
N HIS A 129 31.36 0.67 -62.78
CA HIS A 129 30.01 0.10 -62.70
C HIS A 129 29.16 1.03 -61.84
N ILE A 130 28.17 1.66 -62.46
CA ILE A 130 27.36 2.66 -61.78
C ILE A 130 26.03 2.04 -61.38
N GLN A 131 25.73 2.06 -60.09
CA GLN A 131 24.55 1.43 -59.54
C GLN A 131 23.50 2.49 -59.21
N THR A 132 22.23 2.15 -59.42
CA THR A 132 21.14 3.09 -59.14
C THR A 132 20.17 2.50 -58.13
N ARG A 133 20.40 1.27 -57.69
CA ARG A 133 19.53 0.61 -56.74
C ARG A 133 20.35 0.11 -55.57
N TRP A 134 19.70 -0.04 -54.42
CA TRP A 134 20.35 -0.50 -53.21
C TRP A 134 20.62 -2.00 -53.33
N LYS A 135 21.87 -2.38 -53.14
CA LYS A 135 22.25 -3.78 -53.04
C LYS A 135 22.88 -4.01 -51.67
N HIS A 136 23.38 -5.22 -51.43
CA HIS A 136 23.99 -5.54 -50.15
C HIS A 136 25.49 -5.74 -50.32
N GLN A 137 26.25 -4.67 -50.06
CA GLN A 137 27.68 -4.79 -49.81
C GLN A 137 27.87 -5.66 -48.57
N VAL A 138 28.50 -6.83 -48.73
CA VAL A 138 28.25 -7.91 -47.78
C VAL A 138 28.98 -7.67 -46.46
N SER A 139 30.30 -7.82 -46.43
CA SER A 139 31.07 -7.20 -45.35
C SER A 139 32.44 -6.71 -45.82
N ASP A 140 33.06 -7.45 -46.73
CA ASP A 140 34.48 -7.31 -47.05
C ASP A 140 34.76 -7.50 -48.53
N ASN A 141 33.76 -7.28 -49.38
CA ASN A 141 33.96 -7.42 -50.81
C ASN A 141 34.84 -6.30 -51.33
N LYS A 142 36.15 -6.55 -51.45
CA LYS A 142 37.12 -5.51 -51.73
C LYS A 142 37.04 -5.04 -53.17
N ASP A 143 36.03 -4.23 -53.46
CA ASP A 143 35.82 -3.69 -54.79
C ASP A 143 35.97 -2.17 -54.73
N SER A 144 36.54 -1.59 -55.77
CA SER A 144 36.74 -0.15 -55.85
C SER A 144 35.96 0.47 -57.00
N PHE A 145 35.61 -0.32 -58.01
CA PHE A 145 35.03 0.21 -59.24
C PHE A 145 33.52 0.13 -59.20
N TYR A 146 32.93 0.77 -58.19
CA TYR A 146 31.47 0.84 -58.11
C TYR A 146 31.04 2.10 -57.37
N VAL A 147 29.97 2.74 -57.85
CA VAL A 147 29.33 3.86 -57.15
C VAL A 147 27.83 3.61 -57.12
N SER A 148 27.16 4.12 -56.10
CA SER A 148 25.73 3.92 -55.93
C SER A 148 25.06 5.27 -55.71
N LEU A 149 24.11 5.60 -56.58
CA LEU A 149 23.43 6.88 -56.48
C LEU A 149 22.16 6.78 -55.65
N TYR A 150 21.78 5.57 -55.27
CA TYR A 150 20.61 5.41 -54.42
C TYR A 150 20.99 5.83 -53.01
N PRO A 151 20.13 6.51 -52.27
CA PRO A 151 20.47 6.93 -50.91
C PRO A 151 20.64 5.74 -49.99
N ASP A 152 21.75 5.74 -49.25
CA ASP A 152 22.11 4.58 -48.42
C ASP A 152 21.17 4.47 -47.24
N PHE A 153 20.92 3.23 -46.81
CA PHE A 153 20.10 3.00 -45.63
C PHE A 153 20.92 3.05 -44.35
N SER A 154 22.20 3.43 -44.44
CA SER A 154 22.93 3.83 -43.25
C SER A 154 22.77 5.34 -43.02
N SER A 155 21.97 5.99 -43.86
CA SER A 155 21.64 7.39 -43.64
C SER A 155 20.13 7.60 -43.61
N LEU A 156 19.38 6.85 -44.42
CA LEU A 156 17.93 6.94 -44.39
C LEU A 156 17.33 6.38 -43.12
N SER A 157 17.97 5.36 -42.53
CA SER A 157 17.48 4.81 -41.27
C SER A 157 17.76 5.74 -40.10
N ARG A 158 18.70 6.68 -40.26
CA ARG A 158 18.90 7.71 -39.25
C ARG A 158 17.83 8.78 -39.37
N ALA A 159 17.38 9.06 -40.59
CA ALA A 159 16.34 10.06 -40.80
C ALA A 159 15.00 9.56 -40.28
N ILE A 160 14.73 8.26 -40.41
CA ILE A 160 13.54 7.69 -39.79
C ILE A 160 13.69 7.68 -38.28
N LEU A 161 14.93 7.48 -37.79
CA LEU A 161 15.18 7.55 -36.35
C LEU A 161 15.06 8.98 -35.83
N ASP A 162 15.24 9.97 -36.70
CA ASP A 162 15.06 11.35 -36.26
C ASP A 162 13.59 11.72 -36.17
N LEU A 163 12.76 11.19 -37.07
CA LEU A 163 11.33 11.51 -37.05
C LEU A 163 10.61 10.78 -35.92
N VAL A 164 11.18 9.70 -35.40
CA VAL A 164 10.52 8.99 -34.31
C VAL A 164 10.92 9.62 -32.97
N GLN A 165 12.05 10.34 -32.95
CA GLN A 165 12.42 11.06 -31.74
C GLN A 165 11.79 12.44 -31.71
N PHE A 166 11.44 12.98 -32.88
CA PHE A 166 10.76 14.27 -32.93
C PHE A 166 9.28 14.13 -32.63
N PHE A 167 8.68 13.01 -33.00
CA PHE A 167 7.26 12.77 -32.75
C PHE A 167 7.00 12.16 -31.38
N LYS A 168 8.06 11.85 -30.63
CA LYS A 168 8.03 11.38 -29.25
C LYS A 168 7.26 10.06 -29.09
N TRP A 169 7.68 9.02 -29.81
CA TRP A 169 6.94 7.76 -29.79
C TRP A 169 7.51 6.77 -28.80
N LYS A 170 6.73 5.73 -28.50
CA LYS A 170 7.18 4.63 -27.66
C LYS A 170 6.81 3.27 -28.25
N THR A 171 5.78 3.20 -29.10
CA THR A 171 5.15 1.94 -29.47
C THR A 171 5.15 1.72 -30.98
N VAL A 172 6.32 1.83 -31.60
CA VAL A 172 6.49 1.64 -33.03
C VAL A 172 6.20 0.21 -33.46
N THR A 173 5.73 0.02 -34.68
CA THR A 173 5.26 -1.27 -35.17
C THR A 173 5.78 -1.51 -36.59
N VAL A 174 7.12 -1.48 -36.73
CA VAL A 174 7.84 -1.63 -38.00
C VAL A 174 7.36 -2.82 -38.83
N VAL A 175 6.92 -2.54 -40.05
CA VAL A 175 6.43 -3.59 -40.95
C VAL A 175 7.23 -3.56 -42.24
N TYR A 176 7.82 -4.69 -42.60
CA TYR A 176 8.55 -4.80 -43.85
C TYR A 176 7.84 -5.79 -44.78
N ASP A 177 8.46 -6.09 -45.93
CA ASP A 177 7.86 -7.04 -46.86
C ASP A 177 8.79 -8.19 -47.21
N ASP A 178 10.10 -7.96 -47.29
CA ASP A 178 11.03 -9.01 -47.63
C ASP A 178 12.18 -9.06 -46.62
N SER A 179 12.78 -10.23 -46.49
CA SER A 179 13.85 -10.46 -45.52
C SER A 179 15.10 -9.63 -45.79
N THR A 180 15.33 -9.22 -47.05
CA THR A 180 16.37 -8.25 -47.35
C THR A 180 16.04 -6.88 -46.76
N GLY A 181 14.76 -6.55 -46.66
CA GLY A 181 14.37 -5.23 -46.18
C GLY A 181 14.60 -5.02 -44.70
N LEU A 182 14.83 -6.10 -43.96
CA LEU A 182 15.10 -5.98 -42.53
C LEU A 182 16.56 -5.58 -42.28
N ILE A 183 17.40 -5.60 -43.31
CA ILE A 183 18.71 -4.95 -43.23
C ILE A 183 18.57 -3.45 -43.43
N ARG A 184 17.60 -3.00 -44.24
CA ARG A 184 17.49 -1.60 -44.61
C ARG A 184 17.06 -0.71 -43.45
N LEU A 185 16.52 -1.32 -42.39
CA LEU A 185 16.21 -0.60 -41.17
C LEU A 185 17.09 -1.04 -40.01
N GLN A 186 18.40 -1.18 -40.26
CA GLN A 186 19.31 -1.73 -39.26
C GLN A 186 19.48 -0.80 -38.07
N GLU A 187 19.58 0.51 -38.32
CA GLU A 187 19.73 1.46 -37.23
C GLU A 187 18.42 1.69 -36.50
N LEU A 188 17.30 1.38 -37.16
CA LEU A 188 16.00 1.53 -36.52
C LEU A 188 15.69 0.33 -35.62
N ILE A 189 16.24 -0.83 -35.95
CA ILE A 189 16.07 -2.01 -35.09
C ILE A 189 16.97 -1.89 -33.87
N LYS A 190 18.14 -1.26 -34.04
CA LYS A 190 19.07 -1.08 -32.92
C LYS A 190 18.75 0.17 -32.10
N ALA A 191 17.55 0.72 -32.24
CA ALA A 191 17.11 1.91 -31.52
C ALA A 191 16.70 1.71 -30.07
N PRO A 192 16.00 0.59 -29.62
CA PRO A 192 15.68 0.48 -28.19
C PRO A 192 16.87 0.23 -27.27
N SER A 193 18.07 0.05 -27.84
CA SER A 193 19.29 -0.02 -27.05
C SER A 193 19.57 1.29 -26.35
N ARG A 194 19.34 2.42 -27.02
CA ARG A 194 19.65 3.73 -26.44
C ARG A 194 18.41 4.40 -25.87
N TYR A 195 17.39 4.60 -26.70
CA TYR A 195 16.22 5.37 -26.30
C TYR A 195 15.16 4.50 -25.66
N ASN A 196 14.01 5.10 -25.33
CA ASN A 196 12.89 4.36 -24.77
C ASN A 196 11.86 4.01 -25.84
N LEU A 197 12.24 3.19 -26.82
CA LEU A 197 11.27 2.72 -27.80
C LEU A 197 10.88 1.29 -27.49
N ARG A 198 9.79 0.82 -28.12
CA ARG A 198 9.38 -0.57 -28.00
C ARG A 198 8.94 -1.04 -29.38
N LEU A 199 9.86 -1.67 -30.10
CA LEU A 199 9.59 -2.17 -31.45
C LEU A 199 8.60 -3.31 -31.45
N LYS A 200 7.86 -3.45 -32.55
CA LYS A 200 7.05 -4.63 -32.79
C LYS A 200 7.14 -4.98 -34.27
N ILE A 201 8.11 -5.83 -34.62
CA ILE A 201 8.41 -6.11 -36.01
C ILE A 201 7.45 -7.14 -36.54
N ARG A 202 6.77 -6.83 -37.64
CA ARG A 202 5.87 -7.76 -38.30
C ARG A 202 6.30 -7.90 -39.75
N GLN A 203 5.55 -8.68 -40.52
CA GLN A 203 5.91 -8.96 -41.91
C GLN A 203 4.65 -9.15 -42.74
N LEU A 204 4.63 -8.51 -43.92
CA LEU A 204 3.54 -8.67 -44.88
C LEU A 204 3.54 -10.08 -45.44
N PRO A 205 2.39 -10.60 -45.88
CA PRO A 205 2.37 -11.94 -46.49
C PRO A 205 3.06 -11.97 -47.85
N ALA A 206 3.22 -13.18 -48.39
CA ALA A 206 4.01 -13.39 -49.60
C ALA A 206 3.24 -12.98 -50.84
N ASP A 207 3.13 -11.66 -51.05
CA ASP A 207 2.60 -11.01 -52.25
C ASP A 207 1.18 -11.46 -52.60
N THR A 208 0.36 -11.70 -51.59
CA THR A 208 -0.99 -12.22 -51.81
C THR A 208 -1.96 -11.07 -52.06
N LYS A 209 -1.51 -9.84 -51.79
CA LYS A 209 -2.31 -8.62 -51.76
C LYS A 209 -3.53 -8.79 -50.85
N ASP A 210 -3.30 -9.27 -49.62
CA ASP A 210 -4.35 -9.38 -48.62
C ASP A 210 -3.69 -9.25 -47.25
N ALA A 211 -3.65 -8.02 -46.74
CA ALA A 211 -3.04 -7.74 -45.45
C ALA A 211 -4.06 -7.72 -44.33
N LYS A 212 -5.28 -8.18 -44.59
CA LYS A 212 -6.33 -8.22 -43.58
C LYS A 212 -6.06 -9.16 -42.40
N PRO A 213 -5.41 -10.33 -42.54
CA PRO A 213 -5.01 -11.04 -41.31
C PRO A 213 -3.91 -10.33 -40.53
N LEU A 214 -3.12 -9.48 -41.19
CA LEU A 214 -2.09 -8.74 -40.46
C LEU A 214 -2.67 -7.49 -39.81
N LEU A 215 -3.49 -6.74 -40.55
CA LEU A 215 -4.02 -5.48 -40.04
C LEU A 215 -5.07 -5.69 -38.95
N LYS A 216 -5.71 -6.86 -38.92
CA LYS A 216 -6.67 -7.14 -37.86
C LYS A 216 -5.95 -7.36 -36.54
N GLU A 217 -4.70 -7.83 -36.60
CA GLU A 217 -3.92 -8.01 -35.38
C GLU A 217 -3.24 -6.73 -34.94
N MET A 218 -3.33 -5.67 -35.75
CA MET A 218 -2.73 -4.39 -35.38
C MET A 218 -3.76 -3.48 -34.73
N LYS A 219 -5.02 -3.56 -35.16
CA LYS A 219 -6.09 -2.84 -34.48
C LYS A 219 -6.38 -3.46 -33.12
N ARG A 220 -6.45 -4.79 -33.08
CA ARG A 220 -6.72 -5.53 -31.86
C ARG A 220 -5.57 -5.42 -30.86
N GLY A 221 -4.34 -5.26 -31.34
CA GLY A 221 -3.21 -5.05 -30.47
C GLY A 221 -2.94 -3.60 -30.16
N LYS A 222 -3.77 -2.71 -30.73
CA LYS A 222 -3.71 -1.25 -30.53
C LYS A 222 -2.35 -0.67 -30.91
N GLU A 223 -2.00 -0.79 -32.20
CA GLU A 223 -0.75 -0.25 -32.72
C GLU A 223 -1.06 1.00 -33.53
N PHE A 224 -0.67 2.17 -33.01
CA PHE A 224 -1.10 3.44 -33.59
C PHE A 224 0.02 4.15 -34.34
N HIS A 225 1.22 3.55 -34.40
CA HIS A 225 2.35 4.20 -35.05
C HIS A 225 3.09 3.16 -35.89
N VAL A 226 3.09 3.34 -37.21
CA VAL A 226 3.49 2.31 -38.16
C VAL A 226 4.59 2.85 -39.06
N ILE A 227 5.64 2.06 -39.28
CA ILE A 227 6.84 2.45 -40.03
C ILE A 227 6.99 1.53 -41.25
N PHE A 228 5.88 1.35 -41.99
CA PHE A 228 5.80 0.62 -43.27
C PHE A 228 7.04 0.75 -44.16
N ASP A 229 7.56 -0.40 -44.59
CA ASP A 229 8.80 -0.49 -45.36
C ASP A 229 8.52 -1.26 -46.65
N CYS A 230 7.47 -0.87 -47.35
CA CYS A 230 7.15 -1.48 -48.64
C CYS A 230 7.35 -0.45 -49.74
N SER A 231 7.41 -0.94 -50.98
CA SER A 231 7.51 -0.07 -52.13
C SER A 231 6.19 0.66 -52.37
N HIS A 232 6.22 1.66 -53.26
CA HIS A 232 5.02 2.45 -53.50
C HIS A 232 3.99 1.68 -54.33
N GLU A 233 4.41 0.61 -54.99
CA GLU A 233 3.43 -0.28 -55.61
C GLU A 233 2.69 -1.10 -54.56
N MET A 234 3.37 -1.46 -53.47
CA MET A 234 2.70 -2.18 -52.39
C MET A 234 2.27 -1.26 -51.27
N ALA A 235 2.42 0.05 -51.44
CA ALA A 235 1.94 0.99 -50.43
C ALA A 235 0.45 1.29 -50.64
N ALA A 236 0.05 1.43 -51.90
CA ALA A 236 -1.36 1.67 -52.20
C ALA A 236 -2.20 0.42 -51.96
N GLY A 237 -1.57 -0.75 -52.00
CA GLY A 237 -2.30 -1.98 -51.78
C GLY A 237 -2.60 -2.23 -50.32
N ILE A 238 -1.86 -1.58 -49.42
CA ILE A 238 -2.11 -1.77 -47.99
C ILE A 238 -2.64 -0.48 -47.37
N LEU A 239 -2.93 0.52 -48.21
CA LEU A 239 -3.74 1.65 -47.74
C LEU A 239 -5.17 1.52 -48.24
N LYS A 240 -5.37 0.77 -49.32
CA LYS A 240 -6.73 0.45 -49.76
C LYS A 240 -7.34 -0.62 -48.85
N GLN A 241 -6.49 -1.42 -48.21
CA GLN A 241 -6.99 -2.44 -47.30
C GLN A 241 -6.98 -1.96 -45.85
N ALA A 242 -6.27 -0.87 -45.57
CA ALA A 242 -6.34 -0.28 -44.24
C ALA A 242 -7.58 0.60 -44.10
N LEU A 243 -8.14 1.03 -45.23
CA LEU A 243 -9.38 1.80 -45.19
C LEU A 243 -10.58 0.90 -44.98
N ALA A 244 -10.58 -0.27 -45.62
CA ALA A 244 -11.69 -1.22 -45.50
C ALA A 244 -11.71 -1.86 -44.11
N MET A 245 -10.55 -1.92 -43.45
CA MET A 245 -10.49 -2.38 -42.07
C MET A 245 -10.78 -1.24 -41.10
N GLY A 246 -10.92 -0.02 -41.60
CA GLY A 246 -11.23 1.12 -40.76
C GLY A 246 -10.09 1.55 -39.86
N MET A 247 -8.84 1.37 -40.31
CA MET A 247 -7.68 1.73 -39.52
C MET A 247 -7.08 3.07 -39.91
N MET A 248 -7.65 3.77 -40.89
CA MET A 248 -7.15 5.10 -41.22
C MET A 248 -8.04 6.18 -40.59
N THR A 249 -8.06 6.21 -39.26
CA THR A 249 -8.81 7.19 -38.51
C THR A 249 -7.91 8.36 -38.17
N GLU A 250 -8.30 9.25 -37.26
CA GLU A 250 -7.43 10.35 -36.83
C GLU A 250 -6.49 9.97 -35.69
N TYR A 251 -6.39 8.68 -35.36
CA TYR A 251 -5.56 8.21 -34.26
C TYR A 251 -4.26 7.57 -34.76
N TYR A 252 -4.14 7.39 -36.07
CA TYR A 252 -3.10 6.56 -36.65
C TYR A 252 -2.08 7.40 -37.39
N HIS A 253 -0.80 7.11 -37.16
CA HIS A 253 0.30 7.72 -37.89
C HIS A 253 0.86 6.69 -38.88
N TYR A 254 1.51 7.12 -39.95
CA TYR A 254 2.11 6.19 -40.90
C TYR A 254 3.37 6.77 -41.52
N ILE A 255 4.54 6.42 -40.98
CA ILE A 255 5.79 6.83 -41.62
C ILE A 255 6.14 5.82 -42.71
N PHE A 256 6.32 6.29 -43.93
CA PHE A 256 6.68 5.39 -45.03
C PHE A 256 8.16 5.51 -45.32
N THR A 257 8.79 4.37 -45.60
CA THR A 257 10.22 4.30 -45.84
C THR A 257 10.59 4.68 -47.25
N THR A 258 9.74 4.37 -48.23
CA THR A 258 10.04 4.58 -49.64
C THR A 258 10.10 6.06 -49.99
N LEU A 259 10.74 6.38 -51.10
CA LEU A 259 10.94 7.76 -51.52
C LEU A 259 9.94 8.19 -52.59
N ASP A 260 8.96 7.35 -52.88
CA ASP A 260 7.95 7.66 -53.88
C ASP A 260 6.59 7.83 -53.23
N LEU A 261 6.54 8.51 -52.09
CA LEU A 261 5.28 8.76 -51.42
C LEU A 261 4.46 9.81 -52.15
N PHE A 262 5.13 10.71 -52.88
CA PHE A 262 4.48 11.78 -53.61
C PHE A 262 3.65 11.26 -54.79
N ALA A 263 3.96 10.06 -55.27
CA ALA A 263 3.23 9.49 -56.39
C ALA A 263 2.10 8.57 -55.92
N LEU A 264 1.52 8.86 -54.76
CA LEU A 264 0.38 8.13 -54.24
C LEU A 264 -0.90 8.92 -54.47
N ASP A 265 -1.93 8.23 -54.96
CA ASP A 265 -3.26 8.83 -55.04
C ASP A 265 -3.81 8.93 -53.62
N VAL A 266 -3.89 10.15 -53.10
CA VAL A 266 -4.17 10.39 -51.69
C VAL A 266 -5.52 11.09 -51.52
N GLU A 267 -6.22 11.36 -52.62
CA GLU A 267 -7.57 11.94 -52.63
C GLU A 267 -8.63 11.19 -51.81
N PRO A 268 -8.64 9.81 -51.72
CA PRO A 268 -9.56 9.20 -50.75
C PRO A 268 -9.14 9.36 -49.30
N TYR A 269 -7.90 9.80 -49.06
CA TYR A 269 -7.38 9.88 -47.70
C TYR A 269 -7.00 11.29 -47.29
N ARG A 270 -7.28 12.29 -48.13
CA ARG A 270 -6.82 13.65 -47.88
C ARG A 270 -7.55 14.30 -46.72
N TYR A 271 -8.79 13.90 -46.47
CA TYR A 271 -9.61 14.51 -45.44
C TYR A 271 -9.68 13.70 -44.15
N SER A 272 -9.21 12.45 -44.18
CA SER A 272 -9.47 11.45 -43.15
C SER A 272 -8.86 11.78 -41.80
N GLY A 273 -7.86 12.66 -41.77
CA GLY A 273 -7.22 13.02 -40.51
C GLY A 273 -6.02 12.16 -40.19
N VAL A 274 -5.57 11.36 -41.15
CA VAL A 274 -4.42 10.50 -40.95
C VAL A 274 -3.14 11.32 -41.04
N ASN A 275 -2.02 10.69 -40.67
CA ASN A 275 -0.73 11.35 -40.71
C ASN A 275 0.23 10.57 -41.61
N MET A 276 0.22 10.84 -42.91
CA MET A 276 1.10 10.13 -43.83
C MET A 276 2.42 10.87 -43.99
N THR A 277 3.29 10.74 -43.01
CA THR A 277 4.60 11.39 -43.04
C THR A 277 5.56 10.51 -43.84
N GLY A 278 6.52 11.10 -44.52
CA GLY A 278 7.48 10.32 -45.30
C GLY A 278 8.67 11.15 -45.73
N PHE A 279 9.30 10.72 -46.82
CA PHE A 279 10.47 11.41 -47.34
C PHE A 279 10.38 11.53 -48.85
N ARG A 280 11.09 12.51 -49.40
CA ARG A 280 11.17 12.71 -50.83
C ARG A 280 12.51 13.37 -51.15
N ILE A 281 13.30 12.72 -52.00
CA ILE A 281 14.57 13.28 -52.43
C ILE A 281 14.39 13.99 -53.77
N LEU A 282 13.31 13.67 -54.48
CA LEU A 282 13.07 14.24 -55.80
C LEU A 282 12.69 15.71 -55.68
N ASN A 283 13.61 16.58 -56.09
CA ASN A 283 13.50 18.02 -55.88
C ASN A 283 12.47 18.62 -56.84
N THR A 284 11.21 18.66 -56.41
CA THR A 284 10.17 19.28 -57.22
C THR A 284 9.90 20.71 -56.77
N GLU A 285 10.86 21.34 -56.11
CA GLU A 285 10.72 22.73 -55.70
C GLU A 285 11.53 23.65 -56.59
N ASN A 286 12.41 23.09 -57.41
CA ASN A 286 13.20 23.89 -58.33
C ASN A 286 12.51 23.92 -59.69
N THR A 287 12.46 25.10 -60.30
CA THR A 287 11.70 25.30 -61.52
C THR A 287 12.36 24.60 -62.71
N GLN A 288 13.68 24.69 -62.81
CA GLN A 288 14.40 24.07 -63.91
C GLN A 288 14.42 22.56 -63.75
N VAL A 289 14.37 22.07 -62.51
CA VAL A 289 14.40 20.62 -62.27
C VAL A 289 13.02 20.02 -62.52
N SER A 290 11.96 20.72 -62.08
CA SER A 290 10.61 20.20 -62.27
C SER A 290 10.14 20.36 -63.71
N SER A 291 10.84 21.18 -64.50
CA SER A 291 10.53 21.30 -65.92
C SER A 291 10.88 20.03 -66.67
N ILE A 292 11.91 19.31 -66.21
CA ILE A 292 12.31 18.06 -66.84
C ILE A 292 11.26 16.99 -66.59
N ILE A 293 10.65 17.01 -65.40
CA ILE A 293 9.52 16.13 -65.09
C ILE A 293 8.31 16.51 -65.95
N GLU A 294 8.16 17.81 -66.24
CA GLU A 294 7.13 18.25 -67.16
C GLU A 294 7.45 17.84 -68.59
N LYS A 295 8.73 17.69 -68.92
CA LYS A 295 9.12 17.17 -70.22
C LYS A 295 9.19 15.65 -70.21
N TRP A 296 9.05 15.03 -69.04
CA TRP A 296 9.19 13.58 -68.93
C TRP A 296 7.97 12.85 -69.48
N SER A 297 6.77 13.38 -69.21
CA SER A 297 5.56 12.69 -69.64
C SER A 297 5.12 13.15 -71.02
N MET A 298 6.02 13.79 -71.77
CA MET A 298 5.69 14.21 -73.13
C MET A 298 6.12 13.16 -74.14
N GLU A 299 6.86 12.14 -73.69
CA GLU A 299 7.24 11.04 -74.55
C GLU A 299 6.88 9.69 -73.93
N ARG A 300 5.89 9.69 -73.04
CA ARG A 300 5.53 8.48 -72.31
C ARG A 300 4.11 8.05 -72.63
N LEU A 301 3.37 8.92 -73.36
CA LEU A 301 1.91 8.98 -73.52
C LEU A 301 1.15 7.66 -73.63
N GLN A 302 1.74 6.68 -74.31
CA GLN A 302 1.09 5.38 -74.52
C GLN A 302 0.97 4.60 -73.21
N ALA A 303 -0.13 3.87 -73.06
CA ALA A 303 -0.44 2.96 -71.96
C ALA A 303 -0.33 3.59 -70.57
N PRO A 304 -1.31 4.40 -70.15
CA PRO A 304 -1.36 4.82 -68.74
C PRO A 304 -1.64 3.64 -67.84
N PRO A 305 -0.72 3.31 -66.93
CA PRO A 305 -0.79 2.02 -66.23
C PRO A 305 -1.84 1.92 -65.14
N LYS A 306 -2.94 1.21 -65.46
CA LYS A 306 -4.00 0.68 -64.59
C LYS A 306 -4.54 1.70 -63.58
N PRO A 307 -5.35 2.67 -64.00
CA PRO A 307 -5.81 3.70 -63.05
C PRO A 307 -6.90 3.22 -62.08
N ASP A 308 -6.64 2.16 -61.33
CA ASP A 308 -7.55 1.67 -60.30
C ASP A 308 -6.77 1.17 -59.08
N SER A 309 -5.46 1.36 -59.10
CA SER A 309 -4.58 0.83 -58.06
C SER A 309 -4.31 1.85 -56.97
N GLY A 310 -4.08 3.10 -57.36
CA GLY A 310 -3.74 4.15 -56.41
C GLY A 310 -2.50 4.92 -56.75
N LEU A 311 -2.06 4.88 -58.01
CA LEU A 311 -0.90 5.63 -58.45
C LEU A 311 -1.32 6.74 -59.41
N LEU A 312 -0.48 7.75 -59.54
CA LEU A 312 -0.79 8.87 -60.41
C LEU A 312 0.06 8.80 -61.68
N ASP A 313 -0.40 9.47 -62.74
CA ASP A 313 0.12 9.25 -64.08
C ASP A 313 1.43 10.00 -64.31
N GLY A 314 1.38 11.33 -64.23
CA GLY A 314 2.51 12.14 -64.66
C GLY A 314 3.57 12.41 -63.61
N PHE A 315 3.87 11.42 -62.77
CA PHE A 315 4.86 11.57 -61.71
C PHE A 315 6.00 10.58 -61.95
N MET A 316 7.22 11.10 -62.03
CA MET A 316 8.41 10.29 -62.21
C MET A 316 8.73 9.55 -60.92
N THR A 317 8.99 8.24 -61.02
CA THR A 317 9.44 7.48 -59.87
C THR A 317 10.89 7.81 -59.57
N THR A 318 11.35 7.49 -58.36
CA THR A 318 12.72 7.79 -57.99
C THR A 318 13.70 6.78 -58.57
N ASP A 319 13.19 5.66 -59.11
CA ASP A 319 14.06 4.69 -59.76
C ASP A 319 14.52 5.20 -61.12
N ALA A 320 13.71 6.04 -61.76
CA ALA A 320 14.10 6.59 -63.05
C ALA A 320 14.84 7.91 -62.89
N ALA A 321 14.65 8.59 -61.75
CA ALA A 321 15.37 9.83 -61.51
C ALA A 321 16.85 9.58 -61.27
N LEU A 322 17.16 8.45 -60.63
CA LEU A 322 18.55 8.14 -60.33
C LEU A 322 19.29 7.61 -61.55
N MET A 323 18.58 6.92 -62.44
CA MET A 323 19.19 6.51 -63.70
C MET A 323 19.40 7.71 -64.61
N TYR A 324 18.54 8.70 -64.51
CA TYR A 324 18.73 9.95 -65.23
C TYR A 324 19.93 10.71 -64.68
N ASP A 325 20.09 10.71 -63.35
CA ASP A 325 21.21 11.42 -62.75
C ASP A 325 22.52 10.67 -62.95
N ALA A 326 22.46 9.36 -63.18
CA ALA A 326 23.68 8.57 -63.32
C ALA A 326 24.40 8.87 -64.62
N VAL A 327 23.66 9.30 -65.64
CA VAL A 327 24.28 9.63 -66.92
C VAL A 327 24.97 10.98 -66.81
N HIS A 328 24.42 11.88 -65.98
CA HIS A 328 24.99 13.21 -65.82
C HIS A 328 26.31 13.17 -65.04
N VAL A 329 26.37 12.35 -63.99
CA VAL A 329 27.54 12.33 -63.11
C VAL A 329 28.75 11.78 -63.86
N VAL A 330 28.54 10.79 -64.71
CA VAL A 330 29.63 10.25 -65.52
C VAL A 330 30.02 11.22 -66.62
N SER A 331 29.05 11.94 -67.18
CA SER A 331 29.34 12.88 -68.26
C SER A 331 30.07 14.12 -67.76
N VAL A 332 29.99 14.41 -66.47
CA VAL A 332 30.87 15.42 -65.89
C VAL A 332 32.30 14.91 -65.88
N ALA A 333 32.48 13.61 -65.58
CA ALA A 333 33.82 13.05 -65.46
C ALA A 333 34.49 12.88 -66.82
N VAL A 334 33.72 12.82 -67.91
CA VAL A 334 34.35 12.74 -69.23
C VAL A 334 34.68 14.13 -69.74
N GLN A 335 34.08 15.16 -69.14
CA GLN A 335 34.45 16.53 -69.45
C GLN A 335 35.76 16.90 -68.77
N GLN A 336 35.99 16.37 -67.58
CA GLN A 336 37.19 16.66 -66.82
C GLN A 336 38.37 15.80 -67.24
N PHE A 337 38.10 14.64 -67.84
CA PHE A 337 39.15 13.70 -68.23
C PHE A 337 39.11 13.46 -69.74
N PRO A 338 39.82 14.27 -70.53
CA PRO A 338 39.98 13.96 -71.96
C PRO A 338 41.11 12.97 -72.21
N GLN A 339 41.41 12.75 -73.49
CA GLN A 339 42.49 11.88 -74.00
C GLN A 339 42.29 10.44 -73.58
N MET A 340 41.04 9.95 -73.63
CA MET A 340 40.79 8.53 -73.41
C MET A 340 40.03 7.97 -74.59
N THR A 341 39.99 6.64 -74.70
CA THR A 341 39.27 5.97 -75.76
C THR A 341 38.71 4.64 -75.26
N VAL A 342 37.99 3.93 -76.12
CA VAL A 342 37.40 2.65 -75.75
C VAL A 342 38.14 1.53 -76.48
N SER A 343 38.78 0.65 -75.72
CA SER A 343 39.58 -0.44 -76.28
C SER A 343 38.78 -1.74 -76.22
N SER A 344 39.44 -2.87 -76.50
CA SER A 344 38.77 -4.14 -76.76
C SER A 344 38.18 -4.75 -75.49
N LEU A 345 39.04 -5.09 -74.52
CA LEU A 345 38.66 -5.63 -73.21
C LEU A 345 37.79 -6.88 -73.29
N GLN A 346 38.39 -7.99 -73.75
CA GLN A 346 37.69 -9.26 -73.86
C GLN A 346 37.35 -9.81 -72.47
N CYS A 347 36.37 -10.72 -72.44
CA CYS A 347 35.97 -11.38 -71.19
C CYS A 347 36.81 -12.63 -70.95
N ASN A 348 37.75 -12.90 -71.85
CA ASN A 348 38.68 -14.03 -71.78
C ASN A 348 39.82 -13.70 -70.83
N ARG A 349 40.96 -14.39 -70.96
CA ARG A 349 42.21 -14.06 -70.27
C ARG A 349 42.52 -12.58 -70.41
N HIS A 350 42.51 -11.87 -69.28
CA HIS A 350 42.17 -10.45 -69.27
C HIS A 350 43.34 -9.60 -68.81
N LYS A 351 43.23 -8.31 -69.10
CA LYS A 351 44.06 -7.23 -68.60
C LYS A 351 43.13 -6.09 -68.19
N PRO A 352 43.49 -5.28 -67.21
CA PRO A 352 42.63 -4.15 -66.82
C PRO A 352 42.53 -3.09 -67.90
N TRP A 353 41.52 -2.22 -67.80
CA TRP A 353 41.29 -1.17 -68.77
C TRP A 353 42.39 -0.11 -68.65
N ARG A 354 42.65 0.59 -69.76
CA ARG A 354 43.79 1.49 -69.88
C ARG A 354 43.74 2.66 -68.91
N PHE A 355 42.55 3.22 -68.69
CA PHE A 355 42.40 4.32 -67.74
C PHE A 355 41.41 3.97 -66.64
N GLY A 356 41.50 2.76 -66.07
CA GLY A 356 40.52 2.35 -65.08
C GLY A 356 40.69 3.04 -63.74
N THR A 357 41.90 3.51 -63.45
CA THR A 357 42.16 4.12 -62.15
C THR A 357 41.74 5.58 -62.11
N ARG A 358 42.21 6.37 -63.07
CA ARG A 358 42.02 7.82 -62.99
C ARG A 358 40.61 8.22 -63.37
N PHE A 359 39.97 7.47 -64.26
CA PHE A 359 38.61 7.78 -64.65
C PHE A 359 37.62 7.42 -63.53
N MET A 360 37.97 6.44 -62.72
CA MET A 360 37.12 6.09 -61.58
C MET A 360 37.22 7.13 -60.47
N SER A 361 38.41 7.76 -60.33
CA SER A 361 38.62 8.70 -59.24
C SER A 361 37.92 10.03 -59.49
N LEU A 362 37.53 10.29 -60.74
CA LEU A 362 36.82 11.53 -61.03
C LEU A 362 35.31 11.34 -60.94
N ILE A 363 34.84 10.11 -61.14
CA ILE A 363 33.44 9.79 -60.88
C ILE A 363 33.15 9.82 -59.39
N LYS A 364 34.02 9.20 -58.59
CA LYS A 364 33.86 9.11 -57.14
C LYS A 364 34.01 10.47 -56.46
N GLU A 365 34.68 11.42 -57.11
CA GLU A 365 34.90 12.75 -56.53
C GLU A 365 34.26 13.83 -57.39
N ALA A 366 33.02 13.60 -57.80
CA ALA A 366 32.30 14.54 -58.64
C ALA A 366 31.19 15.21 -57.86
N HIS A 367 30.76 16.37 -58.35
CA HIS A 367 29.65 17.12 -57.77
C HIS A 367 28.71 17.57 -58.87
N TRP A 368 27.41 17.39 -58.65
CA TRP A 368 26.42 17.72 -59.65
C TRP A 368 25.06 18.04 -59.02
N GLU A 369 24.34 18.98 -59.62
CA GLU A 369 22.98 19.29 -59.21
C GLU A 369 22.01 18.61 -60.18
N GLY A 370 21.49 17.45 -59.78
CA GLY A 370 20.62 16.68 -60.63
C GLY A 370 19.16 16.82 -60.21
N LEU A 371 18.38 15.77 -60.47
CA LEU A 371 16.96 15.79 -60.14
C LEU A 371 16.74 15.67 -58.64
N THR A 372 17.67 15.02 -57.94
CA THR A 372 17.53 14.80 -56.52
C THR A 372 18.02 16.02 -55.74
N GLY A 373 19.27 16.36 -55.94
CA GLY A 373 19.88 17.50 -55.26
C GLY A 373 21.35 17.56 -55.57
N ARG A 374 22.16 17.74 -54.52
CA ARG A 374 23.59 17.55 -54.68
C ARG A 374 23.90 16.07 -54.76
N ILE A 375 24.74 15.70 -55.72
CA ILE A 375 25.21 14.32 -55.84
C ILE A 375 26.71 14.35 -55.54
N THR A 376 27.05 13.96 -54.31
CA THR A 376 28.45 13.76 -53.94
C THR A 376 28.59 12.37 -53.36
N PHE A 377 29.67 11.69 -53.73
CA PHE A 377 29.88 10.32 -53.29
C PHE A 377 30.74 10.32 -52.03
N ASN A 378 31.17 9.14 -51.59
CA ASN A 378 32.00 9.08 -50.39
C ASN A 378 33.40 8.67 -50.82
N LYS A 379 34.40 9.01 -50.02
CA LYS A 379 35.78 8.78 -50.43
C LYS A 379 36.19 7.33 -50.23
N THR A 380 35.74 6.72 -49.13
CA THR A 380 36.10 5.33 -48.86
C THR A 380 35.31 4.38 -49.74
N ASN A 381 33.99 4.38 -49.60
CA ASN A 381 33.11 3.52 -50.38
C ASN A 381 32.33 4.35 -51.39
N GLY A 382 31.75 3.71 -52.39
CA GLY A 382 31.01 4.44 -53.39
C GLY A 382 29.54 4.61 -53.07
N LEU A 383 29.22 4.76 -51.80
CA LEU A 383 27.83 4.91 -51.37
C LEU A 383 27.50 6.38 -51.17
N ARG A 384 26.32 6.78 -51.63
CA ARG A 384 25.84 8.15 -51.47
C ARG A 384 25.29 8.29 -50.05
N THR A 385 26.09 8.92 -49.18
CA THR A 385 25.70 9.16 -47.79
C THR A 385 25.68 10.64 -47.42
N ASP A 386 25.70 11.54 -48.40
CA ASP A 386 25.64 12.97 -48.17
C ASP A 386 24.63 13.52 -49.17
N PHE A 387 23.40 13.75 -48.70
CA PHE A 387 22.29 14.10 -49.58
C PHE A 387 21.20 14.80 -48.78
N ASP A 388 20.17 15.27 -49.48
CA ASP A 388 19.17 16.15 -48.88
C ASP A 388 17.76 15.59 -49.07
N LEU A 389 17.06 15.35 -47.96
CA LEU A 389 15.66 14.98 -48.01
C LEU A 389 14.76 16.20 -47.86
N ASP A 390 13.53 16.08 -48.34
CA ASP A 390 12.47 17.04 -48.06
C ASP A 390 11.32 16.26 -47.42
N VAL A 391 11.24 16.28 -46.09
CA VAL A 391 10.25 15.50 -45.36
C VAL A 391 8.86 16.05 -45.61
N ILE A 392 7.97 15.19 -46.10
CA ILE A 392 6.62 15.61 -46.47
C ILE A 392 5.63 14.97 -45.50
N SER A 393 4.41 15.50 -45.47
CA SER A 393 3.35 14.96 -44.64
C SER A 393 2.03 15.19 -45.35
N LEU A 394 0.95 14.63 -44.80
CA LEU A 394 -0.36 14.73 -45.42
C LEU A 394 -1.19 15.77 -44.67
N LYS A 395 -1.61 16.81 -45.38
CA LYS A 395 -2.49 17.83 -44.85
C LYS A 395 -3.85 17.72 -45.53
N GLU A 396 -4.73 18.67 -45.25
CA GLU A 396 -6.08 18.65 -45.81
C GLU A 396 -6.04 19.14 -47.25
N GLU A 397 -4.97 19.82 -47.64
CA GLU A 397 -4.80 20.26 -49.02
C GLU A 397 -4.00 19.26 -49.85
N GLY A 398 -3.31 18.33 -49.20
CA GLY A 398 -2.55 17.31 -49.90
C GLY A 398 -1.19 17.11 -49.26
N LEU A 399 -0.31 16.42 -50.01
CA LEU A 399 1.04 16.14 -49.56
C LEU A 399 1.92 17.38 -49.73
N GLU A 400 2.33 17.98 -48.63
CA GLU A 400 3.10 19.22 -48.65
C GLU A 400 4.36 19.07 -47.81
N LYS A 401 5.44 19.70 -48.28
CA LYS A 401 6.73 19.72 -47.60
C LYS A 401 6.63 20.38 -46.23
N ILE A 402 7.16 19.72 -45.21
CA ILE A 402 7.13 20.29 -43.86
C ILE A 402 8.52 20.42 -43.26
N GLY A 403 9.57 20.32 -44.06
CA GLY A 403 10.90 20.52 -43.52
C GLY A 403 11.97 19.90 -44.40
N THR A 404 13.16 19.77 -43.83
CA THR A 404 14.35 19.32 -44.53
C THR A 404 15.18 18.44 -43.59
N TRP A 405 15.78 17.38 -44.12
CA TRP A 405 16.73 16.59 -43.35
C TRP A 405 18.11 16.72 -43.97
N ASP A 406 19.14 16.65 -43.13
CA ASP A 406 20.52 16.73 -43.59
C ASP A 406 21.41 15.98 -42.61
N PRO A 407 22.38 15.19 -43.09
CA PRO A 407 23.19 14.35 -42.19
C PRO A 407 24.14 15.14 -41.30
N ALA A 408 24.50 16.35 -41.70
CA ALA A 408 25.39 17.18 -40.90
C ALA A 408 24.67 17.79 -39.72
N SER A 409 23.59 18.54 -40.00
CA SER A 409 22.84 19.23 -38.95
C SER A 409 21.87 18.27 -38.28
N GLY A 410 20.94 17.70 -39.02
CA GLY A 410 19.89 16.89 -38.44
C GLY A 410 18.55 17.28 -39.01
N LEU A 411 17.52 17.23 -38.16
CA LEU A 411 16.21 17.70 -38.59
C LEU A 411 16.15 19.21 -38.68
N ASN A 412 16.35 19.72 -39.88
CA ASN A 412 16.02 21.09 -40.22
C ASN A 412 14.51 21.24 -40.37
N MET A 413 13.80 21.25 -39.24
CA MET A 413 12.39 20.85 -39.18
C MET A 413 11.50 22.03 -39.56
N THR A 414 10.20 21.93 -39.23
CA THR A 414 9.08 22.78 -39.66
C THR A 414 9.37 24.28 -39.52
N GLU A 415 8.85 25.07 -40.46
CA GLU A 415 9.23 26.47 -40.62
C GLU A 415 8.63 27.40 -39.57
N SER A 416 7.32 27.20 -39.39
CA SER A 416 6.54 27.14 -38.16
C SER A 416 5.11 26.84 -38.61
N GLN A 417 4.72 25.57 -38.63
CA GLN A 417 3.45 25.17 -39.24
C GLN A 417 2.83 24.05 -38.41
N LYS A 418 1.49 23.98 -38.42
CA LYS A 418 0.73 23.05 -37.58
C LYS A 418 -0.50 22.52 -38.32
N GLY A 419 -0.64 22.84 -39.60
CA GLY A 419 -1.80 22.41 -40.36
C GLY A 419 -2.80 23.52 -40.63
N LYS A 420 -3.73 23.33 -41.59
CA LYS A 420 -4.55 24.43 -42.07
C LYS A 420 -6.05 24.23 -41.84
N PRO A 421 -6.62 24.86 -40.80
CA PRO A 421 -8.08 24.90 -40.64
C PRO A 421 -8.76 26.00 -41.43
N ALA A 422 -10.01 26.29 -41.03
CA ALA A 422 -10.81 27.48 -41.35
C ALA A 422 -11.44 27.48 -42.74
N ASN A 423 -11.72 26.30 -43.28
CA ASN A 423 -12.75 26.17 -44.31
C ASN A 423 -13.67 25.00 -43.97
N ILE A 424 -14.81 24.93 -44.67
CA ILE A 424 -15.82 23.90 -44.47
C ILE A 424 -15.96 23.22 -45.85
N THR A 425 -14.82 23.08 -46.51
CA THR A 425 -14.58 23.35 -47.93
C THR A 425 -15.67 22.95 -48.93
N ASP A 426 -15.97 21.67 -49.11
CA ASP A 426 -16.77 21.34 -50.29
C ASP A 426 -17.57 20.04 -50.23
N SER A 427 -18.02 19.60 -51.41
CA SER A 427 -18.95 18.50 -51.59
C SER A 427 -18.30 17.27 -52.22
N LEU A 428 -17.43 17.46 -53.23
CA LEU A 428 -16.64 16.43 -53.90
C LEU A 428 -17.48 15.28 -54.50
N SER A 429 -18.24 15.57 -55.57
CA SER A 429 -19.26 14.67 -56.15
C SER A 429 -20.28 14.36 -55.08
N ASN A 430 -21.19 15.31 -54.87
CA ASN A 430 -21.80 15.85 -53.66
C ASN A 430 -22.29 14.81 -52.64
N ARG A 431 -22.44 13.54 -53.04
CA ARG A 431 -22.39 12.43 -52.08
C ARG A 431 -23.53 12.41 -51.07
N SER A 432 -24.71 11.89 -51.44
CA SER A 432 -26.05 12.07 -50.87
C SER A 432 -26.11 12.02 -49.34
N LEU A 433 -25.18 11.31 -48.70
CA LEU A 433 -25.09 11.18 -47.25
C LEU A 433 -26.37 10.63 -46.65
N ILE A 434 -26.64 9.35 -46.90
CA ILE A 434 -27.91 8.71 -46.53
C ILE A 434 -28.05 8.72 -45.01
N VAL A 435 -28.94 9.58 -44.52
CA VAL A 435 -29.15 9.78 -43.09
C VAL A 435 -30.18 8.78 -42.59
N THR A 436 -29.78 7.93 -41.65
CA THR A 436 -30.77 7.11 -40.98
C THR A 436 -31.34 7.86 -39.78
N THR A 437 -32.64 7.71 -39.57
CA THR A 437 -33.33 8.39 -38.48
C THR A 437 -34.21 7.41 -37.72
N ILE A 438 -34.85 7.89 -36.66
CA ILE A 438 -35.85 7.12 -35.95
C ILE A 438 -37.06 8.04 -35.77
N LEU A 439 -38.24 7.47 -35.60
CA LEU A 439 -39.49 8.23 -35.56
C LEU A 439 -39.81 8.57 -34.11
N GLU A 440 -39.56 9.81 -33.71
CA GLU A 440 -39.88 10.26 -32.37
C GLU A 440 -40.30 11.73 -32.42
N GLU A 441 -41.42 12.02 -31.79
CA GLU A 441 -41.98 13.36 -31.69
C GLU A 441 -41.19 14.19 -30.69
N PRO A 442 -40.85 15.45 -31.01
CA PRO A 442 -41.03 16.14 -32.30
C PRO A 442 -39.76 16.19 -33.13
N TYR A 443 -38.91 15.18 -33.01
CA TYR A 443 -37.63 15.18 -33.69
C TYR A 443 -37.81 14.86 -35.17
N VAL A 444 -38.34 13.68 -35.48
CA VAL A 444 -38.64 13.28 -36.85
C VAL A 444 -40.09 12.81 -36.90
N LEU A 445 -40.91 13.49 -37.70
CA LEU A 445 -42.33 13.17 -37.81
C LEU A 445 -42.76 13.16 -39.26
N PHE A 446 -43.84 12.43 -39.56
CA PHE A 446 -44.41 12.44 -40.90
C PHE A 446 -45.19 13.73 -41.14
N LYS A 447 -45.52 13.96 -42.42
CA LYS A 447 -46.45 15.03 -42.76
C LYS A 447 -47.87 14.63 -42.38
N LYS A 448 -48.75 15.62 -42.29
CA LYS A 448 -50.11 15.40 -41.79
C LYS A 448 -51.10 15.22 -42.94
N SER A 449 -50.65 15.49 -44.17
CA SER A 449 -51.53 15.44 -45.33
C SER A 449 -51.48 14.07 -45.99
N ASP A 450 -52.53 13.73 -46.74
CA ASP A 450 -52.60 12.45 -47.42
C ASP A 450 -52.62 12.58 -48.94
N LYS A 451 -52.03 13.64 -49.47
CA LYS A 451 -51.79 13.85 -50.90
C LYS A 451 -50.75 12.85 -51.39
N PRO A 452 -50.63 12.59 -52.72
CA PRO A 452 -49.64 11.60 -53.19
C PRO A 452 -48.18 11.99 -52.96
N LEU A 453 -47.29 11.11 -53.42
CA LEU A 453 -45.98 10.79 -52.82
C LEU A 453 -45.13 12.00 -52.43
N TYR A 454 -44.43 11.86 -51.31
CA TYR A 454 -43.62 12.90 -50.70
C TYR A 454 -42.17 12.45 -50.60
N GLY A 455 -41.62 11.96 -51.71
CA GLY A 455 -40.26 11.40 -51.76
C GLY A 455 -39.20 12.37 -51.26
N ASN A 456 -38.61 12.00 -50.10
CA ASN A 456 -37.73 12.83 -49.28
C ASN A 456 -38.37 14.15 -48.89
N ASP A 457 -39.69 14.14 -48.68
CA ASP A 457 -40.42 15.31 -48.22
C ASP A 457 -41.49 14.84 -47.25
N ARG A 458 -41.41 13.56 -46.86
CA ARG A 458 -42.31 12.99 -45.87
C ARG A 458 -42.05 13.54 -44.47
N PHE A 459 -40.84 14.04 -44.23
CA PHE A 459 -40.32 14.16 -42.87
C PHE A 459 -40.22 15.62 -42.46
N GLU A 460 -40.51 15.89 -41.19
CA GLU A 460 -40.51 17.24 -40.65
C GLU A 460 -40.35 17.16 -39.13
N GLY A 461 -39.62 18.11 -38.57
CA GLY A 461 -39.35 18.13 -37.14
C GLY A 461 -38.12 18.96 -36.83
N TYR A 462 -37.55 18.69 -35.66
CA TYR A 462 -36.34 19.39 -35.23
C TYR A 462 -35.12 18.90 -35.98
N CYS A 463 -34.98 17.58 -36.13
CA CYS A 463 -33.83 17.01 -36.81
C CYS A 463 -33.84 17.31 -38.30
N ILE A 464 -35.01 17.54 -38.89
CA ILE A 464 -35.09 17.94 -40.29
C ILE A 464 -34.64 19.38 -40.44
N ASP A 465 -35.03 20.25 -39.49
CA ASP A 465 -34.62 21.65 -39.54
C ASP A 465 -33.14 21.81 -39.26
N LEU A 466 -32.56 20.89 -38.49
CA LEU A 466 -31.12 20.91 -38.25
C LEU A 466 -30.34 20.52 -39.50
N LEU A 467 -30.84 19.51 -40.22
CA LEU A 467 -30.09 18.95 -41.34
C LEU A 467 -30.12 19.88 -42.56
N ARG A 468 -31.19 20.66 -42.70
CA ARG A 468 -31.28 21.61 -43.81
C ARG A 468 -30.25 22.72 -43.66
N GLU A 469 -30.01 23.17 -42.43
CA GLU A 469 -28.95 24.13 -42.18
C GLU A 469 -27.58 23.46 -42.28
N LEU A 470 -27.51 22.17 -41.97
CA LEU A 470 -26.28 21.43 -42.21
C LEU A 470 -26.06 21.17 -43.69
N SER A 471 -27.13 21.11 -44.47
CA SER A 471 -26.97 20.96 -45.92
C SER A 471 -26.67 22.29 -46.58
N THR A 472 -26.91 23.39 -45.86
CA THR A 472 -26.69 24.72 -46.43
C THR A 472 -25.22 25.11 -46.37
N ILE A 473 -24.64 25.19 -45.17
CA ILE A 473 -23.26 25.64 -45.00
C ILE A 473 -22.28 24.52 -45.30
N LEU A 474 -22.71 23.27 -45.27
CA LEU A 474 -21.90 22.13 -45.66
C LEU A 474 -22.53 21.43 -46.84
N GLY A 475 -21.81 21.25 -47.94
CA GLY A 475 -22.44 20.96 -49.21
C GLY A 475 -22.80 19.52 -49.48
N PHE A 476 -24.10 19.21 -49.41
CA PHE A 476 -24.63 17.92 -49.84
C PHE A 476 -26.12 18.05 -50.13
N THR A 477 -26.73 16.96 -50.58
CA THR A 477 -28.18 16.87 -50.72
C THR A 477 -28.68 15.58 -50.06
N TYR A 478 -29.47 15.74 -49.00
CA TYR A 478 -29.73 14.65 -48.07
C TYR A 478 -30.71 13.62 -48.64
N GLU A 479 -30.60 12.39 -48.14
CA GLU A 479 -31.36 11.24 -48.62
C GLU A 479 -31.89 10.47 -47.41
N ILE A 480 -32.70 11.14 -46.58
CA ILE A 480 -33.38 10.59 -45.39
C ILE A 480 -33.99 9.22 -45.66
N ARG A 481 -33.61 8.24 -44.83
CA ARG A 481 -33.98 6.85 -45.05
C ARG A 481 -34.14 6.14 -43.70
N LEU A 482 -35.37 5.75 -43.35
CA LEU A 482 -35.68 5.18 -42.04
C LEU A 482 -34.98 3.86 -41.79
N VAL A 483 -34.62 3.60 -40.53
CA VAL A 483 -33.99 2.35 -40.14
C VAL A 483 -35.06 1.26 -40.12
N GLU A 484 -34.68 0.04 -40.50
CA GLU A 484 -35.60 -1.07 -40.60
C GLU A 484 -36.06 -1.54 -39.22
N ASP A 485 -35.16 -1.50 -38.25
CA ASP A 485 -35.46 -2.02 -36.92
C ASP A 485 -36.36 -1.05 -36.16
N GLY A 486 -36.12 0.24 -36.31
CA GLY A 486 -36.83 1.23 -35.51
C GLY A 486 -36.27 1.28 -34.11
N LYS A 487 -34.95 1.11 -34.00
CA LYS A 487 -34.26 1.02 -32.71
C LYS A 487 -33.09 1.99 -32.71
N TYR A 488 -32.81 2.58 -31.55
CA TYR A 488 -31.71 3.53 -31.42
C TYR A 488 -30.37 2.83 -31.59
N GLY A 489 -30.08 1.88 -30.70
CA GLY A 489 -28.84 1.14 -30.76
C GLY A 489 -28.44 0.60 -29.41
N ALA A 490 -28.07 -0.68 -29.38
CA ALA A 490 -27.66 -1.37 -28.16
C ALA A 490 -26.89 -2.63 -28.53
N GLN A 491 -26.00 -3.07 -27.65
CA GLN A 491 -25.22 -4.27 -27.92
C GLN A 491 -26.01 -5.50 -27.49
N ASP A 492 -26.38 -6.33 -28.46
CA ASP A 492 -27.08 -7.57 -28.16
C ASP A 492 -26.13 -8.57 -27.51
N ASP A 493 -26.57 -9.19 -26.42
CA ASP A 493 -25.64 -9.87 -25.51
C ASP A 493 -25.14 -11.20 -26.07
N VAL A 494 -26.00 -11.94 -26.78
CA VAL A 494 -25.67 -13.32 -27.14
C VAL A 494 -24.70 -13.39 -28.32
N ASN A 495 -24.56 -12.29 -29.06
CA ASN A 495 -23.67 -12.33 -30.23
C ASN A 495 -22.75 -11.12 -30.33
N GLY A 496 -23.02 -10.04 -29.61
CA GLY A 496 -22.23 -8.82 -29.72
C GLY A 496 -22.62 -7.96 -30.91
N GLN A 497 -23.61 -8.38 -31.68
CA GLN A 497 -24.02 -7.71 -32.90
C GLN A 497 -24.93 -6.53 -32.59
N TRP A 498 -24.54 -5.33 -33.03
CA TRP A 498 -25.31 -4.12 -32.80
C TRP A 498 -26.58 -4.11 -33.65
N ASN A 499 -27.66 -3.51 -33.14
CA ASN A 499 -28.90 -3.44 -33.90
C ASN A 499 -29.49 -2.03 -33.84
N GLY A 500 -30.03 -1.58 -34.97
CA GLY A 500 -30.64 -0.27 -35.05
C GLY A 500 -29.89 0.67 -35.98
N MET A 501 -29.81 1.93 -35.59
CA MET A 501 -29.07 2.91 -36.38
C MET A 501 -27.57 2.67 -36.31
N VAL A 502 -27.07 2.20 -35.17
CA VAL A 502 -25.62 2.11 -34.96
C VAL A 502 -25.03 0.96 -35.79
N ARG A 503 -25.87 0.00 -36.21
CA ARG A 503 -25.39 -1.06 -37.07
C ARG A 503 -25.17 -0.56 -38.50
N GLU A 504 -26.06 0.33 -38.98
CA GLU A 504 -25.92 0.87 -40.33
C GLU A 504 -24.77 1.85 -40.41
N LEU A 505 -24.39 2.47 -39.29
CA LEU A 505 -23.25 3.38 -39.27
C LEU A 505 -21.94 2.62 -39.31
N ILE A 506 -21.90 1.42 -38.73
CA ILE A 506 -20.69 0.61 -38.78
C ILE A 506 -20.53 -0.04 -40.15
N ASP A 507 -21.62 -0.60 -40.69
CA ASP A 507 -21.59 -1.31 -41.96
C ASP A 507 -21.64 -0.38 -43.17
N HIS A 508 -21.62 0.94 -42.93
CA HIS A 508 -21.54 2.00 -43.94
C HIS A 508 -22.73 1.99 -44.90
N LYS A 509 -23.86 1.43 -44.50
CA LYS A 509 -25.08 1.50 -45.28
C LYS A 509 -25.69 2.90 -45.21
N ALA A 510 -25.63 3.53 -44.05
CA ALA A 510 -26.02 4.92 -43.87
C ALA A 510 -24.75 5.73 -43.64
N ASP A 511 -24.89 7.05 -43.59
CA ASP A 511 -23.73 7.92 -43.48
C ASP A 511 -23.82 8.89 -42.31
N LEU A 512 -25.01 9.38 -42.00
CA LEU A 512 -25.20 10.26 -40.86
C LEU A 512 -26.35 9.72 -40.01
N ALA A 513 -26.41 10.16 -38.76
CA ALA A 513 -27.41 9.65 -37.83
C ALA A 513 -28.07 10.78 -37.07
N VAL A 514 -28.55 11.80 -37.78
CA VAL A 514 -29.21 12.94 -37.16
C VAL A 514 -30.53 12.47 -36.58
N ALA A 515 -30.56 12.33 -35.26
CA ALA A 515 -31.59 11.61 -34.52
C ALA A 515 -31.38 11.86 -33.03
N PRO A 516 -32.33 11.52 -32.15
CA PRO A 516 -32.02 11.50 -30.71
C PRO A 516 -31.07 10.40 -30.29
N LEU A 517 -29.82 10.46 -30.72
CA LEU A 517 -28.87 9.39 -30.46
C LEU A 517 -27.94 9.83 -29.34
N ALA A 518 -28.15 9.28 -28.14
CA ALA A 518 -27.46 9.71 -26.93
C ALA A 518 -26.01 9.28 -26.97
N ILE A 519 -25.11 10.24 -26.79
CA ILE A 519 -23.68 9.99 -26.79
C ILE A 519 -23.31 9.28 -25.50
N THR A 520 -22.95 8.00 -25.61
CA THR A 520 -22.65 7.19 -24.44
C THR A 520 -21.36 6.41 -24.68
N TYR A 521 -20.94 5.66 -23.66
CA TYR A 521 -19.62 5.03 -23.66
C TYR A 521 -19.54 3.88 -24.66
N VAL A 522 -20.55 3.02 -24.68
CA VAL A 522 -20.49 1.81 -25.50
C VAL A 522 -20.71 2.14 -26.97
N ARG A 523 -21.35 3.27 -27.25
CA ARG A 523 -21.53 3.69 -28.63
C ARG A 523 -20.31 4.44 -29.16
N GLU A 524 -19.47 4.96 -28.25
CA GLU A 524 -18.31 5.75 -28.68
C GLU A 524 -17.20 4.87 -29.23
N LYS A 525 -17.11 3.63 -28.76
CA LYS A 525 -16.03 2.76 -29.20
C LYS A 525 -16.34 2.08 -30.52
N VAL A 526 -17.55 2.24 -31.05
CA VAL A 526 -17.92 1.60 -32.30
C VAL A 526 -18.22 2.63 -33.39
N ILE A 527 -18.90 3.72 -33.04
CA ILE A 527 -19.06 4.85 -33.97
C ILE A 527 -18.57 6.11 -33.28
N ASP A 528 -18.39 7.17 -34.05
CA ASP A 528 -17.86 8.40 -33.50
C ASP A 528 -18.85 9.54 -33.70
N PHE A 529 -19.13 10.26 -32.62
CA PHE A 529 -20.15 11.29 -32.60
C PHE A 529 -19.55 12.67 -32.88
N SER A 530 -20.42 13.65 -33.13
CA SER A 530 -20.03 15.05 -33.20
C SER A 530 -20.20 15.67 -31.82
N LYS A 531 -20.11 16.98 -31.73
CA LYS A 531 -20.33 17.67 -30.46
C LYS A 531 -21.80 17.63 -30.10
N PRO A 532 -22.14 17.67 -28.80
CA PRO A 532 -23.56 17.71 -28.42
C PRO A 532 -24.26 19.00 -28.83
N PHE A 533 -25.25 18.85 -29.72
CA PHE A 533 -26.08 19.97 -30.13
C PHE A 533 -27.24 20.21 -29.18
N MET A 534 -27.42 19.33 -28.19
CA MET A 534 -28.47 19.47 -27.20
C MET A 534 -28.12 18.69 -25.94
N THR A 535 -28.02 19.36 -24.80
CA THR A 535 -27.66 18.73 -23.55
C THR A 535 -28.91 18.52 -22.72
N LEU A 536 -29.09 17.30 -22.20
CA LEU A 536 -30.28 16.97 -21.44
C LEU A 536 -29.90 16.20 -20.19
N GLY A 537 -30.92 15.72 -19.49
CA GLY A 537 -30.72 14.92 -18.30
C GLY A 537 -31.98 14.20 -17.89
N ILE A 538 -31.93 13.50 -16.76
CA ILE A 538 -33.12 12.85 -16.23
C ILE A 538 -33.83 13.82 -15.30
N SER A 539 -35.12 14.03 -15.53
CA SER A 539 -35.91 14.91 -14.68
C SER A 539 -37.19 14.22 -14.29
N ILE A 540 -37.88 14.80 -13.31
CA ILE A 540 -39.06 14.18 -12.71
C ILE A 540 -40.30 14.78 -13.36
N LEU A 541 -41.10 13.93 -14.00
CA LEU A 541 -42.39 14.35 -14.52
C LEU A 541 -43.44 14.06 -13.45
N TYR A 542 -44.26 15.06 -13.14
CA TYR A 542 -45.18 14.98 -12.01
C TYR A 542 -46.34 15.96 -12.19
N ARG A 543 -47.51 15.60 -11.65
CA ARG A 543 -48.70 16.42 -11.78
C ARG A 543 -48.55 17.74 -11.02
N LYS A 544 -49.06 18.83 -11.62
CA LYS A 544 -49.15 20.11 -10.95
C LYS A 544 -50.06 19.99 -9.73
N PRO A 545 -49.83 20.75 -8.68
CA PRO A 545 -50.84 20.84 -7.63
C PRO A 545 -52.03 21.67 -8.08
N ASN A 546 -53.18 21.45 -7.44
CA ASN A 546 -54.36 22.27 -7.63
C ASN A 546 -54.54 22.95 -6.28
N GLY A 547 -55.67 23.61 -6.04
CA GLY A 547 -55.99 24.10 -4.71
C GLY A 547 -56.08 23.02 -3.65
N THR A 548 -56.40 21.79 -4.08
CA THR A 548 -56.50 20.59 -3.24
C THR A 548 -57.52 20.81 -2.12
N ASN A 549 -58.79 20.95 -2.51
CA ASN A 549 -59.93 21.29 -1.66
C ASN A 549 -60.21 20.19 -0.64
N PRO A 550 -60.03 20.48 0.67
CA PRO A 550 -60.48 19.51 1.67
C PRO A 550 -61.92 19.77 2.12
N GLY A 551 -62.80 20.02 1.17
CA GLY A 551 -64.14 20.48 1.48
C GLY A 551 -64.18 21.85 2.12
N VAL A 552 -65.33 22.17 2.72
CA VAL A 552 -65.55 23.43 3.42
C VAL A 552 -65.76 23.18 4.92
N PHE A 553 -66.23 21.98 5.27
CA PHE A 553 -66.32 21.58 6.67
C PHE A 553 -65.10 20.76 7.07
N SER A 554 -63.91 21.34 6.91
CA SER A 554 -62.68 20.63 7.23
C SER A 554 -62.28 20.80 8.69
N PHE A 555 -62.96 21.68 9.43
CA PHE A 555 -62.67 21.89 10.84
C PHE A 555 -63.25 20.76 11.68
N LEU A 556 -64.16 19.99 11.10
CA LEU A 556 -64.86 18.91 11.78
C LEU A 556 -64.02 17.64 11.81
N ASN A 557 -62.94 17.58 11.04
CA ASN A 557 -62.05 16.44 10.88
C ASN A 557 -61.30 15.92 12.13
N PRO A 558 -60.68 16.78 13.04
CA PRO A 558 -59.83 16.21 14.10
C PRO A 558 -60.52 15.32 15.12
N LEU A 559 -61.84 15.43 15.23
CA LEU A 559 -62.59 14.42 15.97
C LEU A 559 -63.44 13.62 14.99
N SER A 560 -63.49 12.31 15.21
CA SER A 560 -64.24 11.41 14.35
C SER A 560 -65.73 11.67 14.50
N PRO A 561 -66.52 11.36 13.45
CA PRO A 561 -67.97 11.64 13.54
C PRO A 561 -68.71 10.78 14.55
N ASP A 562 -68.08 9.71 15.06
CA ASP A 562 -68.66 8.99 16.19
C ASP A 562 -68.59 9.84 17.46
N ILE A 563 -67.52 10.63 17.60
CA ILE A 563 -67.35 11.45 18.80
C ILE A 563 -68.28 12.65 18.79
N TRP A 564 -68.49 13.27 17.62
CA TRP A 564 -69.34 14.44 17.52
C TRP A 564 -70.79 14.13 17.84
N MET A 565 -71.21 12.88 17.62
CA MET A 565 -72.52 12.46 18.09
C MET A 565 -72.49 12.15 19.59
N TYR A 566 -71.38 11.60 20.07
CA TYR A 566 -71.32 11.18 21.47
C TYR A 566 -71.14 12.38 22.40
N VAL A 567 -70.58 13.48 21.90
CA VAL A 567 -70.51 14.69 22.70
C VAL A 567 -71.89 15.33 22.80
N LEU A 568 -72.60 15.41 21.68
CA LEU A 568 -73.92 16.04 21.67
C LEU A 568 -74.94 15.22 22.43
N LEU A 569 -74.79 13.89 22.41
CA LEU A 569 -75.65 13.05 23.25
C LEU A 569 -75.31 13.20 24.72
N ALA A 570 -74.02 13.42 25.03
CA ALA A 570 -73.65 13.70 26.42
C ALA A 570 -74.02 15.12 26.81
N CYS A 571 -74.09 16.03 25.84
CA CYS A 571 -74.50 17.40 26.12
C CYS A 571 -75.98 17.47 26.46
N LEU A 572 -76.79 16.64 25.79
CA LEU A 572 -78.20 16.56 26.13
C LEU A 572 -78.41 15.64 27.33
N GLY A 573 -77.45 14.77 27.60
CA GLY A 573 -77.59 13.82 28.69
C GLY A 573 -77.31 14.43 30.05
N VAL A 574 -76.15 15.08 30.20
CA VAL A 574 -75.74 15.63 31.48
C VAL A 574 -76.61 16.84 31.84
N SER A 575 -77.14 17.54 30.83
CA SER A 575 -78.03 18.66 31.08
C SER A 575 -79.35 18.21 31.70
N CYS A 576 -79.85 17.05 31.28
CA CYS A 576 -81.10 16.54 31.85
C CYS A 576 -80.88 15.97 33.24
N VAL A 577 -79.72 15.33 33.47
CA VAL A 577 -79.43 14.75 34.78
C VAL A 577 -79.23 15.85 35.81
N LEU A 578 -78.63 16.97 35.40
CA LEU A 578 -78.47 18.10 36.30
C LEU A 578 -79.82 18.77 36.59
N PHE A 579 -80.78 18.61 35.67
CA PHE A 579 -82.12 19.14 35.92
C PHE A 579 -82.89 18.28 36.92
N VAL A 580 -82.70 16.97 36.85
CA VAL A 580 -83.45 16.06 37.73
C VAL A 580 -82.93 16.15 39.16
N ILE A 581 -81.60 16.24 39.33
CA ILE A 581 -81.01 16.28 40.66
C ILE A 581 -81.31 17.59 41.37
N ALA A 582 -81.22 18.71 40.66
CA ALA A 582 -81.38 20.03 41.28
C ALA A 582 -82.83 20.26 41.72
N ARG A 583 -83.80 19.70 41.00
CA ARG A 583 -85.18 19.80 41.42
C ARG A 583 -85.50 18.85 42.56
N PHE A 584 -84.71 17.78 42.70
CA PHE A 584 -84.98 16.78 43.73
C PHE A 584 -84.04 16.93 44.91
N SER A 585 -83.21 17.96 44.91
CA SER A 585 -82.29 18.21 46.02
C SER A 585 -82.93 19.21 46.98
N PRO A 586 -82.75 19.03 48.28
CA PRO A 586 -83.30 20.00 49.25
C PRO A 586 -82.44 21.24 49.46
N TYR A 587 -81.16 21.19 49.06
CA TYR A 587 -80.24 22.29 49.30
C TYR A 587 -80.02 23.16 48.07
N GLU A 588 -80.86 23.03 47.05
CA GLU A 588 -80.81 23.89 45.87
C GLU A 588 -81.99 24.85 45.83
N TRP A 589 -82.39 25.36 46.99
CA TRP A 589 -83.61 26.17 47.09
C TRP A 589 -83.28 27.53 47.71
N TYR A 590 -83.45 28.58 46.90
CA TYR A 590 -83.11 29.94 47.31
C TYR A 590 -84.37 30.73 47.65
N ASN A 591 -84.17 32.02 47.91
CA ASN A 591 -85.26 32.97 47.94
C ASN A 591 -84.97 34.12 46.98
N PRO A 592 -86.00 34.67 46.31
CA PRO A 592 -85.75 35.71 45.29
C PRO A 592 -85.26 37.04 45.86
N HIS A 593 -85.95 37.55 46.88
CA HIS A 593 -85.60 38.84 47.45
C HIS A 593 -85.68 38.76 48.97
N PRO A 594 -84.56 38.68 49.67
CA PRO A 594 -84.59 38.40 51.12
C PRO A 594 -84.83 39.61 52.00
N CYS A 595 -85.82 40.43 51.68
CA CYS A 595 -86.31 41.41 52.64
C CYS A 595 -87.31 40.79 53.60
N ASN A 596 -88.13 39.85 53.11
CA ASN A 596 -89.03 39.07 53.96
C ASN A 596 -88.54 37.63 53.98
N PRO A 597 -87.77 37.23 55.00
CA PRO A 597 -87.25 35.86 55.04
C PRO A 597 -88.28 34.83 55.45
N ASP A 598 -89.34 34.63 54.67
CA ASP A 598 -90.38 33.66 54.99
C ASP A 598 -90.38 32.52 53.97
N SER A 599 -91.31 31.59 54.13
CA SER A 599 -91.45 30.45 53.23
C SER A 599 -92.44 30.82 52.11
N ASP A 600 -92.86 29.86 51.28
CA ASP A 600 -93.83 30.01 50.20
C ASP A 600 -93.42 31.00 49.12
N VAL A 601 -92.14 31.39 49.08
CA VAL A 601 -91.57 32.18 48.00
C VAL A 601 -90.33 31.44 47.52
N VAL A 602 -90.04 30.32 48.18
CA VAL A 602 -88.84 29.52 47.94
C VAL A 602 -88.93 28.86 46.57
N GLU A 603 -87.94 29.14 45.71
CA GLU A 603 -87.95 28.66 44.33
C GLU A 603 -86.57 28.20 43.94
N ASN A 604 -86.47 27.54 42.78
CA ASN A 604 -85.21 27.04 42.26
C ASN A 604 -84.93 27.67 40.91
N ASN A 605 -83.65 27.90 40.61
CA ASN A 605 -83.25 28.57 39.39
C ASN A 605 -83.04 27.63 38.21
N PHE A 606 -82.91 26.34 38.48
CA PHE A 606 -82.59 25.39 37.41
C PHE A 606 -83.85 24.94 36.69
N THR A 607 -84.21 25.66 35.63
CA THR A 607 -85.30 25.28 34.75
C THR A 607 -84.76 24.34 33.69
N LEU A 608 -85.64 23.86 32.81
CA LEU A 608 -85.23 22.96 31.75
C LEU A 608 -84.41 23.68 30.68
N LEU A 609 -84.75 24.94 30.42
CA LEU A 609 -83.96 25.72 29.47
C LEU A 609 -82.63 26.13 30.09
N ASN A 610 -82.61 26.42 31.38
CA ASN A 610 -81.37 26.82 32.05
C ASN A 610 -80.43 25.63 32.21
N SER A 611 -80.97 24.43 32.46
CA SER A 611 -80.12 23.25 32.56
C SER A 611 -79.51 22.87 31.22
N PHE A 612 -80.25 23.11 30.13
CA PHE A 612 -79.67 22.97 28.80
C PHE A 612 -78.62 24.06 28.55
N TRP A 613 -78.81 25.22 29.15
CA TRP A 613 -77.89 26.34 28.92
C TRP A 613 -76.59 26.17 29.70
N PHE A 614 -76.65 25.44 30.82
CA PHE A 614 -75.41 25.16 31.55
C PHE A 614 -74.58 24.12 30.84
N GLY A 615 -75.23 23.20 30.12
CA GLY A 615 -74.50 22.20 29.36
C GLY A 615 -73.79 22.79 28.16
N VAL A 616 -74.46 23.66 27.43
CA VAL A 616 -73.84 24.31 26.28
C VAL A 616 -72.87 25.39 26.75
N GLY A 617 -73.22 26.11 27.81
CA GLY A 617 -72.40 27.22 28.26
C GLY A 617 -71.08 26.79 28.88
N ALA A 618 -71.03 25.58 29.42
CA ALA A 618 -69.78 25.09 29.98
C ALA A 618 -68.95 24.38 28.92
N LEU A 619 -69.60 23.89 27.86
CA LEU A 619 -68.89 23.19 26.80
C LEU A 619 -68.09 24.15 25.94
N MET A 620 -68.48 25.42 25.90
CA MET A 620 -67.89 26.40 24.99
C MET A 620 -66.88 27.30 25.69
N GLN A 621 -66.44 26.91 26.90
CA GLN A 621 -65.46 27.61 27.73
C GLN A 621 -65.86 29.04 28.09
N GLN A 622 -67.14 29.38 27.99
CA GLN A 622 -67.59 30.73 28.30
C GLN A 622 -68.29 30.80 29.64
N GLY A 623 -68.74 29.64 30.15
CA GLY A 623 -69.47 29.60 31.39
C GLY A 623 -70.87 30.17 31.27
N SER A 624 -71.52 30.32 32.41
CA SER A 624 -72.85 30.90 32.49
C SER A 624 -73.05 31.46 33.89
N GLU A 625 -74.30 31.76 34.23
CA GLU A 625 -74.61 32.17 35.60
C GLU A 625 -75.71 31.27 36.14
N LEU A 626 -75.33 30.08 36.62
CA LEU A 626 -76.20 29.30 37.48
C LEU A 626 -75.49 28.99 38.78
N MET A 627 -74.25 28.46 38.68
CA MET A 627 -73.33 28.17 39.77
C MET A 627 -73.97 27.30 40.84
N PRO A 628 -74.08 25.98 40.61
CA PRO A 628 -74.80 25.08 41.53
C PRO A 628 -74.27 25.07 42.95
N LYS A 629 -75.15 24.86 43.92
CA LYS A 629 -74.85 25.10 45.32
C LYS A 629 -74.55 23.83 46.12
N ALA A 630 -75.41 22.83 46.05
CA ALA A 630 -75.25 21.63 46.86
C ALA A 630 -74.19 20.72 46.27
N LEU A 631 -73.76 19.74 47.07
CA LEU A 631 -72.75 18.79 46.61
C LEU A 631 -73.34 17.81 45.60
N SER A 632 -74.67 17.67 45.60
CA SER A 632 -75.33 16.76 44.67
C SER A 632 -75.29 17.28 43.24
N THR A 633 -75.10 18.59 43.09
CA THR A 633 -75.08 19.18 41.76
C THR A 633 -73.70 19.69 41.37
N ARG A 634 -72.82 19.92 42.35
CA ARG A 634 -71.47 20.39 42.02
C ARG A 634 -70.59 19.26 41.52
N ILE A 635 -70.96 18.01 41.78
CA ILE A 635 -70.23 16.89 41.20
C ILE A 635 -70.54 16.78 39.72
N VAL A 636 -71.80 17.07 39.34
CA VAL A 636 -72.17 17.13 37.93
C VAL A 636 -71.49 18.31 37.26
N GLY A 637 -71.46 19.45 37.93
CA GLY A 637 -70.76 20.60 37.39
C GLY A 637 -69.25 20.47 37.48
N GLY A 638 -68.77 19.53 38.28
CA GLY A 638 -67.34 19.34 38.42
C GLY A 638 -66.77 18.36 37.43
N ILE A 639 -67.57 17.37 37.04
CA ILE A 639 -67.08 16.35 36.09
C ILE A 639 -67.34 16.80 34.66
N TRP A 640 -68.32 17.67 34.46
CA TRP A 640 -68.58 18.18 33.11
C TRP A 640 -67.55 19.23 32.72
N TRP A 641 -66.96 19.89 33.70
CA TRP A 641 -65.88 20.83 33.42
C TRP A 641 -64.58 20.11 33.12
N PHE A 642 -64.35 18.96 33.75
CA PHE A 642 -63.19 18.15 33.39
C PHE A 642 -63.41 17.45 32.06
N PHE A 643 -64.67 17.19 31.71
CA PHE A 643 -64.96 16.59 30.42
C PHE A 643 -64.72 17.57 29.28
N THR A 644 -64.96 18.86 29.51
CA THR A 644 -64.93 19.80 28.40
C THR A 644 -63.53 20.36 28.16
N LEU A 645 -62.58 20.03 29.04
CA LEU A 645 -61.18 20.34 28.73
C LEU A 645 -60.58 19.26 27.84
N ILE A 646 -60.87 18.00 28.13
CA ILE A 646 -60.22 16.89 27.44
C ILE A 646 -60.75 16.77 26.02
N ILE A 647 -61.97 17.26 25.78
CA ILE A 647 -62.48 17.33 24.41
C ILE A 647 -61.78 18.45 23.65
N ILE A 648 -61.67 19.64 24.25
CA ILE A 648 -61.16 20.80 23.52
C ILE A 648 -59.63 20.73 23.41
N SER A 649 -58.96 20.22 24.45
CA SER A 649 -57.50 20.13 24.37
C SER A 649 -57.06 18.90 23.58
N SER A 650 -58.00 18.09 23.12
CA SER A 650 -57.67 17.07 22.13
C SER A 650 -58.13 17.49 20.74
N TYR A 651 -58.97 18.53 20.67
CA TYR A 651 -59.32 19.09 19.38
C TYR A 651 -58.24 20.05 18.89
N THR A 652 -57.68 20.83 19.82
CA THR A 652 -56.59 21.73 19.47
C THR A 652 -55.32 20.95 19.16
N ALA A 653 -55.11 19.85 19.90
CA ALA A 653 -53.89 19.07 19.72
C ALA A 653 -53.92 18.27 18.42
N ASN A 654 -55.09 17.73 18.06
CA ASN A 654 -55.17 16.95 16.83
C ASN A 654 -55.17 17.85 15.60
N LEU A 655 -55.77 19.04 15.71
CA LEU A 655 -55.73 19.98 14.59
C LEU A 655 -54.35 20.58 14.43
N ALA A 656 -53.54 20.57 15.50
CA ALA A 656 -52.14 20.96 15.39
C ALA A 656 -51.29 19.78 14.96
N ALA A 657 -51.92 18.66 14.63
CA ALA A 657 -51.19 17.53 14.04
C ALA A 657 -51.53 17.40 12.56
N PHE A 658 -52.71 17.84 12.16
CA PHE A 658 -53.06 17.89 10.74
C PHE A 658 -52.24 18.95 10.03
N LEU A 659 -52.14 20.14 10.62
CA LEU A 659 -51.60 21.28 9.90
C LEU A 659 -50.08 21.27 9.87
N THR A 660 -49.44 20.31 10.55
CA THR A 660 -47.99 20.24 10.52
C THR A 660 -47.49 19.04 9.72
N VAL A 661 -48.35 18.05 9.50
CA VAL A 661 -48.04 16.95 8.60
C VAL A 661 -48.36 17.35 7.17
N GLU A 662 -49.38 18.20 7.00
CA GLU A 662 -49.66 18.77 5.68
C GLU A 662 -48.70 19.92 5.38
N ARG A 663 -47.82 20.24 6.31
CA ARG A 663 -46.81 21.28 6.13
C ARG A 663 -45.39 20.71 6.18
N MET A 664 -45.19 19.56 6.83
CA MET A 664 -43.92 18.85 6.75
C MET A 664 -43.68 18.31 5.34
N GLU A 665 -44.66 17.63 4.76
CA GLU A 665 -44.54 17.21 3.38
C GLU A 665 -44.70 18.45 2.50
N SER A 666 -43.75 18.63 1.60
CA SER A 666 -43.68 19.83 0.79
C SER A 666 -44.24 19.51 -0.59
N PRO A 667 -44.54 20.53 -1.42
CA PRO A 667 -44.62 20.25 -2.85
C PRO A 667 -43.26 19.76 -3.33
N ILE A 668 -43.26 18.62 -4.02
CA ILE A 668 -42.03 17.89 -4.33
C ILE A 668 -41.18 18.71 -5.28
N ASP A 669 -39.98 19.08 -4.84
CA ASP A 669 -39.14 20.00 -5.59
C ASP A 669 -37.81 19.37 -5.99
N SER A 670 -37.42 18.24 -5.40
CA SER A 670 -36.23 17.59 -5.89
C SER A 670 -36.37 16.08 -5.72
N ALA A 671 -35.38 15.35 -6.21
CA ALA A 671 -35.33 13.91 -5.97
C ALA A 671 -34.98 13.60 -4.53
N ASP A 672 -34.30 14.52 -3.83
CA ASP A 672 -33.97 14.32 -2.42
C ASP A 672 -35.22 14.34 -1.54
N ASP A 673 -36.16 15.23 -1.84
CA ASP A 673 -37.42 15.25 -1.10
C ASP A 673 -38.31 14.08 -1.50
N LEU A 674 -38.06 13.51 -2.68
CA LEU A 674 -38.87 12.40 -3.16
C LEU A 674 -38.18 11.07 -2.92
N ALA A 675 -36.94 11.10 -2.40
CA ALA A 675 -36.25 9.88 -2.02
C ALA A 675 -36.80 9.30 -0.72
N LYS A 676 -37.47 10.14 0.09
CA LYS A 676 -37.92 9.72 1.41
C LYS A 676 -39.35 9.19 1.36
N GLN A 677 -40.27 9.97 0.79
CA GLN A 677 -41.68 9.64 0.77
C GLN A 677 -41.95 8.51 -0.22
N THR A 678 -42.15 7.30 0.31
CA THR A 678 -42.51 6.16 -0.52
C THR A 678 -44.00 6.07 -0.80
N LYS A 679 -44.78 7.00 -0.26
CA LYS A 679 -46.19 7.12 -0.61
C LYS A 679 -46.39 7.50 -2.07
N ILE A 680 -45.73 8.57 -2.51
CA ILE A 680 -45.72 8.93 -3.93
C ILE A 680 -44.79 7.95 -4.64
N GLU A 681 -45.32 7.25 -5.65
CA GLU A 681 -44.61 6.15 -6.27
C GLU A 681 -43.58 6.67 -7.27
N TYR A 682 -42.46 5.95 -7.40
CA TYR A 682 -41.42 6.24 -8.36
C TYR A 682 -41.83 5.67 -9.72
N GLY A 683 -40.95 5.74 -10.71
CA GLY A 683 -41.26 5.15 -12.00
C GLY A 683 -40.11 5.29 -12.97
N ALA A 684 -40.14 4.45 -14.01
CA ALA A 684 -39.11 4.44 -15.05
C ALA A 684 -39.60 3.72 -16.30
N VAL A 685 -38.93 3.98 -17.43
CA VAL A 685 -39.11 3.18 -18.64
C VAL A 685 -38.49 1.82 -18.35
N GLU A 686 -39.19 0.74 -18.72
CA GLU A 686 -38.69 -0.60 -18.46
C GLU A 686 -37.47 -0.91 -19.31
N ASP A 687 -36.31 -0.97 -18.63
CA ASP A 687 -34.99 -1.28 -19.21
C ASP A 687 -34.61 -0.31 -20.32
N GLY A 688 -34.89 0.97 -20.12
CA GLY A 688 -34.47 1.99 -21.05
C GLY A 688 -33.13 2.57 -20.65
N ALA A 689 -32.97 3.87 -20.86
CA ALA A 689 -31.75 4.55 -20.44
C ALA A 689 -31.88 5.10 -19.03
N THR A 690 -33.12 5.33 -18.57
CA THR A 690 -33.32 5.86 -17.23
C THR A 690 -33.18 4.75 -16.19
N MET A 691 -33.75 3.58 -16.47
CA MET A 691 -33.67 2.45 -15.56
C MET A 691 -32.25 1.90 -15.48
N THR A 692 -31.49 2.05 -16.56
CA THR A 692 -30.10 1.60 -16.57
C THR A 692 -29.23 2.49 -15.67
N PHE A 693 -29.60 3.77 -15.54
CA PHE A 693 -28.80 4.70 -14.74
C PHE A 693 -28.91 4.42 -13.25
N PHE A 694 -30.13 4.18 -12.77
CA PHE A 694 -30.32 3.94 -11.33
C PHE A 694 -29.81 2.57 -10.90
N LYS A 695 -29.68 1.64 -11.84
CA LYS A 695 -29.18 0.30 -11.50
C LYS A 695 -27.67 0.31 -11.27
N LYS A 696 -26.97 1.23 -11.94
CA LYS A 696 -25.51 1.23 -11.86
C LYS A 696 -24.98 2.34 -10.96
N SER A 697 -25.85 3.22 -10.48
CA SER A 697 -25.42 4.36 -9.69
C SER A 697 -25.04 3.94 -8.28
N LYS A 698 -24.16 4.73 -7.66
CA LYS A 698 -23.70 4.46 -6.31
C LYS A 698 -23.96 5.63 -5.36
N ILE A 699 -24.68 6.65 -5.82
CA ILE A 699 -24.99 7.81 -4.99
C ILE A 699 -26.06 7.40 -3.97
N SER A 700 -25.98 7.96 -2.76
CA SER A 700 -26.83 7.56 -1.64
C SER A 700 -28.31 7.82 -1.91
N THR A 701 -28.63 8.91 -2.61
CA THR A 701 -30.02 9.18 -2.95
C THR A 701 -30.51 8.23 -4.04
N TYR A 702 -29.70 8.01 -5.06
CA TYR A 702 -30.18 7.35 -6.26
C TYR A 702 -30.17 5.84 -6.10
N ASP A 703 -29.43 5.33 -5.12
CA ASP A 703 -29.48 3.90 -4.83
C ASP A 703 -30.73 3.54 -4.02
N LYS A 704 -31.18 4.46 -3.17
CA LYS A 704 -32.42 4.26 -2.44
C LYS A 704 -33.63 4.35 -3.37
N MET A 705 -33.52 5.12 -4.45
CA MET A 705 -34.59 5.15 -5.44
C MET A 705 -34.65 3.85 -6.23
N TRP A 706 -33.53 3.14 -6.34
CA TRP A 706 -33.53 1.86 -7.01
C TRP A 706 -34.03 0.75 -6.08
N ALA A 707 -33.97 0.99 -4.76
CA ALA A 707 -34.44 0.00 -3.81
C ALA A 707 -35.96 -0.14 -3.86
N PHE A 708 -36.65 0.93 -4.25
CA PHE A 708 -38.09 0.85 -4.46
C PHE A 708 -38.41 0.09 -5.74
N MET A 709 -37.76 0.47 -6.84
CA MET A 709 -38.12 -0.04 -8.15
C MET A 709 -37.72 -1.50 -8.32
N SER A 710 -36.71 -1.95 -7.57
CA SER A 710 -36.37 -3.37 -7.57
C SER A 710 -37.42 -4.19 -6.83
N SER A 711 -38.06 -3.59 -5.83
CA SER A 711 -39.06 -4.29 -5.05
C SER A 711 -40.45 -4.16 -5.66
N ARG A 712 -40.63 -3.18 -6.55
CA ARG A 712 -41.95 -2.88 -7.10
C ARG A 712 -41.97 -3.04 -8.62
N ARG A 713 -41.31 -4.08 -9.13
CA ARG A 713 -41.33 -4.32 -10.57
C ARG A 713 -42.70 -4.83 -10.97
N GLN A 714 -43.15 -4.45 -12.17
CA GLN A 714 -44.51 -4.63 -12.71
C GLN A 714 -45.58 -3.97 -11.85
N SER A 715 -45.18 -2.99 -11.04
CA SER A 715 -46.13 -2.18 -10.28
C SER A 715 -45.97 -0.70 -10.60
N VAL A 716 -44.73 -0.22 -10.59
CA VAL A 716 -44.44 1.19 -10.88
C VAL A 716 -43.55 1.26 -12.11
N LEU A 717 -43.13 0.09 -12.62
CA LEU A 717 -42.27 0.04 -13.80
C LEU A 717 -43.10 -0.09 -15.06
N VAL A 718 -43.46 1.03 -15.66
CA VAL A 718 -44.22 1.01 -16.91
C VAL A 718 -43.24 0.77 -18.04
N LYS A 719 -43.75 0.34 -19.20
CA LYS A 719 -42.90 -0.09 -20.30
C LYS A 719 -42.94 0.88 -21.48
N SER A 720 -43.66 1.99 -21.34
CA SER A 720 -43.76 2.97 -22.41
C SER A 720 -44.00 4.36 -21.85
N ASN A 721 -43.66 5.38 -22.64
CA ASN A 721 -43.84 6.76 -22.20
C ASN A 721 -45.30 7.18 -22.26
N GLU A 722 -46.05 6.68 -23.24
CA GLU A 722 -47.45 7.05 -23.40
C GLU A 722 -48.30 6.46 -22.28
N GLU A 723 -47.91 5.28 -21.78
CA GLU A 723 -48.61 4.69 -20.65
C GLU A 723 -48.05 5.23 -19.33
N GLY A 724 -46.89 5.88 -19.38
CA GLY A 724 -46.32 6.45 -18.17
C GLY A 724 -46.90 7.83 -17.86
N ILE A 725 -47.11 8.64 -18.89
CA ILE A 725 -47.75 9.94 -18.72
C ILE A 725 -49.21 9.75 -18.31
N GLN A 726 -49.86 8.72 -18.86
CA GLN A 726 -51.22 8.39 -18.49
C GLN A 726 -51.31 7.92 -17.04
N ARG A 727 -50.25 7.25 -16.55
CA ARG A 727 -50.25 6.77 -15.18
C ARG A 727 -50.08 7.92 -14.19
N VAL A 728 -49.36 8.96 -14.60
CA VAL A 728 -49.36 10.21 -13.83
C VAL A 728 -50.74 10.86 -13.90
N LEU A 729 -51.41 10.72 -15.05
CA LEU A 729 -52.70 11.34 -15.26
C LEU A 729 -53.80 10.63 -14.47
N THR A 730 -53.55 9.38 -14.05
CA THR A 730 -54.49 8.67 -13.19
C THR A 730 -54.15 8.80 -11.72
N SER A 731 -52.95 8.34 -11.31
CA SER A 731 -52.62 8.28 -9.89
C SER A 731 -51.45 9.20 -9.55
N ASP A 732 -51.02 9.17 -8.29
CA ASP A 732 -49.89 9.97 -7.82
C ASP A 732 -48.58 9.31 -8.26
N TYR A 733 -48.22 9.52 -9.52
CA TYR A 733 -47.09 8.86 -10.14
C TYR A 733 -46.05 9.90 -10.53
N ALA A 734 -44.78 9.58 -10.34
CA ALA A 734 -43.70 10.55 -10.37
C ALA A 734 -42.65 10.11 -11.38
N PHE A 735 -43.10 9.86 -12.62
CA PHE A 735 -42.34 9.20 -13.67
C PHE A 735 -41.04 9.92 -14.00
N LEU A 736 -39.98 9.13 -14.16
CA LEU A 736 -38.62 9.62 -14.42
C LEU A 736 -38.29 9.37 -15.88
N MET A 737 -37.89 10.42 -16.60
CA MET A 737 -37.55 10.30 -18.01
C MET A 737 -36.67 11.48 -18.40
N GLU A 738 -36.35 11.53 -19.70
CA GLU A 738 -35.41 12.53 -20.22
C GLU A 738 -36.02 13.92 -20.21
N SER A 739 -35.16 14.93 -20.09
CA SER A 739 -35.63 16.28 -19.81
C SER A 739 -36.23 16.96 -21.03
N THR A 740 -35.81 16.56 -22.23
CA THR A 740 -36.29 17.24 -23.44
C THR A 740 -37.74 16.86 -23.73
N THR A 741 -38.11 15.61 -23.48
CA THR A 741 -39.48 15.18 -23.74
C THR A 741 -40.44 15.76 -22.71
N ILE A 742 -39.95 15.99 -21.48
CA ILE A 742 -40.76 16.66 -20.46
C ILE A 742 -41.03 18.10 -20.86
N GLU A 743 -40.06 18.74 -21.52
CA GLU A 743 -40.26 20.10 -22.00
C GLU A 743 -41.20 20.12 -23.20
N PHE A 744 -41.46 18.97 -23.81
CA PHE A 744 -42.45 18.90 -24.88
C PHE A 744 -43.83 18.61 -24.33
N VAL A 745 -43.92 17.76 -23.29
CA VAL A 745 -45.22 17.35 -22.78
C VAL A 745 -45.84 18.45 -21.92
N THR A 746 -45.01 19.16 -21.15
CA THR A 746 -45.50 20.21 -20.26
C THR A 746 -46.04 21.40 -21.05
N GLN A 747 -45.43 21.68 -22.21
CA GLN A 747 -45.92 22.77 -23.04
C GLN A 747 -47.18 22.37 -23.81
N ARG A 748 -47.50 21.08 -23.86
CA ARG A 748 -48.71 20.62 -24.53
C ARG A 748 -49.76 20.11 -23.56
N ASN A 749 -49.41 20.06 -22.27
CA ASN A 749 -50.36 19.63 -21.24
C ASN A 749 -50.24 20.54 -20.03
N CYS A 750 -51.32 21.24 -19.70
CA CYS A 750 -51.31 22.20 -18.61
C CYS A 750 -51.71 21.59 -17.28
N ASN A 751 -51.68 20.25 -17.20
CA ASN A 751 -51.87 19.53 -15.95
C ASN A 751 -50.60 18.78 -15.53
N LEU A 752 -49.45 19.17 -16.08
CA LEU A 752 -48.18 18.55 -15.76
C LEU A 752 -47.11 19.62 -15.58
N THR A 753 -46.00 19.25 -14.95
CA THR A 753 -44.90 20.18 -14.71
C THR A 753 -43.59 19.41 -14.58
N GLN A 754 -42.47 20.12 -14.65
CA GLN A 754 -41.14 19.55 -14.44
C GLN A 754 -40.60 20.05 -13.10
N ILE A 755 -40.66 19.20 -12.09
CA ILE A 755 -40.13 19.57 -10.79
C ILE A 755 -38.73 18.99 -10.66
N GLY A 756 -37.81 19.75 -10.06
CA GLY A 756 -36.45 19.32 -9.95
C GLY A 756 -35.64 19.79 -11.14
N GLY A 757 -34.33 19.74 -11.00
CA GLY A 757 -33.41 20.11 -12.06
C GLY A 757 -33.08 18.94 -12.96
N LEU A 758 -31.79 18.70 -13.14
CA LEU A 758 -31.32 17.58 -13.93
C LEU A 758 -30.61 16.59 -13.01
N ILE A 759 -30.79 15.30 -13.28
CA ILE A 759 -30.11 14.24 -12.53
C ILE A 759 -28.82 13.85 -13.22
N ASP A 760 -28.90 13.42 -14.47
CA ASP A 760 -27.74 13.05 -15.26
C ASP A 760 -27.40 14.21 -16.19
N SER A 761 -26.32 14.14 -16.95
CA SER A 761 -26.04 15.16 -17.95
C SER A 761 -25.39 14.52 -19.17
N LYS A 762 -26.22 14.15 -20.14
CA LYS A 762 -25.74 13.56 -21.39
C LYS A 762 -26.13 14.46 -22.55
N GLY A 763 -25.84 14.03 -23.77
CA GLY A 763 -26.17 14.84 -24.93
C GLY A 763 -26.43 14.01 -26.17
N TYR A 764 -27.29 14.54 -27.04
CA TYR A 764 -27.53 13.96 -28.35
C TYR A 764 -26.36 14.31 -29.27
N GLY A 765 -26.23 13.61 -30.39
CA GLY A 765 -25.12 13.86 -31.29
C GLY A 765 -25.35 13.30 -32.67
N VAL A 766 -24.83 14.01 -33.67
CA VAL A 766 -24.88 13.57 -35.06
C VAL A 766 -23.89 12.44 -35.25
N GLY A 767 -24.39 11.23 -35.48
CA GLY A 767 -23.54 10.07 -35.61
C GLY A 767 -22.83 9.97 -36.94
N THR A 768 -21.56 9.58 -36.91
CA THR A 768 -20.75 9.35 -38.09
C THR A 768 -20.16 7.94 -38.00
N PRO A 769 -19.73 7.35 -39.12
CA PRO A 769 -19.02 6.07 -39.03
C PRO A 769 -17.66 6.22 -38.36
N MET A 770 -17.08 5.08 -37.99
CA MET A 770 -15.84 5.03 -37.20
C MET A 770 -14.64 5.57 -37.97
N GLY A 771 -14.14 6.73 -37.56
CA GLY A 771 -13.03 7.36 -38.23
C GLY A 771 -13.40 8.10 -39.49
N SER A 772 -14.44 8.93 -39.44
CA SER A 772 -14.93 9.61 -40.63
C SER A 772 -14.38 11.03 -40.70
N PRO A 773 -14.07 11.53 -41.89
CA PRO A 773 -13.57 12.91 -41.99
C PRO A 773 -14.64 13.97 -41.80
N TYR A 774 -15.91 13.61 -42.03
CA TYR A 774 -16.97 14.61 -41.97
C TYR A 774 -17.59 14.70 -40.59
N ARG A 775 -17.02 13.99 -39.63
CA ARG A 775 -17.29 14.24 -38.22
C ARG A 775 -16.76 15.61 -37.81
N ASP A 776 -15.60 15.99 -38.34
CA ASP A 776 -14.96 17.23 -37.92
C ASP A 776 -15.66 18.44 -38.53
N LYS A 777 -16.22 18.30 -39.73
CA LYS A 777 -16.85 19.45 -40.37
C LYS A 777 -18.21 19.76 -39.75
N ILE A 778 -18.91 18.72 -39.28
CA ILE A 778 -20.15 18.94 -38.54
C ILE A 778 -19.85 19.49 -37.15
N THR A 779 -18.72 19.09 -36.57
CA THR A 779 -18.24 19.63 -35.30
C THR A 779 -18.01 21.14 -35.39
N ILE A 780 -17.46 21.60 -36.50
CA ILE A 780 -17.29 23.03 -36.73
C ILE A 780 -18.65 23.67 -37.02
N ALA A 781 -19.55 22.92 -37.66
CA ALA A 781 -20.82 23.49 -38.12
C ALA A 781 -21.80 23.72 -36.98
N ILE A 782 -21.88 22.77 -36.03
CA ILE A 782 -22.83 22.87 -34.92
C ILE A 782 -22.50 24.05 -34.02
N LEU A 783 -21.21 24.26 -33.75
CA LEU A 783 -20.78 25.35 -32.88
C LEU A 783 -20.99 26.71 -33.53
N GLN A 784 -21.04 26.75 -34.86
CA GLN A 784 -21.36 28.00 -35.54
C GLN A 784 -22.82 28.37 -35.34
N LEU A 785 -23.71 27.38 -35.34
CA LEU A 785 -25.13 27.65 -35.23
C LEU A 785 -25.57 27.88 -33.78
N GLN A 786 -24.74 27.48 -32.82
CA GLN A 786 -25.08 27.74 -31.42
C GLN A 786 -24.80 29.18 -31.03
N GLU A 787 -23.79 29.79 -31.65
CA GLU A 787 -23.43 31.16 -31.28
C GLU A 787 -24.36 32.16 -31.92
N GLU A 788 -24.77 31.93 -33.17
CA GLU A 788 -25.70 32.82 -33.84
C GLU A 788 -27.16 32.48 -33.52
N GLY A 789 -27.39 31.48 -32.66
CA GLY A 789 -28.71 31.20 -32.15
C GLY A 789 -29.66 30.52 -33.12
N LYS A 790 -29.17 29.66 -34.00
CA LYS A 790 -30.07 28.95 -34.90
C LYS A 790 -30.82 27.84 -34.18
N LEU A 791 -30.14 27.13 -33.28
CA LEU A 791 -30.77 26.01 -32.59
C LEU A 791 -31.78 26.47 -31.55
N HIS A 792 -31.54 27.62 -30.91
CA HIS A 792 -32.48 28.08 -29.90
C HIS A 792 -33.74 28.64 -30.54
N MET A 793 -33.64 29.09 -31.80
CA MET A 793 -34.83 29.49 -32.53
C MET A 793 -35.61 28.27 -33.02
N MET A 794 -34.93 27.12 -33.10
CA MET A 794 -35.60 25.89 -33.51
C MET A 794 -36.15 25.15 -32.30
N LYS A 795 -35.46 25.24 -31.16
CA LYS A 795 -35.94 24.60 -29.95
C LYS A 795 -37.16 25.33 -29.39
N GLU A 796 -37.25 26.63 -29.65
CA GLU A 796 -38.45 27.38 -29.25
C GLU A 796 -39.56 27.22 -30.29
N LYS A 797 -39.25 26.64 -31.44
CA LYS A 797 -40.24 26.50 -32.50
C LYS A 797 -40.99 25.18 -32.35
N TRP A 798 -40.31 24.13 -31.89
CA TRP A 798 -40.90 22.81 -31.81
C TRP A 798 -41.37 22.44 -30.40
N TRP A 799 -40.58 22.72 -29.37
CA TRP A 799 -40.96 22.39 -28.01
C TRP A 799 -41.96 23.38 -27.44
N ARG A 800 -42.03 24.60 -27.99
CA ARG A 800 -43.16 25.46 -27.69
C ARG A 800 -44.23 25.30 -28.77
N GLY A 801 -45.21 26.19 -28.76
CA GLY A 801 -46.27 26.13 -29.74
C GLY A 801 -47.61 26.46 -29.13
N ASN A 802 -47.65 26.55 -27.81
CA ASN A 802 -48.86 26.87 -27.07
C ASN A 802 -48.48 27.53 -25.76
N GLY A 803 -48.67 28.85 -25.63
CA GLY A 803 -48.48 29.55 -24.39
C GLY A 803 -49.53 29.14 -23.36
N CYS A 804 -49.05 28.58 -22.25
CA CYS A 804 -49.93 27.97 -21.26
C CYS A 804 -50.52 29.04 -20.34
N PRO A 805 -51.47 28.63 -19.51
CA PRO A 805 -51.73 29.37 -18.27
C PRO A 805 -51.10 28.68 -17.07
N GLU A 806 -50.21 29.34 -16.34
CA GLU A 806 -50.10 29.01 -14.92
C GLU A 806 -50.32 30.28 -14.11
N GLU A 807 -49.37 31.22 -14.27
CA GLU A 807 -49.33 32.59 -13.76
C GLU A 807 -49.94 32.80 -12.37
N GLU A 808 -49.60 31.95 -11.42
CA GLU A 808 -50.14 32.08 -10.07
C GLU A 808 -49.13 31.52 -9.08
N SER A 809 -49.17 32.05 -7.87
CA SER A 809 -48.41 31.52 -6.75
C SER A 809 -49.36 31.16 -5.64
N LYS A 810 -49.28 29.91 -5.18
CA LYS A 810 -50.21 29.45 -4.16
C LYS A 810 -49.47 28.93 -2.92
N GLU A 811 -48.38 29.61 -2.55
CA GLU A 811 -47.76 29.40 -1.24
C GLU A 811 -48.62 30.10 -0.20
N ALA A 812 -49.77 29.49 0.10
CA ALA A 812 -50.80 30.11 0.92
C ALA A 812 -50.40 30.05 2.38
N SER A 813 -50.20 28.83 2.89
CA SER A 813 -49.65 28.48 4.21
C SER A 813 -50.56 28.86 5.39
N ALA A 814 -51.71 29.50 5.13
CA ALA A 814 -52.57 29.97 6.20
C ALA A 814 -53.96 29.41 5.99
N LEU A 815 -54.78 29.49 7.03
CA LEU A 815 -56.14 28.97 6.97
C LEU A 815 -57.04 30.02 6.33
N GLY A 816 -57.75 29.65 5.27
CA GLY A 816 -58.65 30.54 4.59
C GLY A 816 -60.04 29.97 4.50
N VAL A 817 -60.85 30.57 3.61
CA VAL A 817 -62.24 30.23 3.42
C VAL A 817 -62.38 28.81 2.88
N GLN A 818 -61.39 28.38 2.09
CA GLN A 818 -61.37 27.00 1.60
C GLN A 818 -61.05 25.99 2.70
N ASN A 819 -60.54 26.44 3.84
CA ASN A 819 -60.13 25.54 4.91
C ASN A 819 -60.98 25.67 6.18
N ILE A 820 -61.57 26.84 6.42
CA ILE A 820 -62.27 27.07 7.67
C ILE A 820 -63.66 27.64 7.43
N GLY A 821 -63.98 27.96 6.16
CA GLY A 821 -65.16 28.72 5.82
C GLY A 821 -66.50 28.04 6.08
N GLY A 822 -66.48 26.78 6.51
CA GLY A 822 -67.72 26.12 6.90
C GLY A 822 -68.22 26.59 8.25
N ILE A 823 -67.36 27.25 9.03
CA ILE A 823 -67.79 27.76 10.33
C ILE A 823 -68.63 29.03 10.15
N PHE A 824 -68.49 29.69 8.99
CA PHE A 824 -69.31 30.87 8.72
C PHE A 824 -70.70 30.46 8.26
N ILE A 825 -70.80 29.29 7.63
CA ILE A 825 -72.09 28.80 7.17
C ILE A 825 -72.94 28.35 8.35
N VAL A 826 -72.31 27.67 9.32
CA VAL A 826 -73.05 27.21 10.49
C VAL A 826 -73.29 28.39 11.44
N LEU A 827 -72.50 29.46 11.32
CA LEU A 827 -72.80 30.67 12.06
C LEU A 827 -74.02 31.37 11.48
N ALA A 828 -74.10 31.43 10.14
CA ALA A 828 -75.25 32.07 9.48
C ALA A 828 -76.50 31.23 9.63
N ALA A 829 -76.34 29.91 9.75
CA ALA A 829 -77.50 29.03 9.94
C ALA A 829 -78.06 29.17 11.34
N GLY A 830 -77.24 29.61 12.30
CA GLY A 830 -77.74 29.83 13.65
C GLY A 830 -78.56 31.10 13.76
N LEU A 831 -78.15 32.14 13.02
CA LEU A 831 -78.87 33.41 13.08
C LEU A 831 -80.20 33.35 12.36
N VAL A 832 -80.28 32.58 11.26
CA VAL A 832 -81.54 32.41 10.54
C VAL A 832 -82.52 31.61 11.39
N LEU A 833 -82.02 30.62 12.12
CA LEU A 833 -82.89 29.81 12.98
C LEU A 833 -83.39 30.61 14.17
N SER A 834 -82.59 31.58 14.64
CA SER A 834 -82.96 32.34 15.82
C SER A 834 -84.05 33.36 15.52
N VAL A 835 -84.04 33.92 14.31
CA VAL A 835 -85.07 34.86 13.89
C VAL A 835 -86.41 34.13 13.72
N PHE A 836 -86.34 32.88 13.24
CA PHE A 836 -87.56 32.07 13.11
C PHE A 836 -88.10 31.68 14.48
N VAL A 837 -87.24 31.64 15.49
CA VAL A 837 -87.71 31.52 16.87
C VAL A 837 -88.19 32.87 17.39
N ALA A 838 -87.55 33.97 16.96
CA ALA A 838 -87.92 35.30 17.42
C ALA A 838 -89.30 35.71 16.92
N VAL A 839 -89.69 35.24 15.75
CA VAL A 839 -91.06 35.42 15.30
C VAL A 839 -91.97 34.47 16.06
N GLY A 840 -91.53 33.23 16.26
CA GLY A 840 -92.38 32.21 16.84
C GLY A 840 -92.59 32.36 18.34
N GLU A 841 -91.70 33.08 19.02
CA GLU A 841 -91.85 33.25 20.45
C GLU A 841 -92.63 34.52 20.77
N PHE A 842 -92.59 35.50 19.87
CA PHE A 842 -93.38 36.72 20.04
C PHE A 842 -94.86 36.44 19.84
N LEU A 843 -95.19 35.49 18.95
CA LEU A 843 -96.57 35.12 18.72
C LEU A 843 -97.13 34.28 19.86
N TYR A 844 -96.24 33.58 20.59
CA TYR A 844 -96.68 32.75 21.70
C TYR A 844 -97.09 33.60 22.90
N LYS A 845 -96.49 34.78 23.04
CA LYS A 845 -96.85 35.67 24.14
C LYS A 845 -98.15 36.41 23.84
N SER A 846 -98.34 36.82 22.58
CA SER A 846 -99.54 37.56 22.20
C SER A 846 -100.77 36.66 22.22
N LYS A 847 -100.57 35.35 22.02
CA LYS A 847 -101.68 34.41 22.16
C LYS A 847 -102.08 34.26 23.62
N LYS A 848 -101.13 34.43 24.54
CA LYS A 848 -101.41 34.33 25.96
C LYS A 848 -102.19 35.54 26.46
N ASN A 849 -102.03 36.69 25.81
CA ASN A 849 -102.74 37.91 26.20
C ASN A 849 -104.23 37.81 25.92
N ALA A 850 -104.61 36.99 24.94
CA ALA A 850 -106.01 36.81 24.60
C ALA A 850 -106.70 35.91 25.63
N THR B 33 36.50 -47.82 -64.29
CA THR B 33 35.61 -48.18 -65.39
C THR B 33 34.72 -46.99 -65.75
N HIS B 34 33.68 -46.79 -64.94
CA HIS B 34 32.79 -45.63 -65.07
C HIS B 34 33.18 -44.54 -64.08
N VAL B 35 34.40 -43.99 -64.25
CA VAL B 35 35.02 -43.09 -63.30
C VAL B 35 34.20 -41.83 -63.07
N LEU B 36 33.99 -41.49 -61.80
CA LEU B 36 33.18 -40.37 -61.39
C LEU B 36 34.09 -39.24 -60.91
N ARG B 37 33.73 -38.00 -61.19
CA ARG B 37 34.62 -36.88 -60.90
C ARG B 37 33.86 -35.74 -60.23
N PHE B 38 34.15 -35.49 -58.95
CA PHE B 38 33.51 -34.43 -58.21
C PHE B 38 34.32 -33.14 -58.28
N GLY B 39 33.69 -32.04 -58.69
CA GLY B 39 34.32 -30.75 -58.67
C GLY B 39 34.37 -30.16 -57.27
N GLY B 40 35.28 -29.22 -57.08
CA GLY B 40 35.43 -28.58 -55.79
C GLY B 40 36.12 -27.24 -55.91
N ILE B 41 35.52 -26.23 -55.28
CA ILE B 41 36.05 -24.87 -55.28
C ILE B 41 36.28 -24.45 -53.83
N PHE B 42 37.53 -24.12 -53.50
CA PHE B 42 37.90 -23.86 -52.12
C PHE B 42 38.78 -22.61 -52.03
N GLU B 43 39.07 -22.20 -50.80
CA GLU B 43 39.81 -20.97 -50.52
C GLU B 43 41.29 -21.14 -50.81
N TYR B 44 41.92 -20.11 -51.39
CA TYR B 44 43.36 -20.07 -51.63
C TYR B 44 43.99 -19.16 -50.58
N VAL B 45 44.68 -19.75 -49.61
CA VAL B 45 45.14 -19.02 -48.43
C VAL B 45 46.63 -18.71 -48.60
N GLU B 46 47.35 -19.54 -49.36
CA GLU B 46 48.72 -19.35 -49.85
C GLU B 46 49.79 -19.35 -48.74
N SER B 47 49.39 -19.42 -47.47
CA SER B 47 50.34 -19.24 -46.38
C SER B 47 50.83 -20.59 -45.83
N GLY B 48 49.90 -21.41 -45.35
CA GLY B 48 50.25 -22.68 -44.77
C GLY B 48 49.64 -23.84 -45.53
N PRO B 49 49.02 -24.78 -44.80
CA PRO B 49 48.38 -25.92 -45.47
C PRO B 49 47.06 -25.55 -46.12
N MET B 50 46.36 -26.56 -46.65
CA MET B 50 45.06 -26.36 -47.26
C MET B 50 44.01 -26.06 -46.20
N GLY B 51 42.84 -25.59 -46.65
CA GLY B 51 41.80 -25.17 -45.73
C GLY B 51 41.15 -26.34 -45.02
N ALA B 52 40.36 -25.99 -44.00
CA ALA B 52 39.70 -27.01 -43.20
C ALA B 52 38.59 -27.71 -43.98
N GLU B 53 38.00 -27.01 -44.94
CA GLU B 53 36.98 -27.62 -45.78
C GLU B 53 37.59 -28.42 -46.92
N GLU B 54 38.81 -28.05 -47.32
CA GLU B 54 39.47 -28.78 -48.41
C GLU B 54 40.01 -30.12 -47.92
N LEU B 55 40.46 -30.16 -46.66
CA LEU B 55 40.84 -31.44 -46.04
C LEU B 55 39.62 -32.32 -45.85
N ALA B 56 38.45 -31.73 -45.64
CA ALA B 56 37.22 -32.50 -45.50
C ALA B 56 36.82 -33.15 -46.81
N PHE B 57 37.18 -32.52 -47.92
CA PHE B 57 36.82 -33.07 -49.23
C PHE B 57 37.82 -34.13 -49.67
N ARG B 58 39.07 -34.00 -49.24
CA ARG B 58 40.09 -34.98 -49.61
C ARG B 58 39.98 -36.23 -48.75
N PHE B 59 39.60 -36.07 -47.49
CA PHE B 59 39.51 -37.21 -46.58
C PHE B 59 38.26 -38.04 -46.88
N ALA B 60 37.23 -37.42 -47.45
CA ALA B 60 35.99 -38.12 -47.70
C ALA B 60 36.07 -38.97 -48.95
N VAL B 61 36.78 -38.48 -49.97
CA VAL B 61 36.93 -39.23 -51.22
C VAL B 61 37.83 -40.44 -51.02
N ASN B 62 38.89 -40.27 -50.23
CA ASN B 62 39.79 -41.38 -49.93
C ASN B 62 39.13 -42.40 -49.01
N THR B 63 38.12 -41.99 -48.25
CA THR B 63 37.38 -42.92 -47.42
C THR B 63 36.45 -43.80 -48.26
N ILE B 64 35.71 -43.19 -49.18
CA ILE B 64 34.79 -43.91 -50.06
C ILE B 64 35.56 -44.84 -51.01
N ASN B 65 36.77 -44.44 -51.41
CA ASN B 65 37.54 -45.21 -52.38
C ASN B 65 38.07 -46.52 -51.80
N ARG B 66 38.04 -46.67 -50.48
CA ARG B 66 38.42 -47.94 -49.85
C ARG B 66 37.23 -48.62 -49.19
N ASN B 67 36.17 -47.85 -48.90
CA ASN B 67 34.96 -48.42 -48.32
C ASN B 67 34.06 -48.95 -49.42
N ARG B 68 34.19 -50.25 -49.75
CA ARG B 68 33.59 -50.81 -50.95
C ARG B 68 32.09 -51.03 -50.83
N THR B 69 31.49 -50.66 -49.69
CA THR B 69 30.06 -50.88 -49.48
C THR B 69 29.20 -49.91 -50.26
N LEU B 70 29.49 -48.61 -50.16
CA LEU B 70 28.58 -47.59 -50.68
C LEU B 70 28.95 -47.20 -52.10
N LEU B 71 29.16 -48.21 -52.96
CA LEU B 71 29.39 -48.06 -54.40
C LEU B 71 29.23 -49.40 -55.10
N PRO B 72 28.40 -49.49 -56.15
CA PRO B 72 28.39 -50.72 -56.95
C PRO B 72 29.68 -50.91 -57.74
N ASN B 73 29.97 -49.97 -58.65
CA ASN B 73 31.24 -49.95 -59.39
C ASN B 73 31.71 -48.52 -59.62
N THR B 74 32.48 -47.93 -58.71
CA THR B 74 32.84 -46.52 -58.86
C THR B 74 34.12 -46.21 -58.08
N THR B 75 35.09 -45.62 -58.79
CA THR B 75 36.23 -44.99 -58.14
C THR B 75 36.15 -43.47 -58.31
N LEU B 76 36.24 -42.74 -57.20
CA LEU B 76 36.00 -41.30 -57.21
C LEU B 76 37.29 -40.55 -57.46
N THR B 77 37.37 -39.85 -58.58
CA THR B 77 38.40 -38.85 -58.82
C THR B 77 37.83 -37.49 -58.45
N TYR B 78 38.69 -36.48 -58.34
CA TYR B 78 38.23 -35.14 -57.98
C TYR B 78 39.19 -34.09 -58.53
N ASP B 79 38.62 -32.96 -58.94
CA ASP B 79 39.39 -31.80 -59.37
C ASP B 79 39.12 -30.65 -58.41
N THR B 80 40.17 -30.14 -57.78
CA THR B 80 40.03 -29.08 -56.78
C THR B 80 40.68 -27.80 -57.28
N GLN B 81 39.88 -26.74 -57.42
CA GLN B 81 40.38 -25.43 -57.81
C GLN B 81 40.34 -24.47 -56.64
N LYS B 82 41.43 -23.75 -56.44
CA LYS B 82 41.55 -22.79 -55.36
C LYS B 82 41.33 -21.38 -55.89
N ILE B 83 40.36 -20.68 -55.32
CA ILE B 83 40.07 -19.31 -55.73
C ILE B 83 40.32 -18.39 -54.54
N ASN B 84 40.43 -17.10 -54.83
CA ASN B 84 40.31 -16.07 -53.80
C ASN B 84 38.84 -15.79 -53.54
N LEU B 85 38.44 -15.75 -52.27
CA LEU B 85 37.05 -15.48 -51.94
C LEU B 85 36.74 -13.99 -52.09
N TYR B 86 35.48 -13.62 -51.85
CA TYR B 86 34.90 -12.31 -52.13
C TYR B 86 35.09 -11.95 -53.60
N ASP B 87 34.88 -12.92 -54.49
CA ASP B 87 35.14 -12.74 -55.92
C ASP B 87 34.19 -13.66 -56.69
N SER B 88 33.40 -13.07 -57.58
CA SER B 88 32.43 -13.86 -58.35
C SER B 88 32.89 -14.06 -59.78
N PHE B 89 34.02 -13.44 -60.17
CA PHE B 89 34.52 -13.61 -61.52
C PHE B 89 35.53 -14.75 -61.59
N GLU B 90 36.37 -14.86 -60.57
CA GLU B 90 37.27 -16.02 -60.48
C GLU B 90 36.48 -17.28 -60.15
N ALA B 91 35.39 -17.14 -59.40
CA ALA B 91 34.55 -18.28 -59.06
C ALA B 91 33.76 -18.75 -60.27
N SER B 92 33.49 -17.85 -61.22
CA SER B 92 32.76 -18.23 -62.42
C SER B 92 33.69 -18.87 -63.44
N LYS B 93 34.95 -18.41 -63.49
CA LYS B 93 35.91 -18.98 -64.42
C LYS B 93 36.37 -20.37 -63.96
N LYS B 94 36.60 -20.52 -62.66
CA LYS B 94 37.08 -21.80 -62.14
C LYS B 94 35.96 -22.84 -62.14
N ALA B 95 34.71 -22.40 -62.12
CA ALA B 95 33.60 -23.34 -62.27
C ALA B 95 33.53 -23.87 -63.69
N CYS B 96 33.65 -23.00 -64.69
CA CYS B 96 33.58 -23.44 -66.08
C CYS B 96 34.85 -24.15 -66.50
N ASP B 97 35.95 -23.95 -65.78
CA ASP B 97 37.13 -24.79 -65.99
C ASP B 97 36.88 -26.20 -65.49
N GLN B 98 36.05 -26.34 -64.45
CA GLN B 98 35.67 -27.68 -63.99
C GLN B 98 34.59 -28.28 -64.87
N LEU B 99 33.79 -27.43 -65.52
CA LEU B 99 32.77 -27.94 -66.44
C LEU B 99 33.37 -28.47 -67.73
N SER B 100 34.25 -27.70 -68.36
CA SER B 100 34.84 -28.12 -69.63
C SER B 100 35.78 -29.31 -69.43
N LEU B 101 36.38 -29.42 -68.25
CA LEU B 101 37.15 -30.62 -67.92
C LEU B 101 36.23 -31.79 -67.62
N GLY B 102 35.01 -31.51 -67.18
CA GLY B 102 34.00 -32.53 -66.98
C GLY B 102 33.89 -33.03 -65.55
N VAL B 103 32.84 -32.60 -64.85
CA VAL B 103 32.53 -33.08 -63.51
C VAL B 103 31.08 -33.56 -63.49
N ALA B 104 30.66 -34.07 -62.34
CA ALA B 104 29.27 -34.49 -62.15
C ALA B 104 28.58 -33.71 -61.05
N ALA B 105 29.35 -33.08 -60.17
CA ALA B 105 28.79 -32.26 -59.09
C ALA B 105 29.81 -31.23 -58.64
N ILE B 106 29.35 -30.09 -58.14
CA ILE B 106 30.23 -29.05 -57.61
C ILE B 106 29.86 -28.79 -56.16
N PHE B 107 30.83 -28.89 -55.28
CA PHE B 107 30.59 -28.69 -53.85
C PHE B 107 30.75 -27.25 -53.43
N GLY B 108 31.04 -26.35 -54.38
CA GLY B 108 30.76 -24.94 -54.23
C GLY B 108 31.70 -24.16 -53.35
N PRO B 109 31.73 -22.84 -53.53
CA PRO B 109 32.45 -21.98 -52.58
C PRO B 109 31.70 -21.86 -51.26
N SER B 110 32.35 -21.24 -50.28
CA SER B 110 31.80 -21.15 -48.93
C SER B 110 31.53 -19.71 -48.55
N HIS B 111 31.03 -18.90 -49.49
CA HIS B 111 30.72 -17.51 -49.21
C HIS B 111 29.56 -17.06 -50.09
N SER B 112 28.74 -16.15 -49.57
CA SER B 112 27.47 -15.78 -50.19
C SER B 112 27.65 -14.98 -51.48
N SER B 113 28.82 -14.39 -51.67
CA SER B 113 29.05 -13.60 -52.88
C SER B 113 29.48 -14.49 -54.04
N SER B 114 30.13 -15.62 -53.71
CA SER B 114 30.61 -16.51 -54.76
C SER B 114 29.64 -17.66 -54.99
N ALA B 115 28.81 -17.97 -53.99
CA ALA B 115 27.85 -19.06 -54.14
C ALA B 115 26.69 -18.63 -55.04
N ASN B 116 26.42 -17.33 -55.11
CA ASN B 116 25.35 -16.82 -55.98
C ASN B 116 25.72 -16.96 -57.44
N ALA B 117 27.02 -16.91 -57.77
CA ALA B 117 27.44 -16.96 -59.15
C ALA B 117 27.49 -18.41 -59.65
N VAL B 118 28.03 -19.31 -58.83
CA VAL B 118 28.25 -20.69 -59.28
C VAL B 118 26.93 -21.45 -59.34
N GLN B 119 25.98 -21.11 -58.46
CA GLN B 119 24.66 -21.74 -58.46
C GLN B 119 23.91 -21.47 -59.76
N SER B 120 24.00 -20.24 -60.26
CA SER B 120 23.28 -19.91 -61.48
C SER B 120 23.98 -20.47 -62.72
N ILE B 121 25.28 -20.77 -62.60
CA ILE B 121 25.97 -21.50 -63.65
C ILE B 121 25.53 -22.95 -63.67
N CYS B 122 25.36 -23.54 -62.48
CA CYS B 122 24.99 -24.94 -62.39
C CYS B 122 23.54 -25.18 -62.80
N ASN B 123 22.69 -24.15 -62.73
CA ASN B 123 21.32 -24.30 -63.17
C ASN B 123 21.21 -24.33 -64.69
N ALA B 124 22.00 -23.51 -65.38
CA ALA B 124 21.90 -23.41 -66.84
C ALA B 124 22.70 -24.51 -67.54
N LEU B 125 23.34 -25.39 -66.78
CA LEU B 125 24.12 -26.47 -67.37
C LEU B 125 23.63 -27.85 -66.94
N GLY B 126 22.91 -27.96 -65.84
CA GLY B 126 22.34 -29.23 -65.44
C GLY B 126 23.02 -29.91 -64.28
N VAL B 127 24.29 -29.55 -64.04
CA VAL B 127 25.11 -30.16 -63.00
C VAL B 127 24.59 -29.73 -61.63
N PRO B 128 24.43 -30.65 -60.68
CA PRO B 128 23.99 -30.25 -59.33
C PRO B 128 25.06 -29.45 -58.60
N HIS B 129 24.61 -28.64 -57.65
CA HIS B 129 25.50 -27.78 -56.86
C HIS B 129 25.19 -28.01 -55.39
N ILE B 130 26.15 -28.57 -54.67
CA ILE B 130 25.93 -28.95 -53.27
C ILE B 130 26.56 -27.90 -52.37
N GLN B 131 25.76 -27.29 -51.50
CA GLN B 131 26.20 -26.22 -50.65
C GLN B 131 26.39 -26.73 -49.23
N THR B 132 27.40 -26.21 -48.52
CA THR B 132 27.68 -26.63 -47.15
C THR B 132 27.63 -25.45 -46.21
N ARG B 133 27.39 -24.25 -46.73
CA ARG B 133 27.34 -23.05 -45.92
C ARG B 133 26.04 -22.31 -46.19
N TRP B 134 25.61 -21.53 -45.20
CA TRP B 134 24.38 -20.77 -45.32
C TRP B 134 24.60 -19.59 -46.25
N LYS B 135 23.75 -19.49 -47.27
CA LYS B 135 23.73 -18.31 -48.14
C LYS B 135 22.34 -17.68 -48.05
N HIS B 136 22.10 -16.67 -48.86
CA HIS B 136 20.81 -15.98 -48.83
C HIS B 136 20.04 -16.25 -50.12
N GLN B 137 19.16 -17.26 -50.08
CA GLN B 137 18.11 -17.40 -51.08
C GLN B 137 17.23 -16.17 -51.00
N VAL B 138 17.20 -15.37 -52.09
CA VAL B 138 16.84 -13.97 -51.95
C VAL B 138 15.35 -13.79 -51.72
N SER B 139 14.53 -13.98 -52.76
CA SER B 139 13.12 -14.24 -52.53
C SER B 139 12.53 -15.20 -53.55
N ASP B 140 12.99 -15.11 -54.80
CA ASP B 140 12.32 -15.73 -55.94
C ASP B 140 13.31 -16.27 -56.97
N ASN B 141 14.54 -16.57 -56.53
CA ASN B 141 15.53 -17.12 -57.44
C ASN B 141 15.16 -18.54 -57.85
N LYS B 142 14.48 -18.69 -58.99
CA LYS B 142 13.88 -19.96 -59.38
C LYS B 142 14.94 -20.96 -59.81
N ASP B 143 15.63 -21.54 -58.82
CA ASP B 143 16.66 -22.54 -59.07
C ASP B 143 16.21 -23.85 -58.46
N SER B 144 16.53 -24.95 -59.14
CA SER B 144 16.19 -26.28 -58.66
C SER B 144 17.41 -27.12 -58.36
N PHE B 145 18.55 -26.78 -58.95
CA PHE B 145 19.74 -27.63 -58.88
C PHE B 145 20.66 -27.16 -57.76
N TYR B 146 20.13 -27.13 -56.54
CA TYR B 146 20.95 -26.81 -55.38
C TYR B 146 20.40 -27.48 -54.12
N VAL B 147 21.30 -27.97 -53.27
CA VAL B 147 20.94 -28.48 -51.95
C VAL B 147 21.90 -27.87 -50.93
N SER B 148 21.44 -27.72 -49.69
CA SER B 148 22.23 -27.11 -48.63
C SER B 148 22.21 -28.03 -47.42
N LEU B 149 23.40 -28.44 -46.98
CA LEU B 149 23.48 -29.35 -45.84
C LEU B 149 23.66 -28.59 -44.53
N TYR B 150 23.85 -27.28 -44.61
CA TYR B 150 23.96 -26.48 -43.41
C TYR B 150 22.56 -26.33 -42.83
N PRO B 151 22.40 -26.40 -41.49
CA PRO B 151 21.07 -26.26 -40.90
C PRO B 151 20.49 -24.87 -41.11
N ASP B 152 19.25 -24.81 -41.59
CA ASP B 152 18.63 -23.55 -41.98
C ASP B 152 18.34 -22.71 -40.75
N PHE B 153 18.42 -21.39 -40.93
CA PHE B 153 18.06 -20.47 -39.85
C PHE B 153 16.57 -20.17 -39.81
N SER B 154 15.77 -20.85 -40.64
CA SER B 154 14.34 -20.88 -40.42
C SER B 154 13.96 -22.04 -39.50
N SER B 155 14.98 -22.77 -39.02
CA SER B 155 14.73 -23.81 -38.02
C SER B 155 15.60 -23.60 -36.79
N LEU B 156 16.83 -23.11 -36.97
CA LEU B 156 17.69 -22.83 -35.83
C LEU B 156 17.20 -21.63 -35.03
N SER B 157 16.55 -20.66 -35.67
CA SER B 157 16.01 -19.53 -34.94
C SER B 157 14.75 -19.90 -34.16
N ARG B 158 14.12 -21.01 -34.52
CA ARG B 158 13.02 -21.52 -33.70
C ARG B 158 13.55 -22.24 -32.48
N ALA B 159 14.71 -22.90 -32.61
CA ALA B 159 15.31 -23.59 -31.47
C ALA B 159 15.84 -22.60 -30.45
N ILE B 160 16.36 -21.46 -30.91
CA ILE B 160 16.74 -20.39 -29.98
C ILE B 160 15.50 -19.77 -29.37
N LEU B 161 14.40 -19.70 -30.13
CA LEU B 161 13.14 -19.21 -29.60
C LEU B 161 12.54 -20.20 -28.60
N ASP B 162 12.89 -21.47 -28.70
CA ASP B 162 12.39 -22.44 -27.73
C ASP B 162 13.15 -22.36 -26.41
N LEU B 163 14.46 -22.08 -26.48
CA LEU B 163 15.26 -21.98 -25.25
C LEU B 163 15.00 -20.69 -24.50
N VAL B 164 14.47 -19.67 -25.17
CA VAL B 164 14.19 -18.42 -24.47
C VAL B 164 12.80 -18.49 -23.83
N GLN B 165 11.94 -19.38 -24.33
CA GLN B 165 10.64 -19.58 -23.70
C GLN B 165 10.73 -20.61 -22.58
N PHE B 166 11.73 -21.49 -22.65
CA PHE B 166 11.93 -22.46 -21.57
C PHE B 166 12.64 -21.85 -20.38
N PHE B 167 13.53 -20.89 -20.63
CA PHE B 167 14.25 -20.23 -19.55
C PHE B 167 13.51 -19.03 -18.97
N LYS B 168 12.34 -18.71 -19.54
CA LYS B 168 11.40 -17.69 -19.06
C LYS B 168 12.02 -16.29 -19.01
N TRP B 169 12.51 -15.80 -20.14
CA TRP B 169 13.21 -14.52 -20.16
C TRP B 169 12.30 -13.37 -20.56
N LYS B 170 12.77 -12.14 -20.29
CA LYS B 170 12.07 -10.94 -20.73
C LYS B 170 13.02 -9.92 -21.35
N THR B 171 14.31 -9.98 -21.04
CA THR B 171 15.24 -8.88 -21.32
C THR B 171 16.43 -9.34 -22.15
N VAL B 172 16.16 -10.00 -23.27
CA VAL B 172 17.19 -10.49 -24.18
C VAL B 172 17.96 -9.35 -24.84
N THR B 173 19.23 -9.61 -25.16
CA THR B 173 20.14 -8.57 -25.63
C THR B 173 20.95 -9.11 -26.82
N VAL B 174 20.23 -9.53 -27.87
CA VAL B 174 20.76 -10.12 -29.10
C VAL B 174 21.94 -9.34 -29.68
N VAL B 175 23.09 -9.99 -29.83
CA VAL B 175 24.27 -9.35 -30.37
C VAL B 175 24.76 -10.13 -31.58
N TYR B 176 24.90 -9.45 -32.72
CA TYR B 176 25.42 -10.07 -33.92
C TYR B 176 26.76 -9.44 -34.29
N ASP B 177 27.31 -9.82 -35.44
CA ASP B 177 28.58 -9.26 -35.89
C ASP B 177 28.51 -8.64 -37.27
N ASP B 178 27.71 -9.20 -38.18
CA ASP B 178 27.60 -8.66 -39.52
C ASP B 178 26.13 -8.48 -39.90
N SER B 179 25.89 -7.55 -40.83
CA SER B 179 24.54 -7.20 -41.27
C SER B 179 23.82 -8.36 -41.94
N THR B 180 24.54 -9.30 -42.53
CA THR B 180 23.94 -10.54 -43.02
C THR B 180 23.41 -11.39 -41.87
N GLY B 181 24.06 -11.31 -40.71
CA GLY B 181 23.68 -12.15 -39.59
C GLY B 181 22.36 -11.76 -38.94
N LEU B 182 21.88 -10.56 -39.24
CA LEU B 182 20.60 -10.11 -38.70
C LEU B 182 19.42 -10.71 -39.47
N ILE B 183 19.70 -11.35 -40.61
CA ILE B 183 18.70 -12.21 -41.25
C ILE B 183 18.63 -13.56 -40.57
N ARG B 184 19.76 -14.05 -40.04
CA ARG B 184 19.82 -15.41 -39.50
C ARG B 184 19.04 -15.56 -38.20
N LEU B 185 18.68 -14.45 -37.57
CA LEU B 185 17.80 -14.46 -36.41
C LEU B 185 16.46 -13.80 -36.71
N GLN B 186 15.87 -14.11 -37.86
CA GLN B 186 14.65 -13.44 -38.31
C GLN B 186 13.46 -13.78 -37.43
N GLU B 187 13.33 -15.04 -37.03
CA GLU B 187 12.22 -15.43 -36.18
C GLU B 187 12.43 -14.99 -34.75
N LEU B 188 13.69 -14.73 -34.37
CA LEU B 188 13.98 -14.26 -33.03
C LEU B 188 13.71 -12.76 -32.90
N ILE B 189 13.87 -12.02 -34.00
CA ILE B 189 13.55 -10.59 -34.00
C ILE B 189 12.04 -10.40 -34.02
N LYS B 190 11.32 -11.30 -34.68
CA LYS B 190 9.86 -11.21 -34.74
C LYS B 190 9.18 -11.86 -33.55
N ALA B 191 9.92 -12.10 -32.47
CA ALA B 191 9.42 -12.72 -31.25
C ALA B 191 8.59 -11.81 -30.33
N PRO B 192 8.92 -10.48 -30.09
CA PRO B 192 8.04 -9.68 -29.21
C PRO B 192 6.67 -9.37 -29.77
N SER B 193 6.39 -9.75 -31.02
CA SER B 193 5.05 -9.65 -31.58
C SER B 193 4.08 -10.57 -30.85
N ARG B 194 4.50 -11.78 -30.49
CA ARG B 194 3.62 -12.73 -29.84
C ARG B 194 3.81 -12.77 -28.33
N TYR B 195 5.04 -13.04 -27.89
CA TYR B 195 5.30 -13.25 -26.47
C TYR B 195 5.65 -11.95 -25.76
N ASN B 196 5.99 -12.04 -24.47
CA ASN B 196 6.39 -10.88 -23.70
C ASN B 196 7.92 -10.78 -23.61
N LEU B 197 8.60 -10.60 -24.74
CA LEU B 197 10.03 -10.36 -24.71
C LEU B 197 10.32 -8.89 -24.92
N ARG B 198 11.56 -8.47 -24.63
CA ARG B 198 12.00 -7.12 -24.91
C ARG B 198 13.42 -7.20 -25.45
N LEU B 199 13.53 -7.18 -26.79
CA LEU B 199 14.81 -7.28 -27.47
C LEU B 199 15.67 -6.04 -27.24
N LYS B 200 16.98 -6.21 -27.29
CA LYS B 200 17.90 -5.08 -27.33
C LYS B 200 19.03 -5.44 -28.28
N ILE B 201 18.87 -5.10 -29.56
CA ILE B 201 19.81 -5.53 -30.60
C ILE B 201 21.02 -4.62 -30.61
N ARG B 202 22.21 -5.20 -30.49
CA ARG B 202 23.44 -4.45 -30.56
C ARG B 202 24.32 -5.06 -31.65
N GLN B 203 25.52 -4.52 -31.83
CA GLN B 203 26.40 -4.98 -32.89
C GLN B 203 27.85 -4.86 -32.45
N LEU B 204 28.64 -5.90 -32.72
CA LEU B 204 30.07 -5.91 -32.45
C LEU B 204 30.78 -4.93 -33.36
N PRO B 205 31.93 -4.38 -32.95
CA PRO B 205 32.68 -3.49 -33.84
C PRO B 205 33.29 -4.21 -35.03
N ALA B 206 33.83 -3.43 -35.97
CA ALA B 206 34.31 -3.96 -37.24
C ALA B 206 35.65 -4.67 -37.08
N ASP B 207 35.61 -5.87 -36.50
CA ASP B 207 36.73 -6.82 -36.40
C ASP B 207 37.95 -6.24 -35.71
N THR B 208 37.74 -5.37 -34.71
CA THR B 208 38.85 -4.70 -34.05
C THR B 208 39.41 -5.55 -32.93
N LYS B 209 38.68 -6.62 -32.57
CA LYS B 209 38.91 -7.46 -31.40
C LYS B 209 39.01 -6.62 -30.13
N ASP B 210 38.03 -5.75 -29.93
CA ASP B 210 37.93 -4.94 -28.71
C ASP B 210 36.46 -4.64 -28.47
N ALA B 211 35.80 -5.50 -27.69
CA ALA B 211 34.39 -5.33 -27.39
C ALA B 211 34.16 -4.61 -26.07
N LYS B 212 35.20 -4.03 -25.50
CA LYS B 212 35.10 -3.30 -24.24
C LYS B 212 34.22 -2.04 -24.29
N PRO B 213 34.16 -1.24 -25.39
CA PRO B 213 33.11 -0.20 -25.42
C PRO B 213 31.70 -0.74 -25.52
N LEU B 214 31.54 -1.97 -26.05
CA LEU B 214 30.21 -2.55 -26.13
C LEU B 214 29.82 -3.22 -24.81
N LEU B 215 30.74 -3.98 -24.21
CA LEU B 215 30.42 -4.72 -23.00
C LEU B 215 30.29 -3.80 -21.78
N LYS B 216 30.90 -2.62 -21.82
CA LYS B 216 30.74 -1.68 -20.72
C LYS B 216 29.33 -1.10 -20.72
N GLU B 217 28.69 -1.03 -21.88
CA GLU B 217 27.33 -0.53 -21.95
C GLU B 217 26.32 -1.63 -21.66
N MET B 218 26.78 -2.87 -21.51
CA MET B 218 25.87 -3.97 -21.20
C MET B 218 25.83 -4.24 -19.70
N LYS B 219 26.95 -4.04 -19.00
CA LYS B 219 26.96 -4.10 -17.55
C LYS B 219 26.22 -2.91 -16.96
N ARG B 220 26.50 -1.71 -17.48
CA ARG B 220 25.88 -0.48 -17.02
C ARG B 220 24.39 -0.44 -17.34
N GLY B 221 23.97 -1.08 -18.43
CA GLY B 221 22.57 -1.18 -18.76
C GLY B 221 21.87 -2.37 -18.14
N LYS B 222 22.63 -3.18 -17.39
CA LYS B 222 22.16 -4.37 -16.67
C LYS B 222 21.50 -5.38 -17.62
N GLU B 223 22.28 -5.92 -18.55
CA GLU B 223 21.79 -6.92 -19.49
C GLU B 223 22.35 -8.28 -19.08
N PHE B 224 21.48 -9.16 -18.60
CA PHE B 224 21.92 -10.40 -17.97
C PHE B 224 21.65 -11.63 -18.86
N HIS B 225 21.09 -11.42 -20.04
CA HIS B 225 20.75 -12.54 -20.92
C HIS B 225 21.15 -12.19 -22.35
N VAL B 226 22.12 -12.92 -22.91
CA VAL B 226 22.79 -12.54 -24.14
C VAL B 226 22.69 -13.67 -25.16
N ILE B 227 22.36 -13.33 -26.41
CA ILE B 227 22.12 -14.29 -27.48
C ILE B 227 23.15 -14.05 -28.60
N PHE B 228 24.42 -13.95 -28.22
CA PHE B 228 25.58 -13.84 -29.11
C PHE B 228 25.48 -14.64 -30.41
N ASP B 229 25.71 -13.97 -31.53
CA ASP B 229 25.55 -14.53 -32.87
C ASP B 229 26.85 -14.34 -33.65
N CYS B 230 27.96 -14.71 -33.03
CA CYS B 230 29.25 -14.67 -33.69
C CYS B 230 29.76 -16.08 -33.91
N SER B 231 30.76 -16.21 -34.77
CA SER B 231 31.41 -17.49 -35.01
C SER B 231 32.26 -17.89 -33.81
N HIS B 232 32.71 -19.15 -33.82
CA HIS B 232 33.48 -19.65 -32.68
C HIS B 232 34.90 -19.08 -32.66
N GLU B 233 35.36 -18.53 -33.79
CA GLU B 233 36.61 -17.78 -33.77
C GLU B 233 36.44 -16.45 -33.06
N MET B 234 35.26 -15.83 -33.20
CA MET B 234 35.00 -14.57 -32.52
C MET B 234 34.22 -14.78 -31.23
N ALA B 235 34.00 -16.03 -30.83
CA ALA B 235 33.35 -16.28 -29.55
C ALA B 235 34.36 -16.27 -28.41
N ALA B 236 35.54 -16.83 -28.66
CA ALA B 236 36.59 -16.83 -27.64
C ALA B 236 37.18 -15.42 -27.47
N GLY B 237 37.06 -14.59 -28.50
CA GLY B 237 37.58 -13.24 -28.40
C GLY B 237 36.71 -12.32 -27.58
N ILE B 238 35.44 -12.67 -27.41
CA ILE B 238 34.54 -11.84 -26.60
C ILE B 238 34.15 -12.56 -25.32
N LEU B 239 34.75 -13.71 -25.05
CA LEU B 239 34.67 -14.29 -23.71
C LEU B 239 35.96 -14.04 -22.94
N LYS B 240 37.06 -13.80 -23.66
CA LYS B 240 38.29 -13.37 -23.01
C LYS B 240 38.20 -11.91 -22.60
N GLN B 241 37.35 -11.14 -23.28
CA GLN B 241 37.17 -9.73 -22.93
C GLN B 241 35.97 -9.55 -22.02
N ALA B 242 35.10 -10.54 -21.91
CA ALA B 242 34.01 -10.47 -20.94
C ALA B 242 34.49 -10.86 -19.55
N LEU B 243 35.61 -11.59 -19.49
CA LEU B 243 36.20 -11.92 -18.19
C LEU B 243 36.95 -10.75 -17.60
N ALA B 244 37.68 -10.00 -18.45
CA ALA B 244 38.46 -8.86 -17.99
C ALA B 244 37.55 -7.70 -17.60
N MET B 245 36.34 -7.66 -18.16
CA MET B 245 35.34 -6.68 -17.75
C MET B 245 34.56 -7.17 -16.54
N GLY B 246 34.79 -8.41 -16.13
CA GLY B 246 34.10 -8.97 -14.97
C GLY B 246 32.63 -9.24 -15.19
N MET B 247 32.24 -9.58 -16.41
CA MET B 247 30.85 -9.83 -16.73
C MET B 247 30.51 -11.31 -16.76
N MET B 248 31.45 -12.20 -16.49
CA MET B 248 31.13 -13.62 -16.42
C MET B 248 30.99 -14.08 -14.97
N THR B 249 29.99 -13.53 -14.29
CA THR B 249 29.69 -13.86 -12.91
C THR B 249 28.63 -14.96 -12.89
N GLU B 250 28.00 -15.24 -11.75
CA GLU B 250 26.93 -16.22 -11.69
C GLU B 250 25.56 -15.63 -12.01
N TYR B 251 25.50 -14.39 -12.51
CA TYR B 251 24.24 -13.73 -12.81
C TYR B 251 23.95 -13.71 -14.31
N TYR B 252 24.90 -14.15 -15.12
CA TYR B 252 24.87 -13.93 -16.55
C TYR B 252 24.63 -15.23 -17.30
N HIS B 253 23.72 -15.21 -18.27
CA HIS B 253 23.49 -16.32 -19.17
C HIS B 253 24.09 -15.99 -20.53
N TYR B 254 24.42 -16.98 -21.34
CA TYR B 254 24.95 -16.73 -22.68
C TYR B 254 24.53 -17.82 -23.65
N ILE B 255 23.47 -17.59 -24.42
CA ILE B 255 23.10 -18.52 -25.48
C ILE B 255 23.91 -18.20 -26.73
N PHE B 256 24.65 -19.18 -27.25
CA PHE B 256 25.43 -18.96 -28.45
C PHE B 256 24.71 -19.55 -29.65
N THR B 257 24.77 -18.85 -30.77
CA THR B 257 24.07 -19.23 -31.99
C THR B 257 24.84 -20.28 -32.78
N THR B 258 26.17 -20.22 -32.76
CA THR B 258 27.01 -21.08 -33.58
C THR B 258 26.95 -22.53 -33.10
N LEU B 259 27.34 -23.44 -33.99
CA LEU B 259 27.26 -24.87 -33.72
C LEU B 259 28.59 -25.45 -33.29
N ASP B 260 29.59 -24.61 -33.08
CA ASP B 260 30.91 -25.06 -32.68
C ASP B 260 31.23 -24.59 -31.27
N LEU B 261 30.25 -24.67 -30.37
CA LEU B 261 30.48 -24.27 -28.99
C LEU B 261 31.33 -25.31 -28.26
N PHE B 262 31.28 -26.57 -28.71
CA PHE B 262 32.03 -27.66 -28.08
C PHE B 262 33.54 -27.51 -28.28
N ALA B 263 33.96 -26.74 -29.29
CA ALA B 263 35.38 -26.55 -29.54
C ALA B 263 35.90 -25.27 -28.89
N LEU B 264 35.31 -24.88 -27.77
CA LEU B 264 35.77 -23.73 -26.99
C LEU B 264 36.58 -24.20 -25.78
N ASP B 265 37.73 -23.56 -25.57
CA ASP B 265 38.49 -23.78 -24.34
C ASP B 265 37.73 -23.13 -23.20
N VAL B 266 37.13 -23.94 -22.33
CA VAL B 266 36.19 -23.46 -21.33
C VAL B 266 36.76 -23.66 -19.92
N GLU B 267 37.98 -24.19 -19.81
CA GLU B 267 38.70 -24.37 -18.54
C GLU B 267 38.88 -23.10 -17.71
N PRO B 268 39.10 -21.87 -18.27
CA PRO B 268 39.05 -20.69 -17.39
C PRO B 268 37.66 -20.31 -16.93
N TYR B 269 36.62 -20.89 -17.53
CA TYR B 269 35.25 -20.51 -17.23
C TYR B 269 34.42 -21.65 -16.67
N ARG B 270 35.03 -22.81 -16.42
CA ARG B 270 34.28 -24.00 -16.02
C ARG B 270 33.72 -23.89 -14.61
N TYR B 271 34.38 -23.12 -13.75
CA TYR B 271 33.98 -23.00 -12.35
C TYR B 271 33.21 -21.72 -12.05
N SER B 272 33.19 -20.76 -12.98
CA SER B 272 32.77 -19.39 -12.74
C SER B 272 31.29 -19.25 -12.38
N GLY B 273 30.48 -20.24 -12.71
CA GLY B 273 29.06 -20.18 -12.42
C GLY B 273 28.24 -19.59 -13.55
N VAL B 274 28.86 -19.42 -14.72
CA VAL B 274 28.16 -18.87 -15.88
C VAL B 274 27.28 -19.94 -16.50
N ASN B 275 26.43 -19.52 -17.44
CA ASN B 275 25.53 -20.43 -18.12
C ASN B 275 25.78 -20.38 -19.63
N MET B 276 26.72 -21.17 -20.13
CA MET B 276 27.01 -21.16 -21.55
C MET B 276 26.18 -22.20 -22.28
N THR B 277 24.91 -21.89 -22.52
CA THR B 277 23.99 -22.79 -23.21
C THR B 277 24.19 -22.61 -24.71
N GLY B 278 23.99 -23.66 -25.50
CA GLY B 278 24.16 -23.56 -26.93
C GLY B 278 23.58 -24.75 -27.66
N PHE B 279 24.10 -25.01 -28.86
CA PHE B 279 23.64 -26.11 -29.68
C PHE B 279 24.82 -26.85 -30.28
N ARG B 280 24.59 -28.11 -30.62
CA ARG B 280 25.60 -28.93 -31.30
C ARG B 280 24.88 -29.96 -32.16
N ILE B 281 25.17 -29.96 -33.46
CA ILE B 281 24.60 -30.95 -34.35
C ILE B 281 25.59 -32.09 -34.55
N LEU B 282 26.86 -31.85 -34.23
CA LEU B 282 27.90 -32.86 -34.43
C LEU B 282 27.74 -33.99 -33.43
N ASN B 283 27.30 -35.16 -33.92
CA ASN B 283 26.93 -36.28 -33.07
C ASN B 283 28.18 -36.96 -32.50
N THR B 284 28.62 -36.50 -31.34
CA THR B 284 29.75 -37.13 -30.67
C THR B 284 29.30 -38.10 -29.60
N GLU B 285 28.06 -38.60 -29.71
CA GLU B 285 27.57 -39.59 -28.76
C GLU B 285 27.56 -40.99 -29.38
N ASN B 286 27.76 -41.07 -30.70
CA ASN B 286 27.79 -42.36 -31.38
C ASN B 286 29.25 -42.79 -31.50
N THR B 287 29.51 -44.08 -31.23
CA THR B 287 30.87 -44.58 -31.16
C THR B 287 31.51 -44.65 -32.54
N GLN B 288 30.74 -45.11 -33.54
CA GLN B 288 31.27 -45.22 -34.90
C GLN B 288 31.43 -43.84 -35.53
N VAL B 289 30.63 -42.87 -35.11
CA VAL B 289 30.71 -41.52 -35.66
C VAL B 289 31.88 -40.77 -35.03
N SER B 290 32.05 -40.90 -33.72
CA SER B 290 33.14 -40.21 -33.03
C SER B 290 34.49 -40.85 -33.32
N SER B 291 34.48 -42.08 -33.85
CA SER B 291 35.74 -42.72 -34.24
C SER B 291 36.35 -42.02 -35.46
N ILE B 292 35.50 -41.46 -36.33
CA ILE B 292 36.00 -40.74 -37.50
C ILE B 292 36.67 -39.45 -37.08
N ILE B 293 36.13 -38.80 -36.04
CA ILE B 293 36.78 -37.63 -35.46
C ILE B 293 38.10 -38.03 -34.79
N GLU B 294 38.14 -39.24 -34.22
CA GLU B 294 39.40 -39.76 -33.70
C GLU B 294 40.37 -40.10 -34.83
N LYS B 295 39.85 -40.43 -36.01
CA LYS B 295 40.70 -40.63 -37.18
C LYS B 295 40.96 -39.33 -37.91
N TRP B 296 40.29 -38.25 -37.51
CA TRP B 296 40.41 -36.98 -38.24
C TRP B 296 41.72 -36.29 -37.91
N SER B 297 42.15 -36.33 -36.65
CA SER B 297 43.37 -35.61 -36.27
C SER B 297 44.60 -36.50 -36.40
N MET B 298 44.48 -37.60 -37.15
CA MET B 298 45.64 -38.47 -37.37
C MET B 298 46.35 -38.10 -38.66
N GLU B 299 45.75 -37.21 -39.46
CA GLU B 299 46.39 -36.72 -40.67
C GLU B 299 46.42 -35.20 -40.71
N ARG B 300 46.35 -34.55 -39.54
CA ARG B 300 46.26 -33.10 -39.47
C ARG B 300 47.47 -32.51 -38.76
N LEU B 301 48.30 -33.40 -38.17
CA LEU B 301 49.31 -33.17 -37.13
C LEU B 301 50.12 -31.88 -37.22
N GLN B 302 50.48 -31.46 -38.43
CA GLN B 302 51.29 -30.26 -38.63
C GLN B 302 50.54 -28.99 -38.27
N ALA B 303 51.26 -28.02 -37.71
CA ALA B 303 50.78 -26.68 -37.35
C ALA B 303 49.54 -26.66 -36.47
N PRO B 304 49.66 -26.93 -35.17
CA PRO B 304 48.53 -26.68 -34.25
C PRO B 304 48.26 -25.19 -34.14
N PRO B 305 47.06 -24.75 -34.54
CA PRO B 305 46.84 -23.31 -34.74
C PRO B 305 46.68 -22.49 -33.46
N LYS B 306 47.75 -21.74 -33.12
CA LYS B 306 47.84 -20.65 -32.15
C LYS B 306 47.20 -20.96 -30.80
N PRO B 307 47.83 -21.78 -29.95
CA PRO B 307 47.19 -22.15 -28.68
C PRO B 307 47.22 -21.05 -27.62
N ASP B 308 46.70 -19.86 -27.93
CA ASP B 308 46.58 -18.77 -26.97
C ASP B 308 45.27 -18.00 -27.19
N SER B 309 44.43 -18.50 -28.09
CA SER B 309 43.21 -17.81 -28.48
C SER B 309 42.01 -18.30 -27.68
N GLY B 310 41.90 -19.61 -27.47
CA GLY B 310 40.77 -20.19 -26.78
C GLY B 310 40.10 -21.32 -27.54
N LEU B 311 40.80 -21.92 -28.49
CA LEU B 311 40.26 -23.06 -29.23
C LEU B 311 41.03 -24.33 -28.87
N LEU B 312 40.41 -25.48 -29.11
CA LEU B 312 41.04 -26.74 -28.79
C LEU B 312 41.49 -27.44 -30.07
N ASP B 313 42.45 -28.37 -29.93
CA ASP B 313 43.19 -28.88 -31.08
C ASP B 313 42.40 -29.96 -31.82
N GLY B 314 42.10 -31.05 -31.14
CA GLY B 314 41.57 -32.22 -31.82
C GLY B 314 40.07 -32.27 -31.98
N PHE B 315 39.44 -31.13 -32.25
CA PHE B 315 37.99 -31.05 -32.41
C PHE B 315 37.67 -30.59 -33.82
N MET B 316 36.88 -31.38 -34.54
CA MET B 316 36.43 -31.03 -35.88
C MET B 316 35.41 -29.91 -35.82
N THR B 317 35.59 -28.89 -36.66
CA THR B 317 34.59 -27.85 -36.78
C THR B 317 33.40 -28.37 -37.58
N THR B 318 32.25 -27.68 -37.46
CA THR B 318 31.06 -28.12 -38.18
C THR B 318 31.11 -27.74 -39.65
N ASP B 319 32.06 -26.88 -40.04
CA ASP B 319 32.20 -26.53 -41.45
C ASP B 319 32.84 -27.67 -42.22
N ALA B 320 33.67 -28.47 -41.55
CA ALA B 320 34.30 -29.60 -42.21
C ALA B 320 33.46 -30.86 -42.08
N ALA B 321 32.58 -30.91 -41.08
CA ALA B 321 31.69 -32.07 -40.93
C ALA B 321 30.65 -32.11 -42.03
N LEU B 322 30.20 -30.94 -42.48
CA LEU B 322 29.17 -30.88 -43.50
C LEU B 322 29.74 -31.12 -44.89
N MET B 323 31.01 -30.74 -45.11
CA MET B 323 31.66 -31.07 -46.37
C MET B 323 31.99 -32.56 -46.43
N TYR B 324 32.24 -33.16 -45.26
CA TYR B 324 32.43 -34.61 -45.20
C TYR B 324 31.11 -35.33 -45.48
N ASP B 325 30.01 -34.80 -44.95
CA ASP B 325 28.71 -35.42 -45.17
C ASP B 325 28.20 -35.20 -46.59
N ALA B 326 28.66 -34.14 -47.25
CA ALA B 326 28.19 -33.82 -48.58
C ALA B 326 28.67 -34.82 -49.62
N VAL B 327 29.82 -35.45 -49.37
CA VAL B 327 30.34 -36.45 -50.30
C VAL B 327 29.55 -37.74 -50.14
N HIS B 328 29.09 -38.02 -48.93
CA HIS B 328 28.35 -39.25 -48.68
C HIS B 328 26.96 -39.21 -49.29
N VAL B 329 26.28 -38.06 -49.20
CA VAL B 329 24.89 -37.96 -49.66
C VAL B 329 24.81 -38.10 -51.17
N VAL B 330 25.80 -37.56 -51.88
CA VAL B 330 25.84 -37.70 -53.33
C VAL B 330 26.25 -39.12 -53.72
N SER B 331 27.13 -39.75 -52.93
CA SER B 331 27.58 -41.10 -53.26
C SER B 331 26.51 -42.14 -52.99
N VAL B 332 25.51 -41.80 -52.17
CA VAL B 332 24.33 -42.65 -52.08
C VAL B 332 23.53 -42.56 -53.37
N ALA B 333 23.46 -41.36 -53.96
CA ALA B 333 22.65 -41.15 -55.15
C ALA B 333 23.29 -41.75 -56.40
N VAL B 334 24.62 -41.98 -56.38
CA VAL B 334 25.25 -42.63 -57.53
C VAL B 334 25.15 -44.14 -57.38
N GLN B 335 24.86 -44.63 -56.17
CA GLN B 335 24.59 -46.05 -55.97
C GLN B 335 23.19 -46.40 -56.46
N GLN B 336 22.25 -45.48 -56.30
CA GLN B 336 20.86 -45.70 -56.68
C GLN B 336 20.64 -45.43 -58.16
N PHE B 337 21.49 -44.62 -58.78
CA PHE B 337 21.34 -44.23 -60.18
C PHE B 337 22.55 -44.66 -60.99
N PRO B 338 22.55 -45.88 -61.54
CA PRO B 338 23.60 -46.27 -62.49
C PRO B 338 23.29 -45.80 -63.91
N GLN B 339 24.12 -46.24 -64.86
CA GLN B 339 24.02 -45.97 -66.30
C GLN B 339 24.11 -44.48 -66.60
N MET B 340 25.01 -43.77 -65.92
CA MET B 340 25.28 -42.38 -66.28
C MET B 340 26.77 -42.22 -66.54
N THR B 341 27.13 -41.10 -67.17
CA THR B 341 28.53 -40.79 -67.45
C THR B 341 28.76 -39.29 -67.39
N VAL B 342 30.00 -38.86 -67.60
CA VAL B 342 30.34 -37.44 -67.57
C VAL B 342 30.67 -36.98 -68.97
N SER B 343 29.86 -36.04 -69.49
CA SER B 343 30.01 -35.53 -70.84
C SER B 343 30.72 -34.18 -70.81
N SER B 344 30.74 -33.49 -71.96
CA SER B 344 31.62 -32.34 -72.16
C SER B 344 31.14 -31.11 -71.38
N LEU B 345 29.94 -30.61 -71.71
CA LEU B 345 29.29 -29.49 -71.02
C LEU B 345 30.13 -28.22 -71.00
N GLN B 346 30.34 -27.61 -72.16
CA GLN B 346 31.11 -26.36 -72.28
C GLN B 346 30.38 -25.21 -71.60
N CYS B 347 31.14 -24.16 -71.27
CA CYS B 347 30.56 -22.96 -70.66
C CYS B 347 30.11 -21.98 -71.73
N ASN B 348 30.27 -22.36 -73.00
CA ASN B 348 29.87 -21.58 -74.17
C ASN B 348 28.38 -21.74 -74.41
N ARG B 349 27.91 -21.48 -75.64
CA ARG B 349 26.55 -21.78 -76.08
C ARG B 349 26.16 -23.21 -75.71
N HIS B 350 25.17 -23.33 -74.83
CA HIS B 350 25.09 -24.47 -73.94
C HIS B 350 23.84 -25.30 -74.19
N LYS B 351 23.88 -26.52 -73.66
CA LYS B 351 22.78 -27.45 -73.55
C LYS B 351 22.81 -28.02 -72.13
N PRO B 352 21.66 -28.41 -71.55
CA PRO B 352 21.68 -29.00 -70.21
C PRO B 352 22.35 -30.37 -70.17
N TRP B 353 22.73 -30.81 -68.98
CA TRP B 353 23.40 -32.10 -68.81
C TRP B 353 22.41 -33.23 -69.08
N ARG B 354 22.95 -34.38 -69.50
CA ARG B 354 22.16 -35.51 -70.01
C ARG B 354 21.22 -36.09 -68.95
N PHE B 355 21.67 -36.18 -67.71
CA PHE B 355 20.83 -36.68 -66.63
C PHE B 355 20.68 -35.66 -65.51
N GLY B 356 20.44 -34.40 -65.85
CA GLY B 356 20.36 -33.36 -64.84
C GLY B 356 19.10 -33.43 -64.00
N THR B 357 18.04 -34.02 -64.54
CA THR B 357 16.77 -34.04 -63.83
C THR B 357 16.70 -35.19 -62.83
N ARG B 358 16.98 -36.41 -63.28
CA ARG B 358 16.74 -37.58 -62.44
C ARG B 358 17.83 -37.75 -61.39
N PHE B 359 19.06 -37.32 -61.70
CA PHE B 359 20.13 -37.41 -60.72
C PHE B 359 19.96 -36.39 -59.61
N MET B 360 19.32 -35.26 -59.91
CA MET B 360 19.05 -34.26 -58.89
C MET B 360 17.93 -34.71 -57.96
N SER B 361 16.98 -35.50 -58.48
CA SER B 361 15.83 -35.89 -57.69
C SER B 361 16.18 -36.97 -56.68
N LEU B 362 17.32 -37.64 -56.87
CA LEU B 362 17.73 -38.67 -55.92
C LEU B 362 18.64 -38.09 -54.85
N ILE B 363 19.33 -36.99 -55.15
CA ILE B 363 20.05 -36.26 -54.12
C ILE B 363 19.10 -35.57 -53.17
N LYS B 364 18.08 -34.90 -53.71
CA LYS B 364 17.10 -34.16 -52.92
C LYS B 364 16.20 -35.09 -52.09
N GLU B 365 16.09 -36.35 -52.46
CA GLU B 365 15.25 -37.30 -51.76
C GLU B 365 16.08 -38.46 -51.19
N ALA B 366 17.21 -38.12 -50.58
CA ALA B 366 18.11 -39.13 -50.02
C ALA B 366 18.06 -39.10 -48.50
N HIS B 367 18.47 -40.22 -47.89
CA HIS B 367 18.56 -40.34 -46.44
C HIS B 367 19.90 -40.96 -46.08
N TRP B 368 20.56 -40.38 -45.08
CA TRP B 368 21.88 -40.86 -44.68
C TRP B 368 22.16 -40.53 -43.21
N GLU B 369 22.88 -41.42 -42.54
CA GLU B 369 23.36 -41.18 -41.18
C GLU B 369 24.82 -40.76 -41.25
N GLY B 370 25.07 -39.46 -41.19
CA GLY B 370 26.41 -38.93 -41.29
C GLY B 370 26.96 -38.52 -39.95
N LEU B 371 27.85 -37.53 -39.98
CA LEU B 371 28.47 -37.05 -38.74
C LEU B 371 27.49 -36.24 -37.90
N THR B 372 26.52 -35.60 -38.55
CA THR B 372 25.57 -34.77 -37.85
C THR B 372 24.43 -35.60 -37.29
N GLY B 373 23.73 -36.31 -38.16
CA GLY B 373 22.61 -37.14 -37.77
C GLY B 373 21.93 -37.70 -38.99
N ARG B 374 20.61 -37.62 -38.99
CA ARG B 374 19.87 -37.87 -40.22
C ARG B 374 20.05 -36.70 -41.18
N ILE B 375 20.33 -37.00 -42.44
CA ILE B 375 20.40 -35.97 -43.47
C ILE B 375 19.24 -36.23 -44.42
N THR B 376 18.18 -35.46 -44.26
CA THR B 376 17.07 -35.47 -45.21
C THR B 376 16.82 -34.04 -45.67
N PHE B 377 16.57 -33.89 -46.96
CA PHE B 377 16.39 -32.56 -47.54
C PHE B 377 14.90 -32.24 -47.57
N ASN B 378 14.53 -31.12 -48.19
CA ASN B 378 13.12 -30.76 -48.27
C ASN B 378 12.66 -30.94 -49.71
N LYS B 379 11.37 -31.14 -49.91
CA LYS B 379 10.87 -31.47 -51.24
C LYS B 379 10.76 -30.22 -52.11
N THR B 380 10.32 -29.10 -51.52
CA THR B 380 10.17 -27.87 -52.29
C THR B 380 11.52 -27.23 -52.55
N ASN B 381 12.22 -26.83 -51.50
CA ASN B 381 13.53 -26.21 -51.62
C ASN B 381 14.61 -27.18 -51.15
N GLY B 382 15.86 -26.90 -51.49
CA GLY B 382 16.94 -27.79 -51.11
C GLY B 382 17.57 -27.44 -49.77
N LEU B 383 16.77 -26.92 -48.84
CA LEU B 383 17.26 -26.53 -47.54
C LEU B 383 17.02 -27.64 -46.53
N ARG B 384 18.02 -27.89 -45.68
CA ARG B 384 17.93 -28.89 -44.61
C ARG B 384 17.16 -28.26 -43.47
N THR B 385 15.88 -28.63 -43.34
CA THR B 385 15.01 -28.15 -42.27
C THR B 385 14.45 -29.26 -41.41
N ASP B 386 15.01 -30.47 -41.49
CA ASP B 386 14.58 -31.60 -40.67
C ASP B 386 15.85 -32.27 -40.15
N PHE B 387 16.22 -31.95 -38.91
CA PHE B 387 17.50 -32.36 -38.35
C PHE B 387 17.42 -32.34 -36.83
N ASP B 388 18.50 -32.80 -36.18
CA ASP B 388 18.48 -33.05 -34.74
C ASP B 388 19.60 -32.30 -34.04
N LEU B 389 19.25 -31.44 -33.09
CA LEU B 389 20.22 -30.78 -32.23
C LEU B 389 20.42 -31.57 -30.94
N ASP B 390 21.57 -31.36 -30.31
CA ASP B 390 21.82 -31.80 -28.95
C ASP B 390 22.20 -30.58 -28.13
N VAL B 391 21.23 -30.00 -27.42
CA VAL B 391 21.45 -28.76 -26.68
C VAL B 391 22.39 -29.00 -25.50
N ILE B 392 23.49 -28.25 -25.48
CA ILE B 392 24.51 -28.43 -24.45
C ILE B 392 24.52 -27.21 -23.55
N SER B 393 25.13 -27.36 -22.38
CA SER B 393 25.28 -26.27 -21.43
C SER B 393 26.58 -26.44 -20.69
N LEU B 394 26.94 -25.45 -19.88
CA LEU B 394 28.20 -25.48 -19.14
C LEU B 394 27.92 -25.86 -17.69
N LYS B 395 28.53 -26.95 -17.26
CA LYS B 395 28.47 -27.40 -15.87
C LYS B 395 29.85 -27.26 -15.23
N GLU B 396 29.98 -27.75 -14.01
CA GLU B 396 31.24 -27.63 -13.28
C GLU B 396 32.23 -28.67 -13.80
N GLU B 397 31.72 -29.70 -14.48
CA GLU B 397 32.58 -30.72 -15.07
C GLU B 397 32.92 -30.40 -16.52
N GLY B 398 32.19 -29.49 -17.15
CA GLY B 398 32.46 -29.10 -18.52
C GLY B 398 31.17 -29.00 -19.32
N LEU B 399 31.32 -28.93 -20.64
CA LEU B 399 30.20 -28.83 -21.56
C LEU B 399 29.55 -30.20 -21.74
N GLU B 400 28.33 -30.35 -21.24
CA GLU B 400 27.63 -31.63 -21.26
C GLU B 400 26.24 -31.45 -21.85
N LYS B 401 25.80 -32.46 -22.59
CA LYS B 401 24.48 -32.50 -23.23
C LYS B 401 23.38 -32.47 -22.18
N ILE B 402 22.39 -31.59 -22.37
CA ILE B 402 21.27 -31.49 -21.44
C ILE B 402 19.93 -31.69 -22.13
N GLY B 403 19.92 -32.21 -23.35
CA GLY B 403 18.64 -32.48 -23.98
C GLY B 403 18.78 -32.60 -25.49
N THR B 404 17.62 -32.52 -26.16
CA THR B 404 17.52 -32.74 -27.60
C THR B 404 16.48 -31.78 -28.15
N TRP B 405 16.71 -31.24 -29.34
CA TRP B 405 15.70 -30.45 -30.04
C TRP B 405 15.28 -31.17 -31.31
N ASP B 406 14.03 -31.00 -31.70
CA ASP B 406 13.50 -31.62 -32.91
C ASP B 406 12.36 -30.76 -33.44
N PRO B 407 12.29 -30.52 -34.76
CA PRO B 407 11.27 -29.61 -35.30
C PRO B 407 9.85 -30.15 -35.22
N ALA B 408 9.69 -31.46 -35.14
CA ALA B 408 8.36 -32.06 -35.04
C ALA B 408 7.79 -31.91 -33.64
N SER B 409 8.52 -32.40 -32.63
CA SER B 409 8.03 -32.36 -31.26
C SER B 409 8.33 -31.00 -30.63
N GLY B 410 9.58 -30.60 -30.57
CA GLY B 410 9.95 -29.37 -29.87
C GLY B 410 11.14 -29.63 -28.97
N LEU B 411 11.13 -28.97 -27.81
CA LEU B 411 12.17 -29.23 -26.83
C LEU B 411 11.98 -30.57 -26.14
N ASN B 412 12.67 -31.58 -26.64
CA ASN B 412 12.86 -32.83 -25.93
C ASN B 412 13.87 -32.64 -24.81
N MET B 413 13.46 -31.99 -23.74
CA MET B 413 14.36 -31.27 -22.84
C MET B 413 14.96 -32.24 -21.81
N THR B 414 15.54 -31.68 -20.73
CA THR B 414 16.38 -32.32 -19.72
C THR B 414 15.79 -33.64 -19.19
N GLU B 415 16.66 -34.61 -18.89
CA GLU B 415 16.28 -35.99 -18.62
C GLU B 415 15.66 -36.19 -17.23
N SER B 416 15.27 -35.06 -16.66
CA SER B 416 15.84 -34.24 -15.59
C SER B 416 16.04 -34.78 -14.18
N GLN B 417 14.95 -34.93 -13.44
CA GLN B 417 15.05 -34.72 -12.00
C GLN B 417 13.82 -35.21 -11.26
N LYS B 418 14.00 -35.50 -9.98
CA LYS B 418 12.97 -36.12 -9.15
C LYS B 418 12.86 -35.33 -7.85
N GLY B 419 12.18 -35.89 -6.86
CA GLY B 419 11.95 -35.20 -5.61
C GLY B 419 10.49 -35.27 -5.23
N LYS B 420 10.18 -34.90 -3.98
CA LYS B 420 8.87 -35.05 -3.33
C LYS B 420 8.39 -36.50 -3.44
N PRO B 421 8.91 -37.44 -2.63
CA PRO B 421 8.29 -38.77 -2.56
C PRO B 421 7.13 -38.80 -1.58
N ALA B 422 6.14 -37.94 -1.79
CA ALA B 422 5.07 -37.71 -0.84
C ALA B 422 3.74 -37.59 -1.57
N ASN B 423 2.71 -37.26 -0.79
CA ASN B 423 1.33 -37.22 -1.27
C ASN B 423 0.82 -35.80 -1.48
N ILE B 424 -0.49 -35.69 -1.76
CA ILE B 424 -1.24 -34.45 -1.86
C ILE B 424 -1.38 -33.89 -0.44
N THR B 425 -1.84 -32.62 -0.32
CA THR B 425 -1.90 -31.75 0.85
C THR B 425 -2.24 -32.45 2.17
N ASP B 426 -1.54 -32.06 3.24
CA ASP B 426 -1.28 -32.73 4.51
C ASP B 426 -2.38 -33.65 5.04
N SER B 427 -3.63 -33.21 4.96
CA SER B 427 -4.69 -33.82 5.76
C SER B 427 -5.04 -35.27 5.47
N LEU B 428 -5.85 -35.50 4.42
CA LEU B 428 -6.13 -36.87 3.99
C LEU B 428 -5.85 -37.05 2.51
N SER B 429 -6.59 -36.34 1.64
CA SER B 429 -6.28 -36.08 0.24
C SER B 429 -5.94 -37.32 -0.59
N ASN B 430 -6.94 -38.17 -0.94
CA ASN B 430 -7.00 -39.64 -0.96
C ASN B 430 -7.81 -40.21 0.21
N ARG B 431 -8.59 -39.39 0.91
CA ARG B 431 -9.67 -39.86 1.79
C ARG B 431 -10.74 -38.78 1.83
N SER B 432 -11.98 -39.16 2.17
CA SER B 432 -13.20 -38.46 1.81
C SER B 432 -13.86 -37.67 2.94
N LEU B 433 -13.66 -38.12 4.20
CA LEU B 433 -14.20 -37.48 5.39
C LEU B 433 -15.72 -37.36 5.33
N ILE B 434 -16.41 -38.51 5.45
CA ILE B 434 -17.85 -38.59 5.25
C ILE B 434 -18.56 -37.76 6.32
N VAL B 435 -19.10 -36.62 5.90
CA VAL B 435 -19.72 -35.65 6.80
C VAL B 435 -21.19 -36.02 6.97
N THR B 436 -21.60 -36.30 8.20
CA THR B 436 -23.03 -36.43 8.45
C THR B 436 -23.62 -35.06 8.78
N THR B 437 -24.83 -34.83 8.27
CA THR B 437 -25.50 -33.55 8.48
C THR B 437 -26.94 -33.80 8.92
N ILE B 438 -27.66 -32.72 9.19
CA ILE B 438 -29.09 -32.78 9.46
C ILE B 438 -29.73 -31.69 8.60
N LEU B 439 -31.02 -31.85 8.28
CA LEU B 439 -31.71 -30.95 7.36
C LEU B 439 -32.38 -29.84 8.16
N GLU B 440 -31.78 -28.65 8.16
CA GLU B 440 -32.37 -27.51 8.85
C GLU B 440 -32.04 -26.25 8.05
N GLU B 441 -33.07 -25.44 7.82
CA GLU B 441 -32.98 -24.17 7.11
C GLU B 441 -32.36 -23.10 8.01
N PRO B 442 -31.41 -22.31 7.52
CA PRO B 442 -30.75 -22.37 6.20
C PRO B 442 -29.38 -23.02 6.24
N TYR B 443 -29.18 -23.97 7.16
CA TYR B 443 -27.87 -24.57 7.35
C TYR B 443 -27.59 -25.58 6.25
N VAL B 444 -28.42 -26.61 6.13
CA VAL B 444 -28.31 -27.62 5.08
C VAL B 444 -29.67 -27.75 4.40
N LEU B 445 -29.73 -27.44 3.11
CA LEU B 445 -30.98 -27.49 2.35
C LEU B 445 -30.77 -28.17 1.01
N PHE B 446 -31.85 -28.72 0.46
CA PHE B 446 -31.79 -29.31 -0.88
C PHE B 446 -31.78 -28.23 -1.95
N LYS B 447 -31.45 -28.63 -3.17
CA LYS B 447 -31.59 -27.75 -4.32
C LYS B 447 -33.07 -27.61 -4.67
N LYS B 448 -33.39 -26.56 -5.43
CA LYS B 448 -34.77 -26.22 -5.74
C LYS B 448 -35.21 -26.78 -7.08
N SER B 449 -34.25 -27.29 -7.86
CA SER B 449 -34.54 -27.76 -9.22
C SER B 449 -34.85 -29.26 -9.19
N ASP B 450 -35.55 -29.72 -10.22
CA ASP B 450 -35.92 -31.14 -10.32
C ASP B 450 -35.28 -31.82 -11.53
N LYS B 451 -34.14 -31.34 -11.99
CA LYS B 451 -33.30 -31.97 -13.01
C LYS B 451 -32.71 -33.26 -12.46
N PRO B 452 -32.21 -34.19 -13.30
CA PRO B 452 -31.66 -35.44 -12.77
C PRO B 452 -30.39 -35.29 -11.93
N LEU B 453 -29.87 -36.44 -11.47
CA LEU B 453 -29.18 -36.64 -10.19
C LEU B 453 -28.11 -35.61 -9.85
N TYR B 454 -28.04 -35.27 -8.56
CA TYR B 454 -27.16 -34.24 -8.02
C TYR B 454 -26.22 -34.85 -6.99
N GLY B 455 -25.56 -35.96 -7.35
CA GLY B 455 -24.68 -36.70 -6.45
C GLY B 455 -23.60 -35.84 -5.83
N ASN B 456 -23.73 -35.65 -4.51
CA ASN B 456 -22.96 -34.71 -3.68
C ASN B 456 -23.05 -33.29 -4.21
N ASP B 457 -24.20 -32.93 -4.77
CA ASP B 457 -24.46 -31.57 -5.23
C ASP B 457 -25.91 -31.24 -4.91
N ARG B 458 -26.56 -32.11 -4.13
CA ARG B 458 -27.93 -31.88 -3.68
C ARG B 458 -28.01 -30.75 -2.67
N PHE B 459 -26.91 -30.45 -2.00
CA PHE B 459 -26.96 -29.73 -0.73
C PHE B 459 -26.39 -28.32 -0.88
N GLU B 460 -27.00 -27.38 -0.17
CA GLU B 460 -26.63 -25.96 -0.23
C GLU B 460 -27.12 -25.27 1.04
N GLY B 461 -26.32 -24.33 1.54
CA GLY B 461 -26.65 -23.61 2.75
C GLY B 461 -25.41 -23.01 3.37
N TYR B 462 -25.51 -22.72 4.67
CA TYR B 462 -24.39 -22.16 5.41
C TYR B 462 -23.32 -23.19 5.69
N CYS B 463 -23.74 -24.39 6.13
CA CYS B 463 -22.79 -25.45 6.44
C CYS B 463 -22.08 -25.99 5.20
N ILE B 464 -22.71 -25.87 4.03
CA ILE B 464 -22.05 -26.26 2.79
C ILE B 464 -21.00 -25.23 2.40
N ASP B 465 -21.31 -23.95 2.61
CA ASP B 465 -20.34 -22.89 2.30
C ASP B 465 -19.17 -22.91 3.27
N LEU B 466 -19.41 -23.38 4.50
CA LEU B 466 -18.32 -23.51 5.47
C LEU B 466 -17.38 -24.64 5.09
N LEU B 467 -17.95 -25.76 4.62
CA LEU B 467 -17.14 -26.95 4.38
C LEU B 467 -16.30 -26.82 3.12
N ARG B 468 -16.77 -26.04 2.14
CA ARG B 468 -16.00 -25.82 0.93
C ARG B 468 -14.73 -25.03 1.22
N GLU B 469 -14.82 -24.05 2.12
CA GLU B 469 -13.63 -23.34 2.56
C GLU B 469 -12.77 -24.21 3.47
N LEU B 470 -13.41 -25.13 4.19
CA LEU B 470 -12.63 -26.10 4.95
C LEU B 470 -12.00 -27.15 4.04
N SER B 471 -12.58 -27.39 2.88
CA SER B 471 -11.97 -28.32 1.93
C SER B 471 -10.88 -27.61 1.11
N THR B 472 -10.87 -26.29 1.15
CA THR B 472 -9.89 -25.52 0.38
C THR B 472 -8.54 -25.45 1.09
N ILE B 473 -8.52 -24.87 2.29
CA ILE B 473 -7.27 -24.68 3.02
C ILE B 473 -6.83 -25.96 3.72
N LEU B 474 -7.76 -26.89 3.95
CA LEU B 474 -7.43 -28.20 4.51
C LEU B 474 -7.81 -29.28 3.51
N GLY B 475 -6.87 -30.14 3.14
CA GLY B 475 -7.01 -30.93 1.93
C GLY B 475 -7.84 -32.20 2.03
N PHE B 476 -9.05 -32.17 1.48
CA PHE B 476 -9.88 -33.35 1.31
C PHE B 476 -10.93 -33.11 0.23
N THR B 477 -11.72 -34.14 -0.07
CA THR B 477 -12.88 -33.99 -0.93
C THR B 477 -14.11 -34.61 -0.26
N TYR B 478 -15.09 -33.76 0.05
CA TYR B 478 -16.15 -34.12 0.99
C TYR B 478 -17.17 -35.09 0.39
N GLU B 479 -17.80 -35.87 1.26
CA GLU B 479 -18.75 -36.91 0.88
C GLU B 479 -19.98 -36.81 1.78
N ILE B 480 -20.66 -35.67 1.72
CA ILE B 480 -21.91 -35.37 2.44
C ILE B 480 -22.91 -36.52 2.40
N ARG B 481 -23.34 -36.97 3.57
CA ARG B 481 -24.18 -38.16 3.69
C ARG B 481 -25.13 -38.01 4.87
N LEU B 482 -26.44 -37.91 4.59
CA LEU B 482 -27.44 -37.63 5.62
C LEU B 482 -27.55 -38.73 6.66
N VAL B 483 -27.86 -38.34 7.90
CA VAL B 483 -28.05 -39.30 8.98
C VAL B 483 -29.41 -39.98 8.79
N GLU B 484 -29.47 -41.26 9.15
CA GLU B 484 -30.68 -42.06 8.94
C GLU B 484 -31.79 -41.63 9.91
N ASP B 485 -31.42 -41.25 11.13
CA ASP B 485 -32.39 -40.93 12.15
C ASP B 485 -33.00 -39.55 11.89
N GLY B 486 -32.18 -38.60 11.45
CA GLY B 486 -32.63 -37.23 11.32
C GLY B 486 -32.70 -36.57 12.67
N LYS B 487 -31.74 -36.90 13.54
CA LYS B 487 -31.73 -36.43 14.92
C LYS B 487 -30.35 -35.86 15.23
N TYR B 488 -30.30 -34.82 16.06
CA TYR B 488 -29.05 -34.18 16.43
C TYR B 488 -28.20 -35.11 17.29
N GLY B 489 -28.72 -35.48 18.45
CA GLY B 489 -28.03 -36.37 19.35
C GLY B 489 -28.46 -36.18 20.78
N ALA B 490 -28.73 -37.30 21.45
CA ALA B 490 -29.17 -37.31 22.84
C ALA B 490 -28.96 -38.69 23.43
N GLN B 491 -28.77 -38.77 24.74
CA GLN B 491 -28.54 -40.05 25.39
C GLN B 491 -29.90 -40.70 25.72
N ASP B 492 -30.19 -41.82 25.06
CA ASP B 492 -31.42 -42.55 25.33
C ASP B 492 -31.33 -43.22 26.70
N ASP B 493 -32.38 -43.08 27.52
CA ASP B 493 -32.28 -43.34 28.95
C ASP B 493 -32.24 -44.84 29.28
N VAL B 494 -32.98 -45.66 28.53
CA VAL B 494 -33.19 -47.05 28.92
C VAL B 494 -31.97 -47.92 28.59
N ASN B 495 -31.09 -47.43 27.71
CA ASN B 495 -29.93 -48.24 27.34
C ASN B 495 -28.61 -47.48 27.34
N GLY B 496 -28.64 -46.15 27.34
CA GLY B 496 -27.42 -45.35 27.27
C GLY B 496 -26.90 -45.19 25.86
N GLN B 497 -27.60 -45.76 24.87
CA GLN B 497 -27.16 -45.76 23.49
C GLN B 497 -27.51 -44.45 22.80
N TRP B 498 -26.50 -43.76 22.28
CA TRP B 498 -26.68 -42.48 21.59
C TRP B 498 -27.38 -42.68 20.25
N ASN B 499 -28.18 -41.70 19.83
CA ASN B 499 -28.86 -41.79 18.55
C ASN B 499 -28.75 -40.49 17.77
N GLY B 500 -28.54 -40.60 16.46
CA GLY B 500 -28.44 -39.44 15.60
C GLY B 500 -27.06 -39.31 14.99
N MET B 501 -26.60 -38.07 14.88
CA MET B 501 -25.26 -37.82 14.34
C MET B 501 -24.17 -38.28 15.30
N VAL B 502 -24.41 -38.16 16.62
CA VAL B 502 -23.36 -38.42 17.59
C VAL B 502 -23.07 -39.90 17.70
N ARG B 503 -24.00 -40.75 17.26
CA ARG B 503 -23.75 -42.18 17.23
C ARG B 503 -22.80 -42.56 16.10
N GLU B 504 -22.94 -41.91 14.94
CA GLU B 504 -22.08 -42.19 13.80
C GLU B 504 -20.67 -41.66 14.03
N LEU B 505 -20.54 -40.63 14.86
CA LEU B 505 -19.22 -40.09 15.18
C LEU B 505 -18.47 -40.99 16.16
N ILE B 506 -19.18 -41.69 17.03
CA ILE B 506 -18.54 -42.62 17.94
C ILE B 506 -18.18 -43.91 17.22
N ASP B 507 -19.09 -44.45 16.42
CA ASP B 507 -18.88 -45.72 15.72
C ASP B 507 -18.05 -45.57 14.45
N HIS B 508 -17.54 -44.35 14.18
CA HIS B 508 -16.64 -44.02 13.08
C HIS B 508 -17.22 -44.31 11.70
N LYS B 509 -18.55 -44.34 11.59
CA LYS B 509 -19.19 -44.45 10.28
C LYS B 509 -19.10 -43.14 9.52
N ALA B 510 -19.24 -42.02 10.21
CA ALA B 510 -19.02 -40.70 9.65
C ALA B 510 -17.72 -40.15 10.23
N ASP B 511 -17.28 -39.00 9.73
CA ASP B 511 -15.99 -38.45 10.14
C ASP B 511 -16.09 -37.02 10.64
N LEU B 512 -16.96 -36.21 10.04
CA LEU B 512 -17.17 -34.85 10.49
C LEU B 512 -18.66 -34.63 10.70
N ALA B 513 -19.01 -33.59 11.46
CA ALA B 513 -20.40 -33.33 11.79
C ALA B 513 -20.74 -31.86 11.61
N VAL B 514 -20.40 -31.30 10.44
CA VAL B 514 -20.68 -29.90 10.14
C VAL B 514 -22.19 -29.73 10.02
N ALA B 515 -22.78 -29.14 11.06
CA ALA B 515 -24.22 -29.14 11.30
C ALA B 515 -24.51 -28.19 12.46
N PRO B 516 -25.77 -27.84 12.72
CA PRO B 516 -26.09 -27.15 13.99
C PRO B 516 -25.97 -28.02 15.22
N LEU B 517 -24.75 -28.45 15.56
CA LEU B 517 -24.55 -29.38 16.65
C LEU B 517 -24.03 -28.61 17.86
N ALA B 518 -24.91 -28.39 18.84
CA ALA B 518 -24.64 -27.53 19.98
C ALA B 518 -23.63 -28.20 20.91
N ILE B 519 -22.54 -27.48 21.21
CA ILE B 519 -21.48 -27.97 22.08
C ILE B 519 -22.00 -27.95 23.51
N THR B 520 -22.23 -29.13 24.07
CA THR B 520 -22.79 -29.25 25.42
C THR B 520 -22.00 -30.27 26.21
N TYR B 521 -22.38 -30.44 27.48
CA TYR B 521 -21.58 -31.22 28.42
C TYR B 521 -21.63 -32.71 28.12
N VAL B 522 -22.83 -33.23 27.85
CA VAL B 522 -22.99 -34.68 27.70
C VAL B 522 -22.46 -35.14 26.34
N ARG B 523 -22.37 -34.23 25.37
CA ARG B 523 -21.79 -34.57 24.08
C ARG B 523 -20.27 -34.46 24.10
N GLU B 524 -19.71 -33.72 25.06
CA GLU B 524 -18.27 -33.51 25.09
C GLU B 524 -17.54 -34.75 25.59
N LYS B 525 -18.19 -35.55 26.44
CA LYS B 525 -17.52 -36.72 27.01
C LYS B 525 -17.56 -37.92 26.07
N VAL B 526 -18.27 -37.82 24.96
CA VAL B 526 -18.37 -38.94 24.03
C VAL B 526 -17.74 -38.60 22.67
N ILE B 527 -17.94 -37.38 22.18
CA ILE B 527 -17.23 -36.90 21.00
C ILE B 527 -16.54 -35.59 21.34
N ASP B 528 -15.63 -35.15 20.49
CA ASP B 528 -14.86 -33.95 20.76
C ASP B 528 -15.11 -32.92 19.67
N PHE B 529 -15.43 -31.69 20.08
CA PHE B 529 -15.81 -30.63 19.17
C PHE B 529 -14.61 -29.76 18.80
N SER B 530 -14.79 -28.91 17.79
CA SER B 530 -13.84 -27.87 17.46
C SER B 530 -14.24 -26.59 18.20
N LYS B 531 -13.62 -25.47 17.85
CA LYS B 531 -13.99 -24.20 18.45
C LYS B 531 -15.35 -23.75 17.93
N PRO B 532 -16.10 -22.97 18.70
CA PRO B 532 -17.38 -22.46 18.20
C PRO B 532 -17.23 -21.48 17.06
N PHE B 533 -17.76 -21.86 15.89
CA PHE B 533 -17.78 -20.99 14.72
C PHE B 533 -18.99 -20.07 14.73
N MET B 534 -19.90 -20.24 15.67
CA MET B 534 -21.08 -19.41 15.80
C MET B 534 -21.62 -19.46 17.22
N THR B 535 -21.68 -18.32 17.90
CA THR B 535 -22.15 -18.25 19.28
C THR B 535 -23.58 -17.74 19.29
N LEU B 536 -24.46 -18.45 20.01
CA LEU B 536 -25.86 -18.09 20.04
C LEU B 536 -26.39 -18.14 21.47
N GLY B 537 -27.69 -17.97 21.60
CA GLY B 537 -28.33 -18.04 22.90
C GLY B 537 -29.83 -18.17 22.77
N ILE B 538 -30.53 -18.17 23.90
CA ILE B 538 -31.98 -18.20 23.88
C ILE B 538 -32.49 -16.76 23.84
N SER B 539 -33.37 -16.46 22.89
CA SER B 539 -33.95 -15.13 22.79
C SER B 539 -35.45 -15.24 22.62
N ILE B 540 -36.13 -14.11 22.79
CA ILE B 540 -37.59 -14.09 22.80
C ILE B 540 -38.08 -13.69 21.42
N LEU B 541 -38.86 -14.57 20.79
CA LEU B 541 -39.53 -14.24 19.54
C LEU B 541 -40.90 -13.71 19.88
N TYR B 542 -41.25 -12.56 19.31
CA TYR B 542 -42.47 -11.85 19.68
C TYR B 542 -42.92 -10.91 18.57
N ARG B 543 -44.23 -10.69 18.46
CA ARG B 543 -44.80 -9.84 17.41
C ARG B 543 -44.39 -8.39 17.60
N LYS B 544 -44.09 -7.70 16.50
CA LYS B 544 -43.86 -6.27 16.50
C LYS B 544 -45.12 -5.55 16.97
N PRO B 545 -45.02 -4.40 17.63
CA PRO B 545 -46.22 -3.63 17.97
C PRO B 545 -46.82 -2.92 16.77
N ASN B 546 -48.06 -2.45 16.88
CA ASN B 546 -48.70 -1.75 15.78
C ASN B 546 -49.23 -0.37 16.18
N GLY B 547 -49.56 -0.19 17.45
CA GLY B 547 -50.07 1.08 17.91
C GLY B 547 -51.48 1.37 17.43
N THR B 548 -52.33 0.36 17.41
CA THR B 548 -53.73 0.50 17.03
C THR B 548 -54.60 0.55 18.28
N ASN B 549 -53.98 0.34 19.43
CA ASN B 549 -54.69 0.35 20.71
C ASN B 549 -53.76 0.83 21.81
N PRO B 550 -53.76 2.13 22.12
CA PRO B 550 -52.95 2.62 23.25
C PRO B 550 -53.62 2.40 24.59
N GLY B 551 -54.86 1.93 24.58
CA GLY B 551 -55.66 1.87 25.78
C GLY B 551 -56.83 2.82 25.65
N VAL B 552 -57.71 2.78 26.65
CA VAL B 552 -58.88 3.65 26.57
C VAL B 552 -58.65 4.93 27.36
N PHE B 553 -57.78 4.87 28.37
CA PHE B 553 -57.37 6.07 29.09
C PHE B 553 -56.06 6.62 28.53
N SER B 554 -56.05 6.93 27.24
CA SER B 554 -54.84 7.43 26.61
C SER B 554 -54.71 8.94 26.71
N PHE B 555 -55.76 9.63 27.18
CA PHE B 555 -55.71 11.07 27.34
C PHE B 555 -54.92 11.45 28.58
N LEU B 556 -54.69 10.49 29.47
CA LEU B 556 -54.01 10.70 30.72
C LEU B 556 -52.48 10.69 30.55
N ASN B 557 -52.00 10.25 29.39
CA ASN B 557 -50.59 10.13 29.05
C ASN B 557 -49.71 11.39 29.05
N PRO B 558 -50.13 12.60 28.51
CA PRO B 558 -49.17 13.71 28.39
C PRO B 558 -48.62 14.27 29.69
N LEU B 559 -49.31 14.04 30.80
CA LEU B 559 -48.71 14.30 32.10
C LEU B 559 -48.45 12.97 32.80
N SER B 560 -47.30 12.88 33.45
CA SER B 560 -46.88 11.68 34.15
C SER B 560 -47.79 11.43 35.35
N PRO B 561 -47.95 10.18 35.79
CA PRO B 561 -48.84 9.90 36.93
C PRO B 561 -48.35 10.46 38.25
N ASP B 562 -47.09 10.89 38.33
CA ASP B 562 -46.64 11.63 39.51
C ASP B 562 -47.27 13.01 39.54
N ILE B 563 -47.49 13.62 38.37
CA ILE B 563 -48.04 14.97 38.32
C ILE B 563 -49.53 14.94 38.61
N TRP B 564 -50.26 13.92 38.13
CA TRP B 564 -51.70 13.84 38.34
C TRP B 564 -52.06 13.67 39.80
N MET B 565 -51.15 13.06 40.58
CA MET B 565 -51.35 13.05 42.02
C MET B 565 -50.96 14.38 42.65
N TYR B 566 -49.94 15.04 42.10
CA TYR B 566 -49.45 16.28 42.71
C TYR B 566 -50.37 17.45 42.40
N VAL B 567 -51.11 17.38 41.30
CA VAL B 567 -52.12 18.40 41.02
C VAL B 567 -53.30 18.25 41.97
N LEU B 568 -53.77 17.01 42.15
CA LEU B 568 -54.93 16.76 42.99
C LEU B 568 -54.61 17.01 44.47
N LEU B 569 -53.37 16.75 44.87
CA LEU B 569 -52.95 17.11 46.22
C LEU B 569 -52.83 18.62 46.38
N ALA B 570 -52.43 19.32 45.33
CA ALA B 570 -52.42 20.78 45.37
C ALA B 570 -53.83 21.34 45.25
N CYS B 571 -54.73 20.61 44.60
CA CYS B 571 -56.11 21.06 44.49
C CYS B 571 -56.83 20.97 45.82
N LEU B 572 -56.50 19.94 46.61
CA LEU B 572 -57.04 19.83 47.96
C LEU B 572 -56.25 20.70 48.93
N GLY B 573 -55.02 21.04 48.56
CA GLY B 573 -54.17 21.81 49.44
C GLY B 573 -54.49 23.29 49.43
N VAL B 574 -54.53 23.90 48.24
CA VAL B 574 -54.76 25.33 48.12
C VAL B 574 -56.19 25.68 48.49
N SER B 575 -57.12 24.74 48.30
CA SER B 575 -58.52 24.96 48.68
C SER B 575 -58.67 25.06 50.19
N CYS B 576 -57.90 24.28 50.95
CA CYS B 576 -57.97 24.35 52.40
C CYS B 576 -57.26 25.59 52.94
N VAL B 577 -56.18 26.00 52.30
CA VAL B 577 -55.43 27.18 52.75
C VAL B 577 -56.25 28.44 52.49
N LEU B 578 -57.00 28.46 51.39
CA LEU B 578 -57.88 29.59 51.11
C LEU B 578 -59.06 29.62 52.08
N PHE B 579 -59.42 28.47 52.63
CA PHE B 579 -60.48 28.42 53.63
C PHE B 579 -60.00 28.96 54.98
N VAL B 580 -58.75 28.67 55.34
CA VAL B 580 -58.23 29.08 56.64
C VAL B 580 -57.98 30.59 56.66
N ILE B 581 -57.45 31.14 55.56
CA ILE B 581 -57.12 32.56 55.51
C ILE B 581 -58.38 33.42 55.48
N ALA B 582 -59.39 33.02 54.70
CA ALA B 582 -60.59 33.83 54.52
C ALA B 582 -61.43 33.89 55.80
N ARG B 583 -61.40 32.82 56.59
CA ARG B 583 -62.11 32.84 57.87
C ARG B 583 -61.32 33.62 58.92
N PHE B 584 -60.01 33.74 58.74
CA PHE B 584 -59.18 34.41 59.73
C PHE B 584 -58.81 35.83 59.29
N SER B 585 -59.34 36.27 58.16
CA SER B 585 -59.07 37.62 57.69
C SER B 585 -60.19 38.54 58.14
N PRO B 586 -59.86 39.78 58.52
CA PRO B 586 -60.91 40.73 58.92
C PRO B 586 -61.60 41.44 57.76
N TYR B 587 -61.01 41.42 56.57
CA TYR B 587 -61.56 42.14 55.42
C TYR B 587 -62.30 41.24 54.46
N GLU B 588 -62.65 40.01 54.87
CA GLU B 588 -63.45 39.11 54.07
C GLU B 588 -64.85 38.95 54.66
N TRP B 589 -65.41 40.03 55.20
CA TRP B 589 -66.68 39.95 55.92
C TRP B 589 -67.69 40.90 55.31
N TYR B 590 -68.76 40.33 54.75
CA TYR B 590 -69.78 41.10 54.05
C TYR B 590 -71.03 41.23 54.91
N ASN B 591 -72.07 41.80 54.31
CA ASN B 591 -73.42 41.73 54.86
C ASN B 591 -74.37 41.14 53.80
N PRO B 592 -75.37 40.35 54.22
CA PRO B 592 -76.24 39.70 53.24
C PRO B 592 -77.16 40.65 52.48
N HIS B 593 -77.86 41.51 53.21
CA HIS B 593 -78.82 42.43 52.59
C HIS B 593 -78.68 43.81 53.23
N PRO B 594 -78.05 44.77 52.53
CA PRO B 594 -77.71 46.04 53.19
C PRO B 594 -78.85 47.06 53.22
N CYS B 595 -80.06 46.65 53.61
CA CYS B 595 -81.08 47.62 53.96
C CYS B 595 -80.93 48.10 55.39
N ASN B 596 -80.48 47.22 56.28
CA ASN B 596 -80.16 47.59 57.66
C ASN B 596 -78.66 47.44 57.83
N PRO B 597 -77.89 48.53 57.70
CA PRO B 597 -76.42 48.41 57.84
C PRO B 597 -75.95 48.29 59.27
N ASP B 598 -76.29 47.21 59.97
CA ASP B 598 -75.89 47.01 61.35
C ASP B 598 -74.95 45.82 61.46
N SER B 599 -74.54 45.50 62.69
CA SER B 599 -73.64 44.37 62.94
C SER B 599 -74.49 43.14 63.24
N ASP B 600 -73.88 42.04 63.70
CA ASP B 600 -74.52 40.77 64.08
C ASP B 600 -75.28 40.10 62.95
N VAL B 601 -75.06 40.51 61.71
CA VAL B 601 -75.57 39.82 60.52
C VAL B 601 -74.38 39.56 59.62
N VAL B 602 -73.21 40.04 60.04
CA VAL B 602 -71.98 39.97 59.29
C VAL B 602 -71.51 38.52 59.14
N GLU B 603 -71.37 38.07 57.91
CA GLU B 603 -71.05 36.67 57.62
C GLU B 603 -70.02 36.59 56.50
N ASN B 604 -69.48 35.40 56.29
CA ASN B 604 -68.49 35.16 55.24
C ASN B 604 -69.01 34.10 54.28
N ASN B 605 -68.65 34.25 53.00
CA ASN B 605 -69.15 33.36 51.96
C ASN B 605 -68.29 32.12 51.76
N PHE B 606 -67.06 32.13 52.27
CA PHE B 606 -66.14 31.02 52.02
C PHE B 606 -66.37 29.88 53.01
N THR B 607 -67.24 28.95 52.65
CA THR B 607 -67.45 27.75 53.42
C THR B 607 -66.44 26.69 52.97
N LEU B 608 -66.49 25.53 53.60
CA LEU B 608 -65.55 24.46 53.26
C LEU B 608 -65.89 23.85 51.90
N LEU B 609 -67.19 23.78 51.58
CA LEU B 609 -67.58 23.28 50.27
C LEU B 609 -67.30 24.32 49.18
N ASN B 610 -67.47 25.60 49.51
CA ASN B 610 -67.21 26.66 48.53
C ASN B 610 -65.72 26.82 48.26
N SER B 611 -64.88 26.64 49.29
CA SER B 611 -63.44 26.73 49.11
C SER B 611 -62.92 25.57 48.27
N PHE B 612 -63.54 24.39 48.42
CA PHE B 612 -63.24 23.28 47.52
C PHE B 612 -63.74 23.57 46.11
N TRP B 613 -64.82 24.33 46.00
CA TRP B 613 -65.41 24.62 44.70
C TRP B 613 -64.61 25.68 43.94
N PHE B 614 -63.93 26.55 44.67
CA PHE B 614 -63.07 27.52 43.99
C PHE B 614 -61.80 26.86 43.47
N GLY B 615 -61.34 25.82 44.14
CA GLY B 615 -60.16 25.11 43.67
C GLY B 615 -60.43 24.31 42.41
N VAL B 616 -61.57 23.62 42.37
CA VAL B 616 -61.94 22.86 41.18
C VAL B 616 -62.43 23.80 40.08
N GLY B 617 -63.16 24.85 40.46
CA GLY B 617 -63.75 25.74 39.47
C GLY B 617 -62.73 26.61 38.74
N ALA B 618 -61.59 26.86 39.38
CA ALA B 618 -60.54 27.64 38.72
C ALA B 618 -59.61 26.72 37.94
N LEU B 619 -59.54 25.45 38.32
CA LEU B 619 -58.66 24.51 37.64
C LEU B 619 -59.20 24.13 36.27
N MET B 620 -60.52 24.26 36.07
CA MET B 620 -61.16 23.79 34.85
C MET B 620 -61.47 24.92 33.88
N GLN B 621 -60.85 26.09 34.09
CA GLN B 621 -60.97 27.29 33.26
C GLN B 621 -62.40 27.82 33.14
N GLN B 622 -63.28 27.45 34.05
CA GLN B 622 -64.68 27.89 33.99
C GLN B 622 -64.96 28.95 35.03
N GLY B 623 -64.12 29.05 36.05
CA GLY B 623 -64.32 30.00 37.11
C GLY B 623 -65.47 29.61 38.02
N SER B 624 -65.82 30.54 38.92
CA SER B 624 -66.95 30.35 39.83
C SER B 624 -67.44 31.72 40.26
N GLU B 625 -68.26 31.75 41.31
CA GLU B 625 -68.67 33.03 41.88
C GLU B 625 -68.33 33.03 43.37
N LEU B 626 -67.07 33.32 43.69
CA LEU B 626 -66.71 33.73 45.04
C LEU B 626 -66.04 35.08 45.02
N MET B 627 -65.01 35.23 44.15
CA MET B 627 -64.25 36.44 43.88
C MET B 627 -63.70 37.08 45.15
N PRO B 628 -62.60 36.54 45.70
CA PRO B 628 -62.07 37.01 46.99
C PRO B 628 -61.72 38.50 47.04
N LYS B 629 -61.87 39.10 48.21
CA LYS B 629 -61.85 40.55 48.35
C LYS B 629 -60.54 41.10 48.88
N ALA B 630 -60.05 40.59 50.00
CA ALA B 630 -58.86 41.13 50.63
C ALA B 630 -57.60 40.68 49.90
N LEU B 631 -56.49 41.35 50.21
CA LEU B 631 -55.22 41.00 49.59
C LEU B 631 -54.68 39.68 50.13
N SER B 632 -55.16 39.27 51.31
CA SER B 632 -54.70 38.03 51.92
C SER B 632 -55.25 36.81 51.17
N THR B 633 -56.34 37.00 50.43
CA THR B 633 -56.95 35.89 49.70
C THR B 633 -56.78 36.02 48.19
N ARG B 634 -56.53 37.23 47.70
CA ARG B 634 -56.36 37.42 46.26
C ARG B 634 -54.98 36.96 45.80
N ILE B 635 -54.02 36.83 46.71
CA ILE B 635 -52.73 36.25 46.35
C ILE B 635 -52.88 34.75 46.13
N VAL B 636 -53.72 34.11 46.94
CA VAL B 636 -54.04 32.69 46.75
C VAL B 636 -54.82 32.50 45.46
N GLY B 637 -55.78 33.39 45.20
CA GLY B 637 -56.53 33.32 43.95
C GLY B 637 -55.72 33.81 42.77
N GLY B 638 -54.61 34.50 43.03
CA GLY B 638 -53.78 34.99 41.93
C GLY B 638 -52.71 34.01 41.51
N ILE B 639 -52.21 33.21 42.45
CA ILE B 639 -51.16 32.26 42.12
C ILE B 639 -51.77 30.93 41.66
N TRP B 640 -53.01 30.65 42.06
CA TRP B 640 -53.66 29.43 41.61
C TRP B 640 -54.14 29.57 40.17
N TRP B 641 -54.40 30.81 39.75
CA TRP B 641 -54.77 31.04 38.35
C TRP B 641 -53.55 30.98 37.44
N PHE B 642 -52.38 31.39 37.94
CA PHE B 642 -51.16 31.21 37.17
C PHE B 642 -50.73 29.76 37.16
N PHE B 643 -51.10 29.02 38.21
CA PHE B 643 -50.77 27.60 38.25
C PHE B 643 -51.61 26.81 37.26
N THR B 644 -52.85 27.23 37.02
CA THR B 644 -53.74 26.40 36.22
C THR B 644 -53.62 26.70 34.73
N LEU B 645 -52.84 27.72 34.37
CA LEU B 645 -52.50 27.89 32.96
C LEU B 645 -51.33 27.00 32.57
N ILE B 646 -50.32 26.92 33.43
CA ILE B 646 -49.08 26.22 33.09
C ILE B 646 -49.31 24.71 33.09
N ILE B 647 -50.32 24.26 33.84
CA ILE B 647 -50.70 22.85 33.76
C ILE B 647 -51.42 22.56 32.45
N ILE B 648 -52.39 23.41 32.09
CA ILE B 648 -53.23 23.12 30.93
C ILE B 648 -52.49 23.45 29.64
N SER B 649 -51.67 24.49 29.63
CA SER B 649 -50.92 24.81 28.41
C SER B 649 -49.68 23.93 28.26
N SER B 650 -49.42 23.06 29.23
CA SER B 650 -48.43 22.01 29.02
C SER B 650 -49.10 20.68 28.75
N TYR B 651 -50.41 20.59 29.01
CA TYR B 651 -51.15 19.41 28.62
C TYR B 651 -51.54 19.47 27.16
N THR B 652 -51.93 20.65 26.68
CA THR B 652 -52.26 20.83 25.28
C THR B 652 -51.00 20.75 24.42
N ALA B 653 -49.89 21.25 24.94
CA ALA B 653 -48.65 21.26 24.17
C ALA B 653 -48.04 19.87 24.07
N ASN B 654 -48.11 19.08 25.14
CA ASN B 654 -47.53 17.75 25.10
C ASN B 654 -48.41 16.79 24.31
N LEU B 655 -49.73 16.97 24.36
CA LEU B 655 -50.62 16.13 23.57
C LEU B 655 -50.54 16.51 22.09
N ALA B 656 -50.10 17.74 21.80
CA ALA B 656 -49.82 18.11 20.42
C ALA B 656 -48.41 17.69 20.02
N ALA B 657 -47.71 16.96 20.90
CA ALA B 657 -46.43 16.39 20.53
C ALA B 657 -46.54 14.88 20.36
N PHE B 658 -47.52 14.26 21.04
CA PHE B 658 -47.80 12.85 20.82
C PHE B 658 -48.42 12.63 19.45
N LEU B 659 -49.38 13.48 19.09
CA LEU B 659 -50.20 13.20 17.92
C LEU B 659 -49.51 13.60 16.62
N THR B 660 -48.32 14.21 16.72
CA THR B 660 -47.61 14.58 15.50
C THR B 660 -46.36 13.72 15.28
N VAL B 661 -45.88 13.06 16.34
CA VAL B 661 -44.69 12.22 16.29
C VAL B 661 -45.05 10.99 17.12
N GLU B 662 -45.20 9.85 16.43
CA GLU B 662 -45.62 8.61 17.10
C GLU B 662 -44.44 7.65 17.15
N ARG B 663 -43.92 7.42 18.35
CA ARG B 663 -42.90 6.40 18.60
C ARG B 663 -43.61 5.17 19.14
N MET B 664 -43.73 4.15 18.30
CA MET B 664 -44.39 2.90 18.70
C MET B 664 -43.48 2.13 19.63
N GLU B 665 -43.82 2.10 20.92
CA GLU B 665 -43.04 1.36 21.90
C GLU B 665 -43.47 -0.10 21.92
N SER B 666 -42.61 -0.93 22.51
CA SER B 666 -42.92 -2.32 22.80
C SER B 666 -43.32 -2.45 24.26
N PRO B 667 -44.22 -3.40 24.60
CA PRO B 667 -44.61 -3.58 26.00
C PRO B 667 -43.47 -4.12 26.86
N ILE B 668 -42.65 -5.00 26.28
CA ILE B 668 -41.57 -5.64 27.00
C ILE B 668 -40.26 -5.41 26.27
N ASP B 669 -39.14 -5.49 27.01
CA ASP B 669 -37.83 -5.26 26.43
C ASP B 669 -36.90 -6.39 26.83
N SER B 670 -37.30 -7.18 27.81
CA SER B 670 -36.43 -8.23 28.34
C SER B 670 -37.28 -9.35 28.91
N ALA B 671 -36.60 -10.42 29.33
CA ALA B 671 -37.29 -11.48 30.04
C ALA B 671 -37.70 -11.05 31.45
N ASP B 672 -37.02 -10.06 32.02
CA ASP B 672 -37.38 -9.54 33.35
C ASP B 672 -38.72 -8.83 33.32
N ASP B 673 -38.98 -8.06 32.26
CA ASP B 673 -40.27 -7.40 32.12
C ASP B 673 -41.35 -8.41 31.74
N LEU B 674 -40.95 -9.55 31.18
CA LEU B 674 -41.91 -10.56 30.76
C LEU B 674 -42.03 -11.67 31.80
N ALA B 675 -41.20 -11.61 32.86
CA ALA B 675 -41.32 -12.56 33.96
C ALA B 675 -42.53 -12.24 34.83
N LYS B 676 -43.01 -11.00 34.79
CA LYS B 676 -44.08 -10.56 35.69
C LYS B 676 -45.45 -10.74 35.05
N GLN B 677 -45.62 -10.21 33.84
CA GLN B 677 -46.92 -10.22 33.16
C GLN B 677 -47.25 -11.63 32.67
N THR B 678 -48.15 -12.31 33.38
CA THR B 678 -48.61 -13.63 32.96
C THR B 678 -49.76 -13.55 31.97
N LYS B 679 -50.18 -12.34 31.60
CA LYS B 679 -51.15 -12.15 30.52
C LYS B 679 -50.57 -12.57 29.18
N ILE B 680 -49.40 -12.05 28.82
CA ILE B 680 -48.69 -12.50 27.64
C ILE B 680 -48.10 -13.86 27.94
N GLU B 681 -48.44 -14.86 27.15
CA GLU B 681 -48.09 -16.24 27.45
C GLU B 681 -46.65 -16.55 27.07
N TYR B 682 -46.02 -17.42 27.84
CA TYR B 682 -44.66 -17.90 27.59
C TYR B 682 -44.71 -19.00 26.54
N GLY B 683 -43.60 -19.65 26.25
CA GLY B 683 -43.60 -20.74 25.30
C GLY B 683 -42.23 -21.36 25.15
N ALA B 684 -42.22 -22.60 24.65
CA ALA B 684 -40.99 -23.35 24.43
C ALA B 684 -41.21 -24.52 23.47
N VAL B 685 -40.13 -25.03 22.90
CA VAL B 685 -40.16 -26.28 22.16
C VAL B 685 -40.36 -27.38 23.20
N GLU B 686 -41.26 -28.33 22.91
CA GLU B 686 -41.54 -29.40 23.85
C GLU B 686 -40.35 -30.35 23.99
N ASP B 687 -39.70 -30.28 25.16
CA ASP B 687 -38.54 -31.08 25.56
C ASP B 687 -37.37 -30.94 24.59
N GLY B 688 -37.13 -29.72 24.13
CA GLY B 688 -35.98 -29.45 23.29
C GLY B 688 -34.79 -29.02 24.14
N ALA B 689 -34.00 -28.09 23.61
CA ALA B 689 -32.88 -27.55 24.36
C ALA B 689 -33.30 -26.32 25.16
N THR B 690 -34.36 -25.64 24.75
CA THR B 690 -34.82 -24.47 25.47
C THR B 690 -35.60 -24.86 26.72
N MET B 691 -36.47 -25.87 26.60
CA MET B 691 -37.25 -26.34 27.73
C MET B 691 -36.37 -27.03 28.77
N THR B 692 -35.26 -27.62 28.33
CA THR B 692 -34.33 -28.27 29.24
C THR B 692 -33.59 -27.24 30.09
N PHE B 693 -33.38 -26.04 29.53
CA PHE B 693 -32.62 -25.00 30.24
C PHE B 693 -33.42 -24.43 31.41
N PHE B 694 -34.70 -24.13 31.19
CA PHE B 694 -35.51 -23.54 32.26
C PHE B 694 -35.87 -24.54 33.34
N LYS B 695 -35.79 -25.83 33.04
CA LYS B 695 -36.12 -26.85 34.03
C LYS B 695 -34.97 -27.02 35.03
N LYS B 696 -33.75 -26.74 34.60
CA LYS B 696 -32.59 -27.00 35.46
C LYS B 696 -32.03 -25.71 36.04
N SER B 697 -32.54 -24.56 35.61
CA SER B 697 -31.98 -23.27 36.05
C SER B 697 -32.40 -22.96 37.48
N LYS B 698 -31.58 -22.16 38.15
CA LYS B 698 -31.85 -21.76 39.53
C LYS B 698 -31.92 -20.25 39.69
N ILE B 699 -31.87 -19.49 38.59
CA ILE B 699 -31.94 -18.03 38.62
C ILE B 699 -33.38 -17.63 38.95
N SER B 700 -33.54 -16.54 39.72
CA SER B 700 -34.83 -16.12 40.23
C SER B 700 -35.83 -15.76 39.13
N THR B 701 -35.34 -15.17 38.05
CA THR B 701 -36.21 -14.84 36.92
C THR B 701 -36.61 -16.11 36.17
N TYR B 702 -35.65 -16.98 35.92
CA TYR B 702 -35.87 -18.07 34.98
C TYR B 702 -36.58 -19.24 35.63
N ASP B 703 -36.59 -19.29 36.97
CA ASP B 703 -37.37 -20.32 37.66
C ASP B 703 -38.84 -19.93 37.71
N LYS B 704 -39.13 -18.63 37.78
CA LYS B 704 -40.52 -18.17 37.72
C LYS B 704 -41.10 -18.35 36.33
N MET B 705 -40.26 -18.32 35.29
CA MET B 705 -40.72 -18.59 33.94
C MET B 705 -41.04 -20.07 33.76
N TRP B 706 -40.39 -20.93 34.56
CA TRP B 706 -40.70 -22.36 34.49
C TRP B 706 -41.94 -22.69 35.31
N ALA B 707 -42.31 -21.81 36.26
CA ALA B 707 -43.49 -22.02 37.08
C ALA B 707 -44.77 -21.87 36.25
N PHE B 708 -44.70 -21.05 35.20
CA PHE B 708 -45.83 -20.95 34.27
C PHE B 708 -45.92 -22.19 33.40
N MET B 709 -44.81 -22.58 32.78
CA MET B 709 -44.81 -23.63 31.77
C MET B 709 -45.07 -25.01 32.38
N SER B 710 -44.73 -25.18 33.67
CA SER B 710 -45.07 -26.43 34.35
C SER B 710 -46.57 -26.51 34.61
N SER B 711 -47.22 -25.36 34.81
CA SER B 711 -48.64 -25.32 35.10
C SER B 711 -49.47 -25.26 33.82
N ARG B 712 -48.85 -24.89 32.70
CA ARG B 712 -49.58 -24.67 31.46
C ARG B 712 -49.07 -25.60 30.36
N ARG B 713 -48.80 -26.86 30.70
CA ARG B 713 -48.36 -27.82 29.69
C ARG B 713 -49.55 -28.18 28.80
N GLN B 714 -49.28 -28.41 27.52
CA GLN B 714 -50.25 -28.58 26.42
C GLN B 714 -51.15 -27.37 26.25
N SER B 715 -50.72 -26.20 26.74
CA SER B 715 -51.43 -24.95 26.50
C SER B 715 -50.53 -23.93 25.83
N VAL B 716 -49.31 -23.76 26.34
CA VAL B 716 -48.35 -22.81 25.79
C VAL B 716 -47.12 -23.57 25.33
N LEU B 717 -47.10 -24.88 25.59
CA LEU B 717 -45.96 -25.72 25.19
C LEU B 717 -46.21 -26.33 23.82
N VAL B 718 -45.77 -25.65 22.76
CA VAL B 718 -45.92 -26.17 21.41
C VAL B 718 -44.79 -27.16 21.18
N LYS B 719 -44.94 -28.03 20.18
CA LYS B 719 -44.02 -29.14 19.95
C LYS B 719 -43.17 -28.94 18.71
N SER B 720 -43.32 -27.80 18.03
CA SER B 720 -42.56 -27.54 16.81
C SER B 720 -42.36 -26.04 16.61
N ASN B 721 -41.33 -25.69 15.84
CA ASN B 721 -41.05 -24.28 15.59
C ASN B 721 -42.02 -23.67 14.59
N GLU B 722 -42.47 -24.47 13.62
CA GLU B 722 -43.39 -23.96 12.61
C GLU B 722 -44.77 -23.70 13.19
N GLU B 723 -45.16 -24.48 14.20
CA GLU B 723 -46.43 -24.24 14.87
C GLU B 723 -46.25 -23.21 15.98
N GLY B 724 -45.01 -22.93 16.36
CA GLY B 724 -44.76 -21.92 17.39
C GLY B 724 -44.74 -20.52 16.83
N ILE B 725 -44.16 -20.35 15.63
CA ILE B 725 -44.18 -19.05 14.96
C ILE B 725 -45.60 -18.70 14.53
N GLN B 726 -46.36 -19.72 14.12
CA GLN B 726 -47.76 -19.53 13.77
C GLN B 726 -48.60 -19.14 14.99
N ARG B 727 -48.22 -19.65 16.17
CA ARG B 727 -48.96 -19.32 17.38
C ARG B 727 -48.69 -17.88 17.82
N VAL B 728 -47.50 -17.37 17.54
CA VAL B 728 -47.25 -15.94 17.68
C VAL B 728 -48.06 -15.17 16.64
N LEU B 729 -48.21 -15.76 15.45
CA LEU B 729 -48.92 -15.10 14.36
C LEU B 729 -50.43 -15.07 14.61
N THR B 730 -50.94 -15.93 15.49
CA THR B 730 -52.35 -15.88 15.88
C THR B 730 -52.57 -15.05 17.14
N SER B 731 -51.96 -15.44 18.26
CA SER B 731 -52.26 -14.82 19.55
C SER B 731 -51.05 -14.10 20.13
N ASP B 732 -51.20 -13.56 21.33
CA ASP B 732 -50.12 -12.87 22.03
C ASP B 732 -49.17 -13.90 22.65
N TYR B 733 -48.30 -14.46 21.81
CA TYR B 733 -47.43 -15.56 22.20
C TYR B 733 -45.98 -15.10 22.10
N ALA B 734 -45.17 -15.51 23.07
CA ALA B 734 -43.84 -14.94 23.29
C ALA B 734 -42.80 -16.05 23.27
N PHE B 735 -42.80 -16.82 22.18
CA PHE B 735 -42.07 -18.07 22.02
C PHE B 735 -40.56 -17.89 22.24
N LEU B 736 -39.98 -18.84 22.97
CA LEU B 736 -38.57 -18.84 23.36
C LEU B 736 -37.84 -19.88 22.53
N MET B 737 -36.78 -19.46 21.83
CA MET B 737 -36.01 -20.37 20.99
C MET B 737 -34.62 -19.78 20.75
N GLU B 738 -33.84 -20.48 19.93
CA GLU B 738 -32.45 -20.11 19.71
C GLU B 738 -32.34 -18.83 18.89
N SER B 739 -31.23 -18.11 19.09
CA SER B 739 -31.14 -16.74 18.58
C SER B 739 -30.85 -16.71 17.08
N THR B 740 -30.23 -17.75 16.54
CA THR B 740 -29.85 -17.74 15.13
C THR B 740 -31.08 -17.92 14.24
N THR B 741 -32.03 -18.74 14.67
CA THR B 741 -33.22 -18.97 13.86
C THR B 741 -34.15 -17.76 13.93
N ILE B 742 -34.12 -17.02 15.04
CA ILE B 742 -34.89 -15.78 15.14
C ILE B 742 -34.32 -14.74 14.17
N GLU B 743 -33.00 -14.74 13.99
CA GLU B 743 -32.38 -13.84 13.03
C GLU B 743 -32.67 -14.26 11.59
N PHE B 744 -33.15 -15.49 11.39
CA PHE B 744 -33.56 -15.91 10.07
C PHE B 744 -35.04 -15.60 9.82
N VAL B 745 -35.87 -15.74 10.85
CA VAL B 745 -37.31 -15.55 10.68
C VAL B 745 -37.65 -14.07 10.60
N THR B 746 -36.97 -13.24 11.39
CA THR B 746 -37.26 -11.81 11.42
C THR B 746 -36.86 -11.12 10.12
N GLN B 747 -35.80 -11.62 9.47
CA GLN B 747 -35.40 -11.07 8.18
C GLN B 747 -36.29 -11.56 7.05
N ARG B 748 -37.11 -12.59 7.29
CA ARG B 748 -38.03 -13.08 6.26
C ARG B 748 -39.48 -12.79 6.62
N ASN B 749 -39.72 -12.22 7.80
CA ASN B 749 -41.08 -11.85 8.21
C ASN B 749 -41.05 -10.48 8.87
N CYS B 750 -41.75 -9.52 8.28
CA CYS B 750 -41.73 -8.15 8.76
C CYS B 750 -42.85 -7.88 9.78
N ASN B 751 -43.43 -8.94 10.32
CA ASN B 751 -44.39 -8.86 11.42
C ASN B 751 -43.85 -9.49 12.70
N LEU B 752 -42.54 -9.68 12.78
CA LEU B 752 -41.89 -10.29 13.94
C LEU B 752 -40.63 -9.51 14.28
N THR B 753 -40.14 -9.71 15.50
CA THR B 753 -38.93 -9.02 15.96
C THR B 753 -38.25 -9.85 17.05
N GLN B 754 -37.00 -9.52 17.36
CA GLN B 754 -36.25 -10.13 18.45
C GLN B 754 -36.11 -9.12 19.59
N ILE B 755 -36.94 -9.28 20.63
CA ILE B 755 -36.84 -8.39 21.77
C ILE B 755 -36.00 -9.08 22.84
N GLY B 756 -35.18 -8.32 23.53
CA GLY B 756 -34.29 -8.89 24.53
C GLY B 756 -32.97 -9.28 23.90
N GLY B 757 -31.97 -9.51 24.76
CA GLY B 757 -30.66 -9.93 24.31
C GLY B 757 -30.56 -11.43 24.23
N LEU B 758 -29.54 -11.98 24.89
CA LEU B 758 -29.34 -13.43 24.95
C LEU B 758 -29.56 -13.89 26.38
N ILE B 759 -30.16 -15.07 26.53
CA ILE B 759 -30.37 -15.68 27.84
C ILE B 759 -29.22 -16.63 28.17
N ASP B 760 -29.00 -17.63 27.33
CA ASP B 760 -27.91 -18.57 27.51
C ASP B 760 -26.77 -18.17 26.58
N SER B 761 -25.62 -18.84 26.62
CA SER B 761 -24.56 -18.57 25.66
C SER B 761 -23.85 -19.87 25.32
N LYS B 762 -24.30 -20.53 24.25
CA LYS B 762 -23.69 -21.75 23.79
C LYS B 762 -23.17 -21.55 22.37
N GLY B 763 -22.64 -22.60 21.76
CA GLY B 763 -22.11 -22.50 20.42
C GLY B 763 -22.19 -23.78 19.62
N TYR B 764 -22.34 -23.62 18.31
CA TYR B 764 -22.27 -24.75 17.38
C TYR B 764 -20.83 -25.17 17.21
N GLY B 765 -20.59 -26.36 16.67
CA GLY B 765 -19.23 -26.85 16.53
C GLY B 765 -19.12 -27.99 15.54
N VAL B 766 -18.00 -28.04 14.82
CA VAL B 766 -17.71 -29.12 13.90
C VAL B 766 -17.32 -30.35 14.70
N GLY B 767 -18.17 -31.37 14.67
CA GLY B 767 -17.94 -32.57 15.45
C GLY B 767 -16.90 -33.49 14.87
N THR B 768 -16.04 -34.05 15.73
CA THR B 768 -15.02 -35.02 15.36
C THR B 768 -15.20 -36.24 16.24
N PRO B 769 -14.68 -37.41 15.85
CA PRO B 769 -14.70 -38.57 16.76
C PRO B 769 -13.79 -38.36 17.96
N MET B 770 -13.95 -39.22 18.96
CA MET B 770 -13.29 -39.08 20.25
C MET B 770 -11.78 -39.28 20.13
N GLY B 771 -11.02 -38.20 20.31
CA GLY B 771 -9.58 -38.25 20.20
C GLY B 771 -9.07 -38.21 18.78
N SER B 772 -9.57 -37.31 17.96
CA SER B 772 -9.21 -37.27 16.56
C SER B 772 -8.12 -36.25 16.30
N PRO B 773 -7.19 -36.51 15.39
CA PRO B 773 -6.13 -35.53 15.10
C PRO B 773 -6.62 -34.35 14.29
N TYR B 774 -7.71 -34.51 13.55
CA TYR B 774 -8.15 -33.45 12.65
C TYR B 774 -9.14 -32.52 13.33
N ARG B 775 -9.38 -32.72 14.62
CA ARG B 775 -10.02 -31.72 15.45
C ARG B 775 -9.16 -30.47 15.57
N ASP B 776 -7.85 -30.66 15.66
CA ASP B 776 -6.94 -29.54 15.90
C ASP B 776 -6.74 -28.73 14.63
N LYS B 777 -6.79 -29.36 13.47
CA LYS B 777 -6.56 -28.62 12.23
C LYS B 777 -7.77 -27.77 11.85
N ILE B 778 -8.97 -28.24 12.18
CA ILE B 778 -10.17 -27.44 11.99
C ILE B 778 -10.22 -26.30 13.00
N THR B 779 -9.70 -26.55 14.22
CA THR B 779 -9.57 -25.54 15.25
C THR B 779 -8.69 -24.37 14.77
N ILE B 780 -7.60 -24.69 14.07
CA ILE B 780 -6.76 -23.65 13.48
C ILE B 780 -7.47 -23.02 12.28
N ALA B 781 -8.28 -23.80 11.57
CA ALA B 781 -8.88 -23.32 10.32
C ALA B 781 -10.02 -22.33 10.58
N ILE B 782 -10.86 -22.60 11.58
CA ILE B 782 -12.02 -21.75 11.85
C ILE B 782 -11.58 -20.36 12.32
N LEU B 783 -10.55 -20.31 13.15
CA LEU B 783 -10.06 -19.03 13.66
C LEU B 783 -9.38 -18.21 12.58
N GLN B 784 -8.89 -18.86 11.53
CA GLN B 784 -8.34 -18.12 10.39
C GLN B 784 -9.44 -17.43 9.61
N LEU B 785 -10.60 -18.07 9.48
CA LEU B 785 -11.68 -17.51 8.68
C LEU B 785 -12.50 -16.48 9.45
N GLN B 786 -12.36 -16.45 10.78
CA GLN B 786 -13.08 -15.45 11.56
C GLN B 786 -12.36 -14.10 11.51
N GLU B 787 -11.04 -14.11 11.39
CA GLU B 787 -10.29 -12.87 11.37
C GLU B 787 -10.36 -12.18 10.02
N GLU B 788 -10.30 -12.96 8.94
CA GLU B 788 -10.42 -12.39 7.61
C GLU B 788 -11.86 -12.23 7.17
N GLY B 789 -12.82 -12.56 8.03
CA GLY B 789 -14.22 -12.26 7.80
C GLY B 789 -14.91 -13.13 6.78
N LYS B 790 -14.55 -14.42 6.67
CA LYS B 790 -15.25 -15.29 5.75
C LYS B 790 -16.62 -15.68 6.28
N LEU B 791 -16.73 -15.94 7.59
CA LEU B 791 -18.00 -16.38 8.16
C LEU B 791 -19.02 -15.26 8.23
N HIS B 792 -18.57 -14.01 8.44
CA HIS B 792 -19.51 -12.91 8.52
C HIS B 792 -20.04 -12.54 7.14
N MET B 793 -19.28 -12.86 6.09
CA MET B 793 -19.80 -12.67 4.74
C MET B 793 -20.76 -13.79 4.37
N MET B 794 -20.69 -14.92 5.08
CA MET B 794 -21.62 -16.01 4.84
C MET B 794 -22.85 -15.88 5.71
N LYS B 795 -22.68 -15.35 6.91
CA LYS B 795 -23.82 -15.14 7.81
C LYS B 795 -24.71 -14.01 7.30
N GLU B 796 -24.12 -13.04 6.59
CA GLU B 796 -24.91 -11.98 5.97
C GLU B 796 -25.49 -12.44 4.63
N LYS B 797 -25.04 -13.59 4.13
CA LYS B 797 -25.51 -14.06 2.84
C LYS B 797 -26.75 -14.94 3.00
N TRP B 798 -26.83 -15.69 4.09
CA TRP B 798 -27.92 -16.63 4.29
C TRP B 798 -29.01 -16.10 5.22
N TRP B 799 -28.64 -15.49 6.35
CA TRP B 799 -29.62 -14.96 7.28
C TRP B 799 -30.22 -13.65 6.82
N ARG B 800 -29.53 -12.92 5.94
CA ARG B 800 -30.19 -11.83 5.24
C ARG B 800 -30.70 -12.32 3.89
N GLY B 801 -31.12 -11.39 3.04
CA GLY B 801 -31.62 -11.73 1.73
C GLY B 801 -32.81 -10.89 1.34
N ASN B 802 -33.30 -10.12 2.29
CA ASN B 802 -34.44 -9.23 2.07
C ASN B 802 -34.33 -8.05 3.05
N GLY B 803 -33.97 -6.86 2.56
CA GLY B 803 -33.99 -5.67 3.38
C GLY B 803 -35.41 -5.26 3.71
N CYS B 804 -35.70 -5.23 5.02
CA CYS B 804 -37.06 -5.04 5.50
C CYS B 804 -37.44 -3.55 5.49
N PRO B 805 -38.73 -3.29 5.65
CA PRO B 805 -39.19 -1.92 5.91
C PRO B 805 -39.71 -1.72 7.32
N GLU B 806 -40.09 -0.48 7.63
CA GLU B 806 -41.44 -0.05 8.04
C GLU B 806 -41.41 1.47 8.13
N GLU B 807 -42.43 2.15 7.56
CA GLU B 807 -42.45 3.60 7.56
C GLU B 807 -43.84 4.15 7.88
N GLU B 808 -43.86 5.34 8.49
CA GLU B 808 -45.07 5.96 9.05
C GLU B 808 -44.87 7.47 8.93
N SER B 809 -45.46 8.24 9.86
CA SER B 809 -45.67 9.68 9.94
C SER B 809 -46.74 10.13 8.96
N LYS B 810 -47.84 9.38 8.93
CA LYS B 810 -49.07 9.86 8.33
C LYS B 810 -49.87 10.60 9.40
N GLU B 811 -51.09 11.04 9.06
CA GLU B 811 -51.89 11.86 9.96
C GLU B 811 -52.40 11.08 11.16
N ALA B 812 -52.81 11.78 12.22
CA ALA B 812 -53.31 11.15 13.43
C ALA B 812 -54.69 10.54 13.20
N SER B 813 -55.39 11.04 12.17
CA SER B 813 -56.56 10.41 11.58
C SER B 813 -57.73 10.21 12.53
N ALA B 814 -58.35 11.32 12.97
CA ALA B 814 -59.66 11.32 13.63
C ALA B 814 -59.68 10.53 14.94
N LEU B 815 -59.09 11.11 16.00
CA LEU B 815 -59.22 10.63 17.38
C LEU B 815 -60.64 10.18 17.70
N GLY B 816 -60.73 8.92 18.10
CA GLY B 816 -61.99 8.21 18.25
C GLY B 816 -62.12 7.61 19.63
N VAL B 817 -63.07 6.68 19.75
CA VAL B 817 -63.41 6.04 21.01
C VAL B 817 -62.25 5.19 21.50
N GLN B 818 -61.47 4.64 20.57
CA GLN B 818 -60.27 3.89 20.94
C GLN B 818 -59.15 4.80 21.47
N ASN B 819 -59.24 6.11 21.25
CA ASN B 819 -58.19 7.03 21.65
C ASN B 819 -58.62 7.99 22.75
N ILE B 820 -59.90 8.30 22.87
CA ILE B 820 -60.34 9.33 23.80
C ILE B 820 -61.49 8.82 24.65
N GLY B 821 -62.01 7.63 24.35
CA GLY B 821 -63.25 7.13 24.93
C GLY B 821 -63.23 6.86 26.42
N GLY B 822 -62.08 6.98 27.07
CA GLY B 822 -62.03 6.86 28.51
C GLY B 822 -62.58 8.08 29.22
N ILE B 823 -62.73 9.19 28.50
CA ILE B 823 -63.29 10.39 29.11
C ILE B 823 -64.81 10.26 29.23
N PHE B 824 -65.41 9.36 28.45
CA PHE B 824 -66.85 9.13 28.55
C PHE B 824 -67.15 8.21 29.73
N ILE B 825 -66.20 7.34 30.09
CA ILE B 825 -66.38 6.45 31.22
C ILE B 825 -66.28 7.22 32.52
N VAL B 826 -65.33 8.15 32.61
CA VAL B 826 -65.18 8.95 33.82
C VAL B 826 -66.28 10.01 33.89
N LEU B 827 -66.88 10.35 32.74
CA LEU B 827 -68.05 11.22 32.76
C LEU B 827 -69.26 10.47 33.31
N ALA B 828 -69.43 9.21 32.88
CA ALA B 828 -70.56 8.42 33.35
C ALA B 828 -70.38 8.02 34.81
N ALA B 829 -69.12 7.89 35.25
CA ALA B 829 -68.87 7.55 36.65
C ALA B 829 -69.14 8.74 37.57
N GLY B 830 -69.09 9.95 37.03
CA GLY B 830 -69.44 11.12 37.83
C GLY B 830 -70.93 11.26 38.03
N LEU B 831 -71.71 10.92 37.02
CA LEU B 831 -73.17 11.03 37.12
C LEU B 831 -73.77 9.97 38.02
N VAL B 832 -73.19 8.76 38.02
CA VAL B 832 -73.66 7.70 38.90
C VAL B 832 -73.34 8.03 40.35
N LEU B 833 -72.17 8.65 40.59
CA LEU B 833 -71.80 9.03 41.95
C LEU B 833 -72.66 10.18 42.46
N SER B 834 -73.13 11.05 41.55
CA SER B 834 -73.90 12.21 41.97
C SER B 834 -75.32 11.84 42.38
N VAL B 835 -75.88 10.82 41.72
CA VAL B 835 -77.22 10.34 42.05
C VAL B 835 -77.19 9.65 43.42
N PHE B 836 -76.09 8.96 43.71
CA PHE B 836 -75.92 8.32 45.02
C PHE B 836 -75.73 9.36 46.11
N VAL B 837 -75.24 10.55 45.75
CA VAL B 837 -75.26 11.68 46.68
C VAL B 837 -76.65 12.31 46.72
N ALA B 838 -77.36 12.32 45.58
CA ALA B 838 -78.68 12.93 45.51
C ALA B 838 -79.70 12.17 46.34
N VAL B 839 -79.54 10.85 46.44
CA VAL B 839 -80.34 10.08 47.38
C VAL B 839 -79.87 10.33 48.80
N GLY B 840 -78.55 10.39 49.00
CA GLY B 840 -77.99 10.47 50.33
C GLY B 840 -78.13 11.83 50.98
N GLU B 841 -78.32 12.87 50.17
CA GLU B 841 -78.45 14.22 50.73
C GLU B 841 -79.90 14.56 50.98
N PHE B 842 -80.82 13.94 50.23
CA PHE B 842 -82.25 14.14 50.46
C PHE B 842 -82.68 13.46 51.76
N LEU B 843 -82.04 12.35 52.11
CA LEU B 843 -82.37 11.66 53.35
C LEU B 843 -81.79 12.39 54.55
N TYR B 844 -80.73 13.17 54.34
CA TYR B 844 -80.11 13.91 55.44
C TYR B 844 -80.97 15.09 55.87
N LYS B 845 -81.74 15.65 54.92
CA LYS B 845 -82.62 16.77 55.25
C LYS B 845 -83.89 16.27 55.94
N SER B 846 -84.42 15.13 55.50
CA SER B 846 -85.65 14.59 56.07
C SER B 846 -85.41 14.07 57.48
N LYS B 847 -84.17 13.67 57.78
CA LYS B 847 -83.82 13.28 59.15
C LYS B 847 -83.79 14.49 60.06
N LYS B 848 -83.45 15.66 59.50
CA LYS B 848 -83.38 16.88 60.29
C LYS B 848 -84.78 17.39 60.62
N ASN B 849 -85.78 17.06 59.79
CA ASN B 849 -87.15 17.50 60.03
C ASN B 849 -87.76 16.79 61.23
N ALA B 850 -87.28 15.60 61.54
CA ALA B 850 -87.77 14.84 62.69
C ALA B 850 -87.22 15.41 63.99
N THR C 33 76.69 -54.54 30.38
CA THR C 33 76.72 -53.22 31.00
C THR C 33 76.16 -52.20 30.01
N HIS C 34 77.04 -51.67 29.15
CA HIS C 34 76.71 -50.77 28.06
C HIS C 34 75.96 -49.54 28.58
N VAL C 35 76.64 -48.74 29.40
CA VAL C 35 76.04 -47.64 30.16
C VAL C 35 75.43 -46.59 29.23
N LEU C 36 74.19 -46.22 29.54
CA LEU C 36 73.41 -45.28 28.74
C LEU C 36 73.36 -43.95 29.47
N ARG C 37 73.40 -42.84 28.72
CA ARG C 37 73.49 -41.53 29.36
C ARG C 37 72.52 -40.55 28.72
N PHE C 38 71.50 -40.14 29.47
CA PHE C 38 70.50 -39.20 28.99
C PHE C 38 70.89 -37.77 29.35
N GLY C 39 70.92 -36.89 28.35
CA GLY C 39 71.15 -35.48 28.60
C GLY C 39 69.91 -34.79 29.11
N GLY C 40 70.11 -33.65 29.76
CA GLY C 40 69.00 -32.89 30.30
C GLY C 40 69.37 -31.44 30.51
N ILE C 41 68.50 -30.55 30.03
CA ILE C 41 68.69 -29.11 30.15
C ILE C 41 67.49 -28.54 30.90
N PHE C 42 67.74 -27.90 32.03
CA PHE C 42 66.66 -27.45 32.91
C PHE C 42 66.93 -26.03 33.40
N GLU C 43 65.95 -25.48 34.10
CA GLU C 43 65.98 -24.09 34.56
C GLU C 43 66.90 -23.92 35.75
N TYR C 44 67.67 -22.83 35.78
CA TYR C 44 68.52 -22.48 36.91
C TYR C 44 67.84 -21.37 37.70
N VAL C 45 67.30 -21.71 38.87
CA VAL C 45 66.43 -20.80 39.61
C VAL C 45 67.24 -20.15 40.75
N GLU C 46 68.26 -20.86 41.24
CA GLU C 46 69.31 -20.39 42.16
C GLU C 46 68.79 -20.06 43.57
N SER C 47 67.49 -20.12 43.80
CA SER C 47 66.93 -19.65 45.07
C SER C 47 66.70 -20.78 46.05
N GLY C 48 65.88 -21.77 45.66
CA GLY C 48 65.58 -22.87 46.54
C GLY C 48 66.03 -24.20 45.95
N PRO C 49 65.13 -25.19 45.97
CA PRO C 49 65.48 -26.50 45.40
C PRO C 49 65.46 -26.50 43.88
N MET C 50 65.65 -27.68 43.28
CA MET C 50 65.62 -27.84 41.84
C MET C 50 64.19 -27.71 41.32
N GLY C 51 64.04 -27.55 40.01
CA GLY C 51 62.75 -27.32 39.41
C GLY C 51 61.85 -28.55 39.46
N ALA C 52 60.57 -28.32 39.13
CA ALA C 52 59.59 -29.40 39.16
C ALA C 52 59.82 -30.40 38.04
N GLU C 53 60.41 -29.92 36.93
CA GLU C 53 60.70 -30.82 35.82
C GLU C 53 62.03 -31.53 36.04
N GLU C 54 62.93 -30.94 36.83
CA GLU C 54 64.22 -31.57 37.09
C GLU C 54 64.07 -32.71 38.11
N LEU C 55 63.15 -32.54 39.07
CA LEU C 55 62.81 -33.64 39.97
C LEU C 55 62.13 -34.78 39.21
N ALA C 56 61.39 -34.45 38.15
CA ALA C 56 60.74 -35.48 37.34
C ALA C 56 61.76 -36.30 36.57
N PHE C 57 62.90 -35.70 36.23
CA PHE C 57 63.92 -36.42 35.48
C PHE C 57 64.80 -37.24 36.41
N ARG C 58 64.97 -36.79 37.65
CA ARG C 58 65.78 -37.54 38.60
C ARG C 58 65.01 -38.71 39.19
N PHE C 59 63.70 -38.54 39.40
CA PHE C 59 62.89 -39.60 39.98
C PHE C 59 62.65 -40.71 38.98
N ALA C 60 62.66 -40.38 37.68
CA ALA C 60 62.35 -41.38 36.67
C ALA C 60 63.55 -42.28 36.40
N VAL C 61 64.76 -41.73 36.44
CA VAL C 61 65.96 -42.52 36.19
C VAL C 61 66.22 -43.46 37.35
N ASN C 62 65.99 -42.99 38.58
CA ASN C 62 66.17 -43.84 39.76
C ASN C 62 65.09 -44.91 39.84
N THR C 63 63.94 -44.68 39.20
CA THR C 63 62.90 -45.70 39.16
C THR C 63 63.27 -46.83 38.21
N ILE C 64 63.73 -46.47 37.00
CA ILE C 64 64.14 -47.46 36.00
C ILE C 64 65.36 -48.26 36.47
N ASN C 65 66.24 -47.62 37.24
CA ASN C 65 67.49 -48.27 37.66
C ASN C 65 67.25 -49.36 38.70
N ARG C 66 66.06 -49.42 39.30
CA ARG C 66 65.71 -50.50 40.21
C ARG C 66 64.61 -51.39 39.63
N ASN C 67 63.86 -50.87 38.66
CA ASN C 67 62.82 -51.64 38.01
C ASN C 67 63.42 -52.47 36.88
N ARG C 68 63.81 -53.72 37.16
CA ARG C 68 64.63 -54.50 36.24
C ARG C 68 63.87 -55.05 35.05
N THR C 69 62.57 -54.75 34.95
CA THR C 69 61.74 -55.27 33.87
C THR C 69 62.03 -54.59 32.54
N LEU C 70 62.02 -53.26 32.52
CA LEU C 70 62.04 -52.52 31.26
C LEU C 70 63.47 -52.16 30.86
N LEU C 71 64.37 -53.16 30.91
CA LEU C 71 65.75 -53.07 30.42
C LEU C 71 66.35 -54.47 30.29
N PRO C 72 66.92 -54.83 29.15
CA PRO C 72 67.68 -56.08 29.07
C PRO C 72 68.96 -56.03 29.89
N ASN C 73 69.87 -55.13 29.52
CA ASN C 73 71.09 -54.87 30.27
C ASN C 73 71.47 -53.39 30.23
N THR C 74 70.97 -52.57 31.16
CA THR C 74 71.21 -51.12 31.06
C THR C 74 71.09 -50.47 32.43
N THR C 75 72.13 -49.73 32.82
CA THR C 75 72.04 -48.80 33.93
C THR C 75 72.10 -47.37 33.42
N LEU C 76 71.13 -46.55 33.81
CA LEU C 76 70.98 -45.22 33.24
C LEU C 76 71.74 -44.20 34.07
N THR C 77 72.76 -43.60 33.48
CA THR C 77 73.39 -42.40 34.02
C THR C 77 72.76 -41.18 33.35
N TYR C 78 73.03 -40.00 33.90
CA TYR C 78 72.45 -38.79 33.35
C TYR C 78 73.32 -37.57 33.67
N ASP C 79 73.39 -36.64 32.72
CA ASP C 79 74.09 -35.37 32.92
C ASP C 79 73.07 -34.25 32.82
N THR C 80 72.95 -33.46 33.89
CA THR C 80 71.96 -32.39 33.94
C THR C 80 72.65 -31.04 33.98
N GLN C 81 72.38 -30.21 32.98
CA GLN C 81 72.91 -28.86 32.91
C GLN C 81 71.81 -27.84 33.16
N LYS C 82 72.10 -26.87 34.02
CA LYS C 82 71.15 -25.83 34.37
C LYS C 82 71.47 -24.55 33.61
N ILE C 83 70.51 -24.05 32.84
CA ILE C 83 70.69 -22.83 32.08
C ILE C 83 69.71 -21.79 32.60
N ASN C 84 69.97 -20.52 32.25
CA ASN C 84 68.96 -19.49 32.35
C ASN C 84 68.06 -19.52 31.12
N LEU C 85 66.75 -19.49 31.33
CA LEU C 85 65.82 -19.52 30.21
C LEU C 85 65.77 -18.17 29.52
N TYR C 86 64.97 -18.08 28.44
CA TYR C 86 64.91 -16.96 27.50
C TYR C 86 66.30 -16.68 26.93
N ASP C 87 67.03 -17.74 26.59
CA ASP C 87 68.42 -17.61 26.14
C ASP C 87 68.72 -18.79 25.21
N SER C 88 69.14 -18.47 23.99
CA SER C 88 69.43 -19.52 23.00
C SER C 88 70.92 -19.71 22.81
N PHE C 89 71.75 -18.89 23.46
CA PHE C 89 73.19 -19.04 23.34
C PHE C 89 73.75 -19.91 24.45
N GLU C 90 73.21 -19.76 25.67
CA GLU C 90 73.57 -20.66 26.75
C GLU C 90 72.97 -22.04 26.53
N ALA C 91 71.79 -22.10 25.89
CA ALA C 91 71.16 -23.37 25.59
C ALA C 91 71.91 -24.11 24.49
N SER C 92 72.60 -23.36 23.62
CA SER C 92 73.37 -24.00 22.55
C SER C 92 74.72 -24.48 23.05
N LYS C 93 75.31 -23.75 24.01
CA LYS C 93 76.59 -24.16 24.56
C LYS C 93 76.43 -25.36 25.50
N LYS C 94 75.38 -25.35 26.31
CA LYS C 94 75.17 -26.43 27.27
C LYS C 94 74.70 -27.71 26.57
N ALA C 95 74.12 -27.57 25.37
CA ALA C 95 73.79 -28.75 24.57
C ALA C 95 75.04 -29.39 24.02
N CYS C 96 75.96 -28.59 23.47
CA CYS C 96 77.18 -29.14 22.90
C CYS C 96 78.16 -29.57 23.98
N ASP C 97 77.99 -29.06 25.21
CA ASP C 97 78.73 -29.62 26.33
C ASP C 97 78.23 -31.01 26.69
N GLN C 98 76.94 -31.26 26.46
CA GLN C 98 76.41 -32.61 26.67
C GLN C 98 76.72 -33.52 25.49
N LEU C 99 76.92 -32.93 24.31
CA LEU C 99 77.30 -33.73 23.14
C LEU C 99 78.74 -34.20 23.22
N SER C 100 79.67 -33.30 23.51
CA SER C 100 81.09 -33.67 23.56
C SER C 100 81.38 -34.59 24.75
N LEU C 101 80.58 -34.46 25.81
CA LEU C 101 80.68 -35.42 26.91
C LEU C 101 80.05 -36.74 26.53
N GLY C 102 79.08 -36.72 25.61
CA GLY C 102 78.50 -37.94 25.08
C GLY C 102 77.19 -38.33 25.73
N VAL C 103 76.08 -38.10 25.03
CA VAL C 103 74.76 -38.54 25.47
C VAL C 103 74.11 -39.34 24.35
N ALA C 104 72.91 -39.84 24.61
CA ALA C 104 72.15 -40.56 23.60
C ALA C 104 70.82 -39.88 23.30
N ALA C 105 70.35 -39.01 24.20
CA ALA C 105 69.11 -38.27 24.00
C ALA C 105 69.13 -36.99 24.83
N ILE C 106 68.42 -35.96 24.38
CA ILE C 106 68.32 -34.71 25.11
C ILE C 106 66.85 -34.43 25.37
N PHE C 107 66.49 -34.23 26.63
CA PHE C 107 65.10 -33.98 27.00
C PHE C 107 64.75 -32.50 26.98
N GLY C 108 65.69 -31.65 26.58
CA GLY C 108 65.38 -30.34 26.07
C GLY C 108 64.99 -29.29 27.09
N PRO C 109 65.13 -28.02 26.71
CA PRO C 109 64.56 -26.94 27.54
C PRO C 109 63.05 -26.90 27.45
N SER C 110 62.43 -26.08 28.29
CA SER C 110 60.98 -26.00 28.39
C SER C 110 60.46 -24.63 27.97
N HIS C 111 61.06 -24.05 26.93
CA HIS C 111 60.61 -22.75 26.44
C HIS C 111 60.87 -22.65 24.95
N SER C 112 60.00 -21.92 24.25
CA SER C 112 59.99 -21.90 22.79
C SER C 112 61.19 -21.19 22.18
N SER C 113 61.87 -20.35 22.96
CA SER C 113 63.01 -19.63 22.43
C SER C 113 64.27 -20.48 22.52
N SER C 114 64.32 -21.40 23.49
CA SER C 114 65.50 -22.23 23.66
C SER C 114 65.31 -23.59 22.99
N ALA C 115 64.06 -24.01 22.80
CA ALA C 115 63.79 -25.29 22.16
C ALA C 115 64.07 -25.22 20.67
N ASN C 116 63.97 -24.03 20.09
CA ASN C 116 64.25 -23.86 18.66
C ASN C 116 65.73 -24.02 18.36
N ALA C 117 66.59 -23.68 19.32
CA ALA C 117 68.02 -23.75 19.09
C ALA C 117 68.54 -25.18 19.27
N VAL C 118 68.07 -25.87 20.31
CA VAL C 118 68.63 -27.19 20.64
C VAL C 118 68.12 -28.24 19.66
N GLN C 119 66.89 -28.06 19.15
CA GLN C 119 66.33 -28.98 18.16
C GLN C 119 67.14 -28.99 16.87
N SER C 120 67.58 -27.82 16.42
CA SER C 120 68.35 -27.76 15.18
C SER C 120 69.78 -28.24 15.38
N ILE C 121 70.27 -28.21 16.63
CA ILE C 121 71.55 -28.84 16.94
C ILE C 121 71.41 -30.36 16.89
N CYS C 122 70.30 -30.88 17.42
CA CYS C 122 70.09 -32.32 17.48
C CYS C 122 69.81 -32.92 16.11
N ASN C 123 69.35 -32.11 15.16
CA ASN C 123 69.14 -32.61 13.81
C ASN C 123 70.44 -32.78 13.05
N ALA C 124 71.38 -31.85 13.23
CA ALA C 124 72.64 -31.89 12.48
C ALA C 124 73.66 -32.83 13.11
N LEU C 125 73.29 -33.48 14.22
CA LEU C 125 74.21 -34.39 14.90
C LEU C 125 73.67 -35.81 15.01
N GLY C 126 72.35 -35.99 14.88
CA GLY C 126 71.79 -37.33 14.88
C GLY C 126 71.08 -37.73 16.16
N VAL C 127 71.42 -37.07 17.27
CA VAL C 127 70.88 -37.40 18.58
C VAL C 127 69.40 -36.99 18.63
N PRO C 128 68.51 -37.84 19.14
CA PRO C 128 67.10 -37.46 19.27
C PRO C 128 66.90 -36.38 20.31
N HIS C 129 65.82 -35.62 20.15
CA HIS C 129 65.49 -34.51 21.05
C HIS C 129 64.04 -34.70 21.49
N ILE C 130 63.84 -34.95 22.78
CA ILE C 130 62.51 -35.27 23.29
C ILE C 130 61.95 -34.03 23.99
N GLN C 131 60.80 -33.57 23.53
CA GLN C 131 60.19 -32.34 24.03
C GLN C 131 59.02 -32.70 24.94
N THR C 132 58.83 -31.90 26.00
CA THR C 132 57.75 -32.14 26.94
C THR C 132 56.84 -30.92 27.04
N ARG C 133 57.16 -29.86 26.30
CA ARG C 133 56.36 -28.65 26.33
C ARG C 133 55.99 -28.25 24.91
N TRP C 134 54.89 -27.52 24.78
CA TRP C 134 54.41 -27.07 23.48
C TRP C 134 55.31 -25.95 22.97
N LYS C 135 55.84 -26.13 21.77
CA LYS C 135 56.57 -25.07 21.08
C LYS C 135 55.85 -24.77 19.77
N HIS C 136 56.42 -23.90 18.96
CA HIS C 136 55.79 -23.54 17.69
C HIS C 136 56.61 -24.08 16.53
N GLN C 137 56.22 -25.25 16.03
CA GLN C 137 56.65 -25.72 14.71
C GLN C 137 56.14 -24.72 13.68
N VAL C 138 57.07 -24.04 12.98
CA VAL C 138 56.73 -22.75 12.40
C VAL C 138 55.86 -22.91 11.16
N SER C 139 56.43 -23.36 10.04
CA SER C 139 55.61 -23.93 8.98
C SER C 139 56.28 -25.08 8.26
N ASP C 140 57.61 -24.98 8.08
CA ASP C 140 58.34 -25.83 7.15
C ASP C 140 59.72 -26.19 7.68
N ASN C 141 59.89 -26.17 9.01
CA ASN C 141 61.17 -26.54 9.59
C ASN C 141 61.41 -28.03 9.44
N LYS C 142 62.14 -28.43 8.39
CA LYS C 142 62.26 -29.83 8.00
C LYS C 142 63.15 -30.59 8.98
N ASP C 143 62.60 -30.91 10.14
CA ASP C 143 63.31 -31.65 11.17
C ASP C 143 62.62 -33.00 11.37
N SER C 144 63.40 -34.03 11.62
CA SER C 144 62.87 -35.36 11.85
C SER C 144 63.17 -35.87 13.25
N PHE C 145 64.21 -35.32 13.89
CA PHE C 145 64.71 -35.86 15.15
C PHE C 145 64.10 -35.11 16.33
N TYR C 146 62.77 -35.11 16.40
CA TYR C 146 62.09 -34.51 17.55
C TYR C 146 60.75 -35.20 17.79
N VAL C 147 60.40 -35.40 19.06
CA VAL C 147 59.08 -35.86 19.47
C VAL C 147 58.58 -34.98 20.59
N SER C 148 57.27 -34.84 20.70
CA SER C 148 56.64 -33.98 21.70
C SER C 148 55.58 -34.77 22.45
N LEU C 149 55.73 -34.87 23.77
CA LEU C 149 54.79 -35.64 24.56
C LEU C 149 53.68 -34.76 25.10
N TYR C 150 53.78 -33.45 24.92
CA TYR C 150 52.73 -32.56 25.35
C TYR C 150 51.57 -32.69 24.37
N PRO C 151 50.32 -32.69 24.83
CA PRO C 151 49.19 -32.82 23.91
C PRO C 151 49.07 -31.62 22.97
N ASP C 152 48.94 -31.90 21.69
CA ASP C 152 48.97 -30.86 20.67
C ASP C 152 47.71 -30.00 20.75
N PHE C 153 47.84 -28.72 20.42
CA PHE C 153 46.70 -27.84 20.38
C PHE C 153 45.98 -27.88 19.03
N SER C 154 46.40 -28.79 18.14
CA SER C 154 45.56 -29.14 17.00
C SER C 154 44.61 -30.28 17.37
N SER C 155 44.66 -30.71 18.63
CA SER C 155 43.69 -31.69 19.12
C SER C 155 42.96 -31.20 20.35
N LEU C 156 43.67 -30.45 21.22
CA LEU C 156 43.02 -29.89 22.40
C LEU C 156 42.04 -28.78 22.05
N SER C 157 42.29 -28.04 20.96
CA SER C 157 41.36 -27.00 20.54
C SER C 157 40.12 -27.59 19.89
N ARG C 158 40.19 -28.86 19.44
CA ARG C 158 38.99 -29.54 18.99
C ARG C 158 38.16 -30.01 20.17
N ALA C 159 38.81 -30.39 21.27
CA ALA C 159 38.09 -30.84 22.45
C ALA C 159 37.37 -29.67 23.12
N ILE C 160 37.98 -28.49 23.09
CA ILE C 160 37.29 -27.29 23.58
C ILE C 160 36.15 -26.93 22.63
N LEU C 161 36.35 -27.18 21.33
CA LEU C 161 35.29 -26.95 20.35
C LEU C 161 34.16 -27.97 20.51
N ASP C 162 34.45 -29.14 21.08
CA ASP C 162 33.40 -30.11 21.31
C ASP C 162 32.56 -29.74 22.54
N LEU C 163 33.19 -29.18 23.56
CA LEU C 163 32.46 -28.81 24.77
C LEU C 163 31.62 -27.56 24.56
N VAL C 164 31.95 -26.74 23.56
CA VAL C 164 31.15 -25.55 23.32
C VAL C 164 29.95 -25.88 22.43
N GLN C 165 30.04 -26.99 21.69
CA GLN C 165 28.91 -27.43 20.89
C GLN C 165 27.98 -28.32 21.72
N PHE C 166 28.52 -28.95 22.76
CA PHE C 166 27.69 -29.76 23.64
C PHE C 166 26.93 -28.90 24.63
N PHE C 167 27.51 -27.78 25.06
CA PHE C 167 26.84 -26.89 26.00
C PHE C 167 25.95 -25.86 25.32
N LYS C 168 25.93 -25.87 23.97
CA LYS C 168 25.04 -25.05 23.13
C LYS C 168 25.22 -23.56 23.35
N TRP C 169 26.45 -23.05 23.15
CA TRP C 169 26.73 -21.65 23.44
C TRP C 169 26.62 -20.77 22.20
N LYS C 170 26.57 -19.46 22.42
CA LYS C 170 26.59 -18.49 21.34
C LYS C 170 27.54 -17.33 21.63
N THR C 171 27.84 -17.06 22.91
CA THR C 171 28.46 -15.80 23.31
C THR C 171 29.76 -16.03 24.09
N VAL C 172 30.66 -16.82 23.50
CA VAL C 172 31.95 -17.14 24.12
C VAL C 172 32.84 -15.90 24.22
N THR C 173 33.71 -15.88 25.23
CA THR C 173 34.50 -14.70 25.57
C THR C 173 35.94 -15.13 25.87
N VAL C 174 36.57 -15.78 24.88
CA VAL C 174 37.93 -16.33 24.95
C VAL C 174 38.95 -15.33 25.51
N VAL C 175 39.62 -15.71 26.59
CA VAL C 175 40.61 -14.86 27.24
C VAL C 175 41.94 -15.60 27.29
N TYR C 176 42.99 -15.00 26.76
CA TYR C 176 44.33 -15.57 26.82
C TYR C 176 45.23 -14.68 27.66
N ASP C 177 46.52 -15.01 27.72
CA ASP C 177 47.47 -14.20 28.48
C ASP C 177 48.65 -13.73 27.66
N ASP C 178 49.12 -14.53 26.70
CA ASP C 178 50.26 -14.14 25.88
C ASP C 178 49.93 -14.33 24.40
N SER C 179 50.61 -13.56 23.56
CA SER C 179 50.40 -13.57 22.12
C SER C 179 50.72 -14.91 21.47
N THR C 180 51.60 -15.71 22.07
CA THR C 180 51.81 -17.08 21.63
C THR C 180 50.57 -17.94 21.89
N GLY C 181 49.82 -17.62 22.95
CA GLY C 181 48.68 -18.43 23.33
C GLY C 181 47.50 -18.31 22.38
N LEU C 182 47.51 -17.29 21.53
CA LEU C 182 46.43 -17.11 20.56
C LEU C 182 46.62 -18.02 19.34
N ILE C 183 47.79 -18.66 19.24
CA ILE C 183 47.95 -19.78 18.30
C ILE C 183 47.34 -21.05 18.87
N ARG C 184 47.40 -21.23 20.20
CA ARG C 184 47.00 -22.48 20.83
C ARG C 184 45.49 -22.71 20.74
N LEU C 185 44.72 -21.67 20.45
CA LEU C 185 43.29 -21.80 20.21
C LEU C 185 42.93 -21.49 18.77
N GLN C 186 43.72 -22.02 17.81
CA GLN C 186 43.55 -21.68 16.41
C GLN C 186 42.23 -22.22 15.84
N GLU C 187 41.88 -23.45 16.22
CA GLU C 187 40.63 -24.02 15.73
C GLU C 187 39.43 -23.43 16.44
N LEU C 188 39.64 -22.86 17.62
CA LEU C 188 38.55 -22.22 18.35
C LEU C 188 38.27 -20.82 17.82
N ILE C 189 39.29 -20.16 17.28
CA ILE C 189 39.09 -18.85 16.67
C ILE C 189 38.44 -19.01 15.30
N LYS C 190 38.74 -20.10 14.60
CA LYS C 190 38.15 -20.36 13.29
C LYS C 190 36.79 -21.05 13.39
N ALA C 191 36.18 -21.04 14.58
CA ALA C 191 34.87 -21.65 14.82
C ALA C 191 33.64 -20.90 14.30
N PRO C 192 33.53 -19.51 14.36
CA PRO C 192 32.33 -18.88 13.80
C PRO C 192 32.19 -18.94 12.29
N SER C 193 33.20 -19.47 11.60
CA SER C 193 33.10 -19.72 10.17
C SER C 193 32.05 -20.78 9.87
N ARG C 194 31.96 -21.82 10.70
CA ARG C 194 31.02 -22.91 10.45
C ARG C 194 29.76 -22.78 11.28
N TYR C 195 29.92 -22.73 12.61
CA TYR C 195 28.78 -22.76 13.51
C TYR C 195 28.25 -21.36 13.81
N ASN C 196 27.25 -21.27 14.69
CA ASN C 196 26.71 -19.98 15.11
C ASN C 196 27.30 -19.52 16.43
N LEU C 197 28.61 -19.27 16.48
CA LEU C 197 29.23 -18.71 17.67
C LEU C 197 29.49 -17.23 17.47
N ARG C 198 29.77 -16.52 18.57
CA ARG C 198 30.16 -15.13 18.51
C ARG C 198 31.29 -14.92 19.51
N LEU C 199 32.53 -14.99 19.01
CA LEU C 199 33.71 -14.83 19.84
C LEU C 199 33.84 -13.41 20.38
N LYS C 200 34.49 -13.27 21.53
CA LYS C 200 34.89 -11.97 22.02
C LYS C 200 36.27 -12.12 22.67
N ILE C 201 37.32 -11.93 21.90
CA ILE C 201 38.68 -12.22 22.34
C ILE C 201 39.20 -11.05 23.16
N ARG C 202 39.65 -11.33 24.38
CA ARG C 202 40.24 -10.32 25.24
C ARG C 202 41.62 -10.79 25.66
N GLN C 203 42.30 -10.01 26.48
CA GLN C 203 43.67 -10.32 26.89
C GLN C 203 43.91 -9.84 28.31
N LEU C 204 44.54 -10.69 29.12
CA LEU C 204 44.93 -10.35 30.48
C LEU C 204 46.04 -9.30 30.45
N PRO C 205 46.17 -8.47 31.49
CA PRO C 205 47.27 -7.49 31.53
C PRO C 205 48.63 -8.14 31.70
N ALA C 206 49.69 -7.34 31.57
CA ALA C 206 51.05 -7.85 31.55
C ALA C 206 51.53 -8.20 32.95
N ASP C 207 51.03 -9.34 33.47
CA ASP C 207 51.48 -9.98 34.70
C ASP C 207 51.39 -9.08 35.92
N THR C 208 50.38 -8.22 35.98
CA THR C 208 50.26 -7.25 37.05
C THR C 208 49.54 -7.86 38.25
N LYS C 209 48.93 -9.04 38.03
CA LYS C 209 48.02 -9.71 38.95
C LYS C 209 46.90 -8.77 39.39
N ASP C 210 46.24 -8.13 38.42
CA ASP C 210 45.08 -7.28 38.68
C ASP C 210 44.20 -7.31 37.44
N ALA C 211 43.24 -8.24 37.43
CA ALA C 211 42.33 -8.39 36.30
C ALA C 211 41.03 -7.63 36.51
N LYS C 212 40.96 -6.78 37.53
CA LYS C 212 39.77 -6.00 37.81
C LYS C 212 39.37 -4.98 36.73
N PRO C 213 40.29 -4.32 35.99
CA PRO C 213 39.81 -3.55 34.83
C PRO C 213 39.30 -4.42 33.70
N LEU C 214 39.74 -5.67 33.61
CA LEU C 214 39.23 -6.56 32.57
C LEU C 214 37.91 -7.19 32.98
N LEU C 215 37.81 -7.67 34.23
CA LEU C 215 36.61 -8.37 34.67
C LEU C 215 35.44 -7.42 34.87
N LYS C 216 35.71 -6.13 35.10
CA LYS C 216 34.61 -5.16 35.22
C LYS C 216 33.96 -4.93 33.86
N GLU C 217 34.72 -5.10 32.78
CA GLU C 217 34.15 -4.94 31.44
C GLU C 217 33.47 -6.22 30.97
N MET C 218 33.58 -7.31 31.74
CA MET C 218 32.93 -8.56 31.35
C MET C 218 31.59 -8.71 32.04
N LYS C 219 31.47 -8.20 33.27
CA LYS C 219 30.16 -8.14 33.93
C LYS C 219 29.27 -7.11 33.27
N ARG C 220 29.83 -5.94 32.98
CA ARG C 220 29.10 -4.85 32.35
C ARG C 220 28.71 -5.18 30.92
N GLY C 221 29.51 -5.98 30.24
CA GLY C 221 29.18 -6.43 28.90
C GLY C 221 28.36 -7.70 28.86
N LYS C 222 28.07 -8.25 30.05
CA LYS C 222 27.26 -9.45 30.25
C LYS C 222 27.83 -10.66 29.50
N GLU C 223 29.03 -11.07 29.89
CA GLU C 223 29.70 -12.23 29.30
C GLU C 223 29.63 -13.38 30.30
N PHE C 224 28.84 -14.41 29.98
CA PHE C 224 28.53 -15.47 30.93
C PHE C 224 29.23 -16.77 30.61
N HIS C 225 30.04 -16.81 29.54
CA HIS C 225 30.70 -18.04 29.14
C HIS C 225 32.15 -17.72 28.76
N VAL C 226 33.11 -18.24 29.53
CA VAL C 226 34.50 -17.80 29.48
C VAL C 226 35.39 -19.01 29.21
N ILE C 227 36.36 -18.86 28.29
CA ILE C 227 37.25 -19.93 27.84
C ILE C 227 38.69 -19.54 28.17
N PHE C 228 38.92 -19.12 29.42
CA PHE C 228 40.24 -18.82 30.00
C PHE C 228 41.37 -19.72 29.53
N ASP C 229 42.46 -19.10 29.07
CA ASP C 229 43.61 -19.78 28.48
C ASP C 229 44.87 -19.35 29.21
N CYS C 230 44.83 -19.42 30.53
CA CYS C 230 46.00 -19.12 31.35
C CYS C 230 46.47 -20.39 32.04
N SER C 231 47.70 -20.35 32.55
CA SER C 231 48.25 -21.46 33.31
C SER C 231 47.57 -21.56 34.68
N HIS C 232 47.82 -22.66 35.37
CA HIS C 232 47.16 -22.89 36.66
C HIS C 232 47.76 -22.01 37.75
N GLU C 233 48.95 -21.46 37.53
CA GLU C 233 49.47 -20.44 38.43
C GLU C 233 48.71 -19.13 38.26
N MET C 234 48.29 -18.81 37.04
CA MET C 234 47.51 -17.60 36.81
C MET C 234 46.02 -17.88 36.76
N ALA C 235 45.60 -19.11 37.04
CA ALA C 235 44.19 -19.41 37.10
C ALA C 235 43.62 -19.07 38.48
N ALA C 236 44.39 -19.36 39.54
CA ALA C 236 43.95 -19.03 40.88
C ALA C 236 44.01 -17.52 41.13
N GLY C 237 44.84 -16.82 40.36
CA GLY C 237 44.95 -15.39 40.53
C GLY C 237 43.78 -14.63 39.93
N ILE C 238 43.07 -15.26 38.98
CA ILE C 238 41.93 -14.59 38.36
C ILE C 238 40.63 -15.29 38.76
N LEU C 239 40.70 -16.24 39.69
CA LEU C 239 39.50 -16.70 40.36
C LEU C 239 39.38 -16.11 41.74
N LYS C 240 40.50 -15.68 42.32
CA LYS C 240 40.46 -14.92 43.56
C LYS C 240 40.00 -13.50 43.31
N GLN C 241 40.19 -13.01 42.08
CA GLN C 241 39.75 -11.66 41.74
C GLN C 241 38.39 -11.67 41.06
N ALA C 242 37.94 -12.85 40.60
CA ALA C 242 36.58 -12.95 40.07
C ALA C 242 35.57 -13.10 41.20
N LEU C 243 36.04 -13.54 42.38
CA LEU C 243 35.16 -13.64 43.53
C LEU C 243 34.93 -12.27 44.16
N ALA C 244 35.98 -11.45 44.23
CA ALA C 244 35.88 -10.12 44.83
C ALA C 244 35.08 -9.18 43.93
N MET C 245 35.05 -9.46 42.63
CA MET C 245 34.19 -8.71 41.72
C MET C 245 32.78 -9.27 41.69
N GLY C 246 32.56 -10.40 42.37
CA GLY C 246 31.24 -11.00 42.43
C GLY C 246 30.78 -11.62 41.13
N MET C 247 31.71 -12.13 40.33
CA MET C 247 31.38 -12.74 39.05
C MET C 247 31.32 -14.26 39.10
N MET C 248 31.53 -14.88 40.25
CA MET C 248 31.37 -16.33 40.35
C MET C 248 30.03 -16.67 40.98
N THR C 249 28.95 -16.33 40.28
CA THR C 249 27.59 -16.61 40.71
C THR C 249 27.14 -17.92 40.07
N GLU C 250 25.86 -18.25 40.11
CA GLU C 250 25.35 -19.45 39.44
C GLU C 250 25.01 -19.21 37.98
N TYR C 251 25.38 -18.07 37.41
CA TYR C 251 25.06 -17.74 36.02
C TYR C 251 26.27 -17.91 35.10
N TYR C 252 27.43 -18.17 35.68
CA TYR C 252 28.70 -18.08 34.95
C TYR C 252 29.30 -19.46 34.74
N HIS C 253 29.76 -19.72 33.52
CA HIS C 253 30.50 -20.93 33.19
C HIS C 253 31.97 -20.57 33.03
N TYR C 254 32.88 -21.53 33.19
CA TYR C 254 34.30 -21.26 33.00
C TYR C 254 35.03 -22.50 32.48
N ILE C 255 35.23 -22.57 31.16
CA ILE C 255 36.05 -23.64 30.60
C ILE C 255 37.51 -23.24 30.67
N PHE C 256 38.33 -24.06 31.32
CA PHE C 256 39.75 -23.76 31.41
C PHE C 256 40.53 -24.60 30.40
N THR C 257 41.53 -23.98 29.78
CA THR C 257 42.31 -24.62 28.73
C THR C 257 43.41 -25.52 29.31
N THR C 258 43.98 -25.14 30.45
CA THR C 258 45.12 -25.85 31.02
C THR C 258 44.72 -27.23 31.53
N LEU C 259 45.71 -28.09 31.69
CA LEU C 259 45.48 -29.48 32.08
C LEU C 259 45.72 -29.69 33.57
N ASP C 260 45.96 -28.62 34.33
CA ASP C 260 46.20 -28.73 35.76
C ASP C 260 45.07 -28.09 36.54
N LEU C 261 43.83 -28.32 36.10
CA LEU C 261 42.68 -27.78 36.82
C LEU C 261 42.44 -28.53 38.12
N PHE C 262 42.87 -29.79 38.19
CA PHE C 262 42.68 -30.62 39.38
C PHE C 262 43.53 -30.14 40.56
N ALA C 263 44.59 -29.39 40.30
CA ALA C 263 45.45 -28.89 41.36
C ALA C 263 45.06 -27.48 41.79
N LEU C 264 43.77 -27.15 41.69
CA LEU C 264 43.24 -25.87 42.15
C LEU C 264 42.55 -26.03 43.49
N ASP C 265 42.84 -25.13 44.42
CA ASP C 265 42.10 -25.07 45.67
C ASP C 265 40.71 -24.53 45.36
N VAL C 266 39.69 -25.39 45.43
CA VAL C 266 38.36 -25.07 44.95
C VAL C 266 37.36 -25.02 46.11
N GLU C 267 37.83 -25.24 47.34
CA GLU C 267 37.02 -25.15 48.56
C GLU C 267 36.31 -23.80 48.78
N PRO C 268 36.87 -22.61 48.41
CA PRO C 268 36.02 -21.41 48.48
C PRO C 268 34.97 -21.32 47.39
N TYR C 269 35.08 -22.19 46.36
CA TYR C 269 34.17 -22.10 45.23
C TYR C 269 33.35 -23.36 45.03
N ARG C 270 33.43 -24.32 45.96
CA ARG C 270 32.79 -25.62 45.77
C ARG C 270 31.27 -25.53 45.88
N TYR C 271 30.77 -24.55 46.64
CA TYR C 271 29.34 -24.43 46.89
C TYR C 271 28.67 -23.35 46.04
N SER C 272 29.47 -22.50 45.38
CA SER C 272 29.01 -21.25 44.79
C SER C 272 28.03 -21.42 43.65
N GLY C 273 27.99 -22.60 43.04
CA GLY C 273 27.09 -22.85 41.92
C GLY C 273 27.72 -22.55 40.58
N VAL C 274 29.03 -22.34 40.54
CA VAL C 274 29.73 -22.06 39.31
C VAL C 274 29.94 -23.34 38.52
N ASN C 275 30.38 -23.20 37.27
CA ASN C 275 30.63 -24.36 36.42
C ASN C 275 32.08 -24.36 35.96
N MET C 276 32.97 -24.95 36.74
CA MET C 276 34.38 -24.99 36.35
C MET C 276 34.69 -26.26 35.57
N THR C 277 34.32 -26.26 34.29
CA THR C 277 34.56 -27.40 33.41
C THR C 277 35.99 -27.29 32.88
N GLY C 278 36.64 -28.42 32.61
CA GLY C 278 37.98 -28.39 32.10
C GLY C 278 38.43 -29.74 31.56
N PHE C 279 39.74 -29.96 31.55
CA PHE C 279 40.29 -31.20 31.05
C PHE C 279 41.40 -31.70 31.98
N ARG C 280 41.65 -33.00 31.95
CA ARG C 280 42.73 -33.61 32.71
C ARG C 280 43.21 -34.84 31.97
N ILE C 281 44.50 -34.87 31.64
CA ILE C 281 45.08 -36.04 30.99
C ILE C 281 45.74 -36.94 32.03
N LEU C 282 46.01 -36.38 33.21
CA LEU C 282 46.69 -37.13 34.26
C LEU C 282 45.77 -38.18 34.86
N ASN C 283 46.06 -39.45 34.54
CA ASN C 283 45.18 -40.56 34.87
C ASN C 283 45.24 -40.89 36.36
N THR C 284 44.38 -40.24 37.14
CA THR C 284 44.32 -40.53 38.57
C THR C 284 43.19 -41.51 38.88
N GLU C 285 42.75 -42.29 37.89
CA GLU C 285 41.72 -43.29 38.12
C GLU C 285 42.32 -44.69 38.18
N ASN C 286 43.59 -44.83 37.79
CA ASN C 286 44.25 -46.12 37.84
C ASN C 286 45.03 -46.21 39.15
N THR C 287 44.94 -47.38 39.81
CA THR C 287 45.52 -47.54 41.13
C THR C 287 47.05 -47.57 41.09
N GLN C 288 47.61 -48.27 40.10
CA GLN C 288 49.06 -48.35 39.98
C GLN C 288 49.65 -47.03 39.51
N VAL C 289 48.87 -46.25 38.75
CA VAL C 289 49.36 -44.97 38.26
C VAL C 289 49.29 -43.91 39.36
N SER C 290 48.19 -43.91 40.13
CA SER C 290 48.04 -42.92 41.19
C SER C 290 48.93 -43.26 42.40
N SER C 291 49.44 -44.49 42.45
CA SER C 291 50.38 -44.85 43.51
C SER C 291 51.71 -44.12 43.34
N ILE C 292 52.10 -43.85 42.09
CA ILE C 292 53.34 -43.13 41.81
C ILE C 292 53.22 -41.68 42.28
N ILE C 293 52.03 -41.10 42.11
CA ILE C 293 51.74 -39.77 42.64
C ILE C 293 51.76 -39.80 44.18
N GLU C 294 51.32 -40.90 44.76
CA GLU C 294 51.43 -41.08 46.20
C GLU C 294 52.89 -41.26 46.63
N LYS C 295 53.72 -41.81 45.73
CA LYS C 295 55.15 -41.90 46.00
C LYS C 295 55.88 -40.63 45.58
N TRP C 296 55.18 -39.71 44.92
CA TRP C 296 55.83 -38.51 44.39
C TRP C 296 56.11 -37.50 45.50
N SER C 297 55.18 -37.35 46.44
CA SER C 297 55.36 -36.34 47.48
C SER C 297 56.05 -36.92 48.70
N MET C 298 56.71 -38.07 48.54
CA MET C 298 57.45 -38.67 49.65
C MET C 298 58.92 -38.25 49.60
N GLU C 299 59.32 -37.58 48.52
CA GLU C 299 60.68 -37.05 48.42
C GLU C 299 60.67 -35.57 48.05
N ARG C 300 59.57 -34.88 48.36
CA ARG C 300 59.42 -33.49 47.95
C ARG C 300 59.30 -32.58 49.18
N LEU C 301 59.18 -33.20 50.37
CA LEU C 301 58.69 -32.65 51.64
C LEU C 301 59.10 -31.22 52.00
N GLN C 302 60.33 -30.83 51.67
CA GLN C 302 60.83 -29.50 51.99
C GLN C 302 60.12 -28.42 51.18
N ALA C 303 59.90 -27.26 51.82
CA ALA C 303 59.33 -26.05 51.24
C ALA C 303 57.98 -26.24 50.55
N PRO C 304 56.88 -26.38 51.29
CA PRO C 304 55.55 -26.33 50.67
C PRO C 304 55.27 -24.93 50.12
N PRO C 305 55.07 -24.81 48.79
CA PRO C 305 55.11 -23.48 48.17
C PRO C 305 53.86 -22.63 48.40
N LYS C 306 54.00 -21.63 49.28
CA LYS C 306 53.15 -20.47 49.54
C LYS C 306 51.66 -20.82 49.66
N PRO C 307 51.22 -21.40 50.77
CA PRO C 307 49.81 -21.80 50.87
C PRO C 307 48.83 -20.65 51.09
N ASP C 308 48.84 -19.64 50.23
CA ASP C 308 47.88 -18.55 50.28
C ASP C 308 47.47 -18.12 48.87
N SER C 309 47.92 -18.87 47.86
CA SER C 309 47.69 -18.51 46.47
C SER C 309 46.46 -19.21 45.90
N GLY C 310 46.27 -20.48 46.23
CA GLY C 310 45.17 -21.25 45.68
C GLY C 310 45.58 -22.57 45.06
N LEU C 311 46.77 -23.07 45.38
CA LEU C 311 47.22 -24.34 44.87
C LEU C 311 47.30 -25.36 46.00
N LEU C 312 47.27 -26.64 45.63
CA LEU C 312 47.32 -27.70 46.63
C LEU C 312 48.69 -28.37 46.63
N ASP C 313 49.02 -29.04 47.73
CA ASP C 313 50.40 -29.44 47.99
C ASP C 313 50.75 -30.73 47.25
N GLY C 314 50.05 -31.82 47.55
CA GLY C 314 50.46 -33.13 47.07
C GLY C 314 49.93 -33.54 45.72
N PHE C 315 49.85 -32.60 44.78
CA PHE C 315 49.34 -32.87 43.44
C PHE C 315 50.44 -32.60 42.43
N MET C 316 50.75 -33.61 41.62
CA MET C 316 51.74 -33.49 40.56
C MET C 316 51.19 -32.63 39.42
N THR C 317 51.99 -31.67 38.97
CA THR C 317 51.62 -30.90 37.79
C THR C 317 51.81 -31.75 36.53
N THR C 318 51.17 -31.34 35.43
CA THR C 318 51.29 -32.09 34.19
C THR C 318 52.61 -31.82 33.50
N ASP C 319 53.36 -30.80 33.93
CA ASP C 319 54.65 -30.54 33.35
C ASP C 319 55.68 -31.55 33.84
N ALA C 320 55.48 -32.08 35.04
CA ALA C 320 56.39 -33.09 35.57
C ALA C 320 55.94 -34.49 35.20
N ALA C 321 54.66 -34.68 34.90
CA ALA C 321 54.18 -35.98 34.49
C ALA C 321 54.69 -36.35 33.10
N LEU C 322 54.84 -35.35 32.23
CA LEU C 322 55.30 -35.63 30.88
C LEU C 322 56.80 -35.83 30.82
N MET C 323 57.55 -35.18 31.73
CA MET C 323 58.98 -35.46 31.82
C MET C 323 59.23 -36.82 32.43
N TYR C 324 58.33 -37.26 33.31
CA TYR C 324 58.40 -38.61 33.84
C TYR C 324 58.09 -39.63 32.76
N ASP C 325 57.11 -39.34 31.92
CA ASP C 325 56.74 -40.27 30.85
C ASP C 325 57.78 -40.28 29.73
N ALA C 326 58.54 -39.19 29.58
CA ALA C 326 59.50 -39.10 28.49
C ALA C 326 60.69 -40.03 28.70
N VAL C 327 60.99 -40.35 29.96
CA VAL C 327 62.09 -41.27 30.24
C VAL C 327 61.66 -42.71 29.95
N HIS C 328 60.36 -42.99 30.14
CA HIS C 328 59.84 -44.33 29.92
C HIS C 328 59.77 -44.66 28.43
N VAL C 329 59.35 -43.70 27.61
CA VAL C 329 59.14 -43.96 26.18
C VAL C 329 60.46 -44.24 25.48
N VAL C 330 61.52 -43.53 25.88
CA VAL C 330 62.84 -43.78 25.32
C VAL C 330 63.41 -45.09 25.84
N SER C 331 63.13 -45.43 27.10
CA SER C 331 63.67 -46.65 27.68
C SER C 331 62.99 -47.90 27.11
N VAL C 332 61.79 -47.74 26.54
CA VAL C 332 61.21 -48.83 25.76
C VAL C 332 62.01 -49.02 24.48
N ALA C 333 62.45 -47.92 23.87
CA ALA C 333 63.16 -48.01 22.59
C ALA C 333 64.58 -48.54 22.75
N VAL C 334 65.16 -48.45 23.95
CA VAL C 334 66.48 -49.02 24.14
C VAL C 334 66.37 -50.50 24.49
N GLN C 335 65.19 -50.94 24.90
CA GLN C 335 64.94 -52.36 25.10
C GLN C 335 64.75 -53.07 23.77
N GLN C 336 64.15 -52.38 22.79
CA GLN C 336 63.88 -52.96 21.48
C GLN C 336 65.10 -52.86 20.57
N PHE C 337 66.01 -51.92 20.83
CA PHE C 337 67.16 -51.69 19.98
C PHE C 337 68.45 -51.89 20.78
N PRO C 338 68.98 -53.12 20.84
CA PRO C 338 70.32 -53.32 21.42
C PRO C 338 71.43 -53.04 20.41
N GLN C 339 72.67 -53.36 20.81
CA GLN C 339 73.90 -53.23 20.02
C GLN C 339 74.16 -51.78 19.60
N MET C 340 73.94 -50.84 20.51
CA MET C 340 74.31 -49.45 20.25
C MET C 340 75.21 -48.97 21.38
N THR C 341 75.90 -47.85 21.15
CA THR C 341 76.76 -47.26 22.15
C THR C 341 76.76 -45.74 22.00
N VAL C 342 77.48 -45.05 22.89
CA VAL C 342 77.56 -43.59 22.84
C VAL C 342 78.95 -43.17 22.38
N SER C 343 79.01 -42.50 21.24
CA SER C 343 80.27 -42.07 20.64
C SER C 343 80.52 -40.60 20.95
N SER C 344 81.53 -40.01 20.30
CA SER C 344 82.06 -38.70 20.69
C SER C 344 81.10 -37.57 20.32
N LEU C 345 80.85 -37.39 19.01
CA LEU C 345 79.90 -36.40 18.48
C LEU C 345 80.21 -34.97 18.92
N GLN C 346 81.32 -34.41 18.42
CA GLN C 346 81.72 -33.04 18.74
C GLN C 346 80.75 -32.04 18.13
N CYS C 347 80.74 -30.82 18.67
CA CYS C 347 79.91 -29.75 18.16
C CYS C 347 80.64 -28.98 17.05
N ASN C 348 81.85 -29.41 16.72
CA ASN C 348 82.69 -28.84 15.68
C ASN C 348 82.24 -29.37 14.31
N ARG C 349 83.12 -29.32 13.31
CA ARG C 349 82.93 -29.96 12.01
C ARG C 349 82.47 -31.40 12.18
N HIS C 350 81.24 -31.68 11.75
CA HIS C 350 80.44 -32.73 12.35
C HIS C 350 80.14 -33.85 11.37
N LYS C 351 79.73 -34.99 11.93
CA LYS C 351 79.17 -36.14 11.24
C LYS C 351 77.94 -36.57 12.04
N PRO C 352 76.92 -37.16 11.40
CA PRO C 352 75.75 -37.63 12.15
C PRO C 352 76.07 -38.80 13.08
N TRP C 353 75.18 -39.05 14.04
CA TRP C 353 75.37 -40.12 15.00
C TRP C 353 75.22 -41.47 14.31
N ARG C 354 75.87 -42.50 14.87
CA ARG C 354 76.01 -43.80 14.24
C ARG C 354 74.67 -44.50 14.04
N PHE C 355 73.76 -44.39 14.99
CA PHE C 355 72.44 -45.00 14.86
C PHE C 355 71.34 -43.96 14.97
N GLY C 356 71.48 -42.81 14.31
CA GLY C 356 70.51 -41.75 14.44
C GLY C 356 69.20 -42.04 13.75
N THR C 357 69.23 -42.90 12.73
CA THR C 357 68.02 -43.15 11.95
C THR C 357 67.14 -44.21 12.62
N ARG C 358 67.72 -45.36 12.96
CA ARG C 358 66.91 -46.49 13.40
C ARG C 358 66.46 -46.32 14.84
N PHE C 359 67.26 -45.64 15.66
CA PHE C 359 66.88 -45.40 17.05
C PHE C 359 65.77 -44.36 17.15
N MET C 360 65.71 -43.44 16.19
CA MET C 360 64.64 -42.45 16.16
C MET C 360 63.32 -43.08 15.71
N SER C 361 63.40 -44.10 14.85
CA SER C 361 62.19 -44.69 14.30
C SER C 361 61.48 -45.58 15.32
N LEU C 362 62.18 -45.98 16.38
CA LEU C 362 61.55 -46.81 17.40
C LEU C 362 60.98 -45.95 18.52
N ILE C 363 61.52 -44.74 18.72
CA ILE C 363 60.90 -43.79 19.62
C ILE C 363 59.60 -43.27 19.04
N LYS C 364 59.60 -42.90 17.76
CA LYS C 364 58.42 -42.35 17.09
C LYS C 364 57.32 -43.39 16.91
N GLU C 365 57.66 -44.67 16.95
CA GLU C 365 56.67 -45.73 16.77
C GLU C 365 56.59 -46.61 18.02
N ALA C 366 56.52 -45.98 19.19
CA ALA C 366 56.46 -46.71 20.45
C ALA C 366 55.09 -46.57 21.07
N HIS C 367 54.76 -47.50 21.96
CA HIS C 367 53.51 -47.49 22.71
C HIS C 367 53.80 -47.75 24.18
N TRP C 368 53.19 -46.96 25.05
CA TRP C 368 53.44 -47.08 26.49
C TRP C 368 52.25 -46.58 27.30
N GLU C 369 52.01 -47.23 28.43
CA GLU C 369 51.00 -46.77 29.38
C GLU C 369 51.68 -46.04 30.52
N GLY C 370 51.70 -44.71 30.44
CA GLY C 370 52.38 -43.91 31.44
C GLY C 370 51.41 -43.26 32.40
N LEU C 371 51.79 -42.10 32.91
CA LEU C 371 50.95 -41.39 33.88
C LEU C 371 49.74 -40.76 33.21
N THR C 372 49.86 -40.43 31.92
CA THR C 372 48.77 -39.78 31.21
C THR C 372 47.79 -40.82 30.68
N GLY C 373 48.29 -41.73 29.86
CA GLY C 373 47.47 -42.77 29.27
C GLY C 373 48.27 -43.57 28.28
N ARG C 374 47.68 -43.78 27.11
CA ARG C 374 48.46 -44.31 26.00
C ARG C 374 49.34 -43.20 25.44
N ILE C 375 50.61 -43.52 25.20
CA ILE C 375 51.53 -42.60 24.56
C ILE C 375 51.86 -43.19 23.20
N THR C 376 51.22 -42.68 22.16
CA THR C 376 51.57 -43.02 20.79
C THR C 376 51.83 -41.72 20.03
N PHE C 377 52.86 -41.74 19.19
CA PHE C 377 53.25 -40.55 18.46
C PHE C 377 52.59 -40.57 17.09
N ASN C 378 52.95 -39.63 16.22
CA ASN C 378 52.38 -39.61 14.88
C ASN C 378 53.47 -40.00 13.90
N LYS C 379 53.07 -40.51 12.74
CA LYS C 379 54.04 -41.05 11.80
C LYS C 379 54.73 -39.93 11.02
N THR C 380 53.97 -38.91 10.63
CA THR C 380 54.54 -37.81 9.86
C THR C 380 55.36 -36.89 10.74
N ASN C 381 54.72 -36.26 11.72
CA ASN C 381 55.39 -35.36 12.65
C ASN C 381 55.49 -36.02 14.03
N GLY C 382 56.35 -35.48 14.89
CA GLY C 382 56.52 -36.05 16.20
C GLY C 382 55.59 -35.47 17.25
N LEU C 383 54.39 -35.09 16.84
CA LEU C 383 53.43 -34.49 17.76
C LEU C 383 52.45 -35.54 18.27
N ARG C 384 52.16 -35.48 19.56
CA ARG C 384 51.20 -36.39 20.19
C ARG C 384 49.79 -35.88 19.88
N THR C 385 49.13 -36.53 18.92
CA THR C 385 47.76 -36.16 18.53
C THR C 385 46.79 -37.31 18.70
N ASP C 386 47.15 -38.36 19.44
CA ASP C 386 46.26 -39.50 19.71
C ASP C 386 46.39 -39.80 21.20
N PHE C 387 45.44 -39.32 21.98
CA PHE C 387 45.52 -39.36 23.44
C PHE C 387 44.13 -39.26 24.04
N ASP C 388 44.05 -39.39 25.36
CA ASP C 388 42.77 -39.53 26.05
C ASP C 388 42.62 -38.48 27.15
N LEU C 389 41.57 -37.66 27.05
CA LEU C 389 41.23 -36.73 28.11
C LEU C 389 40.18 -37.34 29.04
N ASP C 390 40.13 -36.82 30.26
CA ASP C 390 39.04 -37.09 31.18
C ASP C 390 38.44 -35.75 31.58
N VAL C 391 37.34 -35.36 30.91
CA VAL C 391 36.74 -34.06 31.13
C VAL C 391 36.12 -33.97 32.53
N ILE C 392 36.55 -32.98 33.30
CA ILE C 392 36.11 -32.84 34.68
C ILE C 392 35.25 -31.59 34.79
N SER C 393 34.50 -31.49 35.87
CA SER C 393 33.67 -30.32 36.15
C SER C 393 33.60 -30.14 37.66
N LEU C 394 33.00 -29.03 38.08
CA LEU C 394 32.90 -28.71 39.50
C LEU C 394 31.49 -29.01 39.99
N LYS C 395 31.42 -29.91 40.98
CA LYS C 395 30.17 -30.24 41.64
C LYS C 395 30.22 -29.74 43.08
N GLU C 396 29.19 -30.09 43.85
CA GLU C 396 29.12 -29.63 45.23
C GLU C 396 30.04 -30.45 46.12
N GLU C 397 30.46 -31.62 45.62
CA GLU C 397 31.41 -32.45 46.34
C GLU C 397 32.85 -32.19 45.92
N GLY C 398 33.05 -31.51 44.80
CA GLY C 398 34.37 -31.19 44.32
C GLY C 398 34.52 -31.44 42.83
N LEU C 399 35.76 -31.44 42.38
CA LEU C 399 36.08 -31.69 40.96
C LEU C 399 36.00 -33.17 40.66
N GLU C 400 35.01 -33.56 39.87
CA GLU C 400 34.76 -34.96 39.56
C GLU C 400 34.66 -35.16 38.06
N LYS C 401 35.16 -36.30 37.59
CA LYS C 401 35.13 -36.70 36.19
C LYS C 401 33.71 -36.85 35.68
N ILE C 402 33.41 -36.23 34.54
CA ILE C 402 32.07 -36.32 33.96
C ILE C 402 32.10 -36.88 32.54
N GLY C 403 33.20 -37.49 32.12
CA GLY C 403 33.21 -38.09 30.80
C GLY C 403 34.61 -38.30 30.28
N THR C 404 34.69 -38.55 28.97
CA THR C 404 35.94 -38.88 28.30
C THR C 404 35.93 -38.24 26.92
N TRP C 405 37.09 -37.76 26.47
CA TRP C 405 37.23 -37.29 25.09
C TRP C 405 38.20 -38.18 24.35
N ASP C 406 37.98 -38.34 23.04
CA ASP C 406 38.85 -39.15 22.21
C ASP C 406 38.78 -38.64 20.78
N PRO C 407 39.92 -38.52 20.08
CA PRO C 407 39.92 -37.92 18.74
C PRO C 407 39.23 -38.76 17.68
N ALA C 408 39.13 -40.07 17.89
CA ALA C 408 38.47 -40.95 16.94
C ALA C 408 36.96 -40.81 17.03
N SER C 409 36.40 -41.05 18.22
CA SER C 409 34.96 -41.02 18.41
C SER C 409 34.48 -39.59 18.60
N GLY C 410 34.97 -38.89 19.62
CA GLY C 410 34.47 -37.58 19.94
C GLY C 410 34.20 -37.47 21.42
N LEU C 411 33.14 -36.74 21.77
CA LEU C 411 32.74 -36.67 23.16
C LEU C 411 32.09 -37.96 23.63
N ASN C 412 32.88 -38.83 24.25
CA ASN C 412 32.37 -39.93 25.03
C ASN C 412 31.81 -39.43 26.36
N MET C 413 30.64 -38.80 26.32
CA MET C 413 30.21 -37.84 27.31
C MET C 413 29.61 -38.55 28.53
N THR C 414 28.88 -37.80 29.36
CA THR C 414 28.37 -38.14 30.69
C THR C 414 27.68 -39.51 30.74
N GLU C 415 27.84 -40.22 31.87
CA GLU C 415 27.47 -41.63 31.99
C GLU C 415 25.97 -41.86 32.12
N SER C 416 25.19 -40.82 32.42
CA SER C 416 23.74 -40.96 32.54
C SER C 416 23.02 -39.61 32.49
N GLN C 417 21.77 -39.63 32.04
CA GLN C 417 20.80 -38.63 32.44
C GLN C 417 20.11 -39.17 33.69
N LYS C 418 20.70 -38.91 34.85
CA LYS C 418 20.35 -39.60 36.07
C LYS C 418 19.44 -38.76 36.96
N GLY C 419 18.78 -37.77 36.37
CA GLY C 419 17.86 -36.93 37.12
C GLY C 419 16.53 -37.60 37.42
N LYS C 420 15.63 -36.87 38.07
CA LYS C 420 14.33 -37.40 38.42
C LYS C 420 13.28 -36.28 38.42
N PRO C 421 12.19 -36.42 37.64
CA PRO C 421 11.20 -35.34 37.55
C PRO C 421 10.33 -35.18 38.81
N ALA C 422 9.87 -36.28 39.39
CA ALA C 422 8.97 -36.24 40.55
C ALA C 422 9.22 -37.48 41.39
N ASN C 423 9.90 -37.29 42.54
CA ASN C 423 10.40 -38.42 43.31
C ASN C 423 9.33 -39.30 43.97
N ILE C 424 8.81 -38.85 45.12
CA ILE C 424 7.87 -39.58 45.98
C ILE C 424 7.09 -38.45 46.66
N THR C 425 6.08 -38.79 47.47
CA THR C 425 5.42 -37.93 48.47
C THR C 425 4.63 -36.79 47.85
N ASP C 426 4.00 -37.04 46.71
CA ASP C 426 3.06 -36.08 46.17
C ASP C 426 1.69 -36.74 45.97
N SER C 427 0.65 -36.16 46.58
CA SER C 427 -0.61 -36.88 46.76
C SER C 427 -1.42 -36.99 45.48
N LEU C 428 -1.65 -35.87 44.77
CA LEU C 428 -2.32 -35.88 43.48
C LEU C 428 -1.34 -35.43 42.41
N SER C 429 -0.07 -35.83 42.60
CA SER C 429 1.20 -35.38 41.99
C SER C 429 1.62 -34.01 42.51
N ASN C 430 0.72 -33.36 43.25
CA ASN C 430 0.81 -32.09 43.96
C ASN C 430 1.08 -30.85 43.11
N ARG C 431 1.47 -31.04 41.83
CA ARG C 431 0.98 -30.36 40.63
C ARG C 431 0.39 -29.00 40.97
N SER C 432 1.22 -28.09 41.49
CA SER C 432 0.72 -26.77 41.84
C SER C 432 0.06 -26.00 40.70
N LEU C 433 0.45 -26.28 39.45
CA LEU C 433 -0.11 -25.65 38.25
C LEU C 433 0.04 -24.14 38.30
N ILE C 434 1.27 -23.64 38.16
CA ILE C 434 1.58 -22.24 38.34
C ILE C 434 0.87 -21.41 37.27
N VAL C 435 -0.16 -20.68 37.70
CA VAL C 435 -1.02 -19.92 36.79
C VAL C 435 -0.42 -18.53 36.61
N THR C 436 -0.08 -18.18 35.38
CA THR C 436 0.28 -16.80 35.10
C THR C 436 -0.96 -16.00 34.78
N THR C 437 -1.00 -14.77 35.27
CA THR C 437 -2.16 -13.90 35.06
C THR C 437 -1.68 -12.53 34.61
N ILE C 438 -2.62 -11.64 34.33
CA ILE C 438 -2.33 -10.24 34.05
C ILE C 438 -3.30 -9.42 34.89
N LEU C 439 -2.94 -8.18 35.20
CA LEU C 439 -3.70 -7.34 36.11
C LEU C 439 -4.69 -6.50 35.31
N GLU C 440 -5.96 -6.90 35.33
CA GLU C 440 -7.00 -6.15 34.64
C GLU C 440 -8.28 -6.24 35.44
N GLU C 441 -8.91 -5.10 35.67
CA GLU C 441 -10.18 -4.98 36.39
C GLU C 441 -11.33 -5.41 35.50
N PRO C 442 -12.27 -6.22 36.01
CA PRO C 442 -12.31 -6.86 37.33
C PRO C 442 -11.89 -8.33 37.29
N TYR C 443 -11.00 -8.69 36.38
CA TYR C 443 -10.61 -10.08 36.21
C TYR C 443 -9.66 -10.51 37.31
N VAL C 444 -8.51 -9.86 37.40
CA VAL C 444 -7.53 -10.12 38.46
C VAL C 444 -7.17 -8.80 39.11
N LEU C 445 -7.46 -8.67 40.40
CA LEU C 445 -7.20 -7.44 41.15
C LEU C 445 -6.55 -7.73 42.49
N PHE C 446 -5.83 -6.76 43.03
CA PHE C 446 -5.25 -6.89 44.36
C PHE C 446 -6.32 -6.73 45.43
N LYS C 447 -5.96 -7.11 46.66
CA LYS C 447 -6.80 -6.81 47.81
C LYS C 447 -6.70 -5.32 48.15
N LYS C 448 -7.67 -4.82 48.91
CA LYS C 448 -7.78 -3.40 49.19
C LYS C 448 -7.14 -3.06 50.54
N SER C 449 -6.80 -4.07 51.33
CA SER C 449 -6.28 -3.85 52.67
C SER C 449 -4.75 -3.79 52.65
N ASP C 450 -4.17 -3.15 53.66
CA ASP C 450 -2.72 -3.02 53.76
C ASP C 450 -2.13 -3.75 54.96
N LYS C 451 -2.80 -4.80 55.44
CA LYS C 451 -2.30 -5.71 56.46
C LYS C 451 -1.13 -6.52 55.91
N PRO C 452 -0.29 -7.16 56.76
CA PRO C 452 0.86 -7.92 56.22
C PRO C 452 0.48 -9.14 55.39
N LEU C 453 1.53 -9.85 54.95
CA LEU C 453 1.61 -10.57 53.67
C LEU C 453 0.42 -11.46 53.35
N TYR C 454 0.07 -11.49 52.06
CA TYR C 454 -1.10 -12.20 51.54
C TYR C 454 -0.65 -13.24 50.52
N GLY C 455 0.33 -14.07 50.88
CA GLY C 455 0.92 -15.07 49.98
C GLY C 455 -0.11 -16.00 49.38
N ASN C 456 -0.29 -15.86 48.06
CA ASN C 456 -1.34 -16.47 47.24
C ASN C 456 -2.74 -16.14 47.77
N ASP C 457 -2.90 -14.93 48.33
CA ASP C 457 -4.19 -14.46 48.80
C ASP C 457 -4.28 -12.97 48.45
N ARG C 458 -3.32 -12.48 47.66
CA ARG C 458 -3.32 -11.10 47.19
C ARG C 458 -4.44 -10.85 46.19
N PHE C 459 -4.92 -11.89 45.53
CA PHE C 459 -5.63 -11.74 44.26
C PHE C 459 -7.11 -12.07 44.43
N GLU C 460 -7.95 -11.31 43.72
CA GLU C 460 -9.39 -11.46 43.78
C GLU C 460 -10.02 -10.88 42.52
N GLY C 461 -11.07 -11.52 42.03
CA GLY C 461 -11.74 -11.09 40.82
C GLY C 461 -12.54 -12.21 40.21
N TYR C 462 -12.81 -12.08 38.91
CA TYR C 462 -13.56 -13.10 38.19
C TYR C 462 -12.71 -14.33 37.92
N CYS C 463 -11.46 -14.12 37.48
CA CYS C 463 -10.58 -15.24 37.17
C CYS C 463 -10.16 -16.00 38.41
N ILE C 464 -10.16 -15.35 39.57
CA ILE C 464 -9.87 -16.05 40.82
C ILE C 464 -11.05 -16.91 41.22
N ASP C 465 -12.28 -16.41 41.03
CA ASP C 465 -13.47 -17.18 41.34
C ASP C 465 -13.66 -18.35 40.38
N LEU C 466 -13.17 -18.20 39.15
CA LEU C 466 -13.21 -19.31 38.20
C LEU C 466 -12.25 -20.42 38.59
N LEU C 467 -11.04 -20.04 39.04
CA LEU C 467 -10.00 -21.02 39.28
C LEU C 467 -10.25 -21.82 40.55
N ARG C 468 -10.94 -21.22 41.53
CA ARG C 468 -11.28 -21.93 42.75
C ARG C 468 -12.27 -23.06 42.48
N GLU C 469 -13.23 -22.82 41.59
CA GLU C 469 -14.13 -23.88 41.17
C GLU C 469 -13.42 -24.87 40.26
N LEU C 470 -12.41 -24.42 39.53
CA LEU C 470 -11.57 -25.34 38.76
C LEU C 470 -10.65 -26.13 39.67
N SER C 471 -10.30 -25.57 40.84
CA SER C 471 -9.48 -26.33 41.79
C SER C 471 -10.35 -27.28 42.61
N THR C 472 -11.67 -27.07 42.58
CA THR C 472 -12.57 -27.90 43.38
C THR C 472 -12.87 -29.22 42.67
N ILE C 473 -13.45 -29.16 41.48
CA ILE C 473 -13.85 -30.38 40.78
C ILE C 473 -12.66 -31.03 40.06
N LEU C 474 -11.59 -30.27 39.82
CA LEU C 474 -10.36 -30.81 39.26
C LEU C 474 -9.23 -30.60 40.26
N GLY C 475 -8.52 -31.66 40.63
CA GLY C 475 -7.72 -31.63 41.83
C GLY C 475 -6.33 -31.03 41.71
N PHE C 476 -6.15 -29.83 42.25
CA PHE C 476 -4.85 -29.20 42.40
C PHE C 476 -4.92 -28.12 43.47
N THR C 477 -3.78 -27.50 43.76
CA THR C 477 -3.72 -26.32 44.62
C THR C 477 -2.91 -25.21 43.92
N TYR C 478 -3.59 -24.11 43.60
CA TYR C 478 -3.07 -23.14 42.65
C TYR C 478 -1.95 -22.29 43.24
N GLU C 479 -1.08 -21.79 42.35
CA GLU C 479 0.11 -21.03 42.71
C GLU C 479 0.21 -19.80 41.80
N ILE C 480 -0.81 -18.94 41.86
CA ILE C 480 -0.91 -17.67 41.12
C ILE C 480 0.39 -16.88 41.16
N ARG C 481 0.91 -16.53 39.98
CA ARG C 481 2.20 -15.90 39.84
C ARG C 481 2.21 -14.94 38.65
N LEU C 482 2.32 -13.64 38.91
CA LEU C 482 2.20 -12.62 37.88
C LEU C 482 3.30 -12.69 36.83
N VAL C 483 2.96 -12.35 35.59
CA VAL C 483 3.93 -12.34 34.51
C VAL C 483 4.82 -11.10 34.67
N GLU C 484 6.10 -11.24 34.31
CA GLU C 484 7.08 -10.18 34.49
C GLU C 484 6.83 -9.03 33.52
N ASP C 485 6.40 -9.35 32.30
CA ASP C 485 6.23 -8.34 31.27
C ASP C 485 4.97 -7.51 31.53
N GLY C 486 3.90 -8.17 32.00
CA GLY C 486 2.62 -7.49 32.12
C GLY C 486 1.97 -7.34 30.77
N LYS C 487 2.14 -8.34 29.91
CA LYS C 487 1.66 -8.29 28.53
C LYS C 487 0.88 -9.56 28.24
N TYR C 488 -0.17 -9.44 27.42
CA TYR C 488 -1.00 -10.59 27.07
C TYR C 488 -0.23 -11.58 26.22
N GLY C 489 0.21 -11.14 25.04
CA GLY C 489 0.97 -11.98 24.15
C GLY C 489 0.85 -11.54 22.71
N ALA C 490 1.99 -11.46 22.03
CA ALA C 490 2.06 -11.05 20.64
C ALA C 490 3.39 -11.49 20.04
N GLN C 491 3.43 -11.70 18.74
CA GLN C 491 4.65 -12.13 18.08
C GLN C 491 5.50 -10.92 17.73
N ASP C 492 6.66 -10.79 18.39
CA ASP C 492 7.59 -9.71 18.10
C ASP C 492 8.22 -9.91 16.72
N ASP C 493 8.25 -8.87 15.90
CA ASP C 493 8.49 -9.02 14.46
C ASP C 493 9.95 -9.31 14.14
N VAL C 494 10.88 -8.71 14.87
CA VAL C 494 12.28 -8.74 14.47
C VAL C 494 12.94 -10.07 14.82
N ASN C 495 12.33 -10.86 15.70
CA ASN C 495 12.95 -12.13 16.08
C ASN C 495 11.98 -13.30 16.11
N GLY C 496 10.67 -13.06 16.10
CA GLY C 496 9.69 -14.13 16.19
C GLY C 496 9.45 -14.60 17.61
N GLN C 497 10.13 -14.00 18.59
CA GLN C 497 10.06 -14.42 19.97
C GLN C 497 8.83 -13.85 20.67
N TRP C 498 7.99 -14.73 21.21
CA TRP C 498 6.77 -14.33 21.90
C TRP C 498 7.08 -13.66 23.23
N ASN C 499 6.25 -12.71 23.64
CA ASN C 499 6.46 -12.03 24.91
C ASN C 499 5.17 -11.93 25.70
N GLY C 500 5.25 -12.13 27.02
CA GLY C 500 4.09 -12.03 27.88
C GLY C 500 3.74 -13.36 28.50
N MET C 501 2.43 -13.62 28.62
CA MET C 501 1.98 -14.89 29.18
C MET C 501 2.25 -16.05 28.23
N VAL C 502 2.16 -15.81 26.92
CA VAL C 502 2.23 -16.90 25.95
C VAL C 502 3.66 -17.44 25.84
N ARG C 503 4.65 -16.64 26.26
CA ARG C 503 6.02 -17.13 26.29
C ARG C 503 6.24 -18.11 27.43
N GLU C 504 5.63 -17.85 28.58
CA GLU C 504 5.78 -18.74 29.74
C GLU C 504 5.02 -20.04 29.53
N LEU C 505 3.98 -20.02 28.70
CA LEU C 505 3.23 -21.24 28.41
C LEU C 505 3.99 -22.14 27.43
N ILE C 506 4.79 -21.55 26.54
CA ILE C 506 5.60 -22.34 25.64
C ILE C 506 6.81 -22.92 26.35
N ASP C 507 7.50 -22.09 27.15
CA ASP C 507 8.72 -22.49 27.84
C ASP C 507 8.45 -23.28 29.12
N HIS C 508 7.17 -23.57 29.40
CA HIS C 508 6.69 -24.41 30.51
C HIS C 508 7.09 -23.86 31.88
N LYS C 509 7.33 -22.55 31.98
CA LYS C 509 7.56 -21.92 33.27
C LYS C 509 6.25 -21.79 34.05
N ALA C 510 5.17 -21.48 33.36
CA ALA C 510 3.83 -21.48 33.92
C ALA C 510 3.08 -22.68 33.37
N ASP C 511 1.87 -22.92 33.88
CA ASP C 511 1.12 -24.10 33.48
C ASP C 511 -0.28 -23.77 32.98
N LEU C 512 -0.93 -22.77 33.58
CA LEU C 512 -2.25 -22.34 33.13
C LEU C 512 -2.22 -20.84 32.92
N ALA C 513 -3.19 -20.33 32.16
CA ALA C 513 -3.22 -18.92 31.81
C ALA C 513 -4.62 -18.35 31.99
N VAL C 514 -5.22 -18.58 33.16
CA VAL C 514 -6.55 -18.08 33.47
C VAL C 514 -6.48 -16.56 33.57
N ALA C 515 -6.97 -15.88 32.52
CA ALA C 515 -6.73 -14.47 32.27
C ALA C 515 -7.62 -14.04 31.12
N PRO C 516 -7.78 -12.74 30.84
CA PRO C 516 -8.41 -12.33 29.58
C PRO C 516 -7.57 -12.61 28.34
N LEU C 517 -7.36 -13.88 28.01
CA LEU C 517 -6.48 -14.24 26.91
C LEU C 517 -7.33 -14.64 25.71
N ALA C 518 -7.40 -13.75 24.73
CA ALA C 518 -8.31 -13.89 23.59
C ALA C 518 -7.83 -15.01 22.68
N ILE C 519 -8.71 -15.96 22.39
CA ILE C 519 -8.41 -17.09 21.53
C ILE C 519 -8.34 -16.59 20.09
N THR C 520 -7.14 -16.56 19.52
CA THR C 520 -6.95 -16.05 18.18
C THR C 520 -6.07 -17.01 17.39
N TYR C 521 -5.86 -16.68 16.11
CA TYR C 521 -5.22 -17.60 15.17
C TYR C 521 -3.74 -17.78 15.46
N VAL C 522 -3.03 -16.69 15.72
CA VAL C 522 -1.57 -16.77 15.87
C VAL C 522 -1.20 -17.35 17.22
N ARG C 523 -2.10 -17.27 18.20
CA ARG C 523 -1.85 -17.88 19.50
C ARG C 523 -2.21 -19.37 19.50
N GLU C 524 -3.04 -19.81 18.54
CA GLU C 524 -3.47 -21.21 18.53
C GLU C 524 -2.37 -22.14 18.02
N LYS C 525 -1.49 -21.62 17.17
CA LYS C 525 -0.46 -22.48 16.61
C LYS C 525 0.74 -22.63 17.53
N VAL C 526 0.77 -21.90 18.65
CA VAL C 526 1.89 -21.97 19.57
C VAL C 526 1.47 -22.53 20.93
N ILE C 527 0.30 -22.12 21.43
CA ILE C 527 -0.27 -22.74 22.62
C ILE C 527 -1.69 -23.21 22.28
N ASP C 528 -2.26 -24.02 23.16
CA ASP C 528 -3.57 -24.59 22.89
C ASP C 528 -4.54 -24.17 24.00
N PHE C 529 -5.70 -23.65 23.59
CA PHE C 529 -6.68 -23.09 24.50
C PHE C 529 -7.74 -24.12 24.88
N SER C 530 -8.54 -23.80 25.90
CA SER C 530 -9.72 -24.57 26.24
C SER C 530 -10.92 -23.97 25.50
N LYS C 531 -12.13 -24.40 25.86
CA LYS C 531 -13.32 -23.83 25.27
C LYS C 531 -13.54 -22.41 25.77
N PRO C 532 -14.20 -21.55 24.99
CA PRO C 532 -14.48 -20.19 25.48
C PRO C 532 -15.47 -20.18 26.63
N PHE C 533 -15.00 -19.71 27.79
CA PHE C 533 -15.84 -19.53 28.96
C PHE C 533 -16.56 -18.19 28.95
N MET C 534 -16.24 -17.33 27.99
CA MET C 534 -16.88 -16.02 27.85
C MET C 534 -16.74 -15.52 26.42
N THR C 535 -17.86 -15.28 25.76
CA THR C 535 -17.86 -14.82 24.37
C THR C 535 -18.13 -13.32 24.35
N LEU C 536 -17.31 -12.58 23.61
CA LEU C 536 -17.41 -11.13 23.57
C LEU C 536 -17.30 -10.65 22.13
N GLY C 537 -17.25 -9.33 21.98
CA GLY C 537 -17.08 -8.72 20.68
C GLY C 537 -16.71 -7.27 20.78
N ILE C 538 -16.61 -6.58 19.65
CA ILE C 538 -16.34 -5.15 19.65
C ILE C 538 -17.67 -4.42 19.70
N SER C 539 -17.83 -3.50 20.64
CA SER C 539 -19.04 -2.70 20.74
C SER C 539 -18.68 -1.23 20.89
N ILE C 540 -19.69 -0.38 20.72
CA ILE C 540 -19.48 1.05 20.69
C ILE C 540 -19.78 1.63 22.07
N LEU C 541 -18.78 2.25 22.68
CA LEU C 541 -18.99 2.98 23.93
C LEU C 541 -19.28 4.42 23.57
N TYR C 542 -20.37 4.96 24.14
CA TYR C 542 -20.86 6.27 23.76
C TYR C 542 -21.70 6.88 24.87
N ARG C 543 -21.71 8.21 24.98
CA ARG C 543 -22.46 8.92 26.02
C ARG C 543 -23.96 8.75 25.84
N LYS C 544 -24.67 8.58 26.94
CA LYS C 544 -26.13 8.59 26.95
C LYS C 544 -26.63 9.94 26.48
N PRO C 545 -27.78 9.99 25.73
CA PRO C 545 -28.29 11.28 25.25
C PRO C 545 -28.59 12.25 26.38
N ASN C 546 -28.11 13.48 26.25
CA ASN C 546 -27.83 14.35 27.37
C ASN C 546 -29.05 14.98 28.04
N GLY C 547 -30.25 14.49 27.69
CA GLY C 547 -31.48 15.09 28.15
C GLY C 547 -31.72 16.37 27.38
N THR C 548 -32.26 17.37 28.05
CA THR C 548 -32.37 18.70 27.47
C THR C 548 -31.82 19.73 28.44
N ASN C 549 -31.42 19.25 29.63
CA ASN C 549 -31.10 20.02 30.84
C ASN C 549 -32.20 21.04 31.10
N PRO C 550 -33.38 20.60 31.56
CA PRO C 550 -34.50 21.54 31.69
C PRO C 550 -34.36 22.44 32.90
N GLY C 551 -33.57 22.01 33.89
CA GLY C 551 -33.61 22.67 35.18
C GLY C 551 -34.92 22.33 35.86
N VAL C 552 -35.51 23.28 36.58
CA VAL C 552 -36.81 23.08 37.19
C VAL C 552 -37.79 24.16 36.73
N PHE C 553 -37.27 25.32 36.34
CA PHE C 553 -38.10 26.36 35.73
C PHE C 553 -38.03 26.28 34.21
N SER C 554 -38.39 25.12 33.66
CA SER C 554 -38.33 24.94 32.21
C SER C 554 -39.61 25.39 31.51
N PHE C 555 -40.65 25.71 32.27
CA PHE C 555 -41.90 26.16 31.69
C PHE C 555 -41.80 27.62 31.26
N LEU C 556 -40.77 28.31 31.76
CA LEU C 556 -40.56 29.73 31.48
C LEU C 556 -39.88 29.95 30.14
N ASN C 557 -39.36 28.89 29.53
CA ASN C 557 -38.62 28.89 28.26
C ASN C 557 -39.34 29.40 27.00
N PRO C 558 -40.64 29.01 26.68
CA PRO C 558 -41.20 29.38 25.37
C PRO C 558 -41.37 30.87 25.09
N LEU C 559 -41.38 31.69 26.12
CA LEU C 559 -41.25 33.13 25.94
C LEU C 559 -39.90 33.58 26.48
N SER C 560 -39.26 34.47 25.74
CA SER C 560 -37.95 34.98 26.11
C SER C 560 -38.06 35.84 27.37
N PRO C 561 -36.98 35.95 28.17
CA PRO C 561 -37.06 36.74 29.40
C PRO C 561 -37.24 38.24 29.18
N ASP C 562 -37.04 38.72 27.96
CA ASP C 562 -37.41 40.10 27.65
C ASP C 562 -38.92 40.26 27.63
N ILE C 563 -39.65 39.22 27.19
CA ILE C 563 -41.09 39.30 27.09
C ILE C 563 -41.74 39.19 28.47
N TRP C 564 -41.18 38.34 29.35
CA TRP C 564 -41.76 38.15 30.68
C TRP C 564 -41.66 39.41 31.53
N MET C 565 -40.67 40.25 31.26
CA MET C 565 -40.63 41.56 31.89
C MET C 565 -41.59 42.52 31.21
N TYR C 566 -41.75 42.40 29.89
CA TYR C 566 -42.58 43.36 29.17
C TYR C 566 -44.06 43.07 29.37
N VAL C 567 -44.42 41.82 29.68
CA VAL C 567 -45.80 41.52 30.02
C VAL C 567 -46.14 42.07 31.40
N LEU C 568 -45.23 41.88 32.37
CA LEU C 568 -45.49 42.32 33.74
C LEU C 568 -45.46 43.84 33.83
N LEU C 569 -44.64 44.49 33.02
CA LEU C 569 -44.67 45.95 32.95
C LEU C 569 -45.94 46.45 32.27
N ALA C 570 -46.45 45.69 31.30
CA ALA C 570 -47.74 46.05 30.70
C ALA C 570 -48.89 45.69 31.63
N CYS C 571 -48.70 44.69 32.50
CA CYS C 571 -49.73 44.32 33.46
C CYS C 571 -49.88 45.39 34.54
N LEU C 572 -48.76 45.99 34.94
CA LEU C 572 -48.82 47.11 35.87
C LEU C 572 -49.16 48.41 35.16
N GLY C 573 -48.93 48.44 33.84
CA GLY C 573 -49.17 49.65 33.09
C GLY C 573 -50.62 49.88 32.75
N VAL C 574 -51.26 48.86 32.15
CA VAL C 574 -52.66 48.98 31.72
C VAL C 574 -53.59 49.04 32.92
N SER C 575 -53.19 48.43 34.03
CA SER C 575 -53.99 48.47 35.26
C SER C 575 -54.05 49.89 35.84
N CYS C 576 -52.94 50.62 35.73
CA CYS C 576 -52.93 51.99 36.24
C CYS C 576 -53.67 52.94 35.30
N VAL C 577 -53.59 52.70 34.00
CA VAL C 577 -54.27 53.57 33.02
C VAL C 577 -55.78 53.38 33.12
N LEU C 578 -56.22 52.14 33.40
CA LEU C 578 -57.65 51.89 33.59
C LEU C 578 -58.14 52.51 34.90
N PHE C 579 -57.23 52.70 35.86
CA PHE C 579 -57.59 53.36 37.11
C PHE C 579 -57.76 54.86 36.91
N VAL C 580 -56.92 55.46 36.08
CA VAL C 580 -56.95 56.91 35.87
C VAL C 580 -58.17 57.31 35.06
N ILE C 581 -58.50 56.52 34.02
CA ILE C 581 -59.61 56.84 33.14
C ILE C 581 -60.95 56.67 33.86
N ALA C 582 -61.11 55.60 34.62
CA ALA C 582 -62.39 55.29 35.25
C ALA C 582 -62.73 56.30 36.36
N ARG C 583 -61.72 56.82 37.04
CA ARG C 583 -61.96 57.85 38.04
C ARG C 583 -62.22 59.20 37.39
N PHE C 584 -61.74 59.41 36.17
CA PHE C 584 -61.90 60.69 35.49
C PHE C 584 -63.01 60.65 34.45
N SER C 585 -63.73 59.55 34.37
CA SER C 585 -64.84 59.45 33.43
C SER C 585 -66.14 59.79 34.15
N PRO C 586 -67.07 60.48 33.49
CA PRO C 586 -68.35 60.80 34.12
C PRO C 586 -69.38 59.67 34.04
N TYR C 587 -69.17 58.69 33.16
CA TYR C 587 -70.14 57.61 32.96
C TYR C 587 -69.75 56.32 33.66
N GLU C 588 -68.80 56.37 34.59
CA GLU C 588 -68.42 55.22 35.39
C GLU C 588 -68.86 55.38 36.84
N TRP C 589 -70.04 55.97 37.05
CA TRP C 589 -70.49 56.32 38.38
C TRP C 589 -71.85 55.67 38.67
N TYR C 590 -71.86 54.75 39.63
CA TYR C 590 -73.05 53.99 39.96
C TYR C 590 -73.67 54.50 41.25
N ASN C 591 -74.71 53.79 41.71
CA ASN C 591 -75.22 53.95 43.07
C ASN C 591 -75.20 52.59 43.78
N PRO C 592 -74.92 52.56 45.08
CA PRO C 592 -74.81 51.27 45.80
C PRO C 592 -76.13 50.52 45.93
N HIS C 593 -77.16 51.21 46.42
CA HIS C 593 -78.45 50.57 46.65
C HIS C 593 -79.56 51.48 46.17
N PRO C 594 -80.18 51.20 45.02
CA PRO C 594 -81.12 52.17 44.42
C PRO C 594 -82.53 52.11 44.97
N CYS C 595 -82.69 52.08 46.30
CA CYS C 595 -84.00 52.35 46.89
C CYS C 595 -84.24 53.85 47.02
N ASN C 596 -83.20 54.62 47.30
CA ASN C 596 -83.28 56.08 47.31
C ASN C 596 -82.46 56.60 46.14
N PRO C 597 -83.08 56.90 45.00
CA PRO C 597 -82.30 57.38 43.84
C PRO C 597 -81.86 58.83 43.95
N ASP C 598 -81.02 59.17 44.92
CA ASP C 598 -80.56 60.55 45.10
C ASP C 598 -79.07 60.64 44.82
N SER C 599 -78.51 61.84 44.99
CA SER C 599 -77.09 62.08 44.78
C SER C 599 -76.36 61.88 46.11
N ASP C 600 -75.07 62.24 46.18
CA ASP C 600 -74.21 62.18 47.38
C ASP C 600 -74.03 60.77 47.95
N VAL C 601 -74.38 59.74 47.18
CA VAL C 601 -74.10 58.35 47.51
C VAL C 601 -73.38 57.75 46.31
N VAL C 602 -73.24 58.56 45.26
CA VAL C 602 -72.68 58.13 43.98
C VAL C 602 -71.20 57.82 44.14
N GLU C 603 -70.81 56.60 43.81
CA GLU C 603 -69.44 56.12 44.02
C GLU C 603 -68.99 55.31 42.81
N ASN C 604 -67.70 55.00 42.76
CA ASN C 604 -67.12 54.22 41.68
C ASN C 604 -66.48 52.96 42.25
N ASN C 605 -66.54 51.88 41.47
CA ASN C 605 -66.06 50.57 41.93
C ASN C 605 -64.58 50.34 41.64
N PHE C 606 -63.98 51.15 40.76
CA PHE C 606 -62.60 50.92 40.35
C PHE C 606 -61.62 51.57 41.32
N THR C 607 -61.22 50.80 42.34
CA THR C 607 -60.18 51.23 43.26
C THR C 607 -58.82 50.85 42.68
N LEU C 608 -57.76 51.19 43.41
CA LEU C 608 -56.42 50.88 42.94
C LEU C 608 -56.12 49.39 43.04
N LEU C 609 -56.67 48.73 44.07
CA LEU C 609 -56.51 47.29 44.19
C LEU C 609 -57.38 46.56 43.17
N ASN C 610 -58.57 47.08 42.90
CA ASN C 610 -59.46 46.45 41.93
C ASN C 610 -58.94 46.62 40.50
N SER C 611 -58.33 47.76 40.19
CA SER C 611 -57.78 47.97 38.87
C SER C 611 -56.56 47.08 38.64
N PHE C 612 -55.78 46.82 39.69
CA PHE C 612 -54.73 45.81 39.60
C PHE C 612 -55.32 44.42 39.46
N TRP C 613 -56.49 44.19 40.02
CA TRP C 613 -57.11 42.87 40.00
C TRP C 613 -57.74 42.58 38.64
N PHE C 614 -58.14 43.62 37.91
CA PHE C 614 -58.68 43.41 36.58
C PHE C 614 -57.55 43.09 35.60
N GLY C 615 -56.36 43.64 35.85
CA GLY C 615 -55.23 43.35 34.98
C GLY C 615 -54.74 41.93 35.14
N VAL C 616 -54.64 41.45 36.38
CA VAL C 616 -54.22 40.08 36.63
C VAL C 616 -55.35 39.11 36.30
N GLY C 617 -56.59 39.50 36.61
CA GLY C 617 -57.72 38.59 36.43
C GLY C 617 -58.07 38.34 34.97
N ALA C 618 -57.74 39.30 34.10
CA ALA C 618 -58.00 39.11 32.68
C ALA C 618 -56.82 38.42 32.00
N LEU C 619 -55.63 38.53 32.59
CA LEU C 619 -54.45 37.92 32.01
C LEU C 619 -54.45 36.40 32.19
N MET C 620 -55.17 35.91 33.19
CA MET C 620 -55.14 34.50 33.55
C MET C 620 -56.35 33.73 33.02
N GLN C 621 -57.10 34.32 32.08
CA GLN C 621 -58.28 33.76 31.42
C GLN C 621 -59.40 33.39 32.39
N GLN C 622 -59.42 33.95 33.59
CA GLN C 622 -60.44 33.62 34.57
C GLN C 622 -61.45 34.75 34.72
N GLY C 623 -61.07 35.96 34.28
CA GLY C 623 -61.93 37.11 34.41
C GLY C 623 -62.05 37.59 35.84
N SER C 624 -62.96 38.53 36.05
CA SER C 624 -63.24 39.06 37.38
C SER C 624 -64.65 39.64 37.37
N GLU C 625 -64.98 40.42 38.40
CA GLU C 625 -66.26 41.12 38.40
C GLU C 625 -66.00 42.61 38.60
N LEU C 626 -65.66 43.29 37.51
CA LEU C 626 -65.76 44.75 37.47
C LEU C 626 -66.66 45.19 36.32
N MET C 627 -66.38 44.66 35.12
CA MET C 627 -67.14 44.85 33.89
C MET C 627 -67.36 46.32 33.56
N PRO C 628 -66.35 47.01 33.01
CA PRO C 628 -66.42 48.47 32.79
C PRO C 628 -67.58 48.90 31.90
N LYS C 629 -68.10 50.10 32.16
CA LYS C 629 -69.37 50.53 31.59
C LYS C 629 -69.23 51.48 30.41
N ALA C 630 -68.47 52.56 30.57
CA ALA C 630 -68.37 53.58 29.53
C ALA C 630 -67.45 53.11 28.41
N LEU C 631 -67.51 53.83 27.29
CA LEU C 631 -66.66 53.49 26.15
C LEU C 631 -65.22 53.88 26.41
N SER C 632 -64.98 54.79 27.36
CA SER C 632 -63.63 55.22 27.68
C SER C 632 -62.85 54.12 28.41
N THR C 633 -63.56 53.17 29.01
CA THR C 633 -62.91 52.10 29.75
C THR C 633 -63.06 50.75 29.07
N ARG C 634 -64.05 50.60 28.20
CA ARG C 634 -64.25 49.33 27.52
C ARG C 634 -63.24 49.14 26.38
N ILE C 635 -62.62 50.22 25.92
CA ILE C 635 -61.55 50.09 24.93
C ILE C 635 -60.30 49.54 25.60
N VAL C 636 -60.06 49.96 26.85
CA VAL C 636 -58.96 49.40 27.64
C VAL C 636 -59.24 47.94 27.98
N GLY C 637 -60.48 47.63 28.35
CA GLY C 637 -60.85 46.26 28.60
C GLY C 637 -61.00 45.44 27.32
N GLY C 638 -61.09 46.12 26.18
CA GLY C 638 -61.23 45.39 24.93
C GLY C 638 -59.90 45.07 24.28
N ILE C 639 -58.89 45.92 24.49
CA ILE C 639 -57.59 45.67 23.88
C ILE C 639 -56.73 44.81 24.79
N TRP C 640 -57.01 44.81 26.08
CA TRP C 640 -56.26 43.97 27.00
C TRP C 640 -56.71 42.51 26.89
N TRP C 641 -57.96 42.31 26.46
CA TRP C 641 -58.43 40.95 26.24
C TRP C 641 -57.88 40.38 24.93
N PHE C 642 -57.68 41.24 23.92
CA PHE C 642 -57.03 40.78 22.71
C PHE C 642 -55.53 40.59 22.93
N PHE C 643 -54.97 41.33 23.89
CA PHE C 643 -53.55 41.16 24.22
C PHE C 643 -53.30 39.84 24.92
N THR C 644 -54.26 39.39 25.74
CA THR C 644 -54.00 38.24 26.58
C THR C 644 -54.30 36.92 25.87
N LEU C 645 -54.88 36.99 24.67
CA LEU C 645 -54.98 35.78 23.85
C LEU C 645 -53.68 35.53 23.10
N ILE C 646 -53.09 36.59 22.55
CA ILE C 646 -51.94 36.43 21.67
C ILE C 646 -50.70 36.07 22.49
N ILE C 647 -50.70 36.42 23.78
CA ILE C 647 -49.62 35.96 24.66
C ILE C 647 -49.79 34.47 24.96
N ILE C 648 -51.01 34.07 25.32
CA ILE C 648 -51.22 32.69 25.79
C ILE C 648 -51.26 31.73 24.61
N SER C 649 -51.82 32.15 23.47
CA SER C 649 -51.85 31.25 22.32
C SER C 649 -50.52 31.25 21.57
N SER C 650 -49.55 32.06 22.01
CA SER C 650 -48.19 31.89 21.53
C SER C 650 -47.34 31.18 22.57
N TYR C 651 -47.83 31.08 23.80
CA TYR C 651 -47.14 30.27 24.80
C TYR C 651 -47.48 28.80 24.63
N THR C 652 -48.74 28.51 24.32
CA THR C 652 -49.14 27.13 24.08
C THR C 652 -48.56 26.63 22.77
N ALA C 653 -48.46 27.51 21.77
CA ALA C 653 -47.97 27.10 20.46
C ALA C 653 -46.46 26.87 20.48
N ASN C 654 -45.72 27.70 21.21
CA ASN C 654 -44.27 27.53 21.26
C ASN C 654 -43.87 26.37 22.14
N LEU C 655 -44.63 26.12 23.22
CA LEU C 655 -44.36 24.96 24.05
C LEU C 655 -44.76 23.66 23.35
N ALA C 656 -45.67 23.76 22.38
CA ALA C 656 -45.96 22.61 21.54
C ALA C 656 -44.99 22.50 20.38
N ALA C 657 -43.97 23.36 20.37
CA ALA C 657 -42.89 23.23 19.40
C ALA C 657 -41.62 22.72 20.07
N PHE C 658 -41.46 22.99 21.37
CA PHE C 658 -40.36 22.41 22.12
C PHE C 658 -40.55 20.91 22.29
N LEU C 659 -41.75 20.50 22.65
CA LEU C 659 -41.96 19.13 23.08
C LEU C 659 -42.10 18.17 21.91
N THR C 660 -42.10 18.68 20.69
CA THR C 660 -42.18 17.79 19.52
C THR C 660 -40.87 17.73 18.75
N VAL C 661 -39.97 18.71 18.95
CA VAL C 661 -38.67 18.60 18.30
C VAL C 661 -37.73 17.82 19.22
N GLU C 662 -38.07 17.73 20.50
CA GLU C 662 -37.33 16.89 21.42
C GLU C 662 -37.77 15.43 21.28
N ARG C 663 -39.04 15.21 20.92
CA ARG C 663 -39.57 13.87 20.81
C ARG C 663 -39.11 13.19 19.53
N MET C 664 -39.02 13.95 18.44
CA MET C 664 -38.73 13.42 17.12
C MET C 664 -37.27 12.98 17.01
N GLU C 665 -36.41 13.57 17.83
CA GLU C 665 -34.97 13.33 17.77
C GLU C 665 -34.63 11.91 18.23
N SER C 666 -33.84 11.22 17.41
CA SER C 666 -33.41 9.85 17.67
C SER C 666 -31.89 9.75 17.56
N PRO C 667 -31.24 9.08 18.51
CA PRO C 667 -29.78 8.93 18.42
C PRO C 667 -29.36 7.79 17.50
N ILE C 668 -28.05 7.53 17.42
CA ILE C 668 -27.52 6.44 16.60
C ILE C 668 -27.81 5.10 17.28
N ASP C 669 -27.75 4.02 16.53
CA ASP C 669 -28.20 2.73 17.05
C ASP C 669 -27.22 1.61 16.69
N SER C 670 -26.36 1.86 15.71
CA SER C 670 -25.48 0.81 15.19
C SER C 670 -24.24 1.46 14.60
N ALA C 671 -23.30 0.62 14.18
CA ALA C 671 -22.14 1.11 13.45
C ALA C 671 -22.51 1.57 12.05
N ASP C 672 -23.60 1.05 11.49
CA ASP C 672 -24.06 1.48 10.17
C ASP C 672 -24.55 2.92 10.18
N ASP C 673 -25.25 3.32 11.25
CA ASP C 673 -25.69 4.70 11.37
C ASP C 673 -24.52 5.61 11.73
N LEU C 674 -23.45 5.02 12.29
CA LEU C 674 -22.29 5.81 12.69
C LEU C 674 -21.19 5.72 11.64
N ALA C 675 -21.39 4.91 10.60
CA ALA C 675 -20.45 4.87 9.50
C ALA C 675 -20.57 6.10 8.61
N LYS C 676 -21.71 6.78 8.65
CA LYS C 676 -21.98 7.90 7.74
C LYS C 676 -21.58 9.23 8.36
N GLN C 677 -22.05 9.50 9.58
CA GLN C 677 -21.83 10.78 10.24
C GLN C 677 -20.39 10.89 10.72
N THR C 678 -19.57 11.66 10.00
CA THR C 678 -18.20 11.90 10.40
C THR C 678 -18.07 13.05 11.39
N LYS C 679 -19.19 13.67 11.75
CA LYS C 679 -19.22 14.67 12.82
C LYS C 679 -18.89 14.05 14.17
N ILE C 680 -19.59 12.98 14.55
CA ILE C 680 -19.26 12.22 15.74
C ILE C 680 -18.02 11.40 15.43
N GLU C 681 -16.96 11.59 16.22
CA GLU C 681 -15.66 11.02 15.91
C GLU C 681 -15.59 9.55 16.31
N TYR C 682 -14.83 8.77 15.53
CA TYR C 682 -14.59 7.36 15.81
C TYR C 682 -13.48 7.25 16.85
N GLY C 683 -13.03 6.04 17.14
CA GLY C 683 -11.94 5.88 18.09
C GLY C 683 -11.56 4.42 18.25
N ALA C 684 -10.34 4.21 18.75
CA ALA C 684 -9.78 2.88 18.98
C ALA C 684 -8.60 2.92 19.93
N VAL C 685 -8.26 1.78 20.52
CA VAL C 685 -7.01 1.60 21.24
C VAL C 685 -5.91 1.61 20.20
N GLU C 686 -4.83 2.35 20.47
CA GLU C 686 -3.73 2.44 19.53
C GLU C 686 -2.99 1.10 19.39
N ASP C 687 -3.18 0.48 18.23
CA ASP C 687 -2.57 -0.81 17.85
C ASP C 687 -2.88 -1.92 18.82
N GLY C 688 -4.14 -1.97 19.29
CA GLY C 688 -4.58 -3.05 20.14
C GLY C 688 -5.20 -4.16 19.32
N ALA C 689 -6.25 -4.78 19.87
CA ALA C 689 -6.98 -5.79 19.13
C ALA C 689 -8.12 -5.20 18.32
N THR C 690 -8.61 -4.03 18.73
CA THR C 690 -9.70 -3.39 18.01
C THR C 690 -9.19 -2.70 16.74
N MET C 691 -8.05 -2.01 16.85
CA MET C 691 -7.47 -1.33 15.71
C MET C 691 -6.94 -2.33 14.67
N THR C 692 -6.54 -3.51 15.13
CA THR C 692 -6.06 -4.55 14.23
C THR C 692 -7.20 -5.12 13.40
N PHE C 693 -8.42 -5.12 13.95
CA PHE C 693 -9.56 -5.70 13.26
C PHE C 693 -10.01 -4.84 12.08
N PHE C 694 -10.09 -3.52 12.28
CA PHE C 694 -10.55 -2.64 11.22
C PHE C 694 -9.51 -2.47 10.12
N LYS C 695 -8.24 -2.74 10.42
CA LYS C 695 -7.19 -2.60 9.42
C LYS C 695 -7.22 -3.76 8.43
N LYS C 696 -7.68 -4.92 8.87
CA LYS C 696 -7.64 -6.12 8.03
C LYS C 696 -9.00 -6.48 7.47
N SER C 697 -10.05 -5.78 7.89
CA SER C 697 -11.41 -6.11 7.46
C SER C 697 -11.66 -5.66 6.03
N LYS C 698 -12.59 -6.35 5.37
CA LYS C 698 -12.96 -6.03 3.99
C LYS C 698 -14.43 -5.72 3.84
N ILE C 699 -15.18 -5.63 4.94
CA ILE C 699 -16.61 -5.33 4.91
C ILE C 699 -16.77 -3.84 4.56
N SER C 700 -17.83 -3.52 3.81
CA SER C 700 -18.03 -2.17 3.28
C SER C 700 -18.21 -1.13 4.37
N THR C 701 -18.87 -1.51 5.46
CA THR C 701 -19.04 -0.58 6.58
C THR C 701 -17.74 -0.38 7.32
N TYR C 702 -17.02 -1.48 7.59
CA TYR C 702 -15.90 -1.42 8.52
C TYR C 702 -14.63 -0.92 7.84
N ASP C 703 -14.59 -0.93 6.51
CA ASP C 703 -13.46 -0.34 5.80
C ASP C 703 -13.59 1.18 5.74
N LYS C 704 -14.83 1.68 5.67
CA LYS C 704 -15.06 3.12 5.72
C LYS C 704 -14.78 3.68 7.10
N MET C 705 -14.94 2.87 8.15
CA MET C 705 -14.58 3.29 9.49
C MET C 705 -13.07 3.36 9.66
N TRP C 706 -12.33 2.58 8.88
CA TRP C 706 -10.88 2.65 8.92
C TRP C 706 -10.36 3.82 8.08
N ALA C 707 -11.18 4.30 7.14
CA ALA C 707 -10.77 5.43 6.32
C ALA C 707 -10.71 6.72 7.12
N PHE C 708 -11.52 6.81 8.18
CA PHE C 708 -11.43 7.95 9.09
C PHE C 708 -10.18 7.85 9.97
N MET C 709 -9.98 6.68 10.59
CA MET C 709 -8.93 6.53 11.59
C MET C 709 -7.53 6.55 10.97
N SER C 710 -7.43 6.17 9.70
CA SER C 710 -6.16 6.31 9.00
C SER C 710 -5.83 7.76 8.72
N SER C 711 -6.86 8.59 8.52
CA SER C 711 -6.66 10.00 8.21
C SER C 711 -6.58 10.84 9.49
N ARG C 712 -7.04 10.29 10.60
CA ARG C 712 -7.12 11.06 11.85
C ARG C 712 -6.29 10.42 12.94
N ARG C 713 -5.10 9.94 12.60
CA ARG C 713 -4.22 9.36 13.61
C ARG C 713 -3.67 10.49 14.48
N GLN C 714 -3.47 10.20 15.78
CA GLN C 714 -3.13 11.14 16.86
C GLN C 714 -4.18 12.23 17.03
N SER C 715 -5.40 11.99 16.55
CA SER C 715 -6.51 12.90 16.78
C SER C 715 -7.67 12.18 17.47
N VAL C 716 -8.03 11.01 16.96
CA VAL C 716 -9.12 10.21 17.53
C VAL C 716 -8.57 8.88 18.00
N LEU C 717 -7.29 8.64 17.75
CA LEU C 717 -6.65 7.39 18.16
C LEU C 717 -5.99 7.55 19.52
N VAL C 718 -6.73 7.24 20.58
CA VAL C 718 -6.19 7.32 21.92
C VAL C 718 -5.38 6.04 22.17
N LYS C 719 -4.50 6.06 23.17
CA LYS C 719 -3.56 4.97 23.39
C LYS C 719 -3.88 4.18 24.65
N SER C 720 -4.97 4.52 25.34
CA SER C 720 -5.35 3.83 26.56
C SER C 720 -6.86 3.87 26.76
N ASN C 721 -7.37 2.93 27.56
CA ASN C 721 -8.80 2.88 27.81
C ASN C 721 -9.24 3.95 28.80
N GLU C 722 -8.38 4.27 29.77
CA GLU C 722 -8.72 5.27 30.77
C GLU C 722 -8.75 6.67 30.17
N GLU C 723 -7.93 6.92 29.16
CA GLU C 723 -7.97 8.20 28.46
C GLU C 723 -9.01 8.18 27.36
N GLY C 724 -9.50 7.00 27.00
CA GLY C 724 -10.54 6.91 25.99
C GLY C 724 -11.92 7.12 26.56
N ILE C 725 -12.18 6.59 27.75
CA ILE C 725 -13.46 6.83 28.43
C ILE C 725 -13.56 8.29 28.85
N GLN C 726 -12.43 8.88 29.25
CA GLN C 726 -12.39 10.30 29.58
C GLN C 726 -12.63 11.16 28.36
N ARG C 727 -12.21 10.71 27.18
CA ARG C 727 -12.41 11.48 25.96
C ARG C 727 -13.88 11.45 25.53
N VAL C 728 -14.58 10.35 25.82
CA VAL C 728 -16.03 10.34 25.69
C VAL C 728 -16.66 11.28 26.72
N LEU C 729 -16.05 11.34 27.91
CA LEU C 729 -16.57 12.16 28.99
C LEU C 729 -16.36 13.65 28.73
N THR C 730 -15.44 14.00 27.83
CA THR C 730 -15.26 15.39 27.43
C THR C 730 -16.04 15.74 26.17
N SER C 731 -15.76 15.06 25.06
CA SER C 731 -16.33 15.45 23.77
C SER C 731 -17.24 14.36 23.22
N ASP C 732 -17.76 14.58 22.01
CA ASP C 732 -18.62 13.62 21.33
C ASP C 732 -17.76 12.51 20.72
N TYR C 733 -17.35 11.57 21.55
CA TYR C 733 -16.40 10.53 21.17
C TYR C 733 -17.10 9.18 21.29
N ALA C 734 -16.83 8.30 20.32
CA ALA C 734 -17.61 7.08 20.12
C ALA C 734 -16.69 5.87 20.16
N PHE C 735 -15.93 5.76 21.24
CA PHE C 735 -14.81 4.82 21.40
C PHE C 735 -15.23 3.37 21.21
N LEU C 736 -14.39 2.64 20.47
CA LEU C 736 -14.63 1.24 20.10
C LEU C 736 -13.71 0.37 20.94
N MET C 737 -14.30 -0.61 21.64
CA MET C 737 -13.52 -1.51 22.49
C MET C 737 -14.32 -2.77 22.75
N GLU C 738 -13.77 -3.66 23.58
CA GLU C 738 -14.35 -4.97 23.81
C GLU C 738 -15.63 -4.86 24.63
N SER C 739 -16.52 -5.83 24.45
CA SER C 739 -17.88 -5.69 24.98
C SER C 739 -17.95 -5.96 26.47
N THR C 740 -17.02 -6.75 27.02
CA THR C 740 -17.09 -7.08 28.44
C THR C 740 -16.70 -5.91 29.31
N THR C 741 -15.74 -5.10 28.86
CA THR C 741 -15.31 -3.96 29.64
C THR C 741 -16.35 -2.85 29.58
N ILE C 742 -17.10 -2.76 28.47
CA ILE C 742 -18.20 -1.80 28.38
C ILE C 742 -19.31 -2.18 29.36
N GLU C 743 -19.52 -3.49 29.56
CA GLU C 743 -20.51 -3.94 30.53
C GLU C 743 -20.03 -3.71 31.95
N PHE C 744 -18.74 -3.44 32.14
CA PHE C 744 -18.25 -3.08 33.46
C PHE C 744 -18.32 -1.57 33.69
N VAL C 745 -18.04 -0.78 32.64
CA VAL C 745 -18.00 0.68 32.80
C VAL C 745 -19.41 1.25 32.89
N THR C 746 -20.34 0.70 32.11
CA THR C 746 -21.71 1.23 32.08
C THR C 746 -22.43 0.96 33.40
N GLN C 747 -22.12 -0.16 34.04
CA GLN C 747 -22.71 -0.45 35.34
C GLN C 747 -22.08 0.36 36.47
N ARG C 748 -20.93 0.99 36.21
CA ARG C 748 -20.29 1.83 37.22
C ARG C 748 -20.34 3.31 36.85
N ASN C 749 -20.87 3.63 35.68
CA ASN C 749 -21.02 5.02 35.25
C ASN C 749 -22.38 5.21 34.59
N CYS C 750 -23.21 6.06 35.18
CA CYS C 750 -24.56 6.27 34.70
C CYS C 750 -24.65 7.39 33.67
N ASN C 751 -23.51 7.80 33.13
CA ASN C 751 -23.45 8.74 32.02
C ASN C 751 -22.92 8.09 30.74
N LEU C 752 -22.95 6.76 30.68
CA LEU C 752 -22.46 6.02 29.52
C LEU C 752 -23.44 4.89 29.19
N THR C 753 -23.33 4.36 27.98
CA THR C 753 -24.20 3.27 27.53
C THR C 753 -23.51 2.46 26.45
N GLN C 754 -24.04 1.27 26.15
CA GLN C 754 -23.56 0.43 25.06
C GLN C 754 -24.59 0.45 23.93
N ILE C 755 -24.31 1.22 22.89
CA ILE C 755 -25.21 1.26 21.76
C ILE C 755 -24.67 0.31 20.69
N GLY C 756 -25.56 -0.40 20.00
CA GLY C 756 -25.16 -1.37 19.03
C GLY C 756 -24.98 -2.73 19.67
N GLY C 757 -24.92 -3.76 18.82
CA GLY C 757 -24.72 -5.12 19.27
C GLY C 757 -23.25 -5.46 19.35
N LEU C 758 -22.88 -6.56 18.71
CA LEU C 758 -21.50 -7.00 18.63
C LEU C 758 -21.00 -6.86 17.20
N ILE C 759 -19.74 -6.47 17.05
CA ILE C 759 -19.12 -6.37 15.73
C ILE C 759 -18.37 -7.67 15.40
N ASP C 760 -17.42 -8.05 16.24
CA ASP C 760 -16.66 -9.28 16.07
C ASP C 760 -17.24 -10.32 17.02
N SER C 761 -16.76 -11.57 16.98
CA SER C 761 -17.20 -12.56 17.96
C SER C 761 -16.03 -13.47 18.30
N LYS C 762 -15.30 -13.12 19.36
CA LYS C 762 -14.18 -13.92 19.83
C LYS C 762 -14.46 -14.39 21.25
N GLY C 763 -13.50 -15.07 21.86
CA GLY C 763 -13.69 -15.56 23.21
C GLY C 763 -12.41 -15.68 24.00
N TYR C 764 -12.53 -15.50 25.32
CA TYR C 764 -11.42 -15.74 26.23
C TYR C 764 -11.24 -17.24 26.43
N GLY C 765 -10.09 -17.65 26.95
CA GLY C 765 -9.84 -19.07 27.12
C GLY C 765 -8.72 -19.35 28.10
N VAL C 766 -8.86 -20.46 28.82
CA VAL C 766 -7.84 -20.91 29.75
C VAL C 766 -6.68 -21.51 28.95
N GLY C 767 -5.54 -20.84 28.96
CA GLY C 767 -4.41 -21.27 28.17
C GLY C 767 -3.65 -22.44 28.77
N THR C 768 -3.26 -23.38 27.92
CA THR C 768 -2.46 -24.54 28.29
C THR C 768 -1.23 -24.58 27.40
N PRO C 769 -0.15 -25.28 27.80
CA PRO C 769 0.98 -25.46 26.88
C PRO C 769 0.61 -26.34 25.69
N MET C 770 1.48 -26.32 24.69
CA MET C 770 1.23 -26.98 23.41
C MET C 770 1.18 -28.50 23.53
N GLY C 771 -0.01 -29.06 23.37
CA GLY C 771 -0.20 -30.50 23.50
C GLY C 771 -0.30 -30.98 24.93
N SER C 772 -1.11 -30.32 25.74
CA SER C 772 -1.19 -30.67 27.15
C SER C 772 -2.38 -31.57 27.42
N PRO C 773 -2.27 -32.52 28.34
CA PRO C 773 -3.40 -33.40 28.64
C PRO C 773 -4.48 -32.71 29.46
N TYR C 774 -4.15 -31.66 30.19
CA TYR C 774 -5.11 -31.04 31.09
C TYR C 774 -5.87 -29.91 30.40
N ARG C 775 -5.64 -29.74 29.11
CA ARG C 775 -6.53 -28.94 28.27
C ARG C 775 -7.90 -29.59 28.17
N ASP C 776 -7.93 -30.92 28.09
CA ASP C 776 -9.18 -31.63 27.86
C ASP C 776 -10.02 -31.69 29.14
N LYS C 777 -9.37 -31.72 30.31
CA LYS C 777 -10.13 -31.82 31.55
C LYS C 777 -10.76 -30.48 31.92
N ILE C 778 -10.12 -29.38 31.57
CA ILE C 778 -10.72 -28.06 31.76
C ILE C 778 -11.83 -27.84 30.74
N THR C 779 -11.67 -28.40 29.53
CA THR C 779 -12.71 -28.38 28.50
C THR C 779 -13.99 -29.05 29.00
N ILE C 780 -13.86 -30.16 29.71
CA ILE C 780 -15.01 -30.82 30.31
C ILE C 780 -15.52 -30.00 31.51
N ALA C 781 -14.61 -29.33 32.20
CA ALA C 781 -14.98 -28.65 33.45
C ALA C 781 -15.76 -27.36 33.18
N ILE C 782 -15.37 -26.59 32.17
CA ILE C 782 -16.01 -25.30 31.89
C ILE C 782 -17.45 -25.51 31.44
N LEU C 783 -17.69 -26.54 30.62
CA LEU C 783 -19.03 -26.81 30.12
C LEU C 783 -19.95 -27.34 31.21
N GLN C 784 -19.38 -27.92 32.27
CA GLN C 784 -20.19 -28.33 33.41
C GLN C 784 -20.69 -27.12 34.18
N LEU C 785 -19.87 -26.08 34.29
CA LEU C 785 -20.24 -24.91 35.09
C LEU C 785 -21.13 -23.95 34.31
N GLN C 786 -21.18 -24.09 32.98
CA GLN C 786 -22.07 -23.24 32.20
C GLN C 786 -23.51 -23.71 32.27
N GLU C 787 -23.71 -25.02 32.41
CA GLU C 787 -25.07 -25.55 32.43
C GLU C 787 -25.72 -25.36 33.79
N GLU C 788 -24.95 -25.53 34.86
CA GLU C 788 -25.48 -25.32 36.20
C GLU C 788 -25.41 -23.86 36.62
N GLY C 789 -24.94 -22.97 35.75
CA GLY C 789 -24.99 -21.54 35.96
C GLY C 789 -24.01 -20.99 36.97
N LYS C 790 -22.81 -21.56 37.07
CA LYS C 790 -21.82 -21.01 37.98
C LYS C 790 -21.21 -19.71 37.44
N LEU C 791 -20.96 -19.66 36.13
CA LEU C 791 -20.32 -18.48 35.54
C LEU C 791 -21.26 -17.30 35.47
N HIS C 792 -22.56 -17.54 35.27
CA HIS C 792 -23.49 -16.43 35.18
C HIS C 792 -23.77 -15.83 36.55
N MET C 793 -23.57 -16.63 37.61
CA MET C 793 -23.66 -16.07 38.96
C MET C 793 -22.40 -15.30 39.31
N MET C 794 -21.30 -15.56 38.59
CA MET C 794 -20.06 -14.83 38.82
C MET C 794 -20.00 -13.59 37.94
N LYS C 795 -20.57 -13.69 36.74
CA LYS C 795 -20.59 -12.54 35.83
C LYS C 795 -21.56 -11.47 36.34
N GLU C 796 -22.60 -11.89 37.06
CA GLU C 796 -23.50 -10.92 37.68
C GLU C 796 -22.97 -10.42 39.00
N LYS C 797 -21.90 -11.05 39.50
CA LYS C 797 -21.33 -10.65 40.79
C LYS C 797 -20.27 -9.57 40.61
N TRP C 798 -19.53 -9.63 39.52
CA TRP C 798 -18.43 -8.70 39.29
C TRP C 798 -18.77 -7.55 38.36
N TRP C 799 -19.44 -7.83 37.23
CA TRP C 799 -19.81 -6.78 36.29
C TRP C 799 -21.01 -5.97 36.75
N ARG C 800 -21.83 -6.53 37.65
CA ARG C 800 -22.79 -5.69 38.35
C ARG C 800 -22.22 -5.25 39.68
N GLY C 801 -23.07 -4.68 40.53
CA GLY C 801 -22.63 -4.23 41.84
C GLY C 801 -23.26 -2.91 42.22
N ASN C 802 -23.96 -2.31 41.26
CA ASN C 802 -24.64 -1.04 41.47
C ASN C 802 -25.83 -0.96 40.51
N GLY C 803 -27.06 -1.12 41.00
CA GLY C 803 -28.24 -0.92 40.19
C GLY C 803 -28.42 0.55 39.84
N CYS C 804 -28.40 0.83 38.54
CA CYS C 804 -28.38 2.19 38.03
C CYS C 804 -29.78 2.81 38.05
N PRO C 805 -29.90 4.10 37.67
CA PRO C 805 -31.21 4.70 37.36
C PRO C 805 -31.59 4.80 35.88
N GLU C 806 -32.01 3.68 35.30
CA GLU C 806 -32.54 3.75 33.93
C GLU C 806 -34.07 3.78 33.93
N GLU C 807 -34.69 3.18 34.94
CA GLU C 807 -36.15 3.22 35.06
C GLU C 807 -36.69 4.55 35.55
N GLU C 808 -35.84 5.46 36.06
CA GLU C 808 -36.29 6.75 36.55
C GLU C 808 -36.74 7.67 35.41
N SER C 809 -36.06 7.67 34.27
CA SER C 809 -36.52 8.50 33.17
C SER C 809 -36.99 7.69 31.97
N LYS C 810 -36.07 6.93 31.36
CA LYS C 810 -36.22 6.30 30.04
C LYS C 810 -36.87 7.28 29.07
N GLU C 811 -36.20 8.42 28.85
CA GLU C 811 -36.55 9.56 27.98
C GLU C 811 -37.73 10.38 28.52
N ALA C 812 -38.43 9.84 29.53
CA ALA C 812 -39.57 10.44 30.23
C ALA C 812 -40.60 11.07 29.29
N SER C 813 -41.30 10.26 28.50
CA SER C 813 -42.21 10.79 27.49
C SER C 813 -43.55 11.21 28.09
N ALA C 814 -43.49 12.05 29.12
CA ALA C 814 -44.60 12.63 29.86
C ALA C 814 -43.98 13.67 30.78
N LEU C 815 -44.66 14.80 30.98
CA LEU C 815 -44.06 15.89 31.73
C LEU C 815 -44.07 15.56 33.22
N GLY C 816 -42.94 15.71 33.89
CA GLY C 816 -42.87 15.37 35.29
C GLY C 816 -42.30 16.52 36.10
N VAL C 817 -41.91 16.20 37.33
CA VAL C 817 -41.40 17.18 38.30
C VAL C 817 -40.07 17.76 37.81
N GLN C 818 -39.30 16.98 37.08
CA GLN C 818 -38.07 17.47 36.47
C GLN C 818 -38.32 18.44 35.32
N ASN C 819 -39.54 18.48 34.79
CA ASN C 819 -39.85 19.32 33.63
C ASN C 819 -40.82 20.45 33.95
N ILE C 820 -41.67 20.29 34.97
CA ILE C 820 -42.73 21.27 35.23
C ILE C 820 -42.73 21.68 36.69
N GLY C 821 -41.93 21.01 37.51
CA GLY C 821 -42.01 21.14 38.97
C GLY C 821 -41.64 22.49 39.55
N GLY C 822 -41.19 23.43 38.72
CA GLY C 822 -40.95 24.78 39.19
C GLY C 822 -42.24 25.56 39.39
N ILE C 823 -43.35 25.07 38.83
CA ILE C 823 -44.62 25.74 39.01
C ILE C 823 -45.18 25.45 40.40
N PHE C 824 -44.73 24.36 41.03
CA PHE C 824 -45.16 24.05 42.38
C PHE C 824 -44.39 24.90 43.40
N ILE C 825 -43.16 25.28 43.06
CA ILE C 825 -42.37 26.13 43.95
C ILE C 825 -42.92 27.54 43.96
N VAL C 826 -43.31 28.07 42.80
CA VAL C 826 -43.87 29.42 42.74
C VAL C 826 -45.30 29.42 43.25
N LEU C 827 -45.96 28.24 43.26
CA LEU C 827 -47.25 28.14 43.91
C LEU C 827 -47.11 28.20 45.42
N ALA C 828 -46.11 27.49 45.95
CA ALA C 828 -45.87 27.48 47.39
C ALA C 828 -45.33 28.82 47.86
N ALA C 829 -44.62 29.53 47.00
CA ALA C 829 -44.10 30.85 47.36
C ALA C 829 -45.21 31.89 47.41
N GLY C 830 -46.32 31.65 46.69
CA GLY C 830 -47.44 32.56 46.76
C GLY C 830 -48.24 32.39 48.04
N LEU C 831 -48.36 31.16 48.53
CA LEU C 831 -49.12 30.91 49.75
C LEU C 831 -48.38 31.39 50.99
N VAL C 832 -47.04 31.28 50.99
CA VAL C 832 -46.25 31.77 52.12
C VAL C 832 -46.30 33.29 52.18
N LEU C 833 -46.30 33.94 51.01
CA LEU C 833 -46.37 35.40 50.96
C LEU C 833 -47.75 35.90 51.39
N SER C 834 -48.79 35.10 51.14
CA SER C 834 -50.14 35.55 51.44
C SER C 834 -50.43 35.48 52.94
N VAL C 835 -49.83 34.51 53.63
CA VAL C 835 -49.99 34.38 55.08
C VAL C 835 -49.27 35.54 55.78
N PHE C 836 -48.12 35.95 55.22
CA PHE C 836 -47.39 37.09 55.76
C PHE C 836 -48.15 38.40 55.53
N VAL C 837 -49.01 38.43 54.51
CA VAL C 837 -49.95 39.53 54.35
C VAL C 837 -51.14 39.34 55.29
N ALA C 838 -51.55 38.08 55.52
CA ALA C 838 -52.71 37.80 56.37
C ALA C 838 -52.43 38.17 57.82
N VAL C 839 -51.18 38.04 58.26
CA VAL C 839 -50.79 38.55 59.56
C VAL C 839 -50.70 40.08 59.52
N GLY C 840 -50.14 40.60 58.43
CA GLY C 840 -49.87 42.03 58.36
C GLY C 840 -51.10 42.88 58.12
N GLU C 841 -52.16 42.28 57.59
CA GLU C 841 -53.37 43.06 57.33
C GLU C 841 -54.32 43.00 58.52
N PHE C 842 -54.24 41.93 59.30
CA PHE C 842 -55.04 41.82 60.52
C PHE C 842 -54.55 42.79 61.59
N LEU C 843 -53.25 43.05 61.61
CA LEU C 843 -52.70 43.99 62.57
C LEU C 843 -53.00 45.44 62.16
N TYR C 844 -53.22 45.67 60.87
CA TYR C 844 -53.51 47.02 60.39
C TYR C 844 -54.93 47.44 60.79
N LYS C 845 -55.84 46.46 60.90
CA LYS C 845 -57.20 46.78 61.30
C LYS C 845 -57.30 47.01 62.80
N SER C 846 -56.56 46.21 63.59
CA SER C 846 -56.60 46.34 65.03
C SER C 846 -55.92 47.62 65.51
N LYS C 847 -54.98 48.14 64.71
CA LYS C 847 -54.38 49.43 65.01
C LYS C 847 -55.38 50.56 64.77
N LYS C 848 -56.30 50.35 63.83
CA LYS C 848 -57.31 51.36 63.52
C LYS C 848 -58.37 51.43 64.62
N ASN C 849 -58.59 50.32 65.32
CA ASN C 849 -59.58 50.28 66.40
C ASN C 849 -59.14 51.12 67.60
N ALA C 850 -57.84 51.28 67.78
CA ALA C 850 -57.31 52.09 68.87
C ALA C 850 -57.47 53.57 68.59
N THR D 33 94.58 3.44 7.09
CA THR D 33 93.29 2.90 6.70
C THR D 33 92.58 2.24 7.88
N HIS D 34 91.27 2.45 7.97
CA HIS D 34 90.46 1.87 9.03
C HIS D 34 89.32 1.04 8.44
N VAL D 35 89.68 -0.04 7.74
CA VAL D 35 88.74 -0.83 6.93
C VAL D 35 87.64 -1.45 7.79
N LEU D 36 86.40 -1.28 7.33
CA LEU D 36 85.21 -1.73 8.03
C LEU D 36 84.67 -2.96 7.32
N ARG D 37 84.15 -3.92 8.09
CA ARG D 37 83.73 -5.19 7.50
C ARG D 37 82.37 -5.61 8.03
N PHE D 38 81.37 -5.60 7.15
CA PHE D 38 80.01 -5.99 7.51
C PHE D 38 79.78 -7.48 7.24
N GLY D 39 79.31 -8.21 8.25
CA GLY D 39 78.94 -9.59 8.07
C GLY D 39 77.58 -9.72 7.41
N GLY D 40 77.34 -10.89 6.83
CA GLY D 40 76.09 -11.15 6.15
C GLY D 40 75.82 -12.63 6.02
N ILE D 41 74.59 -13.01 6.40
CA ILE D 41 74.15 -14.40 6.34
C ILE D 41 72.92 -14.47 5.44
N PHE D 42 73.00 -15.23 4.37
CA PHE D 42 71.95 -15.26 3.37
C PHE D 42 71.63 -16.69 2.94
N GLU D 43 70.59 -16.83 2.13
CA GLU D 43 70.07 -18.13 1.71
C GLU D 43 70.96 -18.77 0.66
N TYR D 44 71.18 -20.07 0.76
CA TYR D 44 71.92 -20.85 -0.23
C TYR D 44 70.92 -21.63 -1.08
N VAL D 45 70.72 -21.19 -2.32
CA VAL D 45 69.64 -21.70 -3.16
C VAL D 45 70.20 -22.71 -4.16
N GLU D 46 71.50 -22.55 -4.52
CA GLU D 46 72.33 -23.49 -5.27
C GLU D 46 71.89 -23.69 -6.74
N SER D 47 70.77 -23.09 -7.14
CA SER D 47 70.21 -23.39 -8.47
C SER D 47 70.62 -22.34 -9.49
N GLY D 48 70.26 -21.08 -9.25
CA GLY D 48 70.56 -20.02 -10.17
C GLY D 48 71.47 -18.97 -9.56
N PRO D 49 71.10 -17.69 -9.72
CA PRO D 49 71.91 -16.61 -9.15
C PRO D 49 71.72 -16.49 -7.64
N MET D 50 72.34 -15.45 -7.06
CA MET D 50 72.21 -15.18 -5.64
C MET D 50 70.82 -14.66 -5.33
N GLY D 51 70.47 -14.62 -4.04
CA GLY D 51 69.14 -14.24 -3.62
C GLY D 51 68.87 -12.75 -3.81
N ALA D 52 67.60 -12.38 -3.66
CA ALA D 52 67.19 -11.00 -3.86
C ALA D 52 67.69 -10.11 -2.72
N GLU D 53 67.89 -10.69 -1.54
CA GLU D 53 68.42 -9.92 -0.42
C GLU D 53 69.93 -9.86 -0.47
N GLU D 54 70.57 -10.84 -1.12
CA GLU D 54 72.02 -10.84 -1.21
C GLU D 54 72.50 -9.84 -2.26
N LEU D 55 71.72 -9.67 -3.33
CA LEU D 55 71.99 -8.61 -4.30
C LEU D 55 71.79 -7.23 -3.68
N ALA D 56 70.86 -7.13 -2.71
CA ALA D 56 70.63 -5.86 -2.04
C ALA D 56 71.80 -5.49 -1.15
N PHE D 57 72.52 -6.49 -0.64
CA PHE D 57 73.66 -6.22 0.23
C PHE D 57 74.92 -5.92 -0.58
N ARG D 58 75.02 -6.50 -1.79
CA ARG D 58 76.18 -6.26 -2.63
C ARG D 58 76.07 -4.91 -3.34
N PHE D 59 74.84 -4.53 -3.71
CA PHE D 59 74.65 -3.28 -4.43
C PHE D 59 74.79 -2.08 -3.50
N ALA D 60 74.51 -2.28 -2.21
CA ALA D 60 74.55 -1.17 -1.27
C ALA D 60 75.99 -0.84 -0.86
N VAL D 61 76.82 -1.86 -0.72
CA VAL D 61 78.21 -1.65 -0.33
C VAL D 61 78.99 -0.99 -1.46
N ASN D 62 78.72 -1.42 -2.71
CA ASN D 62 79.38 -0.83 -3.86
C ASN D 62 78.89 0.59 -4.12
N THR D 63 77.69 0.92 -3.64
CA THR D 63 77.19 2.29 -3.76
C THR D 63 77.90 3.22 -2.79
N ILE D 64 78.03 2.80 -1.52
CA ILE D 64 78.70 3.61 -0.50
C ILE D 64 80.18 3.76 -0.81
N ASN D 65 80.80 2.75 -1.44
CA ASN D 65 82.23 2.76 -1.70
C ASN D 65 82.61 3.77 -2.79
N ARG D 66 81.64 4.28 -3.54
CA ARG D 66 81.91 5.34 -4.52
C ARG D 66 81.24 6.65 -4.12
N ASN D 67 80.23 6.57 -3.25
CA ASN D 67 79.56 7.77 -2.77
C ASN D 67 80.32 8.36 -1.59
N ARG D 68 81.24 9.29 -1.84
CA ARG D 68 82.21 9.72 -0.84
C ARG D 68 81.62 10.64 0.23
N THR D 69 80.32 10.92 0.17
CA THR D 69 79.69 11.83 1.10
C THR D 69 79.50 11.20 2.48
N LEU D 70 78.91 10.01 2.52
CA LEU D 70 78.46 9.44 3.79
C LEU D 70 79.54 8.54 4.39
N LEU D 71 80.78 9.06 4.45
CA LEU D 71 81.92 8.43 5.12
C LEU D 71 83.04 9.44 5.29
N PRO D 72 83.58 9.61 6.50
CA PRO D 72 84.79 10.43 6.65
C PRO D 72 86.01 9.77 6.03
N ASN D 73 86.39 8.59 6.54
CA ASN D 73 87.46 7.78 5.96
C ASN D 73 87.15 6.29 6.09
N THR D 74 86.46 5.68 5.14
CA THR D 74 86.04 4.29 5.29
C THR D 74 85.80 3.64 3.93
N THR D 75 86.46 2.50 3.70
CA THR D 75 86.10 1.62 2.62
C THR D 75 85.49 0.33 3.16
N LEU D 76 84.30 -0.01 2.66
CA LEU D 76 83.53 -1.11 3.22
C LEU D 76 83.87 -2.42 2.53
N THR D 77 84.45 -3.35 3.29
CA THR D 77 84.55 -4.73 2.86
C THR D 77 83.39 -5.51 3.46
N TYR D 78 83.18 -6.74 2.98
CA TYR D 78 82.07 -7.54 3.48
C TYR D 78 82.37 -9.03 3.31
N ASP D 79 81.92 -9.83 4.27
CA ASP D 79 82.02 -11.27 4.20
C ASP D 79 80.61 -11.85 4.18
N THR D 80 80.28 -12.59 3.14
CA THR D 80 78.94 -13.15 2.96
C THR D 80 78.98 -14.66 3.05
N GLN D 81 78.26 -15.21 4.02
CA GLN D 81 78.15 -16.65 4.20
C GLN D 81 76.75 -17.12 3.82
N LYS D 82 76.68 -18.19 3.03
CA LYS D 82 75.42 -18.76 2.57
C LYS D 82 75.08 -19.98 3.41
N ILE D 83 73.91 -19.95 4.05
CA ILE D 83 73.45 -21.07 4.85
C ILE D 83 72.18 -21.64 4.22
N ASN D 84 71.84 -22.85 4.63
CA ASN D 84 70.50 -23.38 4.42
C ASN D 84 69.56 -22.86 5.50
N LEU D 85 68.39 -22.36 5.11
CA LEU D 85 67.46 -21.84 6.09
C LEU D 85 66.74 -22.98 6.81
N TYR D 86 65.86 -22.63 7.76
CA TYR D 86 65.22 -23.53 8.71
C TYR D 86 66.28 -24.33 9.48
N ASP D 87 67.35 -23.67 9.89
CA ASP D 87 68.48 -24.34 10.53
C ASP D 87 69.15 -23.32 11.47
N SER D 88 69.25 -23.69 12.75
CA SER D 88 69.85 -22.79 13.73
C SER D 88 71.24 -23.24 14.12
N PHE D 89 71.70 -24.39 13.62
CA PHE D 89 73.04 -24.85 13.94
C PHE D 89 74.05 -24.39 12.88
N GLU D 90 73.64 -24.40 11.61
CA GLU D 90 74.48 -23.83 10.57
C GLU D 90 74.51 -22.31 10.68
N ALA D 91 73.41 -21.71 11.14
CA ALA D 91 73.36 -20.27 11.33
C ALA D 91 74.23 -19.83 12.51
N SER D 92 74.42 -20.72 13.48
CA SER D 92 75.26 -20.39 14.62
C SER D 92 76.73 -20.58 14.31
N LYS D 93 77.05 -21.56 13.46
CA LYS D 93 78.44 -21.78 13.07
C LYS D 93 78.92 -20.71 12.10
N LYS D 94 78.07 -20.34 11.15
CA LYS D 94 78.47 -19.34 10.15
C LYS D 94 78.51 -17.95 10.76
N ALA D 95 77.79 -17.72 11.86
CA ALA D 95 77.92 -16.46 12.57
C ALA D 95 79.25 -16.36 13.28
N CYS D 96 79.66 -17.43 13.97
CA CYS D 96 80.93 -17.41 14.70
C CYS D 96 82.12 -17.53 13.74
N ASP D 97 81.89 -18.01 12.53
CA ASP D 97 82.93 -17.92 11.50
C ASP D 97 83.11 -16.47 11.05
N GLN D 98 82.04 -15.68 11.08
CA GLN D 98 82.17 -14.25 10.77
C GLN D 98 82.71 -13.48 11.97
N LEU D 99 82.50 -14.00 13.18
CA LEU D 99 83.04 -13.35 14.37
C LEU D 99 84.54 -13.54 14.48
N SER D 100 85.03 -14.77 14.34
CA SER D 100 86.46 -15.05 14.47
C SER D 100 87.25 -14.43 13.33
N LEU D 101 86.61 -14.30 12.16
CA LEU D 101 87.23 -13.57 11.06
C LEU D 101 87.20 -12.06 11.32
N GLY D 102 86.22 -11.61 12.10
CA GLY D 102 86.17 -10.22 12.52
C GLY D 102 85.24 -9.36 11.68
N VAL D 103 84.06 -9.03 12.23
CA VAL D 103 83.13 -8.12 11.60
C VAL D 103 82.76 -7.03 12.61
N ALA D 104 81.93 -6.08 12.17
CA ALA D 104 81.45 -5.02 13.04
C ALA D 104 79.92 -5.06 13.17
N ALA D 105 79.24 -5.71 12.24
CA ALA D 105 77.78 -5.84 12.28
C ALA D 105 77.35 -7.06 11.49
N ILE D 106 76.22 -7.65 11.86
CA ILE D 106 75.66 -8.80 11.14
C ILE D 106 74.26 -8.45 10.69
N PHE D 107 74.00 -8.58 9.40
CA PHE D 107 72.69 -8.24 8.84
C PHE D 107 71.73 -9.42 8.86
N GLY D 108 72.16 -10.55 9.40
CA GLY D 108 71.26 -11.56 9.89
C GLY D 108 70.58 -12.42 8.85
N PRO D 109 70.10 -13.59 9.27
CA PRO D 109 69.23 -14.39 8.40
C PRO D 109 67.84 -13.78 8.27
N SER D 110 67.04 -14.34 7.38
CA SER D 110 65.72 -13.79 7.08
C SER D 110 64.62 -14.77 7.45
N HIS D 111 64.77 -15.47 8.57
CA HIS D 111 63.76 -16.40 9.03
C HIS D 111 63.78 -16.49 10.55
N SER D 112 62.60 -16.73 11.14
CA SER D 112 62.41 -16.60 12.58
C SER D 112 63.09 -17.71 13.36
N SER D 113 63.43 -18.82 12.71
CA SER D 113 64.09 -19.92 13.41
C SER D 113 65.59 -19.69 13.48
N SER D 114 66.15 -18.97 12.50
CA SER D 114 67.58 -18.72 12.48
C SER D 114 67.92 -17.37 13.08
N ALA D 115 66.96 -16.45 13.08
CA ALA D 115 67.21 -15.12 13.65
C ALA D 115 67.25 -15.18 15.18
N ASN D 116 66.58 -16.17 15.76
CA ASN D 116 66.59 -16.32 17.21
C ASN D 116 67.96 -16.79 17.71
N ALA D 117 68.68 -17.54 16.88
CA ALA D 117 69.97 -18.06 17.31
C ALA D 117 71.07 -17.01 17.18
N VAL D 118 71.08 -16.28 16.07
CA VAL D 118 72.17 -15.36 15.79
C VAL D 118 72.06 -14.11 16.67
N GLN D 119 70.83 -13.71 17.01
CA GLN D 119 70.61 -12.56 17.88
C GLN D 119 71.18 -12.79 19.28
N SER D 120 71.03 -14.00 19.80
CA SER D 120 71.54 -14.28 21.14
C SER D 120 73.05 -14.47 21.13
N ILE D 121 73.61 -14.80 19.97
CA ILE D 121 75.07 -14.81 19.83
C ILE D 121 75.60 -13.38 19.81
N CYS D 122 74.89 -12.48 19.12
CA CYS D 122 75.33 -11.10 19.00
C CYS D 122 75.20 -10.32 20.31
N ASN D 123 74.32 -10.79 21.21
CA ASN D 123 74.19 -10.13 22.50
C ASN D 123 75.34 -10.47 23.43
N ALA D 124 75.80 -11.73 23.41
CA ALA D 124 76.85 -12.15 24.32
C ALA D 124 78.25 -11.80 23.81
N LEU D 125 78.33 -11.15 22.65
CA LEU D 125 79.62 -10.78 22.09
C LEU D 125 79.76 -9.28 21.87
N GLY D 126 78.65 -8.54 21.80
CA GLY D 126 78.73 -7.10 21.70
C GLY D 126 78.41 -6.53 20.33
N VAL D 127 78.56 -7.35 19.30
CA VAL D 127 78.36 -6.95 17.91
C VAL D 127 76.88 -6.69 17.66
N PRO D 128 76.51 -5.58 17.02
CA PRO D 128 75.09 -5.33 16.71
C PRO D 128 74.56 -6.31 15.67
N HIS D 129 73.26 -6.52 15.69
CA HIS D 129 72.58 -7.44 14.79
C HIS D 129 71.41 -6.70 14.14
N ILE D 130 71.49 -6.48 12.84
CA ILE D 130 70.50 -5.68 12.13
C ILE D 130 69.55 -6.60 11.39
N GLN D 131 68.27 -6.51 11.70
CA GLN D 131 67.26 -7.38 11.14
C GLN D 131 66.46 -6.65 10.07
N THR D 132 66.07 -7.36 9.02
CA THR D 132 65.31 -6.77 7.93
C THR D 132 63.98 -7.47 7.73
N ARG D 133 63.72 -8.51 8.53
CA ARG D 133 62.49 -9.27 8.42
C ARG D 133 61.82 -9.36 9.78
N TRP D 134 60.51 -9.54 9.77
CA TRP D 134 59.74 -9.64 11.00
C TRP D 134 60.00 -10.99 11.66
N LYS D 135 60.41 -10.96 12.92
CA LYS D 135 60.52 -12.16 13.73
C LYS D 135 59.60 -12.01 14.93
N HIS D 136 59.64 -12.98 15.84
CA HIS D 136 58.78 -12.94 17.01
C HIS D 136 59.61 -12.70 18.26
N GLN D 137 59.71 -11.44 18.68
CA GLN D 137 60.14 -11.11 20.02
C GLN D 137 59.14 -11.70 21.00
N VAL D 138 59.59 -12.65 21.83
CA VAL D 138 58.67 -13.63 22.40
C VAL D 138 57.81 -13.01 23.50
N SER D 139 58.38 -12.76 24.67
CA SER D 139 57.77 -11.81 25.60
C SER D 139 58.79 -11.01 26.38
N ASP D 140 59.91 -11.64 26.75
CA ASP D 140 60.83 -11.12 27.75
C ASP D 140 62.28 -11.43 27.40
N ASN D 141 62.58 -11.62 26.12
CA ASN D 141 63.95 -11.87 25.70
C ASN D 141 64.79 -10.62 25.85
N LYS D 142 65.49 -10.49 26.98
CA LYS D 142 66.16 -9.25 27.35
C LYS D 142 67.40 -9.02 26.50
N ASP D 143 67.18 -8.59 25.27
CA ASP D 143 68.26 -8.30 24.33
C ASP D 143 68.24 -6.82 24.00
N SER D 144 69.42 -6.23 23.84
CA SER D 144 69.55 -4.82 23.51
C SER D 144 70.21 -4.61 22.15
N PHE D 145 70.96 -5.59 21.67
CA PHE D 145 71.79 -5.42 20.48
C PHE D 145 71.06 -5.94 19.24
N TYR D 146 69.87 -5.37 18.99
CA TYR D 146 69.14 -5.71 17.78
C TYR D 146 68.26 -4.55 17.33
N VAL D 147 68.18 -4.33 16.02
CA VAL D 147 67.25 -3.37 15.43
C VAL D 147 66.56 -4.05 14.26
N SER D 148 65.32 -3.62 13.98
CA SER D 148 64.52 -4.22 12.92
C SER D 148 64.00 -3.10 12.02
N LEU D 149 64.33 -3.18 10.73
CA LEU D 149 63.91 -2.15 9.79
C LEU D 149 62.59 -2.51 9.12
N TYR D 150 62.11 -3.73 9.35
CA TYR D 150 60.82 -4.12 8.80
C TYR D 150 59.73 -3.43 9.61
N PRO D 151 58.66 -2.93 8.97
CA PRO D 151 57.60 -2.26 9.72
C PRO D 151 56.87 -3.22 10.66
N ASP D 152 56.72 -2.81 11.92
CA ASP D 152 56.18 -3.68 12.94
C ASP D 152 54.70 -3.91 12.71
N PHE D 153 54.23 -5.11 13.08
CA PHE D 153 52.81 -5.41 13.00
C PHE D 153 52.04 -4.96 14.23
N SER D 154 52.69 -4.25 15.15
CA SER D 154 51.97 -3.48 16.15
C SER D 154 51.66 -2.08 15.63
N SER D 155 52.03 -1.81 14.37
CA SER D 155 51.65 -0.55 13.74
C SER D 155 50.93 -0.79 12.42
N LEU D 156 51.33 -1.83 11.68
CA LEU D 156 50.65 -2.17 10.43
C LEU D 156 49.25 -2.72 10.68
N SER D 157 49.04 -3.40 11.80
CA SER D 157 47.70 -3.91 12.11
C SER D 157 46.76 -2.79 12.57
N ARG D 158 47.33 -1.66 12.98
CA ARG D 158 46.50 -0.49 13.26
C ARG D 158 46.09 0.20 11.96
N ALA D 159 46.97 0.17 10.96
CA ALA D 159 46.65 0.79 9.68
C ALA D 159 45.59 -0.01 8.94
N ILE D 160 45.61 -1.34 9.08
CA ILE D 160 44.53 -2.16 8.53
C ILE D 160 43.25 -1.92 9.32
N LEU D 161 43.38 -1.68 10.62
CA LEU D 161 42.22 -1.36 11.46
C LEU D 161 41.67 0.03 11.12
N ASP D 162 42.51 0.91 10.57
CA ASP D 162 42.01 2.23 10.17
C ASP D 162 41.24 2.15 8.86
N LEU D 163 41.68 1.28 7.93
CA LEU D 163 41.00 1.17 6.64
C LEU D 163 39.69 0.41 6.76
N VAL D 164 39.51 -0.38 7.81
CA VAL D 164 38.26 -1.10 7.97
C VAL D 164 37.23 -0.21 8.68
N GLN D 165 37.71 0.80 9.41
CA GLN D 165 36.78 1.75 10.02
C GLN D 165 36.45 2.88 9.06
N PHE D 166 37.31 3.13 8.09
CA PHE D 166 37.02 4.15 7.08
C PHE D 166 36.08 3.62 6.01
N PHE D 167 36.16 2.33 5.70
CA PHE D 167 35.30 1.73 4.70
C PHE D 167 33.98 1.24 5.27
N LYS D 168 33.80 1.36 6.59
CA LYS D 168 32.56 1.07 7.32
C LYS D 168 32.10 -0.37 7.17
N TRP D 169 32.95 -1.33 7.55
CA TRP D 169 32.63 -2.73 7.33
C TRP D 169 32.02 -3.39 8.56
N LYS D 170 31.42 -4.56 8.36
CA LYS D 170 30.90 -5.36 9.46
C LYS D 170 31.28 -6.83 9.33
N THR D 171 31.58 -7.30 8.12
CA THR D 171 31.63 -8.74 7.83
C THR D 171 32.99 -9.14 7.23
N VAL D 172 34.07 -8.77 7.92
CA VAL D 172 35.43 -9.08 7.48
C VAL D 172 35.70 -10.58 7.53
N THR D 173 36.59 -11.05 6.65
CA THR D 173 36.83 -12.48 6.45
C THR D 173 38.33 -12.73 6.36
N VAL D 174 39.07 -12.33 7.40
CA VAL D 174 40.53 -12.43 7.51
C VAL D 174 41.08 -13.80 7.12
N VAL D 175 41.97 -13.83 6.13
CA VAL D 175 42.55 -15.07 5.65
C VAL D 175 44.07 -14.97 5.76
N TYR D 176 44.68 -15.92 6.46
CA TYR D 176 46.13 -15.97 6.56
C TYR D 176 46.66 -17.23 5.88
N ASP D 177 47.96 -17.49 5.98
CA ASP D 177 48.53 -18.68 5.38
C ASP D 177 49.30 -19.54 6.37
N ASP D 178 49.95 -18.95 7.37
CA ASP D 178 50.70 -19.72 8.34
C ASP D 178 50.32 -19.29 9.76
N SER D 179 50.51 -20.20 10.70
CA SER D 179 50.15 -19.98 12.10
C SER D 179 50.94 -18.86 12.75
N THR D 180 52.14 -18.57 12.27
CA THR D 180 52.88 -17.38 12.71
C THR D 180 52.18 -16.11 12.26
N GLY D 181 51.49 -16.15 11.11
CA GLY D 181 50.86 -14.96 10.56
C GLY D 181 49.64 -14.50 11.33
N LEU D 182 49.10 -15.37 12.20
CA LEU D 182 47.97 -14.99 13.02
C LEU D 182 48.39 -14.15 14.23
N ILE D 183 49.69 -14.05 14.49
CA ILE D 183 50.21 -13.04 15.41
C ILE D 183 50.29 -11.68 14.73
N ARG D 184 50.56 -11.66 13.42
CA ARG D 184 50.82 -10.40 12.71
C ARG D 184 49.56 -9.55 12.57
N LEU D 185 48.38 -10.14 12.79
CA LEU D 185 47.14 -9.39 12.82
C LEU D 185 46.52 -9.40 14.21
N GLN D 186 47.33 -9.18 15.24
CA GLN D 186 46.88 -9.31 16.63
C GLN D 186 45.87 -8.22 16.99
N GLU D 187 46.12 -6.99 16.54
CA GLU D 187 45.20 -5.90 16.84
C GLU D 187 43.95 -5.98 15.98
N LEU D 188 44.03 -6.68 14.85
CA LEU D 188 42.87 -6.84 13.99
C LEU D 188 41.95 -7.95 14.51
N ILE D 189 42.51 -8.93 15.21
CA ILE D 189 41.70 -9.99 15.81
C ILE D 189 41.02 -9.45 17.07
N LYS D 190 41.69 -8.54 17.78
CA LYS D 190 41.11 -7.95 18.98
C LYS D 190 40.21 -6.75 18.68
N ALA D 191 39.79 -6.61 17.43
CA ALA D 191 38.92 -5.51 16.99
C ALA D 191 37.43 -5.63 17.35
N PRO D 192 36.75 -6.84 17.31
CA PRO D 192 35.33 -6.85 17.71
C PRO D 192 35.06 -6.62 19.19
N SER D 193 36.11 -6.51 20.00
CA SER D 193 35.97 -6.13 21.40
C SER D 193 35.45 -4.70 21.52
N ARG D 194 35.91 -3.79 20.67
CA ARG D 194 35.51 -2.39 20.76
C ARG D 194 34.42 -2.04 19.75
N TYR D 195 34.70 -2.26 18.47
CA TYR D 195 33.80 -1.82 17.42
C TYR D 195 32.75 -2.87 17.08
N ASN D 196 31.93 -2.61 16.07
CA ASN D 196 30.93 -3.56 15.61
C ASN D 196 31.42 -4.34 14.39
N LEU D 197 32.48 -5.13 14.54
CA LEU D 197 32.93 -5.98 13.45
C LEU D 197 32.50 -7.42 13.72
N ARG D 198 32.57 -8.26 12.69
CA ARG D 198 32.31 -9.68 12.84
C ARG D 198 33.35 -10.43 12.01
N LEU D 199 34.43 -10.85 12.67
CA LEU D 199 35.52 -11.57 12.02
C LEU D 199 35.08 -12.95 11.54
N LYS D 200 35.72 -13.44 10.49
CA LYS D 200 35.59 -14.82 10.08
C LYS D 200 36.96 -15.32 9.63
N ILE D 201 37.73 -15.88 10.55
CA ILE D 201 39.12 -16.23 10.29
C ILE D 201 39.17 -17.58 9.57
N ARG D 202 39.83 -17.61 8.42
CA ARG D 202 40.03 -18.84 7.68
C ARG D 202 41.52 -19.04 7.44
N GLN D 203 41.88 -20.11 6.74
CA GLN D 203 43.28 -20.43 6.52
C GLN D 203 43.46 -21.09 5.16
N LEU D 204 44.48 -20.65 4.42
CA LEU D 204 44.85 -21.24 3.14
C LEU D 204 45.37 -22.66 3.35
N PRO D 205 45.25 -23.54 2.35
CA PRO D 205 45.81 -24.89 2.50
C PRO D 205 47.33 -24.90 2.49
N ALA D 206 47.91 -26.06 2.78
CA ALA D 206 49.35 -26.18 2.99
C ALA D 206 50.11 -26.17 1.66
N ASP D 207 50.21 -24.98 1.05
CA ASP D 207 51.02 -24.68 -0.13
C ASP D 207 50.69 -25.57 -1.33
N THR D 208 49.42 -25.91 -1.50
CA THR D 208 49.02 -26.82 -2.56
C THR D 208 48.78 -26.06 -3.86
N LYS D 209 48.72 -24.73 -3.75
CA LYS D 209 48.30 -23.80 -4.80
C LYS D 209 46.94 -24.21 -5.37
N ASP D 210 45.96 -24.43 -4.50
CA ASP D 210 44.59 -24.72 -4.89
C ASP D 210 43.67 -24.22 -3.79
N ALA D 211 43.21 -22.98 -3.93
CA ALA D 211 42.33 -22.36 -2.95
C ALA D 211 40.87 -22.50 -3.32
N LYS D 212 40.55 -23.33 -4.31
CA LYS D 212 39.18 -23.55 -4.74
C LYS D 212 38.27 -24.20 -3.69
N PRO D 213 38.71 -25.15 -2.83
CA PRO D 213 37.82 -25.54 -1.72
C PRO D 213 37.61 -24.44 -0.69
N LEU D 214 38.53 -23.49 -0.58
CA LEU D 214 38.35 -22.39 0.36
C LEU D 214 37.48 -21.29 -0.23
N LEU D 215 37.75 -20.93 -1.50
CA LEU D 215 37.03 -19.82 -2.11
C LEU D 215 35.59 -20.19 -2.46
N LYS D 216 35.30 -21.48 -2.62
CA LYS D 216 33.92 -21.89 -2.86
C LYS D 216 33.07 -21.72 -1.61
N GLU D 217 33.71 -21.80 -0.43
CA GLU D 217 32.97 -21.59 0.82
C GLU D 217 32.87 -20.12 1.16
N MET D 218 33.52 -19.25 0.39
CA MET D 218 33.44 -17.82 0.65
C MET D 218 32.37 -17.16 -0.22
N LYS D 219 32.19 -17.66 -1.44
CA LYS D 219 31.08 -17.21 -2.28
C LYS D 219 29.76 -17.71 -1.73
N ARG D 220 29.71 -18.98 -1.34
CA ARG D 220 28.51 -19.60 -0.79
C ARG D 220 28.15 -19.03 0.57
N GLY D 221 29.14 -18.58 1.34
CA GLY D 221 28.87 -17.94 2.61
C GLY D 221 28.69 -16.45 2.51
N LYS D 222 28.80 -15.91 1.28
CA LYS D 222 28.61 -14.50 0.94
C LYS D 222 29.56 -13.60 1.73
N GLU D 223 30.87 -13.77 1.50
CA GLU D 223 31.89 -12.96 2.15
C GLU D 223 32.45 -11.97 1.13
N PHE D 224 32.14 -10.69 1.31
CA PHE D 224 32.43 -9.68 0.30
C PHE D 224 33.59 -8.77 0.69
N HIS D 225 34.20 -9.01 1.85
CA HIS D 225 35.28 -8.14 2.32
C HIS D 225 36.40 -9.02 2.90
N VAL D 226 37.57 -9.01 2.26
CA VAL D 226 38.62 -10.00 2.52
C VAL D 226 39.91 -9.27 2.87
N ILE D 227 40.59 -9.74 3.92
CA ILE D 227 41.80 -9.11 4.47
C ILE D 227 42.96 -10.10 4.35
N PHE D 228 43.14 -10.69 3.15
CA PHE D 228 44.25 -11.56 2.76
C PHE D 228 45.59 -11.20 3.37
N ASP D 229 46.25 -12.18 3.99
CA ASP D 229 47.50 -12.01 4.73
C ASP D 229 48.53 -13.00 4.18
N CYS D 230 48.68 -13.03 2.86
CA CYS D 230 49.68 -13.86 2.23
C CYS D 230 50.74 -12.96 1.58
N SER D 231 51.87 -13.56 1.24
CA SER D 231 52.92 -12.85 0.55
C SER D 231 52.53 -12.59 -0.90
N HIS D 232 53.31 -11.75 -1.58
CA HIS D 232 52.96 -11.38 -2.95
C HIS D 232 53.24 -12.52 -3.93
N GLU D 233 54.05 -13.50 -3.52
CA GLU D 233 54.17 -14.71 -4.33
C GLU D 233 52.91 -15.56 -4.24
N MET D 234 52.26 -15.56 -3.07
CA MET D 234 51.01 -16.30 -2.92
C MET D 234 49.79 -15.42 -3.09
N ALA D 235 49.99 -14.16 -3.46
CA ALA D 235 48.85 -13.29 -3.73
C ALA D 235 48.36 -13.45 -5.16
N ALA D 236 49.29 -13.60 -6.10
CA ALA D 236 48.91 -13.83 -7.50
C ALA D 236 48.35 -15.22 -7.69
N GLY D 237 48.70 -16.16 -6.80
CA GLY D 237 48.19 -17.51 -6.92
C GLY D 237 46.75 -17.65 -6.46
N ILE D 238 46.28 -16.70 -5.65
CA ILE D 238 44.90 -16.76 -5.18
C ILE D 238 44.08 -15.62 -5.77
N LEU D 239 44.66 -14.86 -6.69
CA LEU D 239 43.86 -13.98 -7.53
C LEU D 239 43.66 -14.59 -8.92
N LYS D 240 44.54 -15.50 -9.32
CA LYS D 240 44.32 -16.26 -10.54
C LYS D 240 43.26 -17.32 -10.32
N GLN D 241 43.09 -17.76 -9.06
CA GLN D 241 42.07 -18.75 -8.75
C GLN D 241 40.78 -18.11 -8.27
N ALA D 242 40.83 -16.83 -7.91
CA ALA D 242 39.60 -16.11 -7.57
C ALA D 242 38.90 -15.63 -8.83
N LEU D 243 39.63 -15.53 -9.94
CA LEU D 243 39.02 -15.16 -11.21
C LEU D 243 38.30 -16.34 -11.83
N ALA D 244 38.90 -17.54 -11.75
CA ALA D 244 38.30 -18.75 -12.31
C ALA D 244 37.08 -19.18 -11.52
N MET D 245 37.01 -18.81 -10.24
CA MET D 245 35.82 -19.04 -9.44
C MET D 245 34.80 -17.93 -9.62
N GLY D 246 35.17 -16.88 -10.35
CA GLY D 246 34.26 -15.78 -10.61
C GLY D 246 33.96 -14.93 -9.40
N MET D 247 34.93 -14.79 -8.49
CA MET D 247 34.75 -14.00 -7.28
C MET D 247 35.35 -12.61 -7.37
N MET D 248 35.93 -12.24 -8.49
CA MET D 248 36.42 -10.87 -8.65
C MET D 248 35.45 -10.03 -9.47
N THR D 249 34.26 -9.83 -8.92
CA THR D 249 33.22 -9.03 -9.54
C THR D 249 33.31 -7.61 -9.00
N GLU D 250 32.31 -6.77 -9.21
CA GLU D 250 32.29 -5.42 -8.65
C GLU D 250 31.72 -5.36 -7.25
N TYR D 251 31.49 -6.51 -6.61
CA TYR D 251 30.90 -6.57 -5.27
C TYR D 251 31.95 -6.85 -4.20
N TYR D 252 33.17 -7.16 -4.60
CA TYR D 252 34.18 -7.72 -3.72
C TYR D 252 35.29 -6.72 -3.46
N HIS D 253 35.68 -6.58 -2.19
CA HIS D 253 36.82 -5.77 -1.78
C HIS D 253 37.96 -6.71 -1.41
N TYR D 254 39.20 -6.24 -1.47
CA TYR D 254 40.34 -7.08 -1.08
C TYR D 254 41.45 -6.24 -0.49
N ILE D 255 41.52 -6.15 0.84
CA ILE D 255 42.65 -5.48 1.49
C ILE D 255 43.80 -6.48 1.63
N PHE D 256 44.96 -6.13 1.09
CA PHE D 256 46.11 -7.02 1.20
C PHE D 256 47.05 -6.51 2.28
N THR D 257 47.61 -7.44 3.05
CA THR D 257 48.47 -7.12 4.19
C THR D 257 49.90 -6.82 3.75
N THR D 258 50.38 -7.50 2.71
CA THR D 258 51.77 -7.39 2.28
C THR D 258 52.06 -6.01 1.70
N LEU D 259 53.36 -5.67 1.64
CA LEU D 259 53.79 -4.36 1.19
C LEU D 259 54.27 -4.38 -0.25
N ASP D 260 54.10 -5.51 -0.94
CA ASP D 260 54.53 -5.63 -2.33
C ASP D 260 53.33 -5.79 -3.24
N LEU D 261 52.27 -5.02 -2.99
CA LEU D 261 51.10 -5.07 -3.85
C LEU D 261 51.35 -4.40 -5.18
N PHE D 262 52.29 -3.46 -5.23
CA PHE D 262 52.62 -2.72 -6.44
C PHE D 262 53.30 -3.60 -7.48
N ALA D 263 53.90 -4.72 -7.06
CA ALA D 263 54.57 -5.62 -7.98
C ALA D 263 53.67 -6.75 -8.42
N LEU D 264 52.37 -6.49 -8.49
CA LEU D 264 51.38 -7.46 -8.99
C LEU D 264 51.00 -7.12 -10.42
N ASP D 265 50.97 -8.14 -11.29
CA ASP D 265 50.42 -7.98 -12.63
C ASP D 265 48.91 -7.85 -12.50
N VAL D 266 48.39 -6.65 -12.72
CA VAL D 266 47.00 -6.33 -12.43
C VAL D 266 46.22 -6.04 -13.72
N GLU D 267 46.87 -6.14 -14.87
CA GLU D 267 46.25 -5.98 -16.19
C GLU D 267 45.06 -6.91 -16.48
N PRO D 268 45.00 -8.20 -16.01
CA PRO D 268 43.73 -8.93 -16.17
C PRO D 268 42.63 -8.46 -15.23
N TYR D 269 42.97 -7.65 -14.23
CA TYR D 269 42.00 -7.25 -13.23
C TYR D 269 41.78 -5.74 -13.17
N ARG D 270 42.37 -4.99 -14.09
CA ARG D 270 42.35 -3.54 -14.03
C ARG D 270 40.97 -2.98 -14.34
N TYR D 271 40.18 -3.69 -15.15
CA TYR D 271 38.88 -3.22 -15.59
C TYR D 271 37.72 -3.86 -14.82
N SER D 272 37.99 -4.90 -14.04
CA SER D 272 36.97 -5.79 -13.49
C SER D 272 36.04 -5.12 -12.49
N GLY D 273 36.44 -3.99 -11.92
CA GLY D 273 35.61 -3.31 -10.95
C GLY D 273 35.89 -3.72 -9.52
N VAL D 274 36.96 -4.47 -9.31
CA VAL D 274 37.32 -4.92 -7.97
C VAL D 274 37.98 -3.79 -7.20
N ASN D 275 38.17 -4.00 -5.90
CA ASN D 275 38.78 -2.99 -5.04
C ASN D 275 40.03 -3.57 -4.38
N MET D 276 41.18 -3.48 -5.04
CA MET D 276 42.40 -4.02 -4.47
C MET D 276 43.15 -2.95 -3.68
N THR D 277 42.67 -2.69 -2.46
CA THR D 277 43.28 -1.69 -1.59
C THR D 277 44.45 -2.35 -0.86
N GLY D 278 45.48 -1.59 -0.53
CA GLY D 278 46.62 -2.14 0.17
C GLY D 278 47.53 -1.07 0.73
N PHE D 279 48.79 -1.44 0.92
CA PHE D 279 49.78 -0.50 1.45
C PHE D 279 51.08 -0.61 0.68
N ARG D 280 51.86 0.46 0.71
CA ARG D 280 53.18 0.48 0.10
C ARG D 280 54.06 1.46 0.87
N ILE D 281 55.19 0.97 1.38
CA ILE D 281 56.14 1.82 2.08
C ILE D 281 57.23 2.26 1.11
N LEU D 282 57.38 1.55 0.00
CA LEU D 282 58.43 1.85 -0.97
C LEU D 282 58.13 3.15 -1.71
N ASN D 283 58.89 4.19 -1.39
CA ASN D 283 58.62 5.55 -1.86
C ASN D 283 59.00 5.69 -3.33
N THR D 284 58.03 5.41 -4.21
CA THR D 284 58.27 5.59 -5.64
C THR D 284 57.72 6.92 -6.13
N GLU D 285 57.56 7.89 -5.23
CA GLU D 285 57.09 9.21 -5.62
C GLU D 285 58.24 10.21 -5.62
N ASN D 286 59.38 9.83 -5.06
CA ASN D 286 60.55 10.71 -5.05
C ASN D 286 61.43 10.36 -6.24
N THR D 287 61.93 11.38 -6.92
CA THR D 287 62.68 11.18 -8.16
C THR D 287 64.05 10.56 -7.91
N GLN D 288 64.74 11.03 -6.87
CA GLN D 288 66.05 10.51 -6.55
C GLN D 288 65.95 9.09 -5.98
N VAL D 289 64.85 8.79 -5.31
CA VAL D 289 64.67 7.46 -4.72
C VAL D 289 64.28 6.45 -5.80
N SER D 290 63.39 6.85 -6.72
CA SER D 290 62.95 5.94 -7.78
C SER D 290 64.01 5.77 -8.85
N SER D 291 65.02 6.66 -8.87
CA SER D 291 66.13 6.50 -9.79
C SER D 291 67.00 5.29 -9.41
N ILE D 292 67.07 4.98 -8.12
CA ILE D 292 67.84 3.83 -7.66
C ILE D 292 67.16 2.54 -8.10
N ILE D 293 65.81 2.53 -8.09
CA ILE D 293 65.05 1.40 -8.62
C ILE D 293 65.26 1.30 -10.13
N GLU D 294 65.41 2.44 -10.80
CA GLU D 294 65.76 2.44 -12.22
C GLU D 294 67.19 1.95 -12.44
N LYS D 295 68.07 2.16 -11.45
CA LYS D 295 69.41 1.61 -11.53
C LYS D 295 69.46 0.19 -10.98
N TRP D 296 68.37 -0.29 -10.40
CA TRP D 296 68.37 -1.60 -9.76
C TRP D 296 68.31 -2.72 -10.79
N SER D 297 67.52 -2.54 -11.85
CA SER D 297 67.36 -3.61 -12.83
C SER D 297 68.38 -3.47 -13.96
N MET D 298 69.45 -2.70 -13.74
CA MET D 298 70.50 -2.57 -14.73
C MET D 298 71.61 -3.58 -14.48
N GLU D 299 71.57 -4.26 -13.34
CA GLU D 299 72.54 -5.31 -13.04
C GLU D 299 71.85 -6.60 -12.65
N ARG D 300 70.60 -6.79 -13.09
CA ARG D 300 69.81 -7.94 -12.67
C ARG D 300 69.46 -8.81 -13.88
N LEU D 301 69.75 -8.30 -15.09
CA LEU D 301 69.23 -8.68 -16.41
C LEU D 301 69.01 -10.17 -16.67
N GLN D 302 69.90 -11.02 -16.16
CA GLN D 302 69.81 -12.46 -16.39
C GLN D 302 68.62 -13.08 -15.66
N ALA D 303 68.00 -14.07 -16.29
CA ALA D 303 66.90 -14.89 -15.77
C ALA D 303 65.69 -14.08 -15.28
N PRO D 304 64.86 -13.55 -16.18
CA PRO D 304 63.58 -12.98 -15.73
C PRO D 304 62.66 -14.06 -15.20
N PRO D 305 62.28 -13.98 -13.92
CA PRO D 305 61.66 -15.15 -13.26
C PRO D 305 60.20 -15.40 -13.64
N LYS D 306 60.00 -16.44 -14.47
CA LYS D 306 58.76 -17.14 -14.81
C LYS D 306 57.60 -16.20 -15.15
N PRO D 307 57.58 -15.57 -16.33
CA PRO D 307 56.51 -14.61 -16.64
C PRO D 307 55.16 -15.26 -16.96
N ASP D 308 54.63 -16.10 -16.08
CA ASP D 308 53.31 -16.69 -16.23
C ASP D 308 52.59 -16.79 -14.89
N SER D 309 53.20 -16.22 -13.85
CA SER D 309 52.68 -16.33 -12.49
C SER D 309 51.81 -15.13 -12.12
N GLY D 310 52.24 -13.94 -12.49
CA GLY D 310 51.52 -12.73 -12.13
C GLY D 310 52.38 -11.67 -11.48
N LEU D 311 53.70 -11.75 -11.65
CA LEU D 311 54.60 -10.75 -11.11
C LEU D 311 55.24 -9.95 -12.23
N LEU D 312 55.72 -8.76 -11.91
CA LEU D 312 56.34 -7.91 -12.91
C LEU D 312 57.85 -7.88 -12.73
N ASP D 313 58.57 -7.51 -13.80
CA ASP D 313 60.01 -7.75 -13.87
C ASP D 313 60.79 -6.69 -13.12
N GLY D 314 60.67 -5.43 -13.54
CA GLY D 314 61.55 -4.39 -13.04
C GLY D 314 61.10 -3.68 -11.79
N PHE D 315 60.51 -4.42 -10.85
CA PHE D 315 60.02 -3.84 -9.59
C PHE D 315 60.76 -4.48 -8.43
N MET D 316 61.38 -3.64 -7.61
CA MET D 316 62.10 -4.08 -6.42
C MET D 316 61.10 -4.53 -5.35
N THR D 317 61.34 -5.70 -4.77
CA THR D 317 60.54 -6.14 -3.63
C THR D 317 60.94 -5.36 -2.38
N THR D 318 60.06 -5.37 -1.38
CA THR D 318 60.36 -4.64 -0.15
C THR D 318 61.34 -5.39 0.74
N ASP D 319 61.61 -6.65 0.43
CA ASP D 319 62.60 -7.41 1.19
C ASP D 319 64.02 -6.97 0.83
N ALA D 320 64.19 -6.49 -0.40
CA ALA D 320 65.51 -6.02 -0.82
C ALA D 320 65.67 -4.54 -0.55
N ALA D 321 64.56 -3.80 -0.43
CA ALA D 321 64.65 -2.38 -0.13
C ALA D 321 65.11 -2.16 1.30
N LEU D 322 64.72 -3.05 2.21
CA LEU D 322 65.09 -2.89 3.62
C LEU D 322 66.52 -3.34 3.87
N MET D 323 67.00 -4.32 3.10
CA MET D 323 68.41 -4.69 3.20
C MET D 323 69.30 -3.61 2.60
N TYR D 324 68.78 -2.90 1.59
CA TYR D 324 69.50 -1.76 1.04
C TYR D 324 69.53 -0.62 2.05
N ASP D 325 68.43 -0.40 2.76
CA ASP D 325 68.38 0.67 3.74
C ASP D 325 69.18 0.34 4.99
N ALA D 326 69.38 -0.96 5.27
CA ALA D 326 70.07 -1.36 6.48
C ALA D 326 71.55 -1.04 6.41
N VAL D 327 72.12 -0.98 5.21
CA VAL D 327 73.53 -0.64 5.06
C VAL D 327 73.72 0.86 5.26
N HIS D 328 72.71 1.64 4.87
CA HIS D 328 72.81 3.09 5.00
C HIS D 328 72.72 3.54 6.45
N VAL D 329 71.82 2.92 7.23
CA VAL D 329 71.57 3.36 8.61
C VAL D 329 72.80 3.10 9.47
N VAL D 330 73.48 1.98 9.24
CA VAL D 330 74.70 1.69 9.99
C VAL D 330 75.84 2.59 9.51
N SER D 331 75.89 2.91 8.21
CA SER D 331 76.97 3.74 7.69
C SER D 331 76.82 5.20 8.12
N VAL D 332 75.64 5.62 8.53
CA VAL D 332 75.49 6.90 9.20
C VAL D 332 76.15 6.84 10.57
N ALA D 333 75.99 5.71 11.27
CA ALA D 333 76.51 5.58 12.62
C ALA D 333 78.02 5.45 12.65
N VAL D 334 78.64 5.02 11.55
CA VAL D 334 80.10 4.96 11.53
C VAL D 334 80.68 6.32 11.13
N GLN D 335 79.86 7.18 10.56
CA GLN D 335 80.27 8.56 10.29
C GLN D 335 80.26 9.38 11.57
N GLN D 336 79.31 9.09 12.47
CA GLN D 336 79.17 9.83 13.70
C GLN D 336 80.11 9.29 14.79
N PHE D 337 80.55 8.04 14.67
CA PHE D 337 81.38 7.40 15.68
C PHE D 337 82.71 6.98 15.06
N PRO D 338 83.73 7.85 15.05
CA PRO D 338 85.08 7.42 14.66
C PRO D 338 85.83 6.79 15.83
N GLN D 339 87.12 6.51 15.58
CA GLN D 339 88.08 5.93 16.55
C GLN D 339 87.63 4.55 17.03
N MET D 340 87.13 3.73 16.12
CA MET D 340 86.84 2.33 16.46
C MET D 340 87.57 1.42 15.48
N THR D 341 87.67 0.14 15.83
CA THR D 341 88.30 -0.85 14.97
C THR D 341 87.62 -2.19 15.14
N VAL D 342 88.07 -3.20 14.39
CA VAL D 342 87.50 -4.54 14.48
C VAL D 342 88.52 -5.47 15.13
N SER D 343 88.16 -6.02 16.28
CA SER D 343 89.03 -6.88 17.06
C SER D 343 88.64 -8.35 16.83
N SER D 344 89.22 -9.25 17.62
CA SER D 344 89.17 -10.69 17.34
C SER D 344 87.78 -11.27 17.60
N LEU D 345 87.32 -11.23 18.86
CA LEU D 345 85.99 -11.67 19.28
C LEU D 345 85.70 -13.13 18.93
N GLN D 346 86.40 -14.06 19.58
CA GLN D 346 86.19 -15.49 19.36
C GLN D 346 84.82 -15.93 19.86
N CYS D 347 84.36 -17.07 19.34
CA CYS D 347 83.08 -17.65 19.75
C CYS D 347 83.27 -18.56 20.96
N ASN D 348 84.51 -18.66 21.44
CA ASN D 348 84.90 -19.45 22.62
C ASN D 348 84.55 -18.67 23.90
N ARG D 349 85.22 -19.01 25.01
CA ARG D 349 85.16 -18.24 26.26
C ARG D 349 85.40 -16.76 25.98
N HIS D 350 84.38 -15.95 26.24
CA HIS D 350 84.19 -14.71 25.51
C HIS D 350 84.29 -13.50 26.41
N LYS D 351 84.47 -12.35 25.78
CA LYS D 351 84.39 -11.01 26.35
C LYS D 351 83.56 -10.16 25.39
N PRO D 352 82.84 -9.15 25.86
CA PRO D 352 82.08 -8.28 24.95
C PRO D 352 82.98 -7.45 24.03
N TRP D 353 82.40 -6.92 22.96
CA TRP D 353 83.15 -6.11 22.01
C TRP D 353 83.51 -4.77 22.65
N ARG D 354 84.61 -4.17 22.16
CA ARG D 354 85.22 -3.00 22.78
C ARG D 354 84.30 -1.78 22.78
N PHE D 355 83.55 -1.57 21.70
CA PHE D 355 82.62 -0.45 21.64
C PHE D 355 81.19 -0.93 21.39
N GLY D 356 80.76 -1.97 22.10
CA GLY D 356 79.44 -2.54 21.86
C GLY D 356 78.32 -1.66 22.36
N THR D 357 78.59 -0.81 23.35
CA THR D 357 77.54 0.00 23.95
C THR D 357 77.28 1.27 23.14
N ARG D 358 78.34 2.04 22.86
CA ARG D 358 78.14 3.36 22.28
C ARG D 358 77.83 3.28 20.79
N PHE D 359 78.36 2.26 20.11
CA PHE D 359 78.06 2.11 18.68
C PHE D 359 76.64 1.62 18.46
N MET D 360 76.08 0.90 19.43
CA MET D 360 74.69 0.46 19.32
C MET D 360 73.74 1.63 19.57
N SER D 361 74.14 2.58 20.41
CA SER D 361 73.25 3.68 20.78
C SER D 361 73.12 4.70 19.65
N LEU D 362 74.04 4.67 18.69
CA LEU D 362 73.95 5.60 17.57
C LEU D 362 73.20 4.98 16.40
N ILE D 363 73.18 3.64 16.31
CA ILE D 363 72.32 2.98 15.35
C ILE D 363 70.86 3.12 15.75
N LYS D 364 70.56 2.88 17.03
CA LYS D 364 69.20 2.94 17.55
C LYS D 364 68.63 4.36 17.55
N GLU D 365 69.50 5.37 17.52
CA GLU D 365 69.06 6.77 17.54
C GLU D 365 69.50 7.49 16.27
N ALA D 366 69.31 6.85 15.12
CA ALA D 366 69.71 7.43 13.85
C ALA D 366 68.49 7.84 13.04
N HIS D 367 68.72 8.75 12.09
CA HIS D 367 67.67 9.22 11.18
C HIS D 367 68.22 9.21 9.77
N TRP D 368 67.43 8.69 8.82
CA TRP D 368 67.87 8.57 7.44
C TRP D 368 66.68 8.57 6.49
N GLU D 369 66.87 9.16 5.31
CA GLU D 369 65.88 9.11 4.25
C GLU D 369 66.31 8.06 3.24
N GLY D 370 65.74 6.86 3.34
CA GLY D 370 66.12 5.76 2.48
C GLY D 370 65.08 5.52 1.40
N LEU D 371 64.98 4.27 0.96
CA LEU D 371 64.03 3.91 -0.09
C LEU D 371 62.60 3.92 0.42
N THR D 372 62.42 3.67 1.71
CA THR D 372 61.08 3.60 2.28
C THR D 372 60.60 4.99 2.65
N GLY D 373 61.33 5.67 3.51
CA GLY D 373 60.99 7.01 3.95
C GLY D 373 61.93 7.46 5.04
N ARG D 374 61.37 8.01 6.10
CA ARG D 374 62.16 8.24 7.30
C ARG D 374 62.41 6.90 8.00
N ILE D 375 63.65 6.67 8.40
CA ILE D 375 63.99 5.50 9.19
C ILE D 375 64.40 6.00 10.57
N THR D 376 63.48 5.90 11.52
CA THR D 376 63.78 6.16 12.92
C THR D 376 63.36 4.96 13.74
N PHE D 377 64.20 4.59 14.71
CA PHE D 377 63.94 3.41 15.51
C PHE D 377 63.21 3.81 16.77
N ASN D 378 63.02 2.89 17.71
CA ASN D 378 62.34 3.23 18.95
C ASN D 378 63.38 3.19 20.08
N LYS D 379 63.11 3.92 21.16
CA LYS D 379 64.11 4.06 22.21
C LYS D 379 64.15 2.82 23.10
N THR D 380 62.98 2.26 23.40
CA THR D 380 62.92 1.08 24.27
C THR D 380 63.36 -0.16 23.52
N ASN D 381 62.63 -0.54 22.48
CA ASN D 381 62.95 -1.71 21.68
C ASN D 381 63.48 -1.27 20.31
N GLY D 382 64.11 -2.19 19.59
CA GLY D 382 64.67 -1.85 18.29
C GLY D 382 63.71 -2.07 17.15
N LEU D 383 62.42 -1.86 17.39
CA LEU D 383 61.40 -2.07 16.37
C LEU D 383 61.05 -0.75 15.70
N ARG D 384 60.90 -0.78 14.38
CA ARG D 384 60.51 0.40 13.61
C ARG D 384 59.00 0.56 13.72
N THR D 385 58.58 1.50 14.57
CA THR D 385 57.16 1.79 14.77
C THR D 385 56.80 3.23 14.44
N ASP D 386 57.66 3.96 13.75
CA ASP D 386 57.39 5.33 13.33
C ASP D 386 57.81 5.43 11.87
N PHE D 387 56.84 5.34 10.97
CA PHE D 387 57.10 5.23 9.54
C PHE D 387 55.88 5.68 8.75
N ASP D 388 56.02 5.73 7.43
CA ASP D 388 55.01 6.34 6.57
C ASP D 388 54.54 5.37 5.49
N LEU D 389 53.25 5.09 5.45
CA LEU D 389 52.65 4.31 4.38
C LEU D 389 52.09 5.23 3.30
N ASP D 390 51.97 4.69 2.09
CA ASP D 390 51.21 5.32 1.01
C ASP D 390 50.14 4.33 0.57
N VAL D 391 48.91 4.50 1.09
CA VAL D 391 47.83 3.56 0.82
C VAL D 391 47.41 3.64 -0.64
N ILE D 392 47.45 2.51 -1.32
CA ILE D 392 47.15 2.45 -2.75
C ILE D 392 45.87 1.69 -2.95
N SER D 393 45.27 1.84 -4.13
CA SER D 393 44.06 1.11 -4.48
C SER D 393 44.08 0.85 -5.98
N LEU D 394 43.12 0.07 -6.46
CA LEU D 394 43.06 -0.29 -7.87
C LEU D 394 42.00 0.55 -8.56
N LYS D 395 42.42 1.30 -9.56
CA LYS D 395 41.53 2.09 -10.41
C LYS D 395 41.52 1.50 -11.81
N GLU D 396 40.84 2.18 -12.73
CA GLU D 396 40.73 1.69 -14.09
C GLU D 396 42.02 1.97 -14.86
N GLU D 397 42.84 2.88 -14.35
CA GLU D 397 44.14 3.17 -14.95
C GLU D 397 45.26 2.34 -14.32
N GLY D 398 45.01 1.75 -13.17
CA GLY D 398 46.01 0.93 -12.50
C GLY D 398 46.07 1.22 -11.02
N LEU D 399 47.13 0.74 -10.38
CA LEU D 399 47.37 0.92 -8.95
C LEU D 399 47.89 2.32 -8.70
N GLU D 400 47.08 3.16 -8.06
CA GLU D 400 47.43 4.55 -7.82
C GLU D 400 47.26 4.89 -6.34
N LYS D 401 48.15 5.75 -5.85
CA LYS D 401 48.13 6.23 -4.46
C LYS D 401 46.85 7.01 -4.17
N ILE D 402 46.19 6.67 -3.07
CA ILE D 402 44.97 7.38 -2.68
C ILE D 402 45.08 7.98 -1.29
N GLY D 403 46.27 8.08 -0.73
CA GLY D 403 46.38 8.74 0.56
C GLY D 403 47.67 8.36 1.28
N THR D 404 47.70 8.66 2.57
CA THR D 404 48.89 8.49 3.41
C THR D 404 48.44 8.02 4.79
N TRP D 405 49.21 7.13 5.41
CA TRP D 405 48.97 6.76 6.80
C TRP D 405 50.15 7.20 7.65
N ASP D 406 49.86 7.55 8.90
CA ASP D 406 50.90 7.98 9.83
C ASP D 406 50.45 7.66 11.25
N PRO D 407 51.34 7.13 12.10
CA PRO D 407 50.92 6.69 13.44
C PRO D 407 50.54 7.82 14.38
N ALA D 408 51.05 9.04 14.13
CA ALA D 408 50.73 10.18 14.96
C ALA D 408 49.33 10.70 14.66
N SER D 409 49.07 11.05 13.41
CA SER D 409 47.79 11.62 13.02
C SER D 409 46.77 10.51 12.79
N GLY D 410 47.01 9.61 11.87
CA GLY D 410 46.03 8.60 11.51
C GLY D 410 45.93 8.51 10.00
N LEU D 411 44.70 8.27 9.53
CA LEU D 411 44.47 8.26 8.09
C LEU D 411 44.49 9.67 7.51
N ASN D 412 45.65 10.06 6.99
CA ASN D 412 45.77 11.22 6.12
C ASN D 412 45.21 10.89 4.75
N MET D 413 43.88 10.83 4.63
CA MET D 413 43.20 10.05 3.61
C MET D 413 43.10 10.86 2.31
N THR D 414 42.22 10.42 1.40
CA THR D 414 42.07 10.84 0.00
C THR D 414 42.05 12.36 -0.17
N GLU D 415 42.63 12.85 -1.28
CA GLU D 415 42.92 14.26 -1.48
C GLU D 415 41.69 15.10 -1.82
N SER D 416 40.50 14.53 -1.93
CA SER D 416 39.41 15.48 -1.73
C SER D 416 39.19 15.66 -0.22
N GLN D 417 38.43 14.75 0.41
CA GLN D 417 38.65 14.23 1.76
C GLN D 417 37.94 12.89 1.75
N LYS D 418 37.34 12.59 0.60
CA LYS D 418 35.94 12.19 0.51
C LYS D 418 35.14 13.28 1.22
N GLY D 419 35.18 14.50 0.69
CA GLY D 419 34.43 15.61 1.20
C GLY D 419 35.18 16.92 1.12
N LYS D 420 34.45 18.01 1.44
CA LYS D 420 34.92 19.37 1.67
C LYS D 420 35.71 20.00 0.53
N PRO D 421 35.06 20.40 -0.58
CA PRO D 421 35.77 21.16 -1.61
C PRO D 421 35.90 22.63 -1.26
N ALA D 422 36.35 23.44 -2.23
CA ALA D 422 36.62 24.85 -1.98
C ALA D 422 35.47 25.73 -2.49
N ASN D 423 34.22 25.29 -2.30
CA ASN D 423 33.02 25.96 -2.80
C ASN D 423 32.86 27.40 -2.30
N ILE D 424 33.15 27.63 -1.02
CA ILE D 424 33.22 28.99 -0.49
C ILE D 424 34.57 29.20 0.18
N THR D 425 35.52 29.77 -0.56
CA THR D 425 36.91 29.81 -0.16
C THR D 425 37.14 30.82 0.94
N ASP D 426 37.71 30.35 2.06
CA ASP D 426 38.19 31.02 3.28
C ASP D 426 37.37 32.24 3.71
N SER D 427 36.05 32.10 3.68
CA SER D 427 35.13 33.15 4.10
C SER D 427 33.83 32.52 4.57
N LEU D 428 32.85 33.36 4.92
CA LEU D 428 31.50 32.88 5.20
C LEU D 428 30.48 33.77 4.54
N SER D 429 30.92 34.50 3.49
CA SER D 429 30.42 35.79 3.03
C SER D 429 28.90 35.89 2.98
N ASN D 430 28.35 36.75 3.83
CA ASN D 430 26.91 36.81 4.03
C ASN D 430 26.26 37.47 2.82
N ARG D 431 25.42 36.72 2.13
CA ARG D 431 24.80 37.25 0.94
C ARG D 431 23.33 36.85 0.86
N SER D 432 22.76 36.97 -0.33
CA SER D 432 21.50 37.66 -0.57
C SER D 432 20.24 36.80 -0.38
N LEU D 433 20.37 35.47 -0.58
CA LEU D 433 19.28 34.50 -0.43
C LEU D 433 18.09 34.86 -1.31
N ILE D 434 18.24 34.68 -2.62
CA ILE D 434 17.26 35.12 -3.60
C ILE D 434 15.96 34.34 -3.40
N VAL D 435 14.96 35.02 -2.87
CA VAL D 435 13.68 34.41 -2.51
C VAL D 435 12.76 34.46 -3.73
N THR D 436 12.33 33.29 -4.19
CA THR D 436 11.29 33.28 -5.21
C THR D 436 9.92 33.28 -4.52
N THR D 437 8.99 34.02 -5.11
CA THR D 437 7.64 34.14 -4.55
C THR D 437 6.62 33.93 -5.65
N ILE D 438 5.35 33.96 -5.27
CA ILE D 438 4.24 33.95 -6.23
C ILE D 438 3.30 35.07 -5.80
N LEU D 439 2.50 35.58 -6.74
CA LEU D 439 1.64 36.74 -6.50
C LEU D 439 0.27 36.25 -6.06
N GLU D 440 -0.01 36.34 -4.76
CA GLU D 440 -1.32 35.95 -4.24
C GLU D 440 -1.67 36.86 -3.08
N GLU D 441 -2.88 37.40 -3.11
CA GLU D 441 -3.42 38.27 -2.07
C GLU D 441 -3.82 37.45 -0.85
N PRO D 442 -3.49 37.88 0.37
CA PRO D 442 -2.65 39.04 0.72
C PRO D 442 -1.22 38.64 1.10
N TYR D 443 -0.71 37.57 0.50
CA TYR D 443 0.60 37.06 0.86
C TYR D 443 1.71 37.92 0.26
N VAL D 444 1.74 38.02 -1.07
CA VAL D 444 2.69 38.87 -1.78
C VAL D 444 1.91 39.75 -2.75
N LEU D 445 1.97 41.06 -2.57
CA LEU D 445 1.25 42.01 -3.40
C LEU D 445 2.14 43.18 -3.80
N PHE D 446 1.80 43.82 -4.92
CA PHE D 446 2.52 45.01 -5.35
C PHE D 446 2.12 46.21 -4.51
N LYS D 447 2.91 47.28 -4.62
CA LYS D 447 2.52 48.57 -4.04
C LYS D 447 1.41 49.19 -4.87
N LYS D 448 0.71 50.15 -4.28
CA LYS D 448 -0.47 50.74 -4.89
C LYS D 448 -0.13 52.05 -5.61
N SER D 449 1.08 52.55 -5.40
CA SER D 449 1.48 53.84 -5.97
C SER D 449 2.16 53.64 -7.32
N ASP D 450 2.16 54.70 -8.14
CA ASP D 450 2.79 54.64 -9.45
C ASP D 450 3.97 55.59 -9.59
N LYS D 451 4.64 55.90 -8.49
CA LYS D 451 5.90 56.66 -8.46
C LYS D 451 7.02 55.81 -9.07
N PRO D 452 8.17 56.39 -9.48
CA PRO D 452 9.23 55.58 -10.09
C PRO D 452 9.88 54.56 -9.16
N LEU D 453 10.87 53.86 -9.71
CA LEU D 453 11.20 52.45 -9.42
C LEU D 453 11.30 52.09 -7.94
N TYR D 454 10.84 50.88 -7.62
CA TYR D 454 10.74 50.36 -6.27
C TYR D 454 11.57 49.10 -6.13
N GLY D 455 12.83 49.15 -6.56
CA GLY D 455 13.75 48.01 -6.58
C GLY D 455 13.88 47.34 -5.22
N ASN D 456 13.35 46.11 -5.14
CA ASN D 456 13.16 45.32 -3.93
C ASN D 456 12.33 46.07 -2.88
N ASP D 457 11.38 46.88 -3.35
CA ASP D 457 10.45 47.59 -2.47
C ASP D 457 9.09 47.58 -3.13
N ARG D 458 8.95 46.81 -4.21
CA ARG D 458 7.67 46.64 -4.90
C ARG D 458 6.67 45.86 -4.07
N PHE D 459 7.15 45.05 -3.13
CA PHE D 459 6.37 43.94 -2.59
C PHE D 459 5.97 44.21 -1.15
N GLU D 460 4.76 43.78 -0.80
CA GLU D 460 4.19 43.99 0.52
C GLU D 460 3.09 42.95 0.76
N GLY D 461 3.00 42.47 2.00
CA GLY D 461 2.03 41.46 2.35
C GLY D 461 2.42 40.73 3.61
N TYR D 462 1.87 39.53 3.76
CA TYR D 462 2.18 38.71 4.93
C TYR D 462 3.57 38.08 4.81
N CYS D 463 3.89 37.55 3.62
CA CYS D 463 5.18 36.90 3.41
C CYS D 463 6.33 37.90 3.43
N ILE D 464 6.07 39.16 3.12
CA ILE D 464 7.09 40.20 3.23
C ILE D 464 7.34 40.54 4.69
N ASP D 465 6.27 40.60 5.49
CA ASP D 465 6.42 40.89 6.91
C ASP D 465 7.08 39.73 7.65
N LEU D 466 6.90 38.51 7.15
CA LEU D 466 7.57 37.36 7.75
C LEU D 466 9.07 37.38 7.46
N LEU D 467 9.43 37.77 6.23
CA LEU D 467 10.83 37.66 5.82
C LEU D 467 11.69 38.75 6.44
N ARG D 468 11.08 39.91 6.74
CA ARG D 468 11.82 40.99 7.40
C ARG D 468 12.21 40.60 8.82
N GLU D 469 11.32 39.90 9.52
CA GLU D 469 11.68 39.37 10.83
C GLU D 469 12.64 38.21 10.71
N LEU D 470 12.56 37.47 9.61
CA LEU D 470 13.56 36.44 9.35
C LEU D 470 14.90 37.05 8.94
N SER D 471 14.89 38.24 8.37
CA SER D 471 16.14 38.92 8.05
C SER D 471 16.72 39.62 9.26
N THR D 472 15.89 39.79 10.30
CA THR D 472 16.35 40.49 11.51
C THR D 472 17.14 39.56 12.42
N ILE D 473 16.52 38.49 12.90
CA ILE D 473 17.18 37.59 13.84
C ILE D 473 18.12 36.63 13.14
N LEU D 474 17.95 36.42 11.83
CA LEU D 474 18.86 35.62 11.04
C LEU D 474 19.48 36.50 9.95
N GLY D 475 20.81 36.54 9.88
CA GLY D 475 21.47 37.62 9.16
C GLY D 475 21.61 37.47 7.67
N PHE D 476 20.81 38.23 6.92
CA PHE D 476 20.95 38.35 5.47
C PHE D 476 20.27 39.63 5.00
N THR D 477 20.38 39.90 3.69
CA THR D 477 19.63 40.97 3.06
C THR D 477 18.93 40.44 1.80
N TYR D 478 17.60 40.44 1.83
CA TYR D 478 16.80 39.65 0.90
C TYR D 478 16.77 40.28 -0.50
N GLU D 479 16.56 39.42 -1.50
CA GLU D 479 16.60 39.78 -2.91
C GLU D 479 15.39 39.15 -3.62
N ILE D 480 14.18 39.51 -3.17
CA ILE D 480 12.90 39.08 -3.72
C ILE D 480 12.87 39.12 -5.24
N ARG D 481 12.54 37.99 -5.86
CA ARG D 481 12.61 37.83 -7.31
C ARG D 481 11.52 36.88 -7.79
N LEU D 482 10.55 37.40 -8.53
CA LEU D 482 9.38 36.63 -8.95
C LEU D 482 9.72 35.47 -9.87
N VAL D 483 8.97 34.38 -9.75
CA VAL D 483 9.17 33.21 -10.60
C VAL D 483 8.60 33.53 -11.99
N GLU D 484 9.25 33.00 -13.02
CA GLU D 484 8.88 33.27 -14.40
C GLU D 484 7.57 32.61 -14.77
N ASP D 485 7.33 31.41 -14.23
CA ASP D 485 6.14 30.64 -14.59
C ASP D 485 4.91 31.22 -13.92
N GLY D 486 5.04 31.65 -12.67
CA GLY D 486 3.89 32.06 -11.90
C GLY D 486 3.10 30.87 -11.41
N LYS D 487 3.83 29.81 -11.06
CA LYS D 487 3.22 28.54 -10.68
C LYS D 487 3.83 28.08 -9.37
N TYR D 488 3.02 27.43 -8.52
CA TYR D 488 3.49 26.95 -7.23
C TYR D 488 4.50 25.82 -7.39
N GLY D 489 4.05 24.73 -8.00
CA GLY D 489 4.91 23.60 -8.25
C GLY D 489 4.13 22.31 -8.37
N ALA D 490 4.46 21.52 -9.39
CA ALA D 490 3.81 20.25 -9.67
C ALA D 490 4.68 19.42 -10.59
N GLN D 491 4.56 18.10 -10.53
CA GLN D 491 5.36 17.23 -11.37
C GLN D 491 4.67 17.05 -12.72
N ASP D 492 5.29 17.56 -13.78
CA ASP D 492 4.75 17.41 -15.12
C ASP D 492 4.91 15.96 -15.58
N ASP D 493 3.85 15.38 -16.13
CA ASP D 493 3.74 13.93 -16.25
C ASP D 493 4.61 13.37 -17.38
N VAL D 494 4.74 14.10 -18.48
CA VAL D 494 5.35 13.54 -19.69
C VAL D 494 6.87 13.51 -19.60
N ASN D 495 7.45 14.27 -18.66
CA ASN D 495 8.91 14.31 -18.56
C ASN D 495 9.43 14.19 -17.13
N GLY D 496 8.59 14.40 -16.12
CA GLY D 496 9.03 14.38 -14.74
C GLY D 496 9.65 15.68 -14.28
N GLN D 497 9.71 16.67 -15.17
CA GLN D 497 10.37 17.93 -14.90
C GLN D 497 9.46 18.88 -14.12
N TRP D 498 9.93 19.32 -12.95
CA TRP D 498 9.17 20.21 -12.09
C TRP D 498 9.08 21.61 -12.70
N ASN D 499 7.97 22.31 -12.46
CA ASN D 499 7.82 23.67 -12.97
C ASN D 499 7.29 24.60 -11.90
N GLY D 500 7.82 25.82 -11.87
CA GLY D 500 7.37 26.83 -10.91
C GLY D 500 8.48 27.19 -9.93
N MET D 501 8.09 27.40 -8.68
CA MET D 501 9.06 27.73 -7.64
C MET D 501 9.94 26.54 -7.30
N VAL D 502 9.38 25.32 -7.35
CA VAL D 502 10.10 24.14 -6.87
C VAL D 502 11.21 23.75 -7.84
N ARG D 503 11.13 24.21 -9.08
CA ARG D 503 12.21 23.97 -10.03
C ARG D 503 13.42 24.85 -9.73
N GLU D 504 13.18 26.10 -9.33
CA GLU D 504 14.28 27.01 -9.00
C GLU D 504 14.96 26.61 -7.69
N LEU D 505 14.23 25.95 -6.80
CA LEU D 505 14.81 25.49 -5.55
C LEU D 505 15.70 24.27 -5.76
N ILE D 506 15.38 23.43 -6.74
CA ILE D 506 16.23 22.28 -7.06
C ILE D 506 17.47 22.72 -7.82
N ASP D 507 17.30 23.58 -8.81
CA ASP D 507 18.40 24.03 -9.67
C ASP D 507 19.24 25.13 -9.04
N HIS D 508 18.94 25.50 -7.79
CA HIS D 508 19.66 26.45 -6.96
C HIS D 508 19.74 27.85 -7.56
N LYS D 509 18.78 28.19 -8.43
CA LYS D 509 18.67 29.55 -8.94
C LYS D 509 18.11 30.49 -7.88
N ALA D 510 17.16 30.01 -7.09
CA ALA D 510 16.65 30.73 -5.93
C ALA D 510 17.15 30.02 -4.69
N ASP D 511 16.89 30.61 -3.52
CA ASP D 511 17.43 30.07 -2.27
C ASP D 511 16.35 29.83 -1.23
N LEU D 512 15.34 30.68 -1.16
CA LEU D 512 14.23 30.50 -0.24
C LEU D 512 12.93 30.60 -1.02
N ALA D 513 11.85 30.09 -0.43
CA ALA D 513 10.56 30.05 -1.11
C ALA D 513 9.45 30.52 -0.19
N VAL D 514 9.63 31.68 0.44
CA VAL D 514 8.63 32.24 1.34
C VAL D 514 7.41 32.64 0.52
N ALA D 515 6.36 31.84 0.60
CA ALA D 515 5.23 31.86 -0.31
C ALA D 515 4.14 30.94 0.25
N PRO D 516 2.92 30.96 -0.28
CA PRO D 516 1.96 29.89 0.07
C PRO D 516 2.30 28.53 -0.53
N LEU D 517 3.39 27.92 -0.08
CA LEU D 517 3.85 26.67 -0.66
C LEU D 517 3.48 25.54 0.27
N ALA D 518 2.46 24.77 -0.11
CA ALA D 518 1.86 23.75 0.74
C ALA D 518 2.81 22.57 0.88
N ILE D 519 3.11 22.20 2.12
CA ILE D 519 4.00 21.08 2.43
C ILE D 519 3.27 19.79 2.11
N THR D 520 3.69 19.10 1.06
CA THR D 520 3.03 17.88 0.63
C THR D 520 4.06 16.80 0.35
N TYR D 521 3.57 15.61 -0.01
CA TYR D 521 4.44 14.43 -0.09
C TYR D 521 5.38 14.50 -1.28
N VAL D 522 4.87 14.89 -2.45
CA VAL D 522 5.68 14.84 -3.67
C VAL D 522 6.68 16.00 -3.70
N ARG D 523 6.41 17.06 -2.95
CA ARG D 523 7.37 18.16 -2.86
C ARG D 523 8.44 17.89 -1.81
N GLU D 524 8.18 16.98 -0.87
CA GLU D 524 9.12 16.72 0.21
C GLU D 524 10.32 15.91 -0.28
N LYS D 525 10.11 15.08 -1.31
CA LYS D 525 11.20 14.22 -1.78
C LYS D 525 12.14 14.95 -2.73
N VAL D 526 11.81 16.18 -3.12
CA VAL D 526 12.64 16.92 -4.06
C VAL D 526 13.23 18.18 -3.40
N ILE D 527 12.44 18.89 -2.59
CA ILE D 527 12.95 19.98 -1.78
C ILE D 527 12.59 19.73 -0.33
N ASP D 528 13.21 20.46 0.58
CA ASP D 528 12.98 20.25 2.00
C ASP D 528 12.42 21.52 2.63
N PHE D 529 11.32 21.37 3.38
CA PHE D 529 10.60 22.49 3.95
C PHE D 529 11.04 22.77 5.38
N SER D 530 10.62 23.92 5.91
CA SER D 530 10.78 24.23 7.33
C SER D 530 9.52 23.78 8.05
N LYS D 531 9.38 24.19 9.31
CA LYS D 531 8.17 23.87 10.06
C LYS D 531 7.00 24.69 9.55
N PRO D 532 5.76 24.19 9.67
CA PRO D 532 4.61 24.99 9.25
C PRO D 532 4.39 26.23 10.10
N PHE D 533 4.52 27.39 9.46
CA PHE D 533 4.24 28.67 10.10
C PHE D 533 2.75 29.02 10.04
N MET D 534 1.95 28.23 9.34
CA MET D 534 0.51 28.45 9.24
C MET D 534 -0.19 27.15 8.86
N THR D 535 -1.09 26.69 9.71
CA THR D 535 -1.82 25.45 9.47
C THR D 535 -3.22 25.78 8.95
N LEU D 536 -3.60 25.12 7.87
CA LEU D 536 -4.88 25.39 7.25
C LEU D 536 -5.59 24.09 6.89
N GLY D 537 -6.71 24.21 6.19
CA GLY D 537 -7.45 23.05 5.74
C GLY D 537 -8.47 23.43 4.69
N ILE D 538 -9.26 22.45 4.25
CA ILE D 538 -10.34 22.74 3.30
C ILE D 538 -11.59 23.08 4.09
N SER D 539 -12.20 24.21 3.76
CA SER D 539 -13.44 24.62 4.41
C SER D 539 -14.46 25.03 3.37
N ILE D 540 -15.70 25.17 3.81
CA ILE D 540 -16.82 25.43 2.91
C ILE D 540 -17.11 26.92 2.89
N LEU D 541 -17.00 27.52 1.72
CA LEU D 541 -17.41 28.91 1.53
C LEU D 541 -18.86 28.91 1.06
N TYR D 542 -19.68 29.70 1.73
CA TYR D 542 -21.13 29.67 1.50
C TYR D 542 -21.78 30.97 1.94
N ARG D 543 -22.87 31.36 1.28
CA ARG D 543 -23.57 32.60 1.56
C ARG D 543 -24.21 32.58 2.95
N LYS D 544 -24.15 33.70 3.65
CA LYS D 544 -24.86 33.89 4.91
C LYS D 544 -26.35 33.77 4.66
N PRO D 545 -27.12 33.19 5.61
CA PRO D 545 -28.58 33.16 5.48
C PRO D 545 -29.16 34.56 5.57
N ASN D 546 -30.45 34.69 5.27
CA ASN D 546 -31.01 36.02 5.05
C ASN D 546 -31.23 36.70 6.39
N GLY D 547 -31.31 38.02 6.39
CA GLY D 547 -31.96 38.67 7.49
C GLY D 547 -33.39 38.24 7.41
N THR D 548 -33.86 37.51 8.43
CA THR D 548 -35.10 36.75 8.38
C THR D 548 -36.31 37.64 8.16
N ASN D 549 -36.57 38.53 9.13
CA ASN D 549 -37.62 39.54 9.13
C ASN D 549 -38.99 38.93 8.81
N PRO D 550 -39.63 38.22 9.75
CA PRO D 550 -40.99 37.73 9.49
C PRO D 550 -42.05 38.82 9.54
N GLY D 551 -41.68 40.07 9.78
CA GLY D 551 -42.62 41.13 10.03
C GLY D 551 -42.82 41.26 11.52
N VAL D 552 -42.96 42.48 12.02
CA VAL D 552 -43.32 42.69 13.42
C VAL D 552 -44.75 42.24 13.68
N PHE D 553 -45.60 42.25 12.65
CA PHE D 553 -46.94 41.68 12.75
C PHE D 553 -46.96 40.25 12.23
N SER D 554 -46.14 39.39 12.82
CA SER D 554 -46.06 38.01 12.38
C SER D 554 -47.08 37.11 13.07
N PHE D 555 -47.77 37.63 14.09
CA PHE D 555 -48.79 36.87 14.79
C PHE D 555 -50.08 36.81 13.98
N LEU D 556 -50.19 37.67 12.99
CA LEU D 556 -51.38 37.78 12.16
C LEU D 556 -51.40 36.73 11.04
N ASN D 557 -50.27 36.06 10.82
CA ASN D 557 -50.06 35.06 9.77
C ASN D 557 -50.92 33.80 9.79
N PRO D 558 -51.19 33.08 10.96
CA PRO D 558 -51.87 31.78 10.86
C PRO D 558 -53.30 31.79 10.33
N LEU D 559 -53.95 32.94 10.36
CA LEU D 559 -55.19 33.11 9.61
C LEU D 559 -54.96 34.07 8.45
N SER D 560 -55.53 33.72 7.30
CA SER D 560 -55.37 34.52 6.09
C SER D 560 -56.08 35.86 6.26
N PRO D 561 -55.63 36.90 5.54
CA PRO D 561 -56.27 38.22 5.70
C PRO D 561 -57.71 38.29 5.19
N ASP D 562 -58.15 37.30 4.43
CA ASP D 562 -59.57 37.20 4.09
C ASP D 562 -60.39 36.83 5.33
N ILE D 563 -59.82 36.01 6.21
CA ILE D 563 -60.54 35.57 7.40
C ILE D 563 -60.61 36.68 8.44
N TRP D 564 -59.53 37.46 8.59
CA TRP D 564 -59.50 38.52 9.59
C TRP D 564 -60.51 39.62 9.27
N MET D 565 -60.85 39.80 8.00
CA MET D 565 -61.95 40.69 7.66
C MET D 565 -63.29 40.01 7.89
N TYR D 566 -63.36 38.70 7.64
CA TYR D 566 -64.65 38.01 7.74
C TYR D 566 -65.04 37.75 9.19
N VAL D 567 -64.05 37.70 10.09
CA VAL D 567 -64.36 37.61 11.52
C VAL D 567 -64.89 38.93 12.04
N LEU D 568 -64.23 40.03 11.64
CA LEU D 568 -64.63 41.35 12.13
C LEU D 568 -65.96 41.78 11.53
N LEU D 569 -66.25 41.35 10.30
CA LEU D 569 -67.57 41.59 9.72
C LEU D 569 -68.63 40.74 10.41
N ALA D 570 -68.27 39.53 10.83
CA ALA D 570 -69.20 38.72 11.61
C ALA D 570 -69.31 39.23 13.03
N CYS D 571 -68.27 39.87 13.54
CA CYS D 571 -68.31 40.43 14.89
C CYS D 571 -69.23 41.64 14.95
N LEU D 572 -69.25 42.43 13.87
CA LEU D 572 -70.19 43.55 13.79
C LEU D 572 -71.56 43.06 13.33
N GLY D 573 -71.60 41.90 12.69
CA GLY D 573 -72.86 41.38 12.17
C GLY D 573 -73.72 40.73 13.23
N VAL D 574 -73.16 39.79 13.99
CA VAL D 574 -73.92 39.05 14.99
C VAL D 574 -74.28 39.96 16.16
N SER D 575 -73.46 40.97 16.42
CA SER D 575 -73.76 41.94 17.48
C SER D 575 -74.99 42.76 17.16
N CYS D 576 -75.18 43.11 15.88
CA CYS D 576 -76.35 43.89 15.50
C CYS D 576 -77.61 43.02 15.46
N VAL D 577 -77.46 41.76 15.06
CA VAL D 577 -78.61 40.85 14.99
C VAL D 577 -79.11 40.52 16.39
N LEU D 578 -78.18 40.39 17.34
CA LEU D 578 -78.56 40.17 18.74
C LEU D 578 -79.21 41.41 19.34
N PHE D 579 -78.91 42.58 18.79
CA PHE D 579 -79.56 43.80 19.25
C PHE D 579 -80.99 43.90 18.74
N VAL D 580 -81.22 43.46 17.50
CA VAL D 580 -82.54 43.58 16.88
C VAL D 580 -83.52 42.58 17.52
N ILE D 581 -83.04 41.35 17.77
CA ILE D 581 -83.89 40.31 18.32
C ILE D 581 -84.28 40.59 19.76
N ALA D 582 -83.33 41.05 20.57
CA ALA D 582 -83.57 41.25 22.01
C ALA D 582 -84.52 42.42 22.26
N ARG D 583 -84.49 43.43 21.39
CA ARG D 583 -85.43 44.53 21.52
C ARG D 583 -86.81 44.15 20.99
N PHE D 584 -86.87 43.16 20.11
CA PHE D 584 -88.15 42.76 19.51
C PHE D 584 -88.70 41.49 20.15
N SER D 585 -88.03 40.98 21.18
CA SER D 585 -88.52 39.79 21.87
C SER D 585 -89.33 40.22 23.08
N PRO D 586 -90.42 39.51 23.39
CA PRO D 586 -91.21 39.84 24.58
C PRO D 586 -90.67 39.27 25.88
N TYR D 587 -89.78 38.27 25.80
CA TYR D 587 -89.26 37.61 27.00
C TYR D 587 -87.88 38.09 27.40
N GLU D 588 -87.42 39.21 26.86
CA GLU D 588 -86.15 39.83 27.25
C GLU D 588 -86.39 41.10 28.04
N TRP D 589 -87.41 41.13 28.89
CA TRP D 589 -87.81 42.36 29.58
C TRP D 589 -87.82 42.13 31.08
N TYR D 590 -86.91 42.84 31.76
CA TYR D 590 -86.73 42.69 33.20
C TYR D 590 -87.37 43.85 33.95
N ASN D 591 -87.15 43.86 35.27
CA ASN D 591 -87.40 45.04 36.08
C ASN D 591 -86.13 45.43 36.83
N PRO D 592 -85.86 46.73 37.04
CA PRO D 592 -84.61 47.15 37.68
C PRO D 592 -84.51 46.78 39.14
N HIS D 593 -85.53 47.11 39.92
CA HIS D 593 -85.52 46.87 41.36
C HIS D 593 -86.87 46.33 41.80
N PRO D 594 -86.98 45.03 42.08
CA PRO D 594 -88.31 44.43 42.30
C PRO D 594 -88.85 44.58 43.71
N CYS D 595 -88.78 45.78 44.28
CA CYS D 595 -89.54 46.07 45.50
C CYS D 595 -90.98 46.45 45.16
N ASN D 596 -91.18 47.14 44.04
CA ASN D 596 -92.52 47.44 43.53
C ASN D 596 -92.72 46.67 42.24
N PRO D 597 -93.35 45.50 42.29
CA PRO D 597 -93.53 44.70 41.07
C PRO D 597 -94.63 45.22 40.15
N ASP D 598 -94.48 46.43 39.60
CA ASP D 598 -95.48 47.00 38.72
C ASP D 598 -94.93 47.16 37.31
N SER D 599 -95.74 47.71 36.41
CA SER D 599 -95.34 47.93 35.02
C SER D 599 -94.73 49.33 34.90
N ASP D 600 -94.48 49.81 33.68
CA ASP D 600 -93.93 51.13 33.35
C ASP D 600 -92.56 51.41 33.94
N VAL D 601 -91.86 50.37 34.40
CA VAL D 601 -90.47 50.47 34.81
C VAL D 601 -89.71 49.39 34.06
N VAL D 602 -90.45 48.61 33.27
CA VAL D 602 -89.93 47.46 32.54
C VAL D 602 -88.99 47.92 31.44
N GLU D 603 -87.74 47.44 31.49
CA GLU D 603 -86.70 47.88 30.57
C GLU D 603 -85.88 46.68 30.12
N ASN D 604 -85.03 46.91 29.11
CA ASN D 604 -84.17 45.88 28.56
C ASN D 604 -82.71 46.29 28.70
N ASN D 605 -81.84 45.32 28.93
CA ASN D 605 -80.42 45.59 29.18
C ASN D 605 -79.59 45.65 27.91
N PHE D 606 -80.11 45.14 26.79
CA PHE D 606 -79.33 45.06 25.56
C PHE D 606 -79.39 46.37 24.79
N THR D 607 -78.45 47.26 25.07
CA THR D 607 -78.28 48.49 24.30
C THR D 607 -77.39 48.20 23.11
N LEU D 608 -77.17 49.23 22.29
CA LEU D 608 -76.34 49.08 21.10
C LEU D 608 -74.87 48.92 21.48
N LEU D 609 -74.43 49.61 22.54
CA LEU D 609 -73.07 49.45 23.01
C LEU D 609 -72.88 48.12 23.72
N ASN D 610 -73.91 47.67 24.45
CA ASN D 610 -73.81 46.38 25.15
C ASN D 610 -73.86 45.22 24.18
N SER D 611 -74.64 45.32 23.10
CA SER D 611 -74.68 44.26 22.10
C SER D 611 -73.37 44.17 21.34
N PHE D 612 -72.71 45.30 21.12
CA PHE D 612 -71.35 45.27 20.58
C PHE D 612 -70.37 44.69 21.59
N TRP D 613 -70.65 44.87 22.88
CA TRP D 613 -69.73 44.40 23.92
C TRP D 613 -69.88 42.89 24.14
N PHE D 614 -71.05 42.34 23.84
CA PHE D 614 -71.20 40.89 23.94
C PHE D 614 -70.51 40.18 22.79
N GLY D 615 -70.43 40.85 21.63
CA GLY D 615 -69.75 40.26 20.50
C GLY D 615 -68.25 40.22 20.69
N VAL D 616 -67.69 41.31 21.19
CA VAL D 616 -66.25 41.36 21.45
C VAL D 616 -65.92 40.56 22.71
N GLY D 617 -66.78 40.61 23.72
CA GLY D 617 -66.49 39.96 24.98
C GLY D 617 -66.55 38.44 24.92
N ALA D 618 -67.32 37.91 23.97
CA ALA D 618 -67.39 36.46 23.81
C ALA D 618 -66.31 35.98 22.85
N LEU D 619 -65.83 36.87 21.98
CA LEU D 619 -64.81 36.49 21.01
C LEU D 619 -63.44 36.33 21.68
N MET D 620 -63.23 36.98 22.82
CA MET D 620 -61.93 37.02 23.46
C MET D 620 -61.83 36.05 24.64
N GLN D 621 -62.77 35.10 24.74
CA GLN D 621 -62.85 34.06 25.76
C GLN D 621 -62.94 34.60 27.19
N GLN D 622 -63.34 35.86 27.36
CA GLN D 622 -63.42 36.44 28.69
C GLN D 622 -64.87 36.56 29.15
N GLY D 623 -65.80 36.50 28.22
CA GLY D 623 -67.20 36.66 28.54
C GLY D 623 -67.56 38.09 28.91
N SER D 624 -68.79 38.25 29.39
CA SER D 624 -69.28 39.54 29.85
C SER D 624 -70.41 39.31 30.84
N GLU D 625 -71.17 40.35 31.14
CA GLU D 625 -72.37 40.19 31.95
C GLU D 625 -73.57 40.75 31.21
N LEU D 626 -74.13 39.96 30.30
CA LEU D 626 -75.46 40.21 29.79
C LEU D 626 -76.35 38.99 30.02
N MET D 627 -75.85 37.82 29.60
CA MET D 627 -76.46 36.49 29.78
C MET D 627 -77.90 36.45 29.27
N PRO D 628 -78.12 36.35 27.95
CA PRO D 628 -79.47 36.42 27.37
C PRO D 628 -80.44 35.38 27.91
N LYS D 629 -81.72 35.76 27.96
CA LYS D 629 -82.72 34.99 28.70
C LYS D 629 -83.60 34.13 27.82
N ALA D 630 -84.21 34.69 26.79
CA ALA D 630 -85.16 33.96 25.97
C ALA D 630 -84.43 33.04 25.00
N LEU D 631 -85.19 32.12 24.40
CA LEU D 631 -84.62 31.19 23.44
C LEU D 631 -84.29 31.88 22.12
N SER D 632 -84.92 33.03 21.88
CA SER D 632 -84.68 33.78 20.65
C SER D 632 -83.29 34.43 20.65
N THR D 633 -82.71 34.61 21.83
CA THR D 633 -81.41 35.26 21.92
C THR D 633 -80.32 34.28 22.37
N ARG D 634 -80.70 33.16 23.01
CA ARG D 634 -79.70 32.21 23.46
C ARG D 634 -79.19 31.36 22.30
N ILE D 635 -79.92 31.31 21.19
CA ILE D 635 -79.41 30.62 20.00
C ILE D 635 -78.32 31.45 19.37
N VAL D 636 -78.48 32.78 19.39
CA VAL D 636 -77.42 33.68 18.93
C VAL D 636 -76.22 33.61 19.85
N GLY D 637 -76.46 33.58 21.16
CA GLY D 637 -75.37 33.43 22.11
C GLY D 637 -74.82 32.02 22.14
N GLY D 638 -75.55 31.05 21.58
CA GLY D 638 -75.08 29.68 21.58
C GLY D 638 -74.25 29.35 20.36
N ILE D 639 -74.55 29.98 19.23
CA ILE D 639 -73.81 29.68 18.01
C ILE D 639 -72.58 30.57 17.90
N TRP D 640 -72.59 31.73 18.57
CA TRP D 640 -71.42 32.60 18.55
C TRP D 640 -70.35 32.07 19.48
N TRP D 641 -70.75 31.31 20.49
CA TRP D 641 -69.76 30.68 21.36
C TRP D 641 -69.13 29.47 20.69
N PHE D 642 -69.89 28.76 19.86
CA PHE D 642 -69.29 27.68 19.08
C PHE D 642 -68.44 28.23 17.95
N PHE D 643 -68.76 29.44 17.47
CA PHE D 643 -67.96 30.06 16.44
C PHE D 643 -66.61 30.51 16.98
N THR D 644 -66.56 30.94 18.24
CA THR D 644 -65.34 31.55 18.75
C THR D 644 -64.37 30.52 19.30
N LEU D 645 -64.79 29.26 19.38
CA LEU D 645 -63.82 28.21 19.67
C LEU D 645 -63.08 27.78 18.42
N ILE D 646 -63.82 27.63 17.32
CA ILE D 646 -63.24 27.07 16.10
C ILE D 646 -62.29 28.08 15.45
N ILE D 647 -62.50 29.37 15.72
CA ILE D 647 -61.54 30.36 15.26
C ILE D 647 -60.26 30.29 16.10
N ILE D 648 -60.41 30.23 17.43
CA ILE D 648 -59.24 30.31 18.30
C ILE D 648 -58.49 28.98 18.33
N SER D 649 -59.20 27.87 18.28
CA SER D 649 -58.52 26.57 18.29
C SER D 649 -57.99 26.21 16.90
N SER D 650 -58.25 27.06 15.90
CA SER D 650 -57.53 26.91 14.63
C SER D 650 -56.43 27.96 14.52
N TYR D 651 -56.45 28.96 15.38
CA TYR D 651 -55.35 29.92 15.43
C TYR D 651 -54.20 29.35 16.25
N THR D 652 -54.52 28.68 17.35
CA THR D 652 -53.49 28.05 18.17
C THR D 652 -52.89 26.85 17.44
N ALA D 653 -53.72 26.12 16.69
CA ALA D 653 -53.25 24.93 16.00
C ALA D 653 -52.37 25.28 14.80
N ASN D 654 -52.73 26.34 14.07
CA ASN D 654 -51.93 26.72 12.91
C ASN D 654 -50.64 27.40 13.32
N LEU D 655 -50.66 28.17 14.41
CA LEU D 655 -49.44 28.79 14.91
C LEU D 655 -48.53 27.74 15.54
N ALA D 656 -49.09 26.61 15.97
CA ALA D 656 -48.26 25.49 16.41
C ALA D 656 -47.83 24.63 15.23
N ALA D 657 -48.14 25.07 14.01
CA ALA D 657 -47.63 24.40 12.82
C ALA D 657 -46.55 25.24 12.16
N PHE D 658 -46.62 26.56 12.33
CA PHE D 658 -45.55 27.43 11.86
C PHE D 658 -44.28 27.22 12.66
N LEU D 659 -44.42 27.16 13.99
CA LEU D 659 -43.25 27.23 14.85
C LEU D 659 -42.55 25.88 14.96
N THR D 660 -43.11 24.83 14.36
CA THR D 660 -42.46 23.53 14.41
C THR D 660 -41.89 23.12 13.06
N VAL D 661 -42.18 23.85 11.98
CA VAL D 661 -41.45 23.58 10.74
C VAL D 661 -40.50 24.73 10.43
N GLU D 662 -40.59 25.83 11.18
CA GLU D 662 -39.57 26.86 11.06
C GLU D 662 -38.38 26.56 11.96
N ARG D 663 -38.44 25.45 12.70
CA ARG D 663 -37.30 24.91 13.41
C ARG D 663 -36.78 23.63 12.75
N MET D 664 -37.67 22.76 12.30
CA MET D 664 -37.31 21.52 11.64
C MET D 664 -36.85 21.81 10.21
N GLU D 665 -35.71 22.49 10.07
CA GLU D 665 -35.12 22.72 8.76
C GLU D 665 -33.64 22.36 8.76
N SER D 666 -32.94 22.64 9.89
CA SER D 666 -31.53 22.34 10.15
C SER D 666 -30.62 22.85 9.04
N PRO D 667 -30.33 24.15 8.98
CA PRO D 667 -29.45 24.67 7.93
C PRO D 667 -28.03 24.14 8.03
N ILE D 668 -27.30 24.28 6.92
CA ILE D 668 -26.04 23.60 6.67
C ILE D 668 -24.95 24.06 7.64
N ASP D 669 -24.31 23.11 8.33
CA ASP D 669 -23.35 23.44 9.38
C ASP D 669 -22.02 22.69 9.19
N SER D 670 -22.04 21.58 8.45
CA SER D 670 -20.87 20.76 8.21
C SER D 670 -20.95 20.17 6.81
N ALA D 671 -19.89 19.47 6.42
CA ALA D 671 -19.91 18.74 5.16
C ALA D 671 -20.82 17.51 5.25
N ASP D 672 -21.05 16.99 6.46
CA ASP D 672 -21.95 15.86 6.64
C ASP D 672 -23.40 16.23 6.33
N ASP D 673 -23.81 17.42 6.75
CA ASP D 673 -25.16 17.89 6.43
C ASP D 673 -25.27 18.30 4.97
N LEU D 674 -24.12 18.59 4.34
CA LEU D 674 -24.12 19.01 2.95
C LEU D 674 -23.76 17.85 2.03
N ALA D 675 -23.43 16.68 2.60
CA ALA D 675 -23.20 15.49 1.81
C ALA D 675 -24.52 14.89 1.28
N LYS D 676 -25.64 15.22 1.94
CA LYS D 676 -26.92 14.60 1.60
C LYS D 676 -27.68 15.44 0.58
N GLN D 677 -27.86 16.74 0.88
CA GLN D 677 -28.66 17.62 0.04
C GLN D 677 -27.92 17.94 -1.26
N THR D 678 -28.35 17.30 -2.35
CA THR D 678 -27.79 17.58 -3.66
C THR D 678 -28.45 18.77 -4.35
N LYS D 679 -29.43 19.39 -3.69
CA LYS D 679 -30.02 20.64 -4.16
C LYS D 679 -29.02 21.77 -4.13
N ILE D 680 -28.37 22.00 -2.99
CA ILE D 680 -27.28 22.95 -2.88
C ILE D 680 -26.06 22.33 -3.55
N GLU D 681 -25.52 23.01 -4.56
CA GLU D 681 -24.48 22.44 -5.40
C GLU D 681 -23.12 22.51 -4.71
N TYR D 682 -22.29 21.50 -4.99
CA TYR D 682 -20.91 21.43 -4.50
C TYR D 682 -20.03 22.30 -5.39
N GLY D 683 -18.72 22.27 -5.17
CA GLY D 683 -17.82 23.02 -6.04
C GLY D 683 -16.38 22.83 -5.63
N ALA D 684 -15.49 23.12 -6.59
CA ALA D 684 -14.05 23.00 -6.39
C ALA D 684 -13.27 23.79 -7.44
N VAL D 685 -12.01 24.07 -7.16
CA VAL D 685 -11.07 24.60 -8.15
C VAL D 685 -10.80 23.45 -9.12
N GLU D 686 -10.82 23.74 -10.42
CA GLU D 686 -10.59 22.71 -11.43
C GLU D 686 -9.15 22.21 -11.39
N ASP D 687 -8.99 20.97 -10.91
CA ASP D 687 -7.71 20.26 -10.81
C ASP D 687 -6.69 21.01 -9.95
N GLY D 688 -7.15 21.60 -8.85
CA GLY D 688 -6.26 22.25 -7.93
C GLY D 688 -5.82 21.29 -6.83
N ALA D 689 -5.69 21.82 -5.62
CA ALA D 689 -5.36 20.96 -4.48
C ALA D 689 -6.61 20.45 -3.79
N THR D 690 -7.73 21.15 -3.95
CA THR D 690 -8.98 20.71 -3.34
C THR D 690 -9.61 19.58 -4.12
N MET D 691 -9.62 19.69 -5.45
CA MET D 691 -10.19 18.65 -6.30
C MET D 691 -9.34 17.38 -6.26
N THR D 692 -8.03 17.53 -6.02
CA THR D 692 -7.16 16.37 -5.92
C THR D 692 -7.43 15.57 -4.64
N PHE D 693 -7.89 16.27 -3.59
CA PHE D 693 -8.13 15.61 -2.31
C PHE D 693 -9.35 14.70 -2.36
N PHE D 694 -10.45 15.19 -2.94
CA PHE D 694 -11.67 14.38 -2.99
C PHE D 694 -11.59 13.24 -3.98
N LYS D 695 -10.66 13.31 -4.94
CA LYS D 695 -10.50 12.25 -5.93
C LYS D 695 -9.78 11.05 -5.33
N LYS D 696 -8.92 11.29 -4.34
CA LYS D 696 -8.10 10.22 -3.78
C LYS D 696 -8.61 9.75 -2.42
N SER D 697 -9.61 10.44 -1.87
CA SER D 697 -10.08 10.12 -0.53
C SER D 697 -10.93 8.85 -0.53
N LYS D 698 -10.97 8.17 0.62
CA LYS D 698 -11.74 6.96 0.77
C LYS D 698 -12.77 7.05 1.88
N ILE D 699 -12.94 8.22 2.50
CA ILE D 699 -13.90 8.42 3.57
C ILE D 699 -15.29 8.43 2.97
N SER D 700 -16.27 7.88 3.72
CA SER D 700 -17.63 7.67 3.22
C SER D 700 -18.33 8.98 2.86
N THR D 701 -18.07 10.04 3.62
CA THR D 701 -18.66 11.34 3.31
C THR D 701 -18.00 11.95 2.08
N TYR D 702 -16.68 11.88 2.01
CA TYR D 702 -15.95 12.67 1.02
C TYR D 702 -15.92 11.97 -0.33
N ASP D 703 -16.21 10.67 -0.37
CA ASP D 703 -16.33 9.97 -1.65
C ASP D 703 -17.68 10.25 -2.29
N LYS D 704 -18.73 10.43 -1.47
CA LYS D 704 -20.03 10.80 -1.99
C LYS D 704 -20.03 12.24 -2.52
N MET D 705 -19.17 13.10 -1.95
CA MET D 705 -19.03 14.45 -2.48
C MET D 705 -18.32 14.44 -3.82
N TRP D 706 -17.49 13.43 -4.07
CA TRP D 706 -16.83 13.32 -5.36
C TRP D 706 -17.76 12.69 -6.40
N ALA D 707 -18.79 11.98 -5.94
CA ALA D 707 -19.74 11.36 -6.86
C ALA D 707 -20.59 12.42 -7.55
N PHE D 708 -20.81 13.56 -6.89
CA PHE D 708 -21.50 14.67 -7.54
C PHE D 708 -20.59 15.34 -8.56
N MET D 709 -19.36 15.68 -8.16
CA MET D 709 -18.49 16.50 -8.99
C MET D 709 -17.98 15.73 -10.20
N SER D 710 -17.92 14.41 -10.12
CA SER D 710 -17.58 13.60 -11.29
C SER D 710 -18.71 13.60 -12.30
N SER D 711 -19.96 13.71 -11.82
CA SER D 711 -21.11 13.69 -12.70
C SER D 711 -21.46 15.08 -13.19
N ARG D 712 -20.96 16.11 -12.52
CA ARG D 712 -21.34 17.48 -12.82
C ARG D 712 -20.13 18.32 -13.22
N ARG D 713 -19.24 17.74 -14.02
CA ARG D 713 -18.08 18.49 -14.48
C ARG D 713 -18.54 19.51 -15.52
N GLN D 714 -17.89 20.69 -15.54
CA GLN D 714 -18.25 21.89 -16.31
C GLN D 714 -19.65 22.41 -15.95
N SER D 715 -20.15 22.05 -14.76
CA SER D 715 -21.40 22.59 -14.26
C SER D 715 -21.19 23.24 -12.90
N VAL D 716 -20.51 22.55 -11.99
CA VAL D 716 -20.24 23.06 -10.65
C VAL D 716 -18.73 23.17 -10.45
N LEU D 717 -17.96 22.72 -11.45
CA LEU D 717 -16.51 22.77 -11.38
C LEU D 717 -15.98 24.05 -12.02
N VAL D 718 -15.84 25.11 -11.22
CA VAL D 718 -15.31 26.36 -11.72
C VAL D 718 -13.79 26.23 -11.78
N LYS D 719 -13.12 27.10 -12.56
CA LYS D 719 -11.70 26.98 -12.82
C LYS D 719 -10.88 28.07 -12.14
N SER D 720 -11.54 28.93 -11.36
CA SER D 720 -10.84 30.02 -10.69
C SER D 720 -11.57 30.40 -9.40
N ASN D 721 -10.83 31.04 -8.49
CA ASN D 721 -11.43 31.45 -7.22
C ASN D 721 -12.29 32.69 -7.38
N GLU D 722 -11.91 33.59 -8.28
CA GLU D 722 -12.68 34.82 -8.48
C GLU D 722 -14.01 34.53 -9.16
N GLU D 723 -14.06 33.50 -9.99
CA GLU D 723 -15.32 33.11 -10.61
C GLU D 723 -16.09 32.15 -9.70
N GLY D 724 -15.41 31.60 -8.68
CA GLY D 724 -16.09 30.73 -7.74
C GLY D 724 -16.82 31.49 -6.65
N ILE D 725 -16.20 32.57 -6.15
CA ILE D 725 -16.85 33.43 -5.18
C ILE D 725 -18.03 34.16 -5.82
N GLN D 726 -17.88 34.53 -7.08
CA GLN D 726 -18.97 35.16 -7.83
C GLN D 726 -20.12 34.18 -8.06
N ARG D 727 -19.81 32.89 -8.19
CA ARG D 727 -20.85 31.89 -8.41
C ARG D 727 -21.65 31.64 -7.13
N VAL D 728 -20.99 31.78 -5.97
CA VAL D 728 -21.73 31.83 -4.71
C VAL D 728 -22.56 33.10 -4.63
N LEU D 729 -22.03 34.19 -5.19
CA LEU D 729 -22.71 35.48 -5.15
C LEU D 729 -23.92 35.51 -6.08
N THR D 730 -23.99 34.61 -7.06
CA THR D 730 -25.16 34.49 -7.91
C THR D 730 -26.13 33.43 -7.41
N SER D 731 -25.70 32.18 -7.31
CA SER D 731 -26.62 31.08 -7.02
C SER D 731 -26.29 30.42 -5.69
N ASP D 732 -27.02 29.35 -5.34
CA ASP D 732 -26.79 28.59 -4.13
C ASP D 732 -25.59 27.66 -4.32
N TYR D 733 -24.39 28.22 -4.19
CA TYR D 733 -23.15 27.53 -4.50
C TYR D 733 -22.33 27.44 -3.22
N ALA D 734 -21.69 26.28 -3.01
CA ALA D 734 -21.10 25.92 -1.72
C ALA D 734 -19.63 25.59 -1.92
N PHE D 735 -18.91 26.53 -2.52
CA PHE D 735 -17.54 26.35 -3.01
C PHE D 735 -16.57 25.91 -1.93
N LEU D 736 -15.73 24.93 -2.28
CA LEU D 736 -14.76 24.31 -1.38
C LEU D 736 -13.37 24.83 -1.72
N MET D 737 -12.67 25.38 -0.74
CA MET D 737 -11.33 25.92 -0.96
C MET D 737 -10.60 26.00 0.38
N GLU D 738 -9.38 26.54 0.33
CA GLU D 738 -8.51 26.56 1.50
C GLU D 738 -9.03 27.54 2.55
N SER D 739 -8.69 27.26 3.81
CA SER D 739 -9.33 27.96 4.92
C SER D 739 -8.79 29.36 5.12
N THR D 740 -7.54 29.61 4.71
CA THR D 740 -6.95 30.93 4.94
C THR D 740 -7.54 31.98 4.02
N THR D 741 -7.84 31.60 2.78
CA THR D 741 -8.41 32.55 1.84
C THR D 741 -9.87 32.86 2.19
N ILE D 742 -10.57 31.89 2.78
CA ILE D 742 -11.92 32.13 3.26
C ILE D 742 -11.92 33.13 4.40
N GLU D 743 -10.88 33.07 5.24
CA GLU D 743 -10.75 34.03 6.34
C GLU D 743 -10.36 35.42 5.82
N PHE D 744 -9.92 35.49 4.56
CA PHE D 744 -9.66 36.80 3.95
C PHE D 744 -10.90 37.35 3.26
N VAL D 745 -11.67 36.47 2.63
CA VAL D 745 -12.83 36.92 1.86
C VAL D 745 -13.99 37.30 2.79
N THR D 746 -14.17 36.53 3.86
CA THR D 746 -15.28 36.77 4.79
C THR D 746 -15.09 38.08 5.55
N GLN D 747 -13.84 38.44 5.84
CA GLN D 747 -13.58 39.71 6.51
C GLN D 747 -13.67 40.89 5.56
N ARG D 748 -13.71 40.64 4.25
CA ARG D 748 -13.85 41.72 3.27
C ARG D 748 -15.21 41.69 2.57
N ASN D 749 -16.02 40.67 2.87
CA ASN D 749 -17.35 40.57 2.30
C ASN D 749 -18.34 40.13 3.38
N CYS D 750 -19.32 40.99 3.68
CA CYS D 750 -20.27 40.72 4.75
C CYS D 750 -21.50 39.97 4.25
N ASN D 751 -21.43 39.40 3.06
CA ASN D 751 -22.45 38.51 2.54
C ASN D 751 -21.96 37.07 2.39
N LEU D 752 -20.87 36.73 3.09
CA LEU D 752 -20.29 35.39 3.03
C LEU D 752 -19.90 34.95 4.43
N THR D 753 -19.69 33.65 4.61
CA THR D 753 -19.32 33.10 5.91
C THR D 753 -18.57 31.79 5.71
N GLN D 754 -17.90 31.31 6.77
CA GLN D 754 -17.22 30.03 6.78
C GLN D 754 -18.00 29.06 7.64
N ILE D 755 -18.77 28.17 7.01
CA ILE D 755 -19.52 27.18 7.77
C ILE D 755 -18.72 25.88 7.77
N GLY D 756 -18.73 25.18 8.90
CA GLY D 756 -17.95 23.97 9.04
C GLY D 756 -16.57 24.28 9.57
N GLY D 757 -15.88 23.24 10.02
CA GLY D 757 -14.54 23.36 10.53
C GLY D 757 -13.51 23.20 9.43
N LEU D 758 -12.56 22.29 9.66
CA LEU D 758 -11.54 21.97 8.68
C LEU D 758 -11.76 20.55 8.18
N ILE D 759 -11.51 20.33 6.90
CA ILE D 759 -11.61 18.99 6.30
C ILE D 759 -10.24 18.31 6.31
N ASP D 760 -9.26 18.94 5.67
CA ASP D 760 -7.90 18.42 5.63
C ASP D 760 -7.07 19.20 6.66
N SER D 761 -5.81 18.84 6.87
CA SER D 761 -4.95 19.63 7.75
C SER D 761 -3.53 19.63 7.19
N LYS D 762 -3.21 20.64 6.39
CA LYS D 762 -1.88 20.80 5.82
C LYS D 762 -1.28 22.10 6.31
N GLY D 763 -0.09 22.44 5.82
CA GLY D 763 0.55 23.66 6.24
C GLY D 763 1.47 24.26 5.18
N TYR D 764 1.57 25.59 5.20
CA TYR D 764 2.54 26.29 4.37
C TYR D 764 3.93 26.14 4.96
N GLY D 765 4.97 26.43 4.19
CA GLY D 765 6.32 26.26 4.67
C GLY D 765 7.34 27.01 3.84
N VAL D 766 8.38 27.50 4.53
CA VAL D 766 9.49 28.18 3.87
C VAL D 766 10.35 27.14 3.17
N GLY D 767 10.35 27.16 1.84
CA GLY D 767 11.07 26.17 1.08
C GLY D 767 12.56 26.42 1.01
N THR D 768 13.34 25.34 1.14
CA THR D 768 14.79 25.36 1.03
C THR D 768 15.20 24.33 -0.02
N PRO D 769 16.41 24.45 -0.59
CA PRO D 769 16.90 23.39 -1.49
C PRO D 769 17.16 22.09 -0.73
N MET D 770 17.34 21.01 -1.50
CA MET D 770 17.45 19.66 -0.97
C MET D 770 18.72 19.47 -0.15
N GLY D 771 18.58 19.34 1.16
CA GLY D 771 19.72 19.18 2.03
C GLY D 771 20.43 20.47 2.38
N SER D 772 19.68 21.51 2.75
CA SER D 772 20.27 22.82 2.99
C SER D 772 20.51 23.02 4.48
N PRO D 773 21.59 23.70 4.86
CA PRO D 773 21.85 23.94 6.29
C PRO D 773 20.94 25.00 6.89
N TYR D 774 20.40 25.90 6.06
CA TYR D 774 19.63 27.01 6.59
C TYR D 774 18.15 26.68 6.68
N ARG D 775 17.80 25.43 6.39
CA ARG D 775 16.50 24.89 6.76
C ARG D 775 16.35 24.82 8.27
N ASP D 776 17.43 24.46 8.96
CA ASP D 776 17.37 24.25 10.40
C ASP D 776 17.30 25.57 11.15
N LYS D 777 17.94 26.62 10.61
CA LYS D 777 17.96 27.90 11.32
C LYS D 777 16.61 28.61 11.21
N ILE D 778 15.92 28.43 10.08
CA ILE D 778 14.57 28.97 9.94
C ILE D 778 13.59 28.15 10.80
N THR D 779 13.85 26.85 10.93
CA THR D 779 13.08 25.98 11.82
C THR D 779 13.13 26.47 13.27
N ILE D 780 14.31 26.90 13.72
CA ILE D 780 14.44 27.50 15.05
C ILE D 780 13.80 28.87 15.08
N ALA D 781 13.84 29.59 13.96
CA ALA D 781 13.39 30.99 13.93
C ALA D 781 11.87 31.10 13.96
N ILE D 782 11.17 30.23 13.24
CA ILE D 782 9.70 30.31 13.15
C ILE D 782 9.07 30.00 14.51
N LEU D 783 9.61 29.01 15.21
CA LEU D 783 9.07 28.62 16.52
C LEU D 783 9.33 29.69 17.57
N GLN D 784 10.35 30.52 17.37
CA GLN D 784 10.58 31.64 18.28
C GLN D 784 9.51 32.70 18.12
N LEU D 785 9.07 32.94 16.88
CA LEU D 785 8.09 34.00 16.62
C LEU D 785 6.67 33.54 16.91
N GLN D 786 6.44 32.24 17.01
CA GLN D 786 5.10 31.77 17.36
C GLN D 786 4.82 31.90 18.84
N GLU D 787 5.85 31.78 19.68
CA GLU D 787 5.64 31.85 21.11
C GLU D 787 5.49 33.29 21.59
N GLU D 788 6.26 34.21 21.01
CA GLU D 788 6.15 35.62 21.37
C GLU D 788 5.06 36.33 20.57
N GLY D 789 4.34 35.60 19.71
CA GLY D 789 3.17 36.12 19.05
C GLY D 789 3.43 37.10 17.93
N LYS D 790 4.51 36.94 17.17
CA LYS D 790 4.75 37.82 16.03
C LYS D 790 3.82 37.50 14.87
N LEU D 791 3.59 36.21 14.62
CA LEU D 791 2.78 35.80 13.47
C LEU D 791 1.30 36.09 13.70
N HIS D 792 0.83 36.00 14.94
CA HIS D 792 -0.58 36.26 15.19
C HIS D 792 -0.88 37.75 15.13
N MET D 793 0.13 38.59 15.36
CA MET D 793 -0.05 40.03 15.16
C MET D 793 0.01 40.38 13.69
N MET D 794 0.59 39.50 12.86
CA MET D 794 0.63 39.73 11.42
C MET D 794 -0.59 39.13 10.75
N LYS D 795 -1.09 38.01 11.28
CA LYS D 795 -2.28 37.37 10.73
C LYS D 795 -3.52 38.20 11.03
N GLU D 796 -3.51 38.94 12.14
CA GLU D 796 -4.61 39.85 12.45
C GLU D 796 -4.43 41.18 11.73
N LYS D 797 -3.27 41.40 11.11
CA LYS D 797 -3.03 42.67 10.44
C LYS D 797 -3.46 42.60 8.98
N TRP D 798 -3.31 41.44 8.36
CA TRP D 798 -3.61 41.29 6.94
C TRP D 798 -4.97 40.65 6.67
N TRP D 799 -5.33 39.60 7.38
CA TRP D 799 -6.62 38.94 7.16
C TRP D 799 -7.76 39.70 7.81
N ARG D 800 -7.49 40.55 8.80
CA ARG D 800 -8.49 41.52 9.21
C ARG D 800 -8.26 42.84 8.50
N GLY D 801 -8.94 43.89 8.96
CA GLY D 801 -8.79 45.19 8.35
C GLY D 801 -10.11 45.92 8.24
N ASN D 802 -11.19 45.21 8.54
CA ASN D 802 -12.53 45.76 8.49
C ASN D 802 -13.41 44.98 9.48
N GLY D 803 -13.76 45.57 10.62
CA GLY D 803 -14.70 44.97 11.54
C GLY D 803 -16.10 44.96 10.96
N CYS D 804 -16.65 43.75 10.81
CA CYS D 804 -17.90 43.55 10.08
C CYS D 804 -19.09 43.87 10.99
N PRO D 805 -19.78 42.76 11.34
CA PRO D 805 -21.22 42.56 11.03
C PRO D 805 -22.23 43.67 11.16
N GLU D 806 -22.45 44.20 12.36
CA GLU D 806 -23.80 44.43 12.91
C GLU D 806 -24.51 43.07 13.01
N GLU D 807 -24.15 42.32 14.06
CA GLU D 807 -24.86 41.14 14.58
C GLU D 807 -24.82 39.85 13.75
N GLU D 808 -23.71 39.12 13.79
CA GLU D 808 -23.67 37.67 13.52
C GLU D 808 -24.34 36.92 14.67
N SER D 809 -25.64 37.13 14.88
CA SER D 809 -26.29 36.74 16.12
C SER D 809 -27.80 36.63 15.95
N LYS D 810 -28.52 36.69 17.08
CA LYS D 810 -29.98 36.64 17.18
C LYS D 810 -30.53 35.31 16.66
N GLU D 811 -30.25 34.25 17.40
CA GLU D 811 -30.83 32.93 17.16
C GLU D 811 -32.26 32.85 17.70
N ALA D 812 -32.78 31.64 17.85
CA ALA D 812 -34.22 31.45 18.04
C ALA D 812 -34.51 30.45 19.16
N SER D 813 -35.73 29.89 19.12
CA SER D 813 -36.35 28.98 20.10
C SER D 813 -36.73 29.73 21.36
N ALA D 814 -37.16 30.98 21.18
CA ALA D 814 -37.89 31.78 22.15
C ALA D 814 -38.52 32.94 21.40
N LEU D 815 -39.85 33.06 21.45
CA LEU D 815 -40.54 34.13 20.72
C LEU D 815 -40.23 35.48 21.33
N GLY D 816 -39.73 36.42 20.53
CA GLY D 816 -39.29 37.69 21.07
C GLY D 816 -39.99 38.84 20.38
N VAL D 817 -39.42 40.04 20.56
CA VAL D 817 -39.98 41.29 20.05
C VAL D 817 -39.96 41.29 18.53
N GLN D 818 -38.97 40.63 17.93
CA GLN D 818 -38.92 40.48 16.48
C GLN D 818 -40.00 39.54 15.95
N ASN D 819 -40.62 38.73 16.80
CA ASN D 819 -41.60 37.75 16.36
C ASN D 819 -43.02 38.04 16.86
N ILE D 820 -43.17 38.75 17.99
CA ILE D 820 -44.49 38.93 18.58
C ILE D 820 -44.74 40.40 18.89
N GLY D 821 -43.71 41.24 18.74
CA GLY D 821 -43.73 42.61 19.23
C GLY D 821 -44.74 43.55 18.57
N GLY D 822 -45.44 43.08 17.53
CA GLY D 822 -46.51 43.88 16.96
C GLY D 822 -47.76 43.91 17.81
N ILE D 823 -47.85 42.99 18.78
CA ILE D 823 -49.01 42.98 19.66
C ILE D 823 -48.87 44.08 20.71
N PHE D 824 -47.64 44.55 20.95
CA PHE D 824 -47.46 45.66 21.88
C PHE D 824 -47.77 46.99 21.22
N ILE D 825 -47.62 47.07 19.90
CA ILE D 825 -47.94 48.28 19.17
C ILE D 825 -49.44 48.46 19.08
N VAL D 826 -50.18 47.38 18.84
CA VAL D 826 -51.63 47.47 18.76
C VAL D 826 -52.23 47.59 20.17
N LEU D 827 -51.48 47.17 21.19
CA LEU D 827 -51.90 47.43 22.56
C LEU D 827 -51.76 48.91 22.89
N ALA D 828 -50.63 49.52 22.49
CA ALA D 828 -50.41 50.93 22.76
C ALA D 828 -51.33 51.81 21.92
N ALA D 829 -51.72 51.32 20.74
CA ALA D 829 -52.62 52.08 19.89
C ALA D 829 -54.05 52.06 20.45
N GLY D 830 -54.37 51.06 21.26
CA GLY D 830 -55.68 51.02 21.89
C GLY D 830 -55.79 51.99 23.06
N LEU D 831 -54.69 52.16 23.80
CA LEU D 831 -54.70 53.06 24.95
C LEU D 831 -54.70 54.52 24.53
N VAL D 832 -54.02 54.84 23.42
CA VAL D 832 -54.01 56.21 22.90
C VAL D 832 -55.39 56.58 22.36
N LEU D 833 -56.07 55.61 21.73
CA LEU D 833 -57.40 55.87 21.20
C LEU D 833 -58.42 56.03 22.33
N SER D 834 -58.19 55.36 23.46
CA SER D 834 -59.16 55.40 24.55
C SER D 834 -59.10 56.72 25.30
N VAL D 835 -57.91 57.31 25.40
CA VAL D 835 -57.75 58.62 26.05
C VAL D 835 -58.40 59.70 25.19
N PHE D 836 -58.31 59.55 23.86
CA PHE D 836 -58.96 60.50 22.97
C PHE D 836 -60.48 60.36 23.02
N VAL D 837 -60.98 59.19 23.42
CA VAL D 837 -62.39 59.04 23.74
C VAL D 837 -62.67 59.58 25.13
N ALA D 838 -61.71 59.42 26.06
CA ALA D 838 -61.90 59.87 27.45
C ALA D 838 -61.99 61.38 27.53
N VAL D 839 -61.28 62.09 26.64
CA VAL D 839 -61.45 63.53 26.54
C VAL D 839 -62.78 63.84 25.84
N GLY D 840 -63.10 63.07 24.80
CA GLY D 840 -64.25 63.37 23.97
C GLY D 840 -65.57 63.02 24.61
N GLU D 841 -65.56 62.12 25.59
CA GLU D 841 -66.81 61.73 26.24
C GLU D 841 -67.07 62.59 27.47
N PHE D 842 -66.01 63.13 28.08
CA PHE D 842 -66.17 64.05 29.20
C PHE D 842 -66.73 65.38 28.74
N LEU D 843 -66.38 65.79 27.52
CA LEU D 843 -66.90 67.04 26.98
C LEU D 843 -68.36 66.90 26.54
N TYR D 844 -68.77 65.67 26.22
CA TYR D 844 -70.16 65.44 25.79
C TYR D 844 -71.12 65.53 26.97
N LYS D 845 -70.64 65.20 28.16
CA LYS D 845 -71.49 65.29 29.34
C LYS D 845 -71.61 66.74 29.82
N SER D 846 -70.51 67.49 29.75
CA SER D 846 -70.52 68.88 30.20
C SER D 846 -71.32 69.77 29.27
N LYS D 847 -71.44 69.38 28.00
CA LYS D 847 -72.30 70.09 27.06
C LYS D 847 -73.76 69.85 27.40
N LYS D 848 -74.07 68.68 27.97
CA LYS D 848 -75.44 68.35 28.33
C LYS D 848 -75.88 69.13 29.57
N ASN D 849 -74.93 69.50 30.44
CA ASN D 849 -75.25 70.24 31.64
C ASN D 849 -75.70 71.67 31.32
N ALA D 850 -75.25 72.20 30.20
CA ALA D 850 -75.65 73.55 29.78
C ALA D 850 -77.08 73.56 29.24
C1 NAG E . -1.85 14.02 -37.06
C2 NAG E . -1.77 13.57 -35.57
C3 NAG E . -2.20 14.70 -34.66
C4 NAG E . -1.27 15.89 -34.85
C5 NAG E . -1.41 16.38 -36.29
C6 NAG E . -0.45 17.49 -36.62
C7 NAG E . -2.16 11.32 -34.59
C8 NAG E . -0.76 11.37 -34.06
N2 NAG E . -2.57 12.37 -35.32
O3 NAG E . -2.19 14.24 -33.31
O4 NAG E . -1.59 16.95 -33.94
O5 NAG E . -1.13 15.31 -37.22
O6 NAG E . 0.80 17.30 -35.96
O7 NAG E . -2.88 10.35 -34.40
C1 NAG E . -0.64 17.03 -32.87
C2 NAG E . -0.70 18.42 -32.22
C3 NAG E . 0.25 18.48 -31.01
C4 NAG E . -0.05 17.35 -30.03
C5 NAG E . 0.00 16.01 -30.75
C6 NAG E . -0.42 14.86 -29.86
C7 NAG E . -1.15 20.52 -33.43
C8 NAG E . -2.43 20.62 -32.65
N2 NAG E . -0.38 19.46 -33.18
O3 NAG E . 0.12 19.74 -30.37
O4 NAG E . 0.90 17.36 -28.97
O5 NAG E . -0.90 16.02 -31.87
O6 NAG E . 0.60 13.89 -29.73
O7 NAG E . -0.82 21.37 -34.25
C1 NAG F . 31.49 7.86 -45.57
C2 NAG F . 31.21 9.26 -44.96
C3 NAG F . 31.15 9.22 -43.43
C4 NAG F . 30.18 8.14 -42.97
C5 NAG F . 30.65 6.80 -43.51
C6 NAG F . 29.78 5.65 -43.09
C7 NAG F . 31.97 11.46 -45.85
C8 NAG F . 30.52 11.86 -45.96
N2 NAG F . 32.22 10.23 -45.39
O3 NAG F . 30.76 10.49 -42.95
O4 NAG F . 29.96 8.10 -41.57
O5 NAG F . 30.62 6.86 -44.94
O6 NAG F . 30.24 5.06 -41.88
O7 NAG F . 32.87 12.22 -46.18
C1 NAG F . 31.09 8.18 -40.67
C2 NAG F . 30.79 9.35 -39.73
C3 NAG F . 31.28 9.07 -38.29
C4 NAG F . 32.54 8.18 -38.24
C5 NAG F . 32.46 6.98 -39.19
C6 NAG F . 32.51 5.65 -38.49
C7 NAG F . 30.75 11.78 -40.03
C8 NAG F . 31.45 12.96 -40.62
N2 NAG F . 31.34 10.59 -40.23
O3 NAG F . 30.28 8.54 -37.42
O4 NAG F . 33.69 8.95 -38.53
O5 NAG F . 31.24 7.01 -39.94
O6 NAG F . 31.64 4.71 -39.10
O7 NAG F . 29.69 11.89 -39.43
C1 BMA F . 28.87 8.67 -37.74
C2 BMA F . 28.32 7.29 -37.46
C3 BMA F . 28.37 7.11 -35.95
C4 BMA F . 27.63 8.26 -35.15
C5 BMA F . 27.13 9.40 -36.09
C6 BMA F . 26.63 10.63 -35.35
O2 BMA F . 29.14 6.28 -38.03
O3 BMA F . 29.74 7.04 -35.54
O4 BMA F . 26.56 7.73 -34.38
O5 BMA F . 28.21 9.75 -37.02
O6 BMA F . 25.23 10.45 -35.08
C1 MAN F . 29.85 6.56 -34.18
C2 MAN F . 31.37 6.52 -33.85
C3 MAN F . 31.80 5.10 -33.53
C4 MAN F . 30.92 4.50 -32.41
C5 MAN F . 29.42 4.58 -32.77
C6 MAN F . 28.58 5.27 -31.71
O2 MAN F . 31.68 7.30 -32.69
O3 MAN F . 33.18 5.03 -33.17
O4 MAN F . 31.27 3.14 -32.20
O5 MAN F . 29.22 5.29 -34.04
O6 MAN F . 29.16 5.01 -30.43
C1 MAN F . 24.50 11.53 -35.70
C2 MAN F . 22.94 11.20 -35.54
C3 MAN F . 22.07 11.84 -36.68
C4 MAN F . 22.80 12.07 -38.04
C5 MAN F . 24.09 11.27 -38.13
C6 MAN F . 24.83 11.44 -39.44
O2 MAN F . 22.42 11.71 -34.31
O3 MAN F . 21.43 13.04 -36.25
O4 MAN F . 21.95 11.71 -39.12
O5 MAN F . 24.94 11.74 -37.06
O6 MAN F . 23.88 11.39 -40.49
C1 NAG G . 16.79 25.17 -40.88
C2 NAG G . 16.18 26.08 -41.95
C3 NAG G . 17.00 27.37 -42.07
C4 NAG G . 17.56 27.92 -40.74
C5 NAG G . 17.82 26.85 -39.67
C6 NAG G . 17.85 27.42 -38.27
C7 NAG G . 15.32 25.78 -44.25
C8 NAG G . 15.43 24.95 -45.50
N2 NAG G . 16.13 25.41 -43.24
O3 NAG G . 16.14 28.33 -42.68
O4 NAG G . 18.84 28.53 -40.94
O5 NAG G . 16.81 25.83 -39.67
O6 NAG G . 17.11 28.62 -38.19
O7 NAG G . 14.56 26.73 -44.15
C1 NAG G . 18.77 29.79 -41.68
C2 NAG G . 19.65 30.87 -41.05
C3 NAG G . 19.46 32.18 -41.82
C4 NAG G . 19.35 32.01 -43.34
C5 NAG G . 18.85 30.65 -43.85
C6 NAG G . 19.40 30.30 -45.22
C7 NAG G . 20.07 30.44 -38.68
C8 NAG G . 19.63 30.72 -37.27
N2 NAG G . 19.37 31.04 -39.65
O3 NAG G . 20.53 33.07 -41.51
O4 NAG G . 18.54 33.02 -43.96
O5 NAG G . 19.20 29.56 -42.99
O6 NAG G . 20.23 29.14 -45.17
O7 NAG G . 21.01 29.70 -38.93
C1 BMA G . 17.16 33.48 -43.62
C2 BMA G . 16.09 33.10 -44.78
C3 BMA G . 14.61 33.20 -44.24
C4 BMA G . 14.40 34.11 -42.98
C5 BMA G . 15.56 34.05 -41.96
C6 BMA G . 15.11 33.77 -40.54
O2 BMA G . 16.20 31.78 -45.26
O3 BMA G . 14.04 31.92 -44.02
O4 BMA G . 14.18 35.46 -43.39
O5 BMA G . 16.50 33.04 -42.37
O6 BMA G . 14.50 34.95 -40.03
C1 NAG H . -21.44 18.58 -56.98
C2 NAG H . -20.42 19.69 -57.35
C3 NAG H . -19.11 19.11 -57.96
C4 NAG H . -19.33 18.05 -59.04
C5 NAG H . -20.66 17.34 -58.91
C6 NAG H . -20.64 15.90 -59.39
C7 NAG H . -21.33 21.93 -57.91
C8 NAG H . -21.05 22.34 -56.49
N2 NAG H . -21.01 20.67 -58.26
O3 NAG H . -18.30 18.57 -56.93
O4 NAG H . -19.01 18.55 -60.35
O5 NAG H . -21.00 17.30 -57.52
O6 NAG H . -21.52 15.09 -58.64
O7 NAG H . -21.82 22.71 -58.71
C1 NAG H . -20.05 19.04 -61.23
C2 NAG H . -19.44 20.12 -62.13
C3 NAG H . -19.83 19.88 -63.58
C4 NAG H . -19.34 18.51 -64.03
C5 NAG H . -20.06 17.43 -63.22
C6 NAG H . -19.13 16.34 -62.72
C7 NAG H . -19.01 22.46 -61.51
C8 NAG H . -19.62 23.76 -61.08
N2 NAG H . -19.86 21.44 -61.70
O3 NAG H . -19.25 20.90 -64.40
O4 NAG H . -19.61 18.33 -65.41
O5 NAG H . -20.73 17.99 -62.07
O6 NAG H . -17.89 16.34 -63.42
O7 NAG H . -17.80 22.33 -61.67
C1 NAG I . -55.46 18.09 -9.86
C2 NAG I . -56.16 16.95 -9.11
C3 NAG I . -57.67 16.91 -9.38
C4 NAG I . -57.99 16.91 -10.88
C5 NAG I . -57.23 17.98 -11.66
C6 NAG I . -57.83 19.36 -11.60
C7 NAG I . -55.33 14.79 -8.35
C8 NAG I . -54.67 13.50 -8.74
N2 NAG I . -55.55 15.66 -9.34
O3 NAG I . -58.32 17.99 -8.71
O4 NAG I . -57.66 15.65 -11.45
O5 NAG I . -55.85 18.08 -11.28
O6 NAG I . -58.55 19.67 -12.79
O7 NAG I . -55.65 15.02 -7.19
C1 NAG I . -58.50 14.56 -11.04
C2 NAG I . -59.51 14.20 -12.14
C3 NAG I . -60.19 12.84 -11.87
C4 NAG I . -59.18 11.77 -11.50
C5 NAG I . -58.36 12.26 -10.31
C6 NAG I . -57.33 11.26 -9.84
C7 NAG I . -60.55 16.14 -13.26
C8 NAG I . -61.68 17.13 -13.21
N2 NAG I . -60.52 15.23 -12.27
O3 NAG I . -60.90 12.43 -13.03
O4 NAG I . -59.84 10.56 -11.14
O5 NAG I . -57.66 13.43 -10.73
O6 NAG I . -56.17 11.27 -10.65
O7 NAG I . -59.72 16.15 -14.15
C1 NAG J . 23.04 -20.32 -14.33
C2 NAG J . 21.48 -20.44 -14.09
C3 NAG J . 21.08 -21.67 -13.26
C4 NAG J . 22.24 -22.65 -13.15
C5 NAG J . 23.29 -21.93 -12.31
C6 NAG J . 24.46 -22.78 -11.88
C7 NAG J . 21.09 -18.59 -12.43
C8 NAG J . 20.31 -17.34 -12.19
N2 NAG J . 20.85 -19.21 -13.60
O3 NAG J . 19.92 -22.28 -13.81
O4 NAG J . 21.90 -23.97 -12.77
O5 NAG J . 23.82 -20.83 -13.07
O6 NAG J . 25.66 -22.41 -12.53
O7 NAG J . 21.90 -19.02 -11.61
C1 NAG J . 22.18 -24.57 -14.08
C2 NAG J . 22.86 -25.93 -13.93
C3 NAG J . 22.39 -26.90 -15.04
C4 NAG J . 22.15 -26.20 -16.37
C5 NAG J . 21.27 -24.96 -16.22
C6 NAG J . 19.94 -25.08 -16.93
C7 NAG J . 25.09 -26.04 -12.90
C8 NAG J . 26.56 -25.83 -13.10
N2 NAG J . 24.31 -25.80 -13.96
O3 NAG J . 21.20 -27.54 -14.62
O4 NAG J . 23.40 -25.79 -16.94
O5 NAG J . 20.97 -24.71 -14.84
O6 NAG J . 20.02 -26.01 -18.01
O7 NAG J . 24.62 -26.38 -11.81
C1 NAG K . 10.16 -27.39 -45.91
C2 NAG K . 9.00 -26.58 -46.51
C3 NAG K . 7.70 -26.88 -45.75
C4 NAG K . 7.91 -26.79 -44.24
C5 NAG K . 9.06 -27.73 -43.83
C6 NAG K . 8.60 -28.87 -42.93
C7 NAG K . 9.01 -24.25 -47.39
C8 NAG K . 8.32 -24.76 -48.63
N2 NAG K . 9.29 -25.16 -46.45
O3 NAG K . 7.26 -28.19 -46.09
O4 NAG K . 8.26 -25.45 -43.92
O5 NAG K . 9.64 -28.35 -44.98
O6 NAG K . 9.24 -30.09 -43.27
O7 NAG K . 9.29 -23.07 -47.24
C1 NAG K . 7.91 -24.90 -42.60
C2 NAG K . 6.67 -23.97 -42.77
C3 NAG K . 5.57 -24.30 -41.73
C4 NAG K . 6.12 -24.55 -40.31
C5 NAG K . 7.45 -25.28 -40.32
C6 NAG K . 7.54 -26.40 -39.31
C7 NAG K . 6.43 -21.62 -43.39
C8 NAG K . 6.95 -20.23 -43.19
N2 NAG K . 7.04 -22.57 -42.69
O3 NAG K . 4.82 -25.43 -42.17
O4 NAG K . 6.23 -23.32 -39.59
O5 NAG K . 7.64 -25.89 -41.61
O6 NAG K . 8.86 -26.88 -39.18
O7 NAG K . 5.51 -21.86 -44.15
C1 BMA K . 5.55 -23.46 -38.31
C2 BMA K . 6.58 -23.28 -37.17
C3 BMA K . 5.90 -23.39 -35.80
C4 BMA K . 4.71 -22.39 -35.72
C5 BMA K . 3.76 -22.64 -36.89
C6 BMA K . 2.59 -21.70 -36.89
O2 BMA K . 7.09 -21.97 -37.19
O3 BMA K . 6.85 -23.16 -34.74
O4 BMA K . 3.99 -22.51 -34.52
O5 BMA K . 4.48 -22.49 -38.15
O6 BMA K . 1.42 -22.41 -37.30
C1 MAN K . 6.69 -24.08 -33.62
C2 MAN K . 8.05 -24.86 -33.38
C3 MAN K . 7.90 -26.00 -32.31
C4 MAN K . 6.44 -26.26 -31.85
C5 MAN K . 5.52 -26.28 -33.09
C6 MAN K . 4.06 -26.57 -32.77
O2 MAN K . 9.04 -23.99 -32.85
O3 MAN K . 8.75 -25.76 -31.19
O4 MAN K . 6.35 -27.49 -31.15
O5 MAN K . 5.56 -24.99 -33.81
O6 MAN K . 3.25 -25.91 -33.74
C1 MAN K . 0.92 -21.88 -38.56
C2 MAN K . 1.16 -22.99 -39.65
C3 MAN K . 0.85 -22.49 -41.09
C4 MAN K . 0.87 -20.93 -41.24
C5 MAN K . 1.88 -20.30 -40.27
C6 MAN K . 2.01 -18.80 -40.42
O2 MAN K . 0.33 -24.14 -39.44
O3 MAN K . -0.37 -23.02 -41.58
O4 MAN K . 1.20 -20.58 -42.58
O5 MAN K . 1.47 -20.57 -38.89
O6 MAN K . 1.32 -18.18 -39.33
C1 NAG L . 11.95 -36.61 -24.50
C2 NAG L . 11.73 -38.03 -25.15
C3 NAG L . 12.53 -39.15 -24.45
C4 NAG L . 12.50 -39.09 -22.91
C5 NAG L . 12.00 -37.76 -22.39
C6 NAG L . 12.41 -37.47 -20.96
C7 NAG L . 9.63 -38.53 -26.36
C8 NAG L . 10.40 -38.36 -27.64
N2 NAG L . 10.31 -38.37 -25.22
O3 NAG L . 13.89 -39.11 -24.90
O4 NAG L . 11.80 -40.19 -22.36
O5 NAG L . 12.59 -36.74 -23.21
O6 NAG L . 11.28 -37.13 -20.17
O7 NAG L . 8.43 -38.81 -26.37
C1 NAG L . 12.76 -41.14 -21.82
C2 NAG L . 12.68 -42.44 -22.62
C3 NAG L . 13.71 -43.45 -22.11
C4 NAG L . 15.11 -42.84 -22.11
C5 NAG L . 15.12 -41.55 -21.30
C6 NAG L . 16.45 -40.83 -21.35
C7 NAG L . 10.56 -43.22 -23.65
C8 NAG L . 11.14 -42.83 -24.98
N2 NAG L . 11.34 -43.01 -22.57
O3 NAG L . 13.69 -44.61 -22.94
O4 NAG L . 16.04 -43.76 -21.56
O5 NAG L . 14.14 -40.65 -21.81
O6 NAG L . 16.71 -40.31 -22.64
O7 NAG L . 9.44 -43.70 -23.54
C1 NAG M . 0.60 -39.86 2.16
C2 NAG M . -0.67 -39.27 2.85
C3 NAG M . -1.78 -40.33 3.02
C4 NAG M . -1.26 -41.77 3.07
C5 NAG M . 0.14 -41.84 3.69
C6 NAG M . 0.69 -43.25 3.78
C7 NAG M . 0.19 -37.42 4.23
C8 NAG M . 0.46 -36.94 5.62
N2 NAG M . -0.35 -38.64 4.12
O3 NAG M . -2.69 -40.18 1.94
O4 NAG M . -2.16 -42.54 3.86
O5 NAG M . 1.08 -41.09 2.90
O6 NAG M . 0.45 -43.98 2.58
O7 NAG M . 0.45 -36.74 3.24
C1 NAG M . -2.92 -43.48 3.07
C2 NAG M . -3.66 -44.43 4.00
C3 NAG M . -4.86 -45.01 3.30
C4 NAG M . -5.89 -43.93 3.09
C5 NAG M . -5.31 -42.71 2.38
C6 NAG M . -5.51 -41.42 3.14
C7 NAG M . -2.39 -45.61 5.77
C8 NAG M . -2.92 -44.60 6.75
N2 NAG M . -2.78 -45.48 4.49
O3 NAG M . -5.39 -46.08 4.07
O4 NAG M . -6.98 -44.44 2.33
O5 NAG M . -3.90 -42.83 2.10
O6 NAG M . -5.06 -40.29 2.38
O7 NAG M . -1.65 -46.52 6.13
C1 NAG N . -51.31 -5.21 14.92
C2 NAG N . -51.87 -6.02 13.69
C3 NAG N . -52.84 -7.13 14.11
C4 NAG N . -52.23 -7.98 15.20
C5 NAG N . -52.07 -7.06 16.40
C6 NAG N . -51.62 -7.77 17.67
C7 NAG N . -51.81 -4.60 11.70
C8 NAG N . -52.61 -3.71 10.79
N2 NAG N . -52.48 -5.14 12.73
O3 NAG N . -53.11 -7.89 12.94
O4 NAG N . -52.80 -9.25 15.53
O5 NAG N . -51.04 -6.12 16.06
O6 NAG N . -52.70 -8.44 18.31
O7 NAG N . -50.62 -4.82 11.52
C1 NAG N . -54.19 -9.60 15.44
C2 NAG N . -54.20 -11.06 14.99
C3 NAG N . -55.63 -11.62 14.96
C4 NAG N . -56.34 -11.39 16.29
C5 NAG N . -56.24 -9.92 16.69
C6 NAG N . -56.78 -9.64 18.08
C7 NAG N . -53.87 -10.81 12.51
C8 NAG N . -52.98 -11.20 11.38
N2 NAG N . -53.52 -11.28 13.71
O3 NAG N . -55.54 -13.01 14.68
O4 NAG N . -57.72 -11.71 16.14
O5 NAG N . -54.87 -9.48 16.69
O6 NAG N . -55.81 -9.00 18.89
O7 NAG N . -54.84 -10.06 12.33
C1 BMA N . -58.15 -13.00 16.67
C2 BMA N . -58.68 -13.86 15.44
C3 BMA N . -57.91 -15.21 15.22
C4 BMA N . -57.20 -15.84 16.48
C5 BMA N . -57.46 -15.02 17.75
C6 BMA N . -56.63 -15.47 18.93
O2 BMA N . -58.59 -13.13 14.24
O3 BMA N . -56.95 -15.09 14.17
O4 BMA N . -57.63 -17.18 16.67
O5 BMA N . -57.12 -13.67 17.43
O6 BMA N . -57.51 -15.65 20.05
C1 BMA N . -57.25 -16.02 13.10
C2 BMA N . -57.12 -15.24 11.76
C3 BMA N . -57.15 -16.21 10.56
C4 BMA N . -56.20 -17.41 10.75
C5 BMA N . -56.55 -18.11 12.09
C6 BMA N . -55.67 -19.32 12.36
O2 BMA N . -55.89 -14.54 11.70
O3 BMA N . -56.82 -15.54 9.35
O4 BMA N . -56.34 -18.32 9.69
O5 BMA N . -56.37 -17.15 13.16
O6 BMA N . -56.41 -20.23 13.16
C1 NAG O . 26.07 -25.22 36.02
C2 NAG O . 24.93 -24.32 35.54
C3 NAG O . 23.63 -24.67 36.28
C4 NAG O . 23.57 -26.14 36.72
C5 NAG O . 24.44 -27.10 35.87
C6 NAG O . 23.82 -27.54 34.55
C7 NAG O . 25.05 -22.02 34.63
C8 NAG O . 24.52 -22.58 33.34
N2 NAG O . 25.24 -22.90 35.64
O3 NAG O . 22.53 -24.39 35.44
O4 NAG O . 23.79 -26.21 38.14
O5 NAG O . 25.79 -26.60 35.62
O6 NAG O . 22.42 -27.27 34.50
O7 NAG O . 25.32 -20.84 34.76
C1 NAG O . 24.58 -27.19 38.95
C2 NAG O . 23.81 -28.54 39.12
C3 NAG O . 24.74 -29.68 39.52
C4 NAG O . 25.81 -29.85 38.47
C5 NAG O . 26.77 -28.68 38.63
C6 NAG O . 27.85 -28.68 37.58
C7 NAG O . 21.44 -28.45 39.85
C8 NAG O . 21.05 -28.68 38.42
N2 NAG O . 22.75 -28.40 40.12
O3 NAG O . 23.99 -30.89 39.64
O4 NAG O . 26.52 -31.06 38.67
O5 NAG O . 26.06 -27.43 38.48
O6 NAG O . 27.37 -29.16 36.34
O7 NAG O . 20.59 -28.32 40.74
C1 NAG P . 48.85 -36.98 12.51
C2 NAG P . 48.85 -37.02 10.98
C3 NAG P . 47.81 -38.04 10.49
C4 NAG P . 46.45 -37.73 11.10
C5 NAG P . 46.56 -37.69 12.62
C6 NAG P . 45.72 -38.76 13.30
C7 NAG P . 49.00 -35.12 9.34
C8 NAG P . 49.99 -35.93 8.55
N2 NAG P . 48.52 -35.70 10.46
O3 NAG P . 48.22 -39.35 10.89
O4 NAG P . 46.07 -36.44 10.60
O5 NAG P . 47.92 -37.94 13.02
O6 NAG P . 46.53 -39.83 13.76
O7 NAG P . 48.66 -34.01 9.01
C1 NAG P . 44.81 -35.89 11.03
C2 NAG P . 44.33 -34.96 9.89
C3 NAG P . 42.90 -35.33 9.43
C4 NAG P . 41.93 -35.50 10.60
C5 NAG P . 42.60 -36.23 11.78
C6 NAG P . 41.73 -37.31 12.38
C7 NAG P . 44.98 -32.60 9.51
C8 NAG P . 45.56 -33.02 8.20
N2 NAG P . 44.42 -33.56 10.27
O3 NAG P . 42.94 -36.51 8.65
O4 NAG P . 41.42 -34.25 11.02
O5 NAG P . 43.79 -36.86 11.31
O6 NAG P . 42.23 -37.72 13.64
O7 NAG P . 45.02 -31.44 9.90
C1 BMA P . 40.04 -34.27 10.65
C2 BMA P . 39.19 -34.60 11.90
C3 BMA P . 37.78 -33.97 11.83
C4 BMA P . 37.24 -33.68 10.37
C5 BMA P . 38.34 -33.16 9.41
C6 BMA P . 38.00 -31.83 8.78
O2 BMA P . 39.81 -34.07 13.06
O3 BMA P . 37.69 -32.80 12.65
O4 BMA P . 36.64 -34.85 9.84
O5 BMA P . 39.60 -33.04 10.10
O6 BMA P . 37.66 -32.05 7.43
C1 MAN P . 36.33 -32.63 13.09
C2 MAN P . 36.35 -31.77 14.38
C3 MAN P . 35.35 -32.31 15.42
C4 MAN P . 34.01 -32.71 14.77
C5 MAN P . 34.25 -33.83 13.72
C6 MAN P . 33.39 -33.71 12.47
O2 MAN P . 35.93 -30.42 14.12
O3 MAN P . 35.13 -31.39 16.47
O4 MAN P . 33.11 -33.18 15.76
O5 MAN P . 35.66 -33.88 13.33
O6 MAN P . 33.13 -32.33 12.23
C1 MAN P . 38.85 -32.10 6.64
C2 MAN P . 38.75 -30.99 5.54
C3 MAN P . 39.26 -31.52 4.18
C4 MAN P . 40.55 -32.35 4.34
C5 MAN P . 40.23 -33.59 5.21
C6 MAN P . 41.38 -34.03 6.10
O2 MAN P . 39.58 -29.86 5.85
O3 MAN P . 39.46 -30.46 3.25
O4 MAN P . 41.03 -32.76 3.08
O5 MAN P . 39.05 -33.39 6.07
O6 MAN P . 41.05 -35.29 6.65
C1 NAG Q . -25.01 17.14 25.43
C2 NAG Q . -24.20 17.67 24.24
C3 NAG Q . -22.73 17.89 24.61
C4 NAG Q . -22.61 19.01 25.63
C5 NAG Q . -23.72 19.02 26.71
C6 NAG Q . -24.52 20.30 26.73
C7 NAG Q . -24.11 15.72 22.49
C8 NAG Q . -23.51 14.70 23.43
N2 NAG Q . -24.37 16.98 22.94
O3 NAG Q . -21.99 18.20 23.45
O4 NAG Q . -21.36 18.90 26.30
O5 NAG Q . -24.66 17.92 26.66
O6 NAG Q . -24.70 20.83 25.43
O7 NAG Q . -24.37 15.43 21.32
C1 NAG Q . -20.41 19.89 25.86
C2 NAG Q . -19.28 19.94 26.89
C3 NAG Q . -18.19 20.91 26.44
C4 NAG Q . -17.70 20.57 25.04
C5 NAG Q . -18.89 20.53 24.08
C6 NAG Q . -18.51 20.08 22.68
C7 NAG Q . -20.15 19.43 29.13
C8 NAG Q . -20.65 20.00 30.42
N2 NAG Q . -19.79 20.31 28.20
O3 NAG Q . -17.09 20.85 27.36
O4 NAG Q . -16.78 21.55 24.59
O5 NAG Q . -19.86 19.58 24.56
O6 NAG Q . -17.31 19.32 22.69
O7 NAG Q . -20.09 18.22 28.93
C1 NAG R . 36.80 0.20 -5.14
C2 NAG R . 35.71 0.75 -6.14
C3 NAG R . 34.48 1.37 -5.41
C4 NAG R . 34.79 2.00 -4.06
C5 NAG R . 36.26 2.38 -3.96
C6 NAG R . 36.62 3.07 -2.67
C7 NAG R . 36.04 1.52 -8.46
C8 NAG R . 35.20 0.35 -8.90
N2 NAG R . 36.25 1.66 -7.15
O3 NAG R . 33.50 0.35 -5.24
O4 NAG R . 33.98 3.16 -3.88
O5 NAG R . 37.03 1.17 -4.02
O6 NAG R . 37.32 4.28 -2.91
O7 NAG R . 36.51 2.32 -9.28
C1 NAG R . 32.93 2.98 -2.88
C2 NAG R . 31.56 2.77 -3.57
C3 NAG R . 30.85 1.53 -3.03
C4 NAG R . 30.86 1.48 -1.50
C5 NAG R . 32.25 1.76 -0.93
C6 NAG R . 32.75 0.69 -0.01
C7 NAG R . 30.35 4.72 -4.45
C8 NAG R . 29.48 5.89 -4.11
N2 NAG R . 30.72 3.95 -3.42
O3 NAG R . 31.48 0.36 -3.56
O4 NAG R . 29.94 2.43 -0.98
O5 NAG R . 33.20 1.87 -2.01
O6 NAG R . 32.38 0.95 1.34
O7 NAG R . 30.72 4.49 -5.61
C1 NAG S . 58.04 2.73 21.14
C2 NAG S . 56.83 3.52 20.63
C3 NAG S . 55.66 3.36 21.60
C4 NAG S . 55.22 1.91 21.64
C5 NAG S . 56.38 1.00 22.02
C6 NAG S . 56.63 -0.11 21.02
C7 NAG S . 56.87 5.68 19.41
C8 NAG S . 56.12 5.01 18.30
N2 NAG S . 57.18 4.92 20.47
O3 NAG S . 54.59 4.18 21.18
O4 NAG S . 54.21 1.77 22.63
O5 NAG S . 57.61 1.73 22.18
O6 NAG S . 55.74 -1.20 21.21
O7 NAG S . 57.20 6.86 19.35
C1 NAG S . 53.14 0.92 22.14
C2 NAG S . 51.90 1.03 23.08
C3 NAG S . 51.09 2.33 22.86
C4 NAG S . 51.42 3.04 21.55
C5 NAG S . 51.59 2.01 20.44
C6 NAG S . 51.83 2.66 19.09
C7 NAG S . 50.86 -1.05 23.94
C8 NAG S . 51.63 -0.83 25.22
N2 NAG S . 51.03 -0.13 22.97
O3 NAG S . 51.33 3.22 23.96
O4 NAG S . 50.45 4.02 21.17
O5 NAG S . 52.73 1.19 20.70
O6 NAG S . 51.78 1.68 18.05
O7 NAG S . 50.13 -2.01 23.79
C1 BMA S . 49.06 3.70 21.41
C2 BMA S . 48.46 4.95 22.12
C3 BMA S . 46.93 4.85 22.20
C4 BMA S . 46.31 4.49 20.85
C5 BMA S . 46.93 3.18 20.35
C6 BMA S . 46.37 2.74 19.01
O2 BMA S . 48.75 6.13 21.38
O3 BMA S . 46.35 6.05 22.70
O4 BMA S . 44.90 4.34 20.97
O5 BMA S . 48.37 3.38 20.20
O6 BMA S . 44.99 3.10 18.96
C1 NAG T . 46.36 15.17 4.96
C2 NAG T . 46.43 16.26 5.99
C3 NAG T . 46.32 17.62 5.31
C4 NAG T . 47.35 17.78 4.18
C5 NAG T . 47.48 16.52 3.30
C6 NAG T . 48.80 16.42 2.57
C7 NAG T . 45.55 16.29 8.29
C8 NAG T . 44.36 16.08 9.16
N2 NAG T . 45.38 16.10 6.98
O3 NAG T . 46.46 18.65 6.27
O4 NAG T . 46.89 18.87 3.38
O5 NAG T . 47.42 15.31 4.07
O6 NAG T . 48.80 15.34 1.64
O7 NAG T . 46.64 16.61 8.75
C1 NAG T . 47.81 19.88 2.87
C2 NAG T . 48.95 20.25 3.84
C3 NAG T . 50.01 21.12 3.16
C4 NAG T . 50.52 20.44 1.90
C5 NAG T . 49.36 20.21 0.95
C6 NAG T . 49.76 19.48 -0.31
C7 NAG T . 48.74 20.70 6.28
C8 NAG T . 49.72 19.58 6.52
N2 NAG T . 48.41 20.96 5.01
O3 NAG T . 51.09 21.37 4.06
O4 NAG T . 51.50 21.25 1.26
O5 NAG T . 48.39 19.39 1.60
O6 NAG T . 49.70 18.07 -0.14
O7 NAG T . 48.24 21.34 7.21
N POV U . -65.50 15.18 5.18
P POV U . -70.13 17.33 5.44
C1 POV U . -72.36 18.02 6.68
C2 POV U . -72.66 18.12 8.19
C3 POV U . -72.73 19.59 8.59
C210 POV U . -72.38 19.26 15.39
C310 POV U . -75.74 24.42 15.93
C11 POV U . -67.87 15.97 5.61
O11 POV U . -70.98 18.28 6.51
C211 POV U . -71.48 18.68 16.51
C311 POV U . -74.73 23.23 16.01
C12 POV U . -66.36 16.36 5.50
O12 POV U . -68.59 17.11 6.03
C212 POV U . -71.01 19.77 17.51
C312 POV U . -73.36 23.66 16.59
C13 POV U . -65.89 14.70 3.83
O13 POV U . -70.07 18.02 4.09
C213 POV U . -71.40 19.42 18.97
C313 POV U . -73.02 22.90 17.91
C14 POV U . -65.54 14.00 6.08
O14 POV U . -70.82 15.99 5.29
C214 POV U . -70.17 19.36 19.92
C314 POV U . -74.18 22.89 18.93
C15 POV U . -64.11 15.67 5.17
C215 POV U . -69.30 20.63 19.82
C315 POV U . -74.09 24.07 19.93
C216 POV U . -67.95 20.49 20.58
C316 POV U . -75.01 25.24 19.55
C217 POV U . -66.99 21.66 20.30
C218 POV U . -65.60 21.46 20.92
C21 POV U . -71.77 16.02 8.79
O21 POV U . -71.66 17.43 8.90
C22 POV U . -70.52 15.15 8.50
O22 POV U . -72.85 15.52 8.88
C23 POV U . -69.84 14.44 9.71
C24 POV U . -70.78 14.02 10.87
C25 POV U . -70.77 15.03 12.05
C26 POV U . -72.20 15.45 12.48
C27 POV U . -72.22 16.16 13.85
C28 POV U . -71.47 17.52 13.81
C29 POV U . -72.37 18.72 14.15
C31 POV U . -74.30 21.38 8.59
O31 POV U . -74.01 20.06 8.19
C32 POV U . -74.43 21.72 10.09
O32 POV U . -74.45 22.23 7.77
C33 POV U . -75.91 21.69 10.56
C34 POV U . -76.62 23.04 10.30
C35 POV U . -76.82 23.85 11.60
C36 POV U . -77.76 23.13 12.59
C37 POV U . -78.63 24.13 13.40
C38 POV U . -77.79 24.90 14.45
C39 POV U . -77.16 23.96 15.49
N POV V . -63.11 28.20 -2.88
P POV V . -66.53 30.41 -1.29
C1 POV V . -67.99 29.83 0.83
C2 POV V . -68.63 30.48 2.06
C3 POV V . -70.14 30.55 1.84
C210 POV V . -72.92 36.73 7.85
C310 POV V . -78.29 24.89 3.43
C11 POV V . -64.16 30.54 -2.53
O11 POV V . -67.02 30.69 0.28
C211 POV V . -73.39 37.62 9.04
C311 POV V . -79.32 23.96 4.11
C12 POV V . -64.14 29.21 -3.35
O12 POV V . -64.86 30.32 -1.31
C212 POV V . -74.40 38.70 8.57
C312 POV V . -80.56 24.70 4.67
C13 POV V . -61.81 28.88 -2.66
O13 POV V . -66.99 31.54 -2.19
C213 POV V . -73.94 39.40 7.26
C313 POV V . -81.02 24.14 6.03
C14 POV V . -63.39 27.39 -1.68
O14 POV V . -67.11 29.10 -1.78
C214 POV V . -75.05 39.38 6.17
C314 POV V . -80.95 25.18 7.17
C15 POV V . -62.99 27.23 -3.99
C215 POV V . -74.76 38.34 5.06
C315 POV V . -82.13 26.18 7.13
C216 POV V . -74.59 39.01 3.67
C316 POV V . -82.25 27.01 8.42
C217 POV V . -75.90 39.71 3.20
C218 POV V . -75.75 40.33 1.80
C21 POV V . -68.58 32.93 1.80
O21 POV V . -68.03 31.73 2.34
C22 POV V . -69.18 33.98 2.77
O22 POV V . -68.57 33.14 0.63
C23 POV V . -68.58 33.85 4.20
C24 POV V . -68.19 35.21 4.83
C25 POV V . -69.15 36.37 4.43
C26 POV V . -70.16 36.72 5.54
C27 POV V . -71.42 35.80 5.52
C28 POV V . -71.53 34.95 6.80
C29 POV V . -71.96 35.80 8.02
C31 POV V . -71.97 31.73 2.76
O31 POV V . -70.78 31.01 3.02
C32 POV V . -73.21 31.56 3.67
O32 POV V . -72.01 32.48 1.83
C33 POV V . -74.41 32.36 3.12
C34 POV V . -75.78 31.77 3.58
C35 POV V . -76.04 30.36 3.01
C36 POV V . -77.53 29.95 3.17
C37 POV V . -77.69 28.74 4.11
C38 POV V . -77.58 27.38 3.37
C39 POV V . -78.06 26.20 4.25
C1 NAG W . 21.75 23.17 -72.21
C2 NAG W . 22.32 23.73 -70.88
C3 NAG W . 21.53 24.99 -70.46
C4 NAG W . 21.37 25.98 -71.61
C5 NAG W . 20.82 25.27 -72.84
C6 NAG W . 20.71 26.17 -74.05
C7 NAG W . 22.99 22.71 -68.74
C8 NAG W . 22.73 21.59 -67.78
N2 NAG W . 22.23 22.72 -69.84
O3 NAG W . 22.20 25.64 -69.38
O4 NAG W . 20.46 27.01 -71.23
O5 NAG W . 21.71 24.20 -73.20
O6 NAG W . 19.72 25.69 -74.94
O7 NAG W . 23.85 23.58 -68.54
C1 NAG X . 35.96 20.64 -79.29
C2 NAG X . 36.34 21.06 -80.70
C3 NAG X . 37.22 22.32 -80.67
C4 NAG X . 37.05 23.18 -79.41
C5 NAG X . 35.73 22.98 -78.63
C6 NAG X . 34.64 23.94 -79.06
C7 NAG X . 38.10 19.33 -81.19
C8 NAG X . 38.48 18.27 -82.17
N2 NAG X . 36.96 19.98 -81.47
O3 NAG X . 36.97 23.10 -81.83
O4 NAG X . 38.15 22.99 -78.53
O5 NAG X . 35.18 21.65 -78.70
O6 NAG X . 33.58 23.26 -79.71
O7 NAG X . 38.82 19.58 -80.22
C1 NAG Y . -13.35 28.98 -46.71
C2 NAG Y . -14.69 28.24 -46.91
C3 NAG Y . -15.84 29.00 -46.25
C4 NAG Y . -15.78 30.50 -46.53
C5 NAG Y . -14.39 31.07 -46.23
C6 NAG Y . -14.40 32.16 -45.18
C7 NAG Y . -15.79 27.10 -48.79
C8 NAG Y . -15.95 27.05 -50.28
N2 NAG Y . -14.97 28.04 -48.33
O3 NAG Y . -15.82 28.78 -44.84
O4 NAG Y . -16.10 30.75 -47.90
O5 NAG Y . -13.53 30.04 -45.74
O6 NAG Y . -15.61 32.14 -44.43
O7 NAG Y . -16.39 26.32 -48.04
C1 NAG Z . -55.39 18.22 -17.82
C2 NAG Z . -56.70 17.42 -17.97
C3 NAG Z . -56.96 17.03 -19.44
C4 NAG Z . -56.83 18.24 -20.37
C5 NAG Z . -55.45 18.85 -20.19
C6 NAG Z . -55.23 20.06 -21.06
C7 NAG Z . -56.94 16.24 -15.84
C8 NAG Z . -56.86 14.91 -15.14
N2 NAG Z . -56.67 16.23 -17.14
O3 NAG Z . -58.26 16.47 -19.58
O4 NAG Z . -57.00 17.84 -21.73
O5 NAG Z . -55.31 19.27 -18.83
O6 NAG Z . -55.15 19.71 -22.43
O7 NAG Z . -57.23 17.26 -15.24
N POV AA . -64.23 -0.15 22.67
P POV AA . -69.15 0.78 22.20
C1 POV AA . -70.46 3.08 22.21
C2 POV AA . -70.20 4.28 23.14
C3 POV AA . -68.90 4.02 23.93
C210 POV AA . -72.78 5.99 28.36
C310 POV AA . -73.57 2.49 33.63
C11 POV AA . -66.53 0.90 22.44
O11 POV AA . -70.14 1.89 22.93
C211 POV AA . -74.31 5.72 28.35
C311 POV AA . -73.62 1.89 35.06
C12 POV AA . -65.34 0.57 23.39
O12 POV AA . -67.76 0.62 23.11
C212 POV AA . -74.65 4.21 28.48
C312 POV AA . -74.89 1.02 35.30
C13 POV AA . -63.79 0.69 21.53
O13 POV AA . -68.79 1.24 20.80
C213 POV AA . -76.18 3.96 28.59
C313 POV AA . -74.55 -0.32 35.98
C14 POV AA . -63.00 -0.48 23.42
O14 POV AA . -69.86 -0.56 22.12
C214 POV AA . -76.86 4.87 29.63
C314 POV AA . -74.30 -0.15 37.49
C15 POV AA . -64.78 -1.44 22.21
C215 POV AA . -76.50 4.50 31.09
C315 POV AA . -75.52 0.42 38.23
C216 POV AA . -76.40 5.74 32.02
C316 POV AA . -75.17 1.01 39.61
C217 POV AA . -76.04 5.36 33.46
C218 POV AA . -77.08 4.42 34.10
C21 POV AA . -71.45 5.71 24.56
O21 POV AA . -71.28 4.42 24.02
C22 POV AA . -72.33 6.75 23.82
O22 POV AA . -70.93 6.02 25.59
C23 POV AA . -72.50 8.05 24.62
C24 POV AA . -73.79 8.04 25.48
C25 POV AA . -73.94 9.33 26.33
C26 POV AA . -72.66 9.62 27.18
C27 POV AA . -72.96 9.67 28.70
C28 POV AA . -73.27 8.27 29.30
C29 POV AA . -72.31 7.17 28.79
C31 POV AA . -68.22 3.65 26.16
O31 POV AA . -69.26 3.58 25.22
C32 POV AA . -68.26 4.75 27.25
O32 POV AA . -67.31 2.88 26.11
C33 POV AA . -69.44 4.54 28.24
C34 POV AA . -69.71 3.04 28.52
C35 POV AA . -70.90 2.84 29.47
C36 POV AA . -70.71 1.57 30.36
C37 POV AA . -70.14 1.92 31.76
C38 POV AA . -71.19 2.62 32.65
C39 POV AA . -72.50 1.80 32.75
N POV BA . -76.67 29.77 54.07
P POV BA . -78.01 25.18 55.15
C1 POV BA . -76.09 23.71 56.26
C2 POV BA . -74.56 23.89 56.39
C3 POV BA . -74.22 25.26 56.99
C210 POV BA . -73.88 14.42 53.70
C310 POV BA . -70.19 18.70 53.06
C11 POV BA . -77.33 27.71 55.33
O11 POV BA . -76.69 24.99 56.15
C211 POV BA . -75.14 13.69 53.15
C311 POV BA . -68.91 17.95 53.48
C12 POV BA . -77.76 29.12 54.86
O12 POV BA . -78.41 26.80 55.14
C212 POV BA . -74.82 12.85 51.87
C312 POV BA . -67.70 18.31 52.56
C13 POV BA . -77.19 31.08 53.61
O13 POV BA . -77.66 24.72 53.75
C213 POV BA . -73.39 12.26 51.87
C313 POV BA . -68.03 18.12 51.05
C14 POV BA . -76.15 29.07 52.86
O14 POV BA . -79.18 24.37 55.68
C214 POV BA . -73.26 11.05 50.90
C314 POV BA . -66.77 18.20 50.16
C15 POV BA . -75.50 29.96 54.97
C215 POV BA . -71.79 10.75 50.49
C315 POV BA . -65.85 16.98 50.33
C216 POV BA . -70.78 10.96 51.64
C316 POV BA . -64.69 16.98 49.32
C217 POV BA . -69.72 9.84 51.69
C218 POV BA . -69.06 9.57 50.33
C21 POV BA . -74.49 24.15 53.94
O21 POV BA . -73.89 23.70 55.16
C22 POV BA . -74.80 23.12 52.81
O22 POV BA . -74.71 25.30 53.75
C23 POV BA . -75.05 21.70 53.35
C24 POV BA . -73.74 20.86 53.45
C25 POV BA . -73.93 19.39 53.02
C26 POV BA . -74.76 18.59 54.06
C27 POV BA . -75.57 17.45 53.38
C28 POV BA . -74.65 16.52 52.55
C29 POV BA . -73.66 15.72 53.43
C31 POV BA . -72.13 26.22 57.64
O31 POV BA . -72.88 25.58 56.62
C32 POV BA . -70.59 26.22 57.56
O32 POV BA . -72.69 26.74 58.54
C33 POV BA . -70.05 24.89 56.99
C34 POV BA . -70.11 23.73 58.01
C35 POV BA . -69.95 22.33 57.35
C36 POV BA . -68.71 22.25 56.44
C37 POV BA . -69.08 21.93 54.97
C38 POV BA . -69.75 20.54 54.82
C39 POV BA . -70.09 20.23 53.34
N POV CA . -53.64 2.94 31.55
P POV CA . -56.01 4.01 34.72
C1 POV CA . -56.23 4.80 37.22
C2 POV CA . -56.83 6.20 37.30
C3 POV CA . -58.22 6.24 36.67
C210 POV CA . -56.24 16.22 38.65
C310 POV CA . -62.53 17.18 40.76
C11 POV CA . -55.83 2.40 32.63
O11 POV CA . -56.83 4.07 36.16
C211 POV CA . -57.71 16.73 38.62
C311 POV CA . -64.07 17.07 40.57
C12 POV CA . -54.32 2.04 32.52
O12 POV CA . -56.16 2.51 34.02
C212 POV CA . -58.12 17.24 37.22
C312 POV CA . -64.79 16.69 41.89
C13 POV CA . -52.18 2.69 31.68
O13 POV CA . -54.54 4.30 34.98
C213 POV CA . -57.07 18.19 36.58
C313 POV CA . -66.07 17.53 42.12
C14 POV CA . -53.82 4.41 31.68
O14 POV CA . -56.57 5.07 33.80
C214 POV CA . -57.66 18.97 35.37
C314 POV CA . -66.11 18.13 43.53
C15 POV CA . -54.11 2.57 30.20
C215 POV CA . -56.65 19.97 34.76
C315 POV CA . -67.41 18.94 43.79
C216 POV CA . -55.48 19.27 34.04
C316 POV CA . -67.22 20.03 44.86
C217 POV CA . -55.93 18.46 32.82
C218 POV CA . -56.63 19.34 31.76
C21 POV CA . -54.87 7.53 37.40
O21 POV CA . -56.00 7.11 36.65
C22 POV CA . -55.06 8.15 38.81
O22 POV CA . -53.78 7.40 36.95
C23 POV CA . -54.39 9.54 38.93
C24 POV CA . -55.30 10.56 39.67
C25 POV CA . -56.53 10.93 38.82
C26 POV CA . -56.15 11.71 37.54
C27 POV CA . -57.04 12.97 37.32
C28 POV CA . -57.13 13.86 38.59
C29 POV CA . -55.97 14.91 38.64
C31 POV CA . -59.29 8.33 37.03
O31 POV CA . -59.06 7.02 37.49
C32 POV CA . -60.51 9.12 37.54
O32 POV CA . -58.54 8.84 36.26
C33 POV CA . -60.16 10.57 37.93
C34 POV CA . -60.42 11.57 36.77
C35 POV CA . -60.77 12.98 37.28
C36 POV CA . -62.16 13.04 37.95
C37 POV CA . -62.56 14.49 38.30
C38 POV CA . -61.82 15.04 39.54
C39 POV CA . -61.76 16.59 39.54
N POV DA . -60.22 -2.10 31.93
P POV DA . -63.42 0.66 34.70
C1 POV DA . -61.32 1.61 36.02
C2 POV DA . -61.25 2.20 37.44
C3 POV DA . -62.50 3.04 37.67
C210 POV DA . -60.11 9.60 42.20
C310 POV DA . -65.10 11.98 42.37
C11 POV DA . -62.16 -0.82 32.88
O11 POV DA . -62.40 0.68 36.01
C211 POV DA . -61.33 10.54 42.34
C311 POV DA . -64.55 13.18 43.18
C12 POV DA . -60.67 -0.77 32.43
O12 POV DA . -62.50 0.49 33.32
C212 POV DA . -62.03 10.35 43.72
C312 POV DA . -65.23 13.28 44.57
C13 POV DA . -58.75 -2.00 31.77
O13 POV DA . -64.39 -0.48 34.82
C213 POV DA . -61.02 10.07 44.87
C313 POV DA . -65.38 14.74 45.06
C14 POV DA . -60.48 -3.31 32.75
O14 POV DA . -64.18 1.97 34.65
C214 POV DA . -61.67 9.32 46.05
C314 POV DA . -66.04 14.83 46.46
C15 POV DA . -60.86 -2.31 30.62
C215 POV DA . -61.07 9.73 47.42
C315 POV DA . -67.41 14.12 46.49
C216 POV DA . -61.05 11.27 47.60
C316 POV DA . -67.56 13.18 47.70
C217 POV DA . -62.46 11.86 47.80
C218 POV DA . -62.44 13.40 47.90
C21 POV DA . -59.32 2.72 38.70
O21 POV DA . -60.12 3.02 37.56
C22 POV DA . -58.90 3.84 39.67
O22 POV DA . -58.97 1.61 38.90
C23 POV DA . -57.61 3.49 40.45
C24 POV DA . -57.37 4.44 41.66
C25 POV DA . -56.66 5.75 41.23
C26 POV DA . -56.75 6.85 42.33
C27 POV DA . -58.17 7.49 42.41
C28 POV DA . -58.75 7.86 41.01
C29 POV DA . -59.98 8.80 41.13
C31 POV DA . -63.33 5.13 36.92
O31 POV DA . -62.20 4.37 37.30
C32 POV DA . -63.59 6.48 37.59
O32 POV DA . -64.08 4.71 36.10
C33 POV DA . -63.04 6.51 39.03
C34 POV DA . -63.27 7.86 39.74
C35 POV DA . -64.76 8.29 39.67
C36 POV DA . -64.91 9.71 39.06
C37 POV DA . -66.22 10.40 39.53
C38 POV DA . -66.01 11.86 39.98
C39 POV DA . -64.75 12.04 40.86
C1 NAG EA . 33.16 -49.96 -44.90
C2 NAG EA . 34.04 -51.21 -44.76
C3 NAG EA . 34.87 -51.15 -43.47
C4 NAG EA . 33.98 -50.99 -42.24
C5 NAG EA . 32.87 -49.97 -42.49
C6 NAG EA . 32.70 -48.99 -41.35
C7 NAG EA . 33.51 -53.50 -45.56
C8 NAG EA . 34.74 -53.41 -46.43
N2 NAG EA . 33.24 -52.42 -44.81
O3 NAG EA . 35.78 -50.07 -43.54
O4 NAG EA . 33.40 -52.23 -41.88
O5 NAG EA . 33.17 -49.21 -43.66
O6 NAG EA . 33.24 -49.49 -40.14
O7 NAG EA . 32.80 -54.50 -45.55
C1 NAG FA . 30.12 -54.12 -60.11
C2 NAG FA . 30.59 -55.38 -60.81
C3 NAG FA . 29.44 -56.38 -60.90
C4 NAG FA . 28.78 -56.61 -59.54
C5 NAG FA . 28.43 -55.29 -58.87
C6 NAG FA . 27.94 -55.46 -57.46
C7 NAG FA . 32.26 -55.52 -62.64
C8 NAG FA . 33.08 -56.41 -61.75
N2 NAG FA . 31.10 -55.07 -62.14
O3 NAG FA . 29.92 -57.62 -61.43
O4 NAG FA . 27.58 -57.36 -59.71
O5 NAG FA . 29.60 -54.45 -58.80
O6 NAG FA . 26.89 -54.55 -57.17
O7 NAG FA . 32.63 -55.21 -63.77
C1 NAG GA . -3.78 -43.61 -1.68
C2 NAG GA . -4.59 -44.72 -2.37
C3 NAG GA . -3.76 -46.00 -2.45
C4 NAG GA . -2.41 -45.74 -3.10
C5 NAG GA . -1.69 -44.59 -2.39
C6 NAG GA . -0.40 -44.19 -3.07
C7 NAG GA . -6.98 -45.31 -2.31
C8 NAG GA . -8.18 -45.52 -1.43
N2 NAG GA . -5.85 -44.96 -1.68
O3 NAG GA . -4.46 -46.99 -3.19
O4 NAG GA . -1.61 -46.91 -3.04
O5 NAG GA . -2.52 -43.42 -2.37
O6 NAG GA . -0.08 -42.83 -2.82
O7 NAG GA . -7.03 -45.46 -3.52
C1 NAG HA . -48.16 -8.13 8.43
C2 NAG HA . -48.14 -8.44 6.92
C3 NAG HA . -49.25 -7.68 6.19
C4 NAG HA . -50.59 -7.94 6.85
C5 NAG HA . -50.52 -7.60 8.34
C6 NAG HA . -51.80 -7.95 9.06
C7 NAG HA . -46.18 -7.03 6.22
C8 NAG HA . -44.85 -7.08 5.52
N2 NAG HA . -46.83 -8.20 6.31
O3 NAG HA . -49.30 -8.10 4.82
O4 NAG HA . -51.60 -7.14 6.23
O5 NAG HA . -49.48 -8.36 8.97
O6 NAG HA . -51.73 -7.57 10.43
O7 NAG HA . -46.62 -5.97 6.68
N POV IA . -30.25 28.56 39.33
P POV IA . -33.48 30.87 36.68
C1 POV IA . -35.12 31.05 38.74
C2 POV IA . -36.24 32.09 38.85
C3 POV IA . -37.00 31.93 40.17
C210 POV IA . -45.23 36.72 35.91
C310 POV IA . -44.69 39.26 40.52
C11 POV IA . -32.26 28.79 37.80
O11 POV IA . -34.97 30.67 37.38
C211 POV IA . -45.93 37.80 35.06
C311 POV IA . -45.53 40.22 41.42
C12 POV IA . -30.76 29.14 38.04
O12 POV IA . -32.69 29.41 36.59
C212 POV IA . -47.02 38.54 35.87
C312 POV IA . -46.63 40.98 40.63
C13 POV IA . -28.83 28.95 39.43
O13 POV IA . -32.65 31.84 37.50
C213 POV IA . -48.21 37.64 36.27
C313 POV IA . -48.06 40.54 41.03
C14 POV IA . -30.29 27.08 39.51
O14 POV IA . -33.65 31.43 35.28
C214 POV IA . -48.79 37.99 37.66
C314 POV IA . -48.70 41.50 42.06
C15 POV IA . -31.03 29.13 40.44
C215 POV IA . -47.97 37.39 38.82
C315 POV IA . -50.14 41.09 42.43
C216 POV IA . -48.53 36.04 39.32
C316 POV IA . -50.66 41.84 43.68
C217 POV IA . -47.70 34.83 38.82
C218 POV IA . -46.20 35.00 39.13
C21 POV IA . -37.86 33.14 37.49
O21 POV IA . -37.13 31.95 37.76
C22 POV IA . -37.10 34.46 37.19
O22 POV IA . -39.05 33.12 37.49
C23 POV IA . -37.37 35.04 35.79
C24 POV IA . -38.62 35.95 35.76
C25 POV IA . -39.55 35.64 34.57
C26 POV IA . -41.06 35.74 34.94
C27 POV IA . -41.53 37.22 35.07
C28 POV IA . -43.05 37.37 34.82
C29 POV IA . -43.90 36.52 35.80
C31 POV IA . -36.38 34.01 41.13
O31 POV IA . -37.40 33.21 40.60
C32 POV IA . -36.23 35.48 40.68
O32 POV IA . -35.61 33.56 41.93
C33 POV IA . -37.61 36.17 40.46
C34 POV IA . -37.47 37.62 39.93
C35 POV IA . -38.57 37.99 38.90
C36 POV IA . -40.00 37.61 39.38
C37 POV IA . -40.82 38.87 39.80
C38 POV IA . -42.34 38.64 39.65
C39 POV IA . -43.17 39.52 40.63
N POV JA . -34.64 24.88 44.50
P POV JA . -35.24 29.81 45.30
C1 POV JA . -35.96 32.37 45.47
C2 POV JA . -36.95 33.05 46.43
C3 POV JA . -38.24 32.22 46.54
C210 POV JA . -43.33 41.27 45.74
C310 POV JA . -46.91 36.55 43.15
C11 POV JA . -35.35 27.15 45.34
O11 POV JA . -36.37 31.02 45.23
C211 POV JA . -43.66 41.94 44.38
C311 POV JA . -47.50 37.11 44.47
C12 POV JA . -35.46 26.09 44.19
O12 POV JA . -35.96 28.36 44.89
C212 POV JA . -44.75 43.03 44.50
C312 POV JA . -48.17 38.50 44.27
C13 POV JA . -33.22 25.30 44.48
O13 POV JA . -34.12 30.10 44.33
C213 POV JA . -45.06 43.71 43.15
C313 POV JA . -47.42 39.61 45.05
C14 POV JA . -34.87 24.15 45.77
O14 POV JA . -34.69 29.71 46.71
C214 POV JA . -46.48 44.34 43.12
C314 POV JA . -48.26 40.22 46.18
C15 POV JA . -34.90 23.91 43.42
C215 POV JA . -46.60 45.53 44.10
C315 POV JA . -47.47 41.26 47.00
C216 POV JA . -48.02 46.17 44.06
C316 POV JA . -48.19 41.65 48.31
C217 POV JA . -49.11 45.17 44.50
C218 POV JA . -50.42 45.88 44.88
C21 POV JA . -36.23 35.28 46.03
O21 POV JA . -37.27 34.31 45.93
C22 POV JA . -36.02 36.28 44.87
O22 POV JA . -35.53 35.30 46.99
C23 POV JA . -37.33 36.93 44.38
C24 POV JA . -37.26 38.48 44.39
C25 POV JA . -38.42 39.12 45.19
C26 POV JA . -39.65 39.46 44.31
C27 POV JA . -40.89 38.60 44.66
C28 POV JA . -42.22 39.38 44.48
C29 POV JA . -42.67 40.09 45.78
C31 POV JA . -39.47 31.50 44.65
O31 POV JA . -39.09 32.58 45.47
C32 POV JA . -39.38 31.64 43.12
O32 POV JA . -39.85 30.49 45.13
C33 POV JA . -40.40 32.67 42.55
C34 POV JA . -39.92 34.13 42.68
C35 POV JA . -40.86 34.97 43.58
C36 POV JA . -42.06 35.55 42.78
C37 POV JA . -43.39 34.82 43.09
C38 POV JA . -44.60 35.59 42.52
C39 POV JA . -45.86 35.44 43.42
N POV KA . -34.92 17.92 40.29
P POV KA . -37.55 19.17 43.90
C1 POV KA . -39.96 18.19 44.37
C2 POV KA . -41.28 18.88 44.74
C3 POV KA . -40.96 20.03 45.71
C210 POV KA . -45.43 20.93 49.59
C310 POV KA . -39.81 30.65 49.64
C11 POV KA . -35.49 19.44 42.25
O11 POV KA . -39.19 19.12 43.64
C211 POV KA . -45.00 20.12 50.84
C311 POV KA . -40.70 31.91 49.51
C12 POV KA . -35.44 19.26 40.70
O12 POV KA . -36.80 19.89 42.60
C212 POV KA . -43.59 20.55 51.34
C312 POV KA . -39.91 33.23 49.71
C13 POV KA . -35.83 16.89 40.83
O13 POV KA . -37.03 17.75 44.07
C213 POV KA . -43.69 21.42 52.62
C313 POV KA . -40.81 34.48 49.55
C14 POV KA . -34.79 17.63 38.84
O14 POV KA . -37.25 19.96 45.16
C214 POV KA . -44.12 22.89 52.33
C314 POV KA . -40.06 35.64 48.84
C15 POV KA . -33.56 17.76 40.85
C215 POV KA . -45.55 23.19 52.85
C315 POV KA . -40.76 36.06 47.53
C216 POV KA . -45.82 24.71 53.00
C316 POV KA . -42.06 36.85 47.80
C217 POV KA . -47.28 24.99 53.42
C218 POV KA . -47.45 26.40 54.03
C21 POV KA . -43.50 18.13 45.08
O21 POV KA . -42.12 17.97 45.38
C22 POV KA . -44.54 17.15 45.67
O22 POV KA . -43.86 19.01 44.37
C23 POV KA . -45.97 17.69 45.51
C24 POV KA . -46.41 18.60 46.69
C25 POV KA . -47.28 19.78 46.18
C26 POV KA . -48.47 20.08 47.12
C27 POV KA . -48.51 21.56 47.56
C28 POV KA . -47.14 22.04 48.14
C29 POV KA . -46.73 21.22 49.39
C31 POV KA . -42.77 21.14 46.72
O31 POV KA . -41.96 21.01 45.58
C32 POV KA . -42.17 21.70 48.02
O32 POV KA . -43.92 20.83 46.68
C33 POV KA . -41.75 23.19 47.90
C34 POV KA . -41.62 23.86 49.29
C35 POV KA . -41.45 25.40 49.19
C36 POV KA . -41.96 26.11 50.46
C37 POV KA . -42.14 27.64 50.26
C38 POV KA . -40.80 28.40 50.38
C39 POV KA . -40.55 29.37 49.19
N POV LA . -66.98 49.86 53.68
P POV LA . -63.56 50.03 50.34
C1 POV LA . -61.16 49.23 51.12
C2 POV LA . -60.81 50.48 51.94
C3 POV LA . -59.79 51.36 51.19
C210 POV LA . -51.47 49.69 53.24
C310 POV LA . -54.41 58.01 43.67
C11 POV LA . -64.76 50.42 52.66
O11 POV LA . -61.98 49.61 50.03
C211 POV LA . -50.49 50.65 53.97
C311 POV LA . -53.83 56.58 43.49
C12 POV LA . -65.50 49.61 53.77
O12 POV LA . -63.99 49.52 51.86
C212 POV LA . -49.20 50.90 53.14
C312 POV LA . -52.51 56.56 42.68
C13 POV LA . -67.21 51.27 54.05
O13 POV LA . -64.47 49.38 49.32
C213 POV LA . -48.65 49.59 52.52
C313 POV LA . -52.65 55.82 41.32
C14 POV LA . -67.66 49.63 52.38
O14 POV LA . -63.69 51.53 50.25
C214 POV LA . -48.62 49.63 50.97
C314 POV LA . -51.88 56.54 40.20
C15 POV LA . -67.61 48.95 54.66
C215 POV LA . -49.59 48.60 50.34
C315 POV LA . -52.25 58.03 40.08
C216 POV LA . -48.84 47.51 49.53
C316 POV LA . -51.61 58.70 38.84
C217 POV LA . -49.26 46.08 49.95
C218 POV LA . -48.72 45.71 51.35
C21 POV LA . -60.27 51.10 54.16
O21 POV LA . -60.28 50.08 53.17
C22 POV LA . -59.07 51.19 55.14
O22 POV LA . -61.16 51.87 54.24
C23 POV LA . -57.72 51.13 54.38
C24 POV LA . -57.17 49.68 54.25
C25 POV LA . -55.97 49.60 53.27
C26 POV LA . -54.88 48.61 53.77
C27 POV LA . -53.96 48.10 52.61
C28 POV LA . -53.43 49.26 51.73
C29 POV LA . -52.46 50.20 52.48
C31 POV LA . -57.92 51.20 49.76
O31 POV LA . -59.13 50.62 50.19
C32 POV LA . -57.40 50.94 48.33
O32 POV LA . -57.29 51.89 50.50
C33 POV LA . -56.65 52.17 47.75
C34 POV LA . -57.52 52.95 46.72
C35 POV LA . -56.87 54.32 46.33
C36 POV LA . -57.93 55.46 46.30
C37 POV LA . -57.29 56.86 46.11
C38 POV LA . -56.47 56.97 44.80
C39 POV LA . -55.42 58.11 44.85
C1 NAG MA . 71.40 -59.28 30.29
C2 NAG MA . 72.03 -60.09 31.43
C3 NAG MA . 71.73 -61.58 31.25
C4 NAG MA . 70.22 -61.81 31.11
C5 NAG MA . 69.66 -60.93 29.99
C6 NAG MA . 68.14 -61.00 29.89
C7 NAG MA . 74.10 -59.35 32.57
C8 NAG MA . 73.24 -58.99 33.75
N2 NAG MA . 73.46 -59.87 31.51
O3 NAG MA . 72.22 -62.29 32.37
O4 NAG MA . 69.98 -63.17 30.79
O5 NAG MA . 69.98 -59.54 30.23
O6 NAG MA . 67.66 -62.20 30.48
O7 NAG MA . 75.32 -59.19 32.57
C1 NAG NA . 30.95 -43.74 25.91
C2 NAG NA . 31.15 -44.99 25.03
C3 NAG NA . 31.73 -46.16 25.85
C4 NAG NA . 30.89 -46.47 27.09
C5 NAG NA . 30.40 -45.19 27.78
C6 NAG NA . 30.55 -45.22 29.27
C7 NAG NA . 29.72 -45.31 23.06
C8 NAG NA . 28.38 -45.76 22.56
N2 NAG NA . 29.91 -45.39 24.38
O3 NAG NA . 33.06 -45.85 26.24
O4 NAG NA . 29.76 -47.26 26.73
O5 NAG NA . 31.19 -44.09 27.30
O6 NAG NA . 30.63 -43.91 29.81
O7 NAG NA . 30.59 -44.88 22.30
C1 NAG OA . 3.47 -32.08 47.64
C2 NAG OA . 3.50 -30.56 47.89
C3 NAG OA . 4.05 -30.23 49.26
C4 NAG OA . 3.39 -31.11 50.30
C5 NAG OA . 3.88 -32.54 50.11
C6 NAG OA . 2.90 -33.60 50.54
C7 NAG OA . 3.93 -28.67 46.38
C8 NAG OA . 4.81 -28.11 45.31
N2 NAG OA . 4.27 -29.87 46.85
O3 NAG OA . 3.79 -28.87 49.57
O4 NAG OA . 3.74 -30.69 51.61
O5 NAG OA . 4.24 -32.80 48.73
O6 NAG OA . 1.61 -33.06 50.75
O7 NAG OA . 2.94 -28.07 46.77
C1 NAG PA . -21.64 11.35 34.90
C2 NAG PA . -21.13 12.74 35.28
C3 NAG PA . -19.96 12.65 36.27
C4 NAG PA . -20.37 11.82 37.48
C5 NAG PA . -20.83 10.45 37.03
C6 NAG PA . -21.34 9.60 38.18
C7 NAG PA . -21.47 14.47 33.55
C8 NAG PA . -20.89 15.15 32.35
N2 NAG PA . -20.72 13.49 34.09
O3 NAG PA . -19.59 13.96 36.68
O4 NAG PA . -19.26 11.69 38.37
O5 NAG PA . -21.92 10.59 36.11
O6 NAG PA . -22.75 9.38 38.09
O7 NAG PA . -22.56 14.78 34.02
N POV QA . -93.19 33.14 33.81
P POV QA . -95.00 30.21 30.18
C1 POV QA . -92.47 29.69 29.57
C2 POV QA . -91.23 30.36 28.99
C3 POV QA . -90.83 31.58 29.82
C210 POV QA . -90.96 26.04 18.47
C310 POV QA . -89.30 24.08 27.33
C11 POV QA . -94.45 31.42 32.47
O11 POV QA . -93.58 30.57 29.39
C211 POV QA . -89.78 25.77 17.52
C311 POV QA . -88.45 24.64 26.15
C12 POV QA . -94.43 32.88 33.01
O12 POV QA . -95.29 31.38 31.32
C212 POV QA . -89.61 26.91 16.47
C312 POV QA . -88.95 24.14 24.77
C13 POV QA . -93.21 34.58 34.16
O13 POV QA . -94.87 28.85 30.85
C213 POV QA . -90.87 27.12 15.61
C313 POV QA . -87.82 24.07 23.72
C14 POV QA . -91.86 32.88 33.21
O14 POV QA . -96.13 30.16 29.18
C214 POV QA . -91.57 28.48 15.88
C314 POV QA . -87.21 22.65 23.60
C15 POV QA . -93.27 32.31 35.03
C215 POV QA . -91.92 29.24 14.57
C315 POV QA . -85.94 22.48 24.46
C216 POV QA . -93.44 29.50 14.44
C316 POV QA . -84.67 22.36 23.60
C217 POV QA . -93.78 30.82 13.71
C218 POV QA . -92.86 31.13 12.51
C21 POV QA . -91.50 29.66 26.76
O21 POV QA . -91.47 30.75 27.66
C22 POV QA . -90.23 28.79 26.58
O22 POV QA . -92.48 29.42 26.14
C23 POV QA . -90.40 27.75 25.44
C24 POV QA . -90.01 28.34 24.07
C25 POV QA . -91.10 28.10 22.99
C26 POV QA . -91.04 29.13 21.83
C27 POV QA . -92.11 28.83 20.75
C28 POV QA . -92.10 27.35 20.29
C29 POV QA . -90.90 27.06 19.33
C31 POV QA . -88.49 31.86 30.18
O31 POV QA . -89.59 32.05 29.31
C32 POV QA . -87.38 30.86 29.82
O32 POV QA . -88.43 32.48 31.19
C33 POV QA . -87.80 29.38 30.04
C34 POV QA . -87.86 29.01 31.54
C35 POV QA . -88.70 27.74 31.81
C36 POV QA . -88.36 26.57 30.87
C37 POV QA . -89.30 25.36 31.08
C38 POV QA . -89.28 24.35 29.89
C39 POV QA . -89.35 25.07 28.51
N POV RA . -45.70 41.61 6.19
P POV RA . -48.40 44.79 7.32
C1 POV RA . -50.29 44.67 9.15
C2 POV RA . -51.52 45.33 8.49
C3 POV RA . -51.92 46.56 9.30
C210 POV RA . -59.93 41.39 13.59
C310 POV RA . -60.62 46.72 15.05
C11 POV RA . -46.14 43.56 7.86
O11 POV RA . -49.15 45.37 8.69
C211 POV RA . -59.55 40.63 14.88
C311 POV RA . -59.40 46.73 15.99
C12 POV RA . -45.34 43.01 6.64
O12 POV RA . -46.75 44.79 7.51
C212 POV RA . -60.67 39.64 15.33
C312 POV RA . -58.58 45.41 15.90
C13 POV RA . -46.26 40.79 7.29
O13 POV RA . -48.78 45.65 6.13
C213 POV RA . -60.32 39.02 16.71
C313 POV RA . -57.81 45.08 17.20
C14 POV RA . -44.61 40.78 5.61
O14 POV RA . -48.87 43.36 7.08
C214 POV RA . -60.37 37.47 16.69
C314 POV RA . -58.58 44.10 18.11
C15 POV RA . -46.70 41.76 5.10
C215 POV RA . -60.18 36.89 18.11
C315 POV RA . -59.38 44.81 19.22
C216 POV RA . -58.82 36.18 18.28
C316 POV RA . -60.77 44.17 19.45
C217 POV RA . -58.74 34.91 17.41
C218 POV RA . -57.47 34.11 17.71
C21 POV RA . -52.71 43.66 7.24
O21 POV RA . -52.58 44.41 8.45
C22 POV RA . -53.77 42.54 7.14
O22 POV RA . -51.99 43.90 6.31
C23 POV RA . -55.15 43.00 7.66
C24 POV RA . -55.63 42.19 8.89
C25 POV RA . -55.78 43.08 10.16
C26 POV RA . -56.86 42.55 11.14
C27 POV RA . -56.68 43.12 12.58
C28 POV RA . -57.63 42.42 13.59
C29 POV RA . -59.04 42.21 13.01
C31 POV RA . -53.68 46.12 10.83
O31 POV RA . -52.29 46.16 10.61
C32 POV RA . -54.23 45.94 12.25
O32 POV RA . -54.44 46.20 9.91
C33 POV RA . -54.45 47.28 12.99
C34 POV RA . -55.49 48.20 12.28
C35 POV RA . -56.93 47.67 12.45
C36 POV RA . -57.86 48.09 11.29
C37 POV RA . -59.30 48.40 11.75
C38 POV RA . -59.89 47.27 12.64
C39 POV RA . -60.52 47.81 13.94
N POV SA . -40.88 51.63 8.90
P POV SA . -42.71 50.95 13.02
C1 POV SA . -45.37 50.83 12.90
C2 POV SA . -46.38 51.21 11.80
C3 POV SA . -47.64 51.83 12.41
C210 POV SA . -50.92 50.63 11.34
C310 POV SA . -47.45 52.98 18.71
C11 POV SA . -42.29 52.37 10.85
O11 POV SA . -44.13 50.55 12.27
C211 POV SA . -52.06 51.40 12.04
C311 POV SA . -48.78 53.76 18.86
C12 POV SA . -40.89 52.47 10.13
O12 POV SA . -42.06 52.27 12.24
C212 POV SA . -51.89 51.43 13.59
C312 POV SA . -48.58 55.21 19.34
C13 POV SA . -39.46 51.53 8.48
O13 POV SA . -41.74 49.78 12.94
C213 POV SA . -52.63 50.26 14.29
C313 POV SA . -49.83 56.09 19.11
C14 POV SA . -41.40 50.24 8.95
O14 POV SA . -42.96 51.29 14.48
C214 POV SA . -54.07 50.64 14.73
C314 POV SA . -49.52 57.30 18.20
C15 POV SA . -41.69 52.35 7.88
C215 POV SA . -54.60 49.71 15.85
C315 POV SA . -50.40 58.53 18.52
C216 POV SA . -56.12 49.43 15.74
C316 POV SA . -49.85 59.35 19.71
C217 POV SA . -56.93 50.17 16.83
C218 POV SA . -56.50 49.79 18.26
C21 POV SA . -46.02 49.92 9.84
O21 POV SA . -46.72 50.07 11.06
C22 POV SA . -46.03 51.05 8.78
O22 POV SA . -45.42 48.92 9.63
C23 POV SA . -46.74 50.64 7.47
C24 POV SA . -47.82 51.66 7.04
C25 POV SA . -49.19 50.99 6.71
C26 POV SA . -50.39 51.96 6.92
C27 POV SA . -51.59 51.29 7.64
C28 POV SA . -51.66 51.64 9.14
C29 POV SA . -50.74 50.74 10.01
C31 POV SA . -47.46 53.76 13.79
O31 POV SA . -47.33 52.36 13.68
C32 POV SA . -47.31 54.43 15.18
O32 POV SA . -47.67 54.42 12.83
C33 POV SA . -45.84 54.71 15.53
C34 POV SA . -45.06 53.43 15.88
C35 POV SA . -43.84 53.71 16.80
C36 POV SA . -43.44 52.49 17.67
C37 POV SA . -44.56 52.07 18.66
C38 POV SA . -45.03 53.24 19.57
C39 POV SA . -46.53 53.11 19.96
N POV TA . -35.41 46.32 16.53
P POV TA . -40.06 47.27 18.63
C1 POV TA . -41.89 47.73 20.52
C2 POV TA . -41.60 48.78 21.61
C3 POV TA . -40.45 48.30 22.52
C210 POV TA . -49.19 51.91 30.27
C310 POV TA . -42.03 51.59 31.12
C11 POV TA . -37.82 46.65 17.34
O11 POV TA . -40.65 47.10 20.17
C211 POV TA . -48.49 53.26 30.59
C311 POV TA . -40.72 51.78 31.91
C12 POV TA . -36.45 45.96 17.58
O12 POV TA . -38.61 46.48 18.51
C212 POV TA . -48.59 53.64 32.09
C312 POV TA . -40.98 51.97 33.44
C13 POV TA . -35.22 47.78 16.58
O13 POV TA . -39.86 48.75 18.34
C213 POV TA . -48.49 55.17 32.33
C313 POV TA . -41.03 53.47 33.84
C14 POV TA . -34.06 45.71 16.64
O14 POV TA . -41.06 46.69 17.65
C214 POV TA . -49.57 55.69 33.32
C314 POV TA . -42.47 53.97 34.07
C15 POV TA . -35.95 45.89 15.22
C215 POV TA . -49.36 55.16 34.77
C315 POV TA . -43.02 54.76 32.86
C216 POV TA . -47.93 55.41 35.30
C316 POV TA . -44.43 55.34 33.13
C217 POV TA . -47.56 54.46 36.45
C218 POV TA . -48.41 54.69 37.72
C21 POV TA . -43.10 48.33 23.49
O21 POV TA . -42.78 49.08 22.32
C22 POV TA . -43.24 49.05 24.85
O22 POV TA . -43.30 47.15 23.44
C23 POV TA . -43.47 48.05 26.01
C24 POV TA . -44.50 48.56 27.04
C25 POV TA . -45.78 49.13 26.37
C26 POV TA . -46.84 49.57 27.42
C27 POV TA . -47.69 50.77 26.93
C28 POV TA . -47.96 51.79 28.07
C29 POV TA . -48.96 51.25 29.13
C31 POV TA . -38.11 48.06 22.22
O31 POV TA . -39.24 48.91 22.09
C32 POV TA . -37.28 48.09 23.51
O32 POV TA . -37.82 47.34 21.32
C33 POV TA . -37.30 49.47 24.20
C34 POV TA . -37.42 49.35 25.74
C35 POV TA . -38.03 50.63 26.37
C36 POV TA . -38.79 50.33 27.69
C37 POV TA . -40.14 51.08 27.76
C38 POV TA . -41.01 50.62 28.96
C39 POV TA . -41.81 51.79 29.59
N POV UA . -78.78 56.28 27.37
P POV UA . -78.39 57.44 22.43
C1 POV UA . -75.93 58.14 23.03
C2 POV UA . -74.74 58.96 22.50
C3 POV UA . -73.87 58.12 21.55
C210 POV UA . -66.48 61.39 18.63
C310 POV UA . -65.81 50.59 16.70
C11 POV UA . -78.82 56.49 24.86
O11 POV UA . -77.10 58.49 22.32
C211 POV UA . -65.04 61.22 19.16
C311 POV UA . -64.63 50.67 17.71
C12 POV UA . -79.56 56.79 26.20
O12 POV UA . -79.07 57.55 23.95
C212 POV UA . -64.04 60.84 18.04
C312 POV UA . -63.51 51.64 17.25
C13 POV UA . -77.74 57.29 27.66
O13 POV UA . -77.90 56.02 22.20
C213 POV UA . -62.62 60.56 18.58
C313 POV UA . -62.99 51.32 15.82
C14 POV UA . -78.10 54.97 27.30
O14 POV UA . -79.43 57.79 21.39
C214 POV UA . -62.02 59.24 18.02
C314 POV UA . -61.63 52.01 15.54
C15 POV UA . -79.74 56.19 28.50
C215 POV UA . -62.22 59.09 16.49
C315 POV UA . -60.99 51.54 14.22
C216 POV UA . -61.11 58.26 15.83
C316 POV UA . -59.47 51.78 14.19
C217 POV UA . -59.74 58.99 15.83
C218 POV UA . -58.59 58.07 15.34
C21 POV UA . -72.96 58.69 24.17
O21 POV UA . -73.98 59.48 23.58
C22 POV UA . -71.49 59.18 24.14
O22 POV UA . -73.20 57.67 24.74
C23 POV UA . -70.49 58.02 24.39
C24 POV UA . -69.49 57.85 23.22
C25 POV UA . -68.72 59.17 22.90
C26 POV UA . -68.95 59.61 21.43
C27 POV UA . -68.34 58.61 20.42
C28 POV UA . -67.08 59.20 19.70
C29 POV UA . -67.42 60.46 18.89
C31 POV UA . -73.28 55.82 21.71
O31 POV UA . -74.32 56.77 21.54
C32 POV UA . -73.39 54.45 21.02
O32 POV UA . -72.34 56.07 22.39
C33 POV UA . -73.15 54.56 19.50
C34 POV UA . -71.69 54.23 19.11
C35 POV UA . -71.57 52.86 18.38
C36 POV UA . -70.23 52.74 17.60
C37 POV UA . -69.25 51.75 18.27
C38 POV UA . -67.82 51.85 17.67
C39 POV UA . -67.19 50.46 17.40
C1 NAG VA . 76.95 10.90 -3.58
C2 NAG VA . 77.14 11.31 -5.04
C3 NAG VA . 76.60 12.73 -5.26
C4 NAG VA . 75.16 12.85 -4.76
C5 NAG VA . 75.04 12.37 -3.31
C6 NAG VA . 73.61 12.33 -2.83
C7 NAG VA . 78.93 10.89 -6.66
C8 NAG VA . 80.41 10.83 -6.87
N2 NAG VA . 78.53 11.22 -5.42
O3 NAG VA . 76.67 13.06 -6.64
O4 NAG VA . 74.76 14.21 -4.83
O5 NAG VA . 75.55 11.04 -3.20
O6 NAG VA . 73.51 11.57 -1.63
O7 NAG VA . 78.13 10.65 -7.55
C1 NAG WA . 89.61 11.61 6.14
C2 NAG WA . 90.91 12.21 5.62
C3 NAG WA . 91.13 13.58 6.28
C4 NAG WA . 89.91 14.48 6.07
C5 NAG WA . 88.62 13.76 6.49
C6 NAG WA . 87.37 14.52 6.13
C7 NAG WA . 92.84 10.89 4.90
C8 NAG WA . 93.95 9.99 5.33
N2 NAG WA . 92.04 11.34 5.87
O3 NAG WA . 92.28 14.19 5.71
O4 NAG WA . 90.05 15.65 6.86
O5 NAG WA . 88.52 12.47 5.85
O6 NAG WA . 86.36 13.63 5.66
O7 NAG WA . 92.68 11.22 3.73
C1 NAG XA . -30.83 38.23 1.66
C2 NAG XA . -31.13 37.69 0.28
C3 NAG XA . -30.30 38.44 -0.75
C4 NAG XA . -30.51 39.95 -0.64
C5 NAG XA . -30.35 40.44 0.81
C6 NAG XA . -30.82 41.87 0.99
C7 NAG XA . -31.76 35.39 -0.29
C8 NAG XA . -33.08 35.94 -0.78
N2 NAG XA . -30.88 36.26 0.20
O3 NAG XA . -30.64 37.99 -2.06
O4 NAG XA . -29.58 40.65 -1.44
O5 NAG XA . -31.15 39.64 1.71
O6 NAG XA . -31.15 42.47 -0.26
O7 NAG XA . -31.51 34.20 -0.34
C1 NAG YA . -23.01 41.58 -0.34
C2 NAG YA . -23.67 42.29 -1.56
C3 NAG YA . -24.09 43.75 -1.23
C4 NAG YA . -23.36 44.35 -0.04
C5 NAG YA . -21.93 43.86 0.01
C6 NAG YA . -21.13 44.49 1.14
C7 NAG YA . -23.23 41.86 -3.96
C8 NAG YA . -24.67 41.42 -4.08
N2 NAG YA . -22.82 42.25 -2.75
O3 NAG YA . -25.50 43.78 -1.02
O4 NAG YA . -23.37 45.77 -0.13
O5 NAG YA . -21.90 42.44 0.24
O6 NAG YA . -21.67 44.15 2.40
O7 NAG YA . -22.46 41.85 -4.92
#